data_2CSW
#
_entry.id   2CSW
#
_entity_poly.entity_id   1
_entity_poly.type   'polypeptide(L)'
_entity_poly.pdbx_seq_one_letter_code
;GSSGSSGVTGDRAGGRSWCLRRVGMSAGWLLLEDGCEVTVGRGFGVTYQLVSKICPLMISRNHCVLKQNPEGQWTIMDNK
SLNGVWLNRARLEPLRVYSIHQGDYIQLGVPLENKENAEYEYEVTEEDWETIYPCLSPKSGPSSG
;
_entity_poly.pdbx_strand_id   A
#
# COMPACT_ATOMS: atom_id res chain seq x y z
N GLY A 1 4.34 -16.12 -14.35
CA GLY A 1 5.37 -16.39 -13.36
C GLY A 1 4.80 -16.55 -11.96
N SER A 2 5.29 -15.74 -11.03
CA SER A 2 4.83 -15.80 -9.65
C SER A 2 5.17 -17.15 -9.02
N SER A 3 6.36 -17.67 -9.36
CA SER A 3 6.79 -18.96 -8.83
C SER A 3 8.32 -18.99 -8.69
N GLY A 4 8.79 -19.61 -7.62
CA GLY A 4 10.22 -19.70 -7.39
C GLY A 4 10.55 -20.13 -5.97
N SER A 5 11.83 -20.37 -5.71
CA SER A 5 12.28 -20.79 -4.38
C SER A 5 12.84 -19.61 -3.60
N SER A 6 12.68 -19.65 -2.28
CA SER A 6 13.17 -18.58 -1.42
C SER A 6 14.32 -19.07 -0.54
N GLY A 7 15.37 -18.26 -0.43
CA GLY A 7 16.52 -18.64 0.37
C GLY A 7 17.40 -17.45 0.71
N VAL A 8 18.71 -17.63 0.54
CA VAL A 8 19.66 -16.56 0.83
C VAL A 8 19.69 -15.53 -0.29
N THR A 9 19.98 -14.28 0.07
CA THR A 9 20.03 -13.20 -0.90
C THR A 9 21.45 -12.67 -1.06
N GLY A 10 21.89 -12.51 -2.30
CA GLY A 10 23.23 -12.00 -2.56
C GLY A 10 23.35 -11.35 -3.92
N ASP A 11 22.47 -10.39 -4.19
CA ASP A 11 22.48 -9.69 -5.47
C ASP A 11 21.63 -8.43 -5.41
N ARG A 12 22.13 -7.34 -5.99
CA ARG A 12 21.42 -6.07 -5.99
C ARG A 12 20.00 -6.25 -6.51
N ALA A 13 19.03 -5.67 -5.81
CA ALA A 13 17.63 -5.76 -6.20
C ALA A 13 17.15 -7.21 -6.18
N GLY A 14 17.64 -7.99 -5.21
CA GLY A 14 17.24 -9.37 -5.10
C GLY A 14 16.24 -9.60 -3.98
N GLY A 15 16.27 -10.81 -3.40
CA GLY A 15 15.35 -11.13 -2.33
C GLY A 15 13.91 -10.84 -2.69
N ARG A 16 13.02 -10.95 -1.71
CA ARG A 16 11.60 -10.71 -1.93
C ARG A 16 11.18 -9.38 -1.30
N SER A 17 10.09 -8.80 -1.81
CA SER A 17 9.60 -7.53 -1.31
C SER A 17 8.07 -7.53 -1.26
N TRP A 18 7.52 -7.56 -0.05
CA TRP A 18 6.08 -7.56 0.13
C TRP A 18 5.42 -6.42 -0.63
N CYS A 19 4.10 -6.46 -0.75
CA CYS A 19 3.37 -5.42 -1.45
C CYS A 19 1.86 -5.62 -1.29
N LEU A 20 1.09 -4.85 -2.05
CA LEU A 20 -0.37 -4.94 -1.99
C LEU A 20 -0.96 -5.14 -3.39
N ARG A 21 -0.99 -6.39 -3.83
CA ARG A 21 -1.53 -6.72 -5.15
C ARG A 21 -2.96 -6.19 -5.30
N ARG A 22 -3.14 -5.30 -6.26
CA ARG A 22 -4.45 -4.71 -6.51
C ARG A 22 -5.46 -5.78 -6.94
N VAL A 23 -6.40 -6.08 -6.05
CA VAL A 23 -7.42 -7.09 -6.33
C VAL A 23 -8.29 -6.68 -7.52
N GLY A 24 -8.34 -7.54 -8.53
CA GLY A 24 -9.14 -7.25 -9.71
C GLY A 24 -8.31 -6.65 -10.83
N MET A 25 -7.08 -6.24 -10.51
CA MET A 25 -6.20 -5.64 -11.50
C MET A 25 -4.79 -6.22 -11.38
N SER A 26 -3.96 -5.94 -12.38
CA SER A 26 -2.59 -6.44 -12.39
C SER A 26 -1.59 -5.29 -12.36
N ALA A 27 -2.04 -4.14 -11.87
CA ALA A 27 -1.19 -2.96 -11.79
C ALA A 27 -1.42 -2.21 -10.47
N GLY A 28 -0.74 -1.08 -10.31
CA GLY A 28 -0.88 -0.29 -9.10
C GLY A 28 -0.44 -1.06 -7.87
N TRP A 29 0.61 -1.85 -8.00
CA TRP A 29 1.12 -2.64 -6.88
C TRP A 29 1.98 -1.79 -5.96
N LEU A 30 1.52 -1.57 -4.74
CA LEU A 30 2.25 -0.78 -3.76
C LEU A 30 3.36 -1.60 -3.12
N LEU A 31 4.61 -1.26 -3.46
CA LEU A 31 5.76 -1.95 -2.92
C LEU A 31 5.89 -1.71 -1.41
N LEU A 32 6.18 -2.77 -0.67
CA LEU A 32 6.34 -2.66 0.78
C LEU A 32 7.76 -3.01 1.20
N GLU A 33 8.72 -2.16 0.84
CA GLU A 33 10.12 -2.38 1.17
C GLU A 33 10.28 -2.58 2.67
N ASP A 34 11.03 -3.61 3.05
CA ASP A 34 11.27 -3.92 4.46
C ASP A 34 11.95 -2.74 5.16
N GLY A 35 11.26 -2.16 6.13
CA GLY A 35 11.80 -1.03 6.87
C GLY A 35 11.52 0.30 6.19
N CYS A 36 10.52 0.30 5.31
CA CYS A 36 10.14 1.51 4.59
C CYS A 36 8.67 1.82 4.80
N GLU A 37 8.39 3.01 5.33
CA GLU A 37 7.02 3.43 5.59
C GLU A 37 6.29 3.71 4.28
N VAL A 38 5.07 3.19 4.18
CA VAL A 38 4.25 3.37 2.98
C VAL A 38 2.95 4.08 3.31
N THR A 39 2.87 5.36 2.94
CA THR A 39 1.67 6.16 3.19
C THR A 39 0.86 6.36 1.91
N VAL A 40 -0.40 5.93 1.96
CA VAL A 40 -1.27 6.06 0.80
C VAL A 40 -2.36 7.12 1.05
N GLY A 41 -2.80 7.77 -0.03
CA GLY A 41 -3.82 8.78 0.10
C GLY A 41 -4.05 9.54 -1.21
N ARG A 42 -4.54 10.76 -1.09
CA ARG A 42 -4.81 11.60 -2.27
C ARG A 42 -4.05 12.92 -2.18
N GLY A 43 -3.93 13.44 -0.96
CA GLY A 43 -3.23 14.71 -0.76
C GLY A 43 -1.75 14.59 -1.06
N PHE A 44 -1.16 15.70 -1.50
CA PHE A 44 0.26 15.73 -1.83
C PHE A 44 1.11 15.55 -0.57
N GLY A 45 2.10 14.66 -0.65
CA GLY A 45 2.96 14.42 0.49
C GLY A 45 3.08 12.94 0.82
N VAL A 46 2.11 12.15 0.36
CA VAL A 46 2.10 10.72 0.61
C VAL A 46 2.97 9.98 -0.39
N THR A 47 3.41 8.77 -0.03
CA THR A 47 4.24 7.96 -0.91
C THR A 47 3.45 7.44 -2.10
N TYR A 48 2.15 7.23 -1.89
CA TYR A 48 1.28 6.72 -2.95
C TYR A 48 0.01 7.56 -3.05
N GLN A 49 -0.20 8.15 -4.22
CA GLN A 49 -1.38 8.98 -4.45
C GLN A 49 -2.41 8.25 -5.31
N LEU A 50 -3.67 8.37 -4.96
CA LEU A 50 -4.75 7.72 -5.69
C LEU A 50 -5.84 8.72 -6.08
N VAL A 51 -5.98 8.96 -7.37
CA VAL A 51 -6.98 9.90 -7.88
C VAL A 51 -7.90 9.23 -8.89
N SER A 52 -9.20 9.45 -8.74
CA SER A 52 -10.19 8.85 -9.64
C SER A 52 -11.13 9.92 -10.18
N LYS A 53 -12.01 9.52 -11.09
CA LYS A 53 -12.97 10.45 -11.69
C LYS A 53 -14.38 10.18 -11.17
N ILE A 54 -14.61 8.97 -10.69
CA ILE A 54 -15.92 8.59 -10.15
C ILE A 54 -16.12 9.18 -8.76
N CYS A 55 -15.29 8.75 -7.81
CA CYS A 55 -15.38 9.23 -6.44
C CYS A 55 -14.00 9.42 -5.83
N PRO A 56 -13.30 10.47 -6.27
CA PRO A 56 -11.95 10.79 -5.77
C PRO A 56 -11.96 11.25 -4.33
N LEU A 57 -13.12 11.66 -3.84
CA LEU A 57 -13.26 12.12 -2.46
C LEU A 57 -13.30 10.95 -1.49
N MET A 58 -13.67 9.78 -2.00
CA MET A 58 -13.75 8.58 -1.17
C MET A 58 -12.44 8.36 -0.41
N ILE A 59 -11.34 8.81 -1.00
CA ILE A 59 -10.02 8.66 -0.37
C ILE A 59 -9.56 9.99 0.23
N SER A 60 -8.85 9.90 1.35
CA SER A 60 -8.34 11.09 2.03
C SER A 60 -6.83 11.01 2.20
N ARG A 61 -6.19 12.16 2.33
CA ARG A 61 -4.74 12.22 2.50
C ARG A 61 -4.31 11.34 3.67
N ASN A 62 -3.31 10.48 3.43
CA ASN A 62 -2.81 9.58 4.45
C ASN A 62 -3.89 8.63 4.93
N HIS A 63 -4.68 8.12 3.99
CA HIS A 63 -5.76 7.20 4.31
C HIS A 63 -5.25 6.03 5.15
N CYS A 64 -3.99 5.68 4.95
CA CYS A 64 -3.37 4.58 5.69
C CYS A 64 -1.85 4.68 5.65
N VAL A 65 -1.19 3.96 6.55
CA VAL A 65 0.27 3.97 6.62
C VAL A 65 0.80 2.62 7.09
N LEU A 66 1.58 1.98 6.23
CA LEU A 66 2.15 0.67 6.55
C LEU A 66 3.58 0.83 7.10
N LYS A 67 3.96 -0.07 7.99
CA LYS A 67 5.30 -0.04 8.59
C LYS A 67 5.52 -1.26 9.48
N GLN A 68 6.77 -1.69 9.57
CA GLN A 68 7.12 -2.85 10.40
C GLN A 68 7.43 -2.42 11.83
N ASN A 69 6.61 -2.89 12.77
CA ASN A 69 6.80 -2.55 14.18
C ASN A 69 8.23 -2.84 14.62
N PRO A 70 8.64 -2.23 15.74
CA PRO A 70 9.99 -2.40 16.29
C PRO A 70 10.38 -3.88 16.40
N GLU A 71 9.39 -4.75 16.53
CA GLU A 71 9.62 -6.17 16.64
C GLU A 71 10.19 -6.74 15.35
N GLY A 72 9.68 -6.25 14.22
CA GLY A 72 10.15 -6.71 12.94
C GLY A 72 9.03 -7.32 12.10
N GLN A 73 7.79 -7.00 12.46
CA GLN A 73 6.64 -7.52 11.73
C GLN A 73 5.81 -6.39 11.13
N TRP A 74 5.38 -6.59 9.88
CA TRP A 74 4.59 -5.58 9.19
C TRP A 74 3.28 -5.31 9.93
N THR A 75 2.89 -4.04 10.00
CA THR A 75 1.67 -3.65 10.69
C THR A 75 1.00 -2.46 10.01
N ILE A 76 -0.23 -2.65 9.58
CA ILE A 76 -0.98 -1.59 8.91
C ILE A 76 -1.70 -0.70 9.92
N MET A 77 -1.49 0.61 9.79
CA MET A 77 -2.12 1.57 10.69
C MET A 77 -2.85 2.66 9.90
N ASP A 78 -4.08 2.96 10.31
CA ASP A 78 -4.88 3.97 9.65
C ASP A 78 -4.71 5.33 10.32
N ASN A 79 -4.24 6.31 9.55
CA ASN A 79 -4.02 7.65 10.06
C ASN A 79 -5.35 8.39 10.23
N LYS A 80 -6.13 7.97 11.21
CA LYS A 80 -7.42 8.59 11.48
C LYS A 80 -8.27 8.66 10.21
N SER A 81 -8.63 7.49 9.68
CA SER A 81 -9.43 7.43 8.47
C SER A 81 -10.85 7.95 8.72
N LEU A 82 -11.35 8.74 7.78
CA LEU A 82 -12.69 9.31 7.91
C LEU A 82 -13.75 8.28 7.55
N ASN A 83 -13.69 7.77 6.33
CA ASN A 83 -14.65 6.76 5.87
C ASN A 83 -14.44 5.44 6.60
N GLY A 84 -13.21 5.18 6.99
CA GLY A 84 -12.90 3.95 7.71
C GLY A 84 -12.13 2.96 6.86
N VAL A 85 -11.30 2.14 7.50
CA VAL A 85 -10.50 1.15 6.80
C VAL A 85 -10.90 -0.26 7.18
N TRP A 86 -10.94 -1.15 6.19
CA TRP A 86 -11.32 -2.54 6.42
C TRP A 86 -10.13 -3.46 6.20
N LEU A 87 -10.09 -4.56 6.96
CA LEU A 87 -9.00 -5.53 6.83
C LEU A 87 -9.52 -6.95 7.06
N ASN A 88 -9.57 -7.73 5.99
CA ASN A 88 -10.04 -9.11 6.08
C ASN A 88 -11.46 -9.17 6.63
N ARG A 89 -12.33 -8.32 6.08
CA ARG A 89 -13.72 -8.27 6.52
C ARG A 89 -13.82 -7.86 7.98
N ALA A 90 -13.09 -6.81 8.35
CA ALA A 90 -13.10 -6.31 9.72
C ALA A 90 -12.83 -4.82 9.76
N ARG A 91 -13.56 -4.11 10.63
CA ARG A 91 -13.40 -2.67 10.76
C ARG A 91 -12.14 -2.33 11.56
N LEU A 92 -11.41 -1.33 11.10
CA LEU A 92 -10.18 -0.90 11.77
C LEU A 92 -10.40 0.38 12.55
N GLU A 93 -9.52 0.65 13.51
CA GLU A 93 -9.63 1.86 14.32
C GLU A 93 -8.53 2.86 13.95
N PRO A 94 -8.75 4.13 14.32
CA PRO A 94 -7.78 5.21 14.03
C PRO A 94 -6.51 5.08 14.87
N LEU A 95 -5.36 5.25 14.21
CA LEU A 95 -4.07 5.15 14.89
C LEU A 95 -3.98 3.85 15.69
N ARG A 96 -4.17 2.74 15.00
CA ARG A 96 -4.10 1.43 15.65
C ARG A 96 -3.15 0.50 14.90
N VAL A 97 -2.55 -0.44 15.62
CA VAL A 97 -1.63 -1.40 15.02
C VAL A 97 -2.33 -2.70 14.67
N TYR A 98 -2.13 -3.15 13.43
CA TYR A 98 -2.74 -4.39 12.96
C TYR A 98 -1.74 -5.25 12.21
N SER A 99 -1.38 -6.39 12.78
CA SER A 99 -0.42 -7.30 12.17
C SER A 99 -1.04 -8.00 10.97
N ILE A 100 -0.49 -7.74 9.79
CA ILE A 100 -0.99 -8.36 8.55
C ILE A 100 -0.14 -9.56 8.16
N HIS A 101 -0.67 -10.39 7.28
CA HIS A 101 0.04 -11.57 6.81
C HIS A 101 -0.38 -11.93 5.38
N GLN A 102 0.39 -12.81 4.75
CA GLN A 102 0.10 -13.23 3.39
C GLN A 102 -1.34 -13.72 3.27
N GLY A 103 -2.10 -13.08 2.39
CA GLY A 103 -3.48 -13.46 2.20
C GLY A 103 -4.45 -12.53 2.90
N ASP A 104 -4.13 -11.24 2.90
CA ASP A 104 -4.97 -10.24 3.55
C ASP A 104 -5.72 -9.41 2.51
N TYR A 105 -6.63 -8.56 2.98
CA TYR A 105 -7.41 -7.71 2.10
C TYR A 105 -7.62 -6.32 2.70
N ILE A 106 -6.90 -5.34 2.18
CA ILE A 106 -7.01 -3.98 2.68
C ILE A 106 -7.99 -3.16 1.84
N GLN A 107 -8.97 -2.57 2.50
CA GLN A 107 -9.97 -1.76 1.81
C GLN A 107 -9.93 -0.31 2.30
N LEU A 108 -9.59 0.60 1.40
CA LEU A 108 -9.51 2.02 1.74
C LEU A 108 -10.84 2.71 1.49
N GLY A 109 -11.68 2.77 2.53
CA GLY A 109 -12.96 3.42 2.41
C GLY A 109 -14.11 2.41 2.40
N VAL A 110 -15.31 2.90 2.11
CA VAL A 110 -16.49 2.04 2.07
C VAL A 110 -17.06 1.95 0.66
N PRO A 111 -17.79 0.86 0.39
CA PRO A 111 -18.40 0.62 -0.92
C PRO A 111 -19.56 1.59 -1.20
N LEU A 112 -19.94 1.69 -2.46
CA LEU A 112 -21.04 2.58 -2.86
C LEU A 112 -22.37 1.84 -2.83
N GLU A 113 -23.44 2.55 -3.18
CA GLU A 113 -24.78 1.96 -3.19
C GLU A 113 -24.95 1.03 -4.39
N ASN A 114 -24.14 1.25 -5.43
CA ASN A 114 -24.21 0.43 -6.63
C ASN A 114 -22.92 -0.38 -6.81
N LYS A 115 -22.23 -0.62 -5.69
CA LYS A 115 -21.00 -1.38 -5.72
C LYS A 115 -20.93 -2.35 -4.55
N GLU A 116 -20.97 -3.65 -4.85
CA GLU A 116 -20.92 -4.68 -3.82
C GLU A 116 -19.71 -4.46 -2.90
N ASN A 117 -18.54 -4.35 -3.50
CA ASN A 117 -17.31 -4.15 -2.73
C ASN A 117 -16.64 -2.84 -3.13
N ALA A 118 -15.84 -2.28 -2.22
CA ALA A 118 -15.14 -1.04 -2.48
C ALA A 118 -14.35 -1.11 -3.78
N GLU A 119 -14.34 0.00 -4.51
CA GLU A 119 -13.64 0.07 -5.79
C GLU A 119 -12.16 -0.26 -5.60
N TYR A 120 -11.54 0.34 -4.60
CA TYR A 120 -10.13 0.12 -4.32
C TYR A 120 -9.94 -1.10 -3.40
N GLU A 121 -9.21 -2.09 -3.89
CA GLU A 121 -8.96 -3.30 -3.11
C GLU A 121 -7.58 -3.87 -3.42
N TYR A 122 -6.89 -4.36 -2.39
CA TYR A 122 -5.56 -4.93 -2.55
C TYR A 122 -5.44 -6.24 -1.80
N GLU A 123 -4.25 -6.84 -1.85
CA GLU A 123 -4.00 -8.11 -1.17
C GLU A 123 -2.52 -8.26 -0.81
N VAL A 124 -2.24 -8.34 0.48
CA VAL A 124 -0.87 -8.49 0.95
C VAL A 124 -0.22 -9.75 0.40
N THR A 125 0.74 -9.58 -0.50
CA THR A 125 1.43 -10.71 -1.11
C THR A 125 2.92 -10.44 -1.21
N GLU A 126 3.72 -11.51 -1.09
CA GLU A 126 5.17 -11.38 -1.17
C GLU A 126 5.67 -11.71 -2.58
N GLU A 127 6.19 -10.69 -3.27
CA GLU A 127 6.70 -10.87 -4.62
C GLU A 127 8.01 -10.13 -4.81
N ASP A 128 8.97 -10.78 -5.48
CA ASP A 128 10.27 -10.18 -5.72
C ASP A 128 10.12 -8.84 -6.43
N TRP A 129 11.12 -7.97 -6.26
CA TRP A 129 11.10 -6.65 -6.87
C TRP A 129 10.99 -6.76 -8.39
N GLU A 130 11.58 -7.82 -8.95
CA GLU A 130 11.54 -8.04 -10.38
C GLU A 130 10.17 -8.49 -10.83
N THR A 131 9.29 -8.75 -9.87
CA THR A 131 7.93 -9.20 -10.16
C THR A 131 6.94 -8.05 -10.07
N ILE A 132 7.21 -7.11 -9.17
CA ILE A 132 6.34 -5.96 -8.97
C ILE A 132 6.86 -4.75 -9.74
N TYR A 133 8.12 -4.82 -10.15
CA TYR A 133 8.73 -3.72 -10.90
C TYR A 133 7.91 -3.37 -12.14
N PRO A 134 7.67 -4.38 -12.99
CA PRO A 134 6.88 -4.22 -14.22
C PRO A 134 5.54 -3.55 -13.97
N CYS A 135 4.81 -4.07 -12.97
CA CYS A 135 3.51 -3.53 -12.63
C CYS A 135 3.55 -2.82 -11.28
N LEU A 136 4.38 -1.78 -11.19
CA LEU A 136 4.51 -1.02 -9.95
C LEU A 136 3.40 0.02 -9.83
N SER A 137 3.34 0.67 -8.66
CA SER A 137 2.32 1.69 -8.42
C SER A 137 2.90 3.09 -8.60
N PRO A 138 2.02 4.08 -8.80
CA PRO A 138 2.41 5.47 -8.99
C PRO A 138 2.97 6.10 -7.71
N LYS A 139 4.29 6.09 -7.57
CA LYS A 139 4.94 6.65 -6.40
C LYS A 139 4.91 8.17 -6.44
N SER A 140 4.28 8.78 -5.44
CA SER A 140 4.18 10.23 -5.36
C SER A 140 5.31 10.81 -4.52
N GLY A 141 5.84 10.00 -3.62
CA GLY A 141 6.93 10.45 -2.76
C GLY A 141 8.28 10.29 -3.42
N PRO A 142 9.35 10.68 -2.70
CA PRO A 142 10.72 10.61 -3.20
C PRO A 142 11.21 9.17 -3.32
N SER A 143 12.32 8.98 -4.02
CA SER A 143 12.90 7.65 -4.21
C SER A 143 14.38 7.74 -4.55
N SER A 144 15.08 6.63 -4.41
CA SER A 144 16.51 6.58 -4.70
C SER A 144 16.75 6.48 -6.20
N GLY A 145 16.73 7.64 -6.86
CA GLY A 145 16.96 7.67 -8.30
C GLY A 145 18.38 7.30 -8.67
N GLY A 1 18.55 -22.53 0.89
CA GLY A 1 18.33 -21.83 2.14
C GLY A 1 16.85 -21.62 2.43
N SER A 2 16.44 -21.94 3.66
CA SER A 2 15.05 -21.79 4.06
C SER A 2 14.73 -20.34 4.35
N SER A 3 15.64 -19.64 5.01
CA SER A 3 15.45 -18.24 5.36
C SER A 3 16.40 -17.35 4.57
N GLY A 4 15.86 -16.56 3.65
CA GLY A 4 16.67 -15.69 2.84
C GLY A 4 16.42 -14.23 3.14
N SER A 5 16.62 -13.83 4.40
CA SER A 5 16.41 -12.46 4.82
C SER A 5 17.54 -11.98 5.71
N SER A 6 17.60 -10.67 5.93
CA SER A 6 18.64 -10.08 6.76
C SER A 6 18.25 -8.68 7.23
N GLY A 7 19.01 -8.13 8.16
CA GLY A 7 18.73 -6.81 8.68
C GLY A 7 19.46 -5.71 7.93
N VAL A 8 19.03 -5.44 6.71
CA VAL A 8 19.66 -4.41 5.88
C VAL A 8 18.79 -4.07 4.68
N THR A 9 18.84 -2.81 4.27
CA THR A 9 18.06 -2.35 3.12
C THR A 9 18.31 -3.23 1.91
N GLY A 10 19.58 -3.44 1.57
CA GLY A 10 19.92 -4.26 0.42
C GLY A 10 19.55 -3.61 -0.88
N ASP A 11 20.51 -3.51 -1.79
CA ASP A 11 20.26 -2.90 -3.10
C ASP A 11 20.64 -3.87 -4.22
N ARG A 12 20.58 -5.16 -3.93
CA ARG A 12 20.91 -6.19 -4.92
C ARG A 12 19.74 -6.42 -5.87
N ALA A 13 18.54 -6.09 -5.41
CA ALA A 13 17.34 -6.27 -6.23
C ALA A 13 17.12 -7.74 -6.59
N GLY A 14 17.51 -8.63 -5.67
CA GLY A 14 17.35 -10.05 -5.91
C GLY A 14 16.63 -10.75 -4.77
N GLY A 15 15.88 -9.98 -3.99
CA GLY A 15 15.16 -10.56 -2.87
C GLY A 15 13.67 -10.21 -2.90
N ARG A 16 12.85 -11.08 -2.32
CA ARG A 16 11.41 -10.87 -2.29
C ARG A 16 11.08 -9.49 -1.72
N SER A 17 9.87 -9.02 -1.98
CA SER A 17 9.43 -7.71 -1.49
C SER A 17 7.91 -7.64 -1.43
N TRP A 18 7.37 -7.63 -0.21
CA TRP A 18 5.93 -7.56 -0.02
C TRP A 18 5.33 -6.40 -0.79
N CYS A 19 4.01 -6.45 -0.98
CA CYS A 19 3.31 -5.39 -1.71
C CYS A 19 1.80 -5.55 -1.57
N LEU A 20 1.06 -4.61 -2.15
CA LEU A 20 -0.40 -4.65 -2.10
C LEU A 20 -0.99 -4.90 -3.48
N ARG A 21 -0.84 -6.12 -3.96
CA ARG A 21 -1.36 -6.49 -5.28
C ARG A 21 -2.83 -6.12 -5.39
N ARG A 22 -3.11 -5.05 -6.15
CA ARG A 22 -4.48 -4.59 -6.35
C ARG A 22 -5.37 -5.73 -6.85
N VAL A 23 -6.41 -6.04 -6.09
CA VAL A 23 -7.34 -7.10 -6.45
C VAL A 23 -8.15 -6.71 -7.68
N GLY A 24 -8.14 -7.58 -8.69
CA GLY A 24 -8.88 -7.31 -9.91
C GLY A 24 -8.02 -6.68 -10.98
N MET A 25 -7.02 -5.92 -10.57
CA MET A 25 -6.12 -5.25 -11.51
C MET A 25 -4.71 -5.84 -11.43
N SER A 26 -4.05 -5.93 -12.58
CA SER A 26 -2.70 -6.48 -12.64
C SER A 26 -1.66 -5.39 -12.48
N ALA A 27 -2.10 -4.20 -12.07
CA ALA A 27 -1.21 -3.07 -11.89
C ALA A 27 -1.48 -2.37 -10.56
N GLY A 28 -0.82 -1.24 -10.34
CA GLY A 28 -0.99 -0.50 -9.10
C GLY A 28 -0.55 -1.28 -7.89
N TRP A 29 0.49 -2.09 -8.06
CA TRP A 29 1.02 -2.90 -6.97
C TRP A 29 1.89 -2.06 -6.03
N LEU A 30 1.31 -1.66 -4.91
CA LEU A 30 2.04 -0.84 -3.93
C LEU A 30 3.16 -1.66 -3.28
N LEU A 31 4.40 -1.30 -3.59
CA LEU A 31 5.56 -1.98 -3.03
C LEU A 31 5.66 -1.74 -1.53
N LEU A 32 6.12 -2.76 -0.80
CA LEU A 32 6.28 -2.65 0.65
C LEU A 32 7.70 -2.98 1.07
N GLU A 33 8.63 -2.08 0.79
CA GLU A 33 10.03 -2.28 1.13
C GLU A 33 10.19 -2.49 2.64
N ASP A 34 10.97 -3.51 3.00
CA ASP A 34 11.20 -3.82 4.41
C ASP A 34 11.91 -2.68 5.11
N GLY A 35 11.25 -2.07 6.09
CA GLY A 35 11.84 -0.96 6.81
C GLY A 35 11.60 0.38 6.15
N CYS A 36 10.62 0.42 5.26
CA CYS A 36 10.29 1.64 4.53
C CYS A 36 8.82 2.03 4.75
N GLU A 37 8.60 3.18 5.37
CA GLU A 37 7.25 3.66 5.64
C GLU A 37 6.47 3.83 4.34
N VAL A 38 5.25 3.29 4.30
CA VAL A 38 4.40 3.39 3.13
C VAL A 38 3.10 4.10 3.45
N THR A 39 2.99 5.36 3.03
CA THR A 39 1.79 6.15 3.29
C THR A 39 0.98 6.33 2.01
N VAL A 40 -0.30 5.97 2.06
CA VAL A 40 -1.19 6.09 0.91
C VAL A 40 -2.27 7.14 1.16
N GLY A 41 -2.68 7.81 0.09
CA GLY A 41 -3.71 8.83 0.22
C GLY A 41 -3.80 9.72 -1.01
N ARG A 42 -4.30 10.92 -0.82
CA ARG A 42 -4.44 11.88 -1.92
C ARG A 42 -3.82 13.23 -1.56
N GLY A 43 -2.72 13.18 -0.80
CA GLY A 43 -2.06 14.41 -0.40
C GLY A 43 -0.74 14.61 -1.13
N PHE A 44 -0.19 15.82 -1.03
CA PHE A 44 1.07 16.14 -1.69
C PHE A 44 2.26 15.79 -0.79
N GLY A 45 2.62 14.52 -0.79
CA GLY A 45 3.74 14.06 0.02
C GLY A 45 3.74 12.57 0.23
N VAL A 46 2.55 11.99 0.36
CA VAL A 46 2.42 10.54 0.57
C VAL A 46 3.18 9.76 -0.49
N THR A 47 3.84 8.69 -0.09
CA THR A 47 4.60 7.85 -1.00
C THR A 47 3.72 7.36 -2.14
N TYR A 48 2.49 7.00 -1.83
CA TYR A 48 1.55 6.51 -2.83
C TYR A 48 0.32 7.40 -2.91
N GLN A 49 0.05 7.90 -4.11
CA GLN A 49 -1.11 8.77 -4.34
C GLN A 49 -2.19 8.05 -5.12
N LEU A 50 -3.40 8.00 -4.56
CA LEU A 50 -4.52 7.33 -5.21
C LEU A 50 -5.56 8.36 -5.67
N VAL A 51 -5.81 8.39 -6.98
CA VAL A 51 -6.78 9.31 -7.54
C VAL A 51 -7.70 8.60 -8.53
N SER A 52 -8.99 8.93 -8.47
CA SER A 52 -9.98 8.32 -9.35
C SER A 52 -10.80 9.39 -10.07
N LYS A 53 -11.76 8.95 -10.88
CA LYS A 53 -12.61 9.86 -11.62
C LYS A 53 -14.07 9.72 -11.18
N ILE A 54 -14.43 8.53 -10.72
CA ILE A 54 -15.79 8.25 -10.28
C ILE A 54 -16.05 8.87 -8.90
N CYS A 55 -15.22 8.51 -7.94
CA CYS A 55 -15.35 9.03 -6.59
C CYS A 55 -14.00 9.13 -5.89
N PRO A 56 -13.19 10.12 -6.31
CA PRO A 56 -11.86 10.35 -5.75
C PRO A 56 -11.91 10.86 -4.31
N LEU A 57 -13.08 11.36 -3.91
CA LEU A 57 -13.26 11.88 -2.57
C LEU A 57 -13.26 10.75 -1.54
N MET A 58 -13.60 9.55 -1.99
CA MET A 58 -13.65 8.39 -1.10
C MET A 58 -12.34 8.24 -0.35
N ILE A 59 -11.25 8.68 -0.97
CA ILE A 59 -9.92 8.59 -0.35
C ILE A 59 -9.50 9.94 0.22
N SER A 60 -8.90 9.91 1.42
CA SER A 60 -8.44 11.12 2.07
C SER A 60 -6.93 11.11 2.25
N ARG A 61 -6.36 12.29 2.52
CA ARG A 61 -4.92 12.41 2.70
C ARG A 61 -4.42 11.41 3.75
N ASN A 62 -3.40 10.65 3.38
CA ASN A 62 -2.83 9.65 4.28
C ASN A 62 -3.92 8.73 4.84
N HIS A 63 -4.74 8.19 3.95
CA HIS A 63 -5.81 7.29 4.36
C HIS A 63 -5.28 6.17 5.24
N CYS A 64 -4.04 5.79 5.02
CA CYS A 64 -3.42 4.72 5.80
C CYS A 64 -1.89 4.82 5.75
N VAL A 65 -1.22 4.09 6.64
CA VAL A 65 0.24 4.11 6.69
C VAL A 65 0.78 2.76 7.17
N LEU A 66 1.50 2.07 6.29
CA LEU A 66 2.08 0.78 6.63
C LEU A 66 3.51 0.93 7.12
N LYS A 67 3.91 0.04 8.03
CA LYS A 67 5.27 0.08 8.58
C LYS A 67 5.52 -1.13 9.48
N GLN A 68 6.74 -1.63 9.48
CA GLN A 68 7.10 -2.78 10.29
C GLN A 68 7.46 -2.35 11.71
N ASN A 69 6.65 -2.77 12.68
CA ASN A 69 6.87 -2.43 14.08
C ASN A 69 8.30 -2.74 14.49
N PRO A 70 8.74 -2.12 15.60
CA PRO A 70 10.10 -2.31 16.13
C PRO A 70 10.47 -3.78 16.25
N GLU A 71 9.46 -4.63 16.41
CA GLU A 71 9.68 -6.07 16.54
C GLU A 71 10.22 -6.66 15.23
N GLY A 72 9.69 -6.17 14.11
CA GLY A 72 10.12 -6.65 12.82
C GLY A 72 8.99 -7.26 12.01
N GLN A 73 7.76 -6.87 12.35
CA GLN A 73 6.58 -7.38 11.65
C GLN A 73 5.76 -6.24 11.05
N TRP A 74 5.30 -6.43 9.82
CA TRP A 74 4.51 -5.41 9.13
C TRP A 74 3.22 -5.13 9.90
N THR A 75 2.80 -3.87 9.90
CA THR A 75 1.58 -3.47 10.59
C THR A 75 0.92 -2.28 9.89
N ILE A 76 -0.35 -2.44 9.55
CA ILE A 76 -1.10 -1.38 8.88
C ILE A 76 -1.82 -0.50 9.89
N MET A 77 -1.57 0.81 9.81
CA MET A 77 -2.20 1.76 10.72
C MET A 77 -2.98 2.81 9.94
N ASP A 78 -4.23 3.04 10.35
CA ASP A 78 -5.08 4.03 9.69
C ASP A 78 -4.93 5.39 10.35
N ASN A 79 -4.51 6.38 9.56
CA ASN A 79 -4.32 7.73 10.06
C ASN A 79 -5.67 8.45 10.22
N LYS A 80 -6.49 7.95 11.14
CA LYS A 80 -7.80 8.53 11.39
C LYS A 80 -8.59 8.67 10.10
N SER A 81 -9.00 7.54 9.54
CA SER A 81 -9.77 7.54 8.29
C SER A 81 -11.23 7.87 8.55
N LEU A 82 -11.81 8.68 7.67
CA LEU A 82 -13.21 9.08 7.81
C LEU A 82 -14.14 7.96 7.36
N ASN A 83 -14.04 7.59 6.09
CA ASN A 83 -14.86 6.53 5.54
C ASN A 83 -14.64 5.21 6.27
N GLY A 84 -13.42 5.02 6.77
CA GLY A 84 -13.10 3.81 7.49
C GLY A 84 -12.22 2.87 6.67
N VAL A 85 -11.48 2.01 7.36
CA VAL A 85 -10.60 1.06 6.69
C VAL A 85 -10.96 -0.37 7.06
N TRP A 86 -10.92 -1.26 6.07
CA TRP A 86 -11.24 -2.66 6.29
C TRP A 86 -10.00 -3.54 6.13
N LEU A 87 -10.01 -4.69 6.81
CA LEU A 87 -8.89 -5.61 6.74
C LEU A 87 -9.34 -7.04 7.02
N ASN A 88 -9.37 -7.87 5.98
CA ASN A 88 -9.79 -9.26 6.11
C ASN A 88 -11.24 -9.35 6.57
N ARG A 89 -12.09 -8.51 5.99
CA ARG A 89 -13.51 -8.50 6.34
C ARG A 89 -13.70 -8.10 7.80
N ALA A 90 -13.03 -7.02 8.21
CA ALA A 90 -13.13 -6.54 9.58
C ALA A 90 -13.06 -5.02 9.63
N ARG A 91 -13.40 -4.45 10.78
CA ARG A 91 -13.37 -3.00 10.96
C ARG A 91 -12.12 -2.57 11.72
N LEU A 92 -11.41 -1.59 11.17
CA LEU A 92 -10.19 -1.09 11.81
C LEU A 92 -10.47 0.19 12.59
N GLU A 93 -9.55 0.56 13.46
CA GLU A 93 -9.69 1.75 14.28
C GLU A 93 -8.62 2.79 13.93
N PRO A 94 -8.87 4.05 14.30
CA PRO A 94 -7.94 5.15 14.04
C PRO A 94 -6.69 5.06 14.89
N LEU A 95 -5.53 5.27 14.26
CA LEU A 95 -4.25 5.21 14.96
C LEU A 95 -4.13 3.91 15.75
N ARG A 96 -4.31 2.79 15.06
CA ARG A 96 -4.21 1.48 15.70
C ARG A 96 -3.23 0.58 14.94
N VAL A 97 -2.73 -0.45 15.62
CA VAL A 97 -1.79 -1.37 15.02
C VAL A 97 -2.47 -2.69 14.66
N TYR A 98 -2.21 -3.18 13.45
CA TYR A 98 -2.80 -4.43 12.99
C TYR A 98 -1.77 -5.27 12.24
N SER A 99 -1.44 -6.43 12.80
CA SER A 99 -0.47 -7.33 12.18
C SER A 99 -1.06 -8.01 10.95
N ILE A 100 -0.43 -7.81 9.80
CA ILE A 100 -0.89 -8.40 8.56
C ILE A 100 0.04 -9.54 8.12
N HIS A 101 -0.51 -10.45 7.31
CA HIS A 101 0.26 -11.59 6.81
C HIS A 101 -0.09 -11.90 5.37
N GLN A 102 0.49 -12.97 4.83
CA GLN A 102 0.24 -13.37 3.46
C GLN A 102 -1.17 -13.92 3.29
N GLY A 103 -2.09 -13.06 2.84
CA GLY A 103 -3.47 -13.48 2.65
C GLY A 103 -4.45 -12.52 3.29
N ASP A 104 -4.14 -11.23 3.23
CA ASP A 104 -5.01 -10.21 3.81
C ASP A 104 -5.63 -9.35 2.71
N TYR A 105 -6.79 -8.77 3.02
CA TYR A 105 -7.49 -7.92 2.05
C TYR A 105 -7.75 -6.54 2.64
N ILE A 106 -7.02 -5.56 2.14
CA ILE A 106 -7.16 -4.18 2.60
C ILE A 106 -8.12 -3.40 1.71
N GLN A 107 -9.07 -2.73 2.33
CA GLN A 107 -10.05 -1.94 1.59
C GLN A 107 -10.06 -0.49 2.07
N LEU A 108 -9.79 0.44 1.15
CA LEU A 108 -9.76 1.86 1.48
C LEU A 108 -11.11 2.51 1.19
N GLY A 109 -11.93 2.66 2.21
CA GLY A 109 -13.24 3.28 2.04
C GLY A 109 -14.36 2.26 2.10
N VAL A 110 -15.56 2.70 1.74
CA VAL A 110 -16.73 1.82 1.75
C VAL A 110 -17.42 1.82 0.39
N PRO A 111 -18.16 0.73 0.11
CA PRO A 111 -18.88 0.58 -1.16
C PRO A 111 -20.06 1.53 -1.29
N LEU A 112 -20.15 2.21 -2.42
CA LEU A 112 -21.24 3.16 -2.66
C LEU A 112 -22.59 2.46 -2.63
N GLU A 113 -23.65 3.21 -2.92
CA GLU A 113 -24.99 2.65 -2.93
C GLU A 113 -25.21 1.77 -4.15
N ASN A 114 -24.44 2.01 -5.20
CA ASN A 114 -24.54 1.24 -6.43
C ASN A 114 -23.26 0.46 -6.70
N LYS A 115 -22.50 0.21 -5.64
CA LYS A 115 -21.24 -0.53 -5.76
C LYS A 115 -21.26 -1.78 -4.88
N GLU A 116 -21.43 -2.94 -5.50
CA GLU A 116 -21.46 -4.21 -4.78
C GLU A 116 -20.24 -4.33 -3.87
N ASN A 117 -19.12 -3.78 -4.30
CA ASN A 117 -17.89 -3.84 -3.52
C ASN A 117 -17.04 -2.59 -3.76
N ALA A 118 -16.22 -2.25 -2.77
CA ALA A 118 -15.36 -1.08 -2.86
C ALA A 118 -14.53 -1.12 -4.15
N GLU A 119 -14.15 0.06 -4.63
CA GLU A 119 -13.36 0.16 -5.85
C GLU A 119 -11.88 -0.08 -5.56
N TYR A 120 -11.46 0.26 -4.35
CA TYR A 120 -10.07 0.07 -3.95
C TYR A 120 -9.90 -1.22 -3.14
N GLU A 121 -9.17 -2.17 -3.70
CA GLU A 121 -8.93 -3.45 -3.04
C GLU A 121 -7.53 -3.98 -3.36
N TYR A 122 -6.89 -4.57 -2.37
CA TYR A 122 -5.55 -5.13 -2.55
C TYR A 122 -5.46 -6.52 -1.94
N GLU A 123 -4.25 -7.09 -1.98
CA GLU A 123 -4.02 -8.42 -1.43
C GLU A 123 -2.56 -8.59 -1.01
N VAL A 124 -2.33 -8.53 0.30
CA VAL A 124 -0.98 -8.67 0.84
C VAL A 124 -0.31 -9.93 0.30
N THR A 125 0.69 -9.74 -0.55
CA THR A 125 1.42 -10.86 -1.15
C THR A 125 2.91 -10.54 -1.26
N GLU A 126 3.74 -11.57 -1.11
CA GLU A 126 5.19 -11.40 -1.20
C GLU A 126 5.70 -11.86 -2.57
N GLU A 127 6.22 -10.91 -3.34
CA GLU A 127 6.75 -11.22 -4.66
C GLU A 127 8.09 -10.52 -4.89
N ASP A 128 8.88 -11.06 -5.81
CA ASP A 128 10.19 -10.49 -6.12
C ASP A 128 10.04 -9.12 -6.77
N TRP A 129 11.02 -8.26 -6.55
CA TRP A 129 11.01 -6.92 -7.12
C TRP A 129 10.91 -6.97 -8.63
N GLU A 130 11.50 -8.00 -9.24
CA GLU A 130 11.47 -8.16 -10.69
C GLU A 130 10.09 -8.60 -11.15
N THR A 131 9.21 -8.90 -10.20
CA THR A 131 7.85 -9.33 -10.51
C THR A 131 6.86 -8.18 -10.38
N ILE A 132 7.13 -7.28 -9.44
CA ILE A 132 6.27 -6.14 -9.21
C ILE A 132 6.78 -4.90 -9.94
N TYR A 133 8.05 -4.94 -10.34
CA TYR A 133 8.66 -3.83 -11.06
C TYR A 133 7.84 -3.44 -12.28
N PRO A 134 7.60 -4.42 -13.17
CA PRO A 134 6.83 -4.20 -14.40
C PRO A 134 5.47 -3.57 -14.11
N CYS A 135 4.76 -4.11 -13.13
CA CYS A 135 3.44 -3.60 -12.77
C CYS A 135 3.47 -2.92 -11.40
N LEU A 136 4.30 -1.89 -11.28
CA LEU A 136 4.43 -1.16 -10.02
C LEU A 136 3.34 -0.10 -9.89
N SER A 137 3.22 0.47 -8.69
CA SER A 137 2.21 1.50 -8.44
C SER A 137 2.78 2.89 -8.68
N PRO A 138 1.88 3.87 -8.86
CA PRO A 138 2.27 5.26 -9.11
C PRO A 138 2.85 5.92 -7.87
N LYS A 139 4.11 6.35 -7.98
CA LYS A 139 4.80 7.00 -6.86
C LYS A 139 4.80 8.52 -7.04
N SER A 140 4.72 9.24 -5.93
CA SER A 140 4.71 10.70 -5.96
C SER A 140 5.88 11.27 -5.16
N GLY A 141 6.36 12.43 -5.57
CA GLY A 141 7.47 13.05 -4.88
C GLY A 141 8.80 12.76 -5.52
N PRO A 142 9.89 13.24 -4.90
CA PRO A 142 11.25 13.03 -5.41
C PRO A 142 11.70 11.57 -5.28
N SER A 143 12.96 11.31 -5.60
CA SER A 143 13.51 9.97 -5.53
C SER A 143 14.79 9.95 -4.69
N SER A 144 15.36 8.76 -4.53
CA SER A 144 16.59 8.60 -3.75
C SER A 144 17.67 7.91 -4.58
N GLY A 145 18.63 8.71 -5.06
CA GLY A 145 19.71 8.16 -5.86
C GLY A 145 19.44 8.25 -7.35
N GLY A 1 25.11 -2.92 4.24
CA GLY A 1 26.41 -3.30 3.72
C GLY A 1 26.47 -3.28 2.21
N SER A 2 27.65 -3.49 1.66
CA SER A 2 27.84 -3.49 0.22
C SER A 2 28.20 -4.89 -0.29
N SER A 3 27.45 -5.39 -1.26
CA SER A 3 27.69 -6.70 -1.82
C SER A 3 27.09 -6.81 -3.22
N GLY A 4 27.52 -7.84 -3.95
CA GLY A 4 27.01 -8.04 -5.30
C GLY A 4 27.98 -7.53 -6.35
N SER A 5 28.34 -6.25 -6.25
CA SER A 5 29.25 -5.64 -7.21
C SER A 5 28.67 -5.69 -8.62
N SER A 6 27.40 -5.34 -8.75
CA SER A 6 26.72 -5.34 -10.04
C SER A 6 26.84 -3.98 -10.72
N GLY A 7 27.00 -2.93 -9.93
CA GLY A 7 27.13 -1.60 -10.47
C GLY A 7 26.79 -0.53 -9.46
N VAL A 8 27.35 0.67 -9.64
CA VAL A 8 27.10 1.78 -8.74
C VAL A 8 25.68 2.31 -8.89
N THR A 9 25.32 2.68 -10.11
CA THR A 9 23.99 3.20 -10.39
C THR A 9 22.98 2.07 -10.58
N GLY A 10 22.68 1.37 -9.49
CA GLY A 10 21.74 0.27 -9.55
C GLY A 10 20.68 0.34 -8.47
N ASP A 11 19.69 -0.54 -8.55
CA ASP A 11 18.62 -0.57 -7.56
C ASP A 11 18.99 -1.43 -6.36
N ARG A 12 19.93 -2.35 -6.57
CA ARG A 12 20.37 -3.25 -5.51
C ARG A 12 19.23 -4.12 -5.02
N ALA A 13 18.43 -4.63 -5.96
CA ALA A 13 17.30 -5.49 -5.62
C ALA A 13 17.78 -6.84 -5.10
N GLY A 14 16.82 -7.68 -4.69
CA GLY A 14 17.17 -8.99 -4.16
C GLY A 14 16.17 -9.48 -3.13
N GLY A 15 16.04 -10.80 -3.03
CA GLY A 15 15.12 -11.38 -2.07
C GLY A 15 13.68 -10.96 -2.33
N ARG A 16 12.75 -11.57 -1.62
CA ARG A 16 11.33 -11.25 -1.77
C ARG A 16 11.04 -9.85 -1.26
N SER A 17 9.93 -9.27 -1.72
CA SER A 17 9.54 -7.94 -1.30
C SER A 17 8.02 -7.81 -1.23
N TRP A 18 7.49 -7.67 -0.02
CA TRP A 18 6.05 -7.54 0.18
C TRP A 18 5.48 -6.45 -0.70
N CYS A 19 4.15 -6.42 -0.82
CA CYS A 19 3.47 -5.42 -1.63
C CYS A 19 1.96 -5.50 -1.45
N LEU A 20 1.23 -4.67 -2.18
CA LEU A 20 -0.22 -4.64 -2.09
C LEU A 20 -0.85 -4.91 -3.45
N ARG A 21 -0.81 -6.16 -3.89
CA ARG A 21 -1.38 -6.55 -5.16
C ARG A 21 -2.82 -6.06 -5.29
N ARG A 22 -3.04 -5.12 -6.21
CA ARG A 22 -4.38 -4.57 -6.43
C ARG A 22 -5.38 -5.68 -6.76
N VAL A 23 -6.45 -5.75 -5.99
CA VAL A 23 -7.48 -6.76 -6.21
C VAL A 23 -8.22 -6.52 -7.52
N GLY A 24 -8.21 -7.53 -8.39
CA GLY A 24 -8.89 -7.41 -9.66
C GLY A 24 -8.04 -6.69 -10.69
N MET A 25 -6.73 -6.65 -10.47
CA MET A 25 -5.82 -6.00 -11.39
C MET A 25 -4.37 -6.43 -11.13
N SER A 26 -3.66 -6.76 -12.20
CA SER A 26 -2.28 -7.20 -12.09
C SER A 26 -1.33 -6.00 -12.04
N ALA A 27 -1.90 -4.81 -12.07
CA ALA A 27 -1.11 -3.58 -12.04
C ALA A 27 -1.36 -2.81 -10.74
N GLY A 28 -0.70 -1.66 -10.61
CA GLY A 28 -0.85 -0.85 -9.42
C GLY A 28 -0.44 -1.58 -8.16
N TRP A 29 0.69 -2.29 -8.24
CA TRP A 29 1.20 -3.04 -7.09
C TRP A 29 2.09 -2.16 -6.22
N LEU A 30 1.59 -1.79 -5.04
CA LEU A 30 2.36 -0.96 -4.11
C LEU A 30 3.46 -1.76 -3.45
N LEU A 31 4.71 -1.39 -3.74
CA LEU A 31 5.87 -2.07 -3.18
C LEU A 31 6.01 -1.77 -1.69
N LEU A 32 6.32 -2.79 -0.90
CA LEU A 32 6.48 -2.63 0.54
C LEU A 32 7.91 -2.96 0.96
N GLU A 33 8.85 -2.08 0.60
CA GLU A 33 10.25 -2.29 0.95
C GLU A 33 10.43 -2.40 2.45
N ASP A 34 11.19 -3.41 2.88
CA ASP A 34 11.43 -3.63 4.30
C ASP A 34 12.12 -2.42 4.93
N GLY A 35 11.46 -1.79 5.89
CA GLY A 35 12.02 -0.62 6.55
C GLY A 35 11.69 0.66 5.84
N CYS A 36 10.68 0.62 4.97
CA CYS A 36 10.26 1.80 4.22
C CYS A 36 8.78 2.09 4.45
N GLU A 37 8.50 3.25 5.05
CA GLU A 37 7.13 3.65 5.33
C GLU A 37 6.34 3.81 4.03
N VAL A 38 5.14 3.23 4.00
CA VAL A 38 4.28 3.32 2.83
C VAL A 38 2.96 4.01 3.15
N THR A 39 2.92 5.33 2.97
CA THR A 39 1.73 6.11 3.24
C THR A 39 0.84 6.22 2.01
N VAL A 40 -0.40 5.79 2.13
CA VAL A 40 -1.36 5.84 1.02
C VAL A 40 -2.43 6.89 1.27
N GLY A 41 -2.91 7.49 0.18
CA GLY A 41 -3.94 8.51 0.30
C GLY A 41 -3.97 9.44 -0.89
N ARG A 42 -4.78 10.50 -0.80
CA ARG A 42 -4.89 11.47 -1.88
C ARG A 42 -4.04 12.70 -1.61
N GLY A 43 -2.97 12.51 -0.83
CA GLY A 43 -2.08 13.61 -0.52
C GLY A 43 -0.99 13.80 -1.55
N PHE A 44 -0.13 14.79 -1.34
CA PHE A 44 0.96 15.08 -2.27
C PHE A 44 2.27 14.51 -1.74
N GLY A 45 2.38 14.37 -0.42
CA GLY A 45 3.58 13.85 0.18
C GLY A 45 3.54 12.34 0.35
N VAL A 46 2.34 11.79 0.41
CA VAL A 46 2.16 10.35 0.56
C VAL A 46 2.96 9.58 -0.48
N THR A 47 3.51 8.44 -0.08
CA THR A 47 4.30 7.61 -0.98
C THR A 47 3.48 7.21 -2.20
N TYR A 48 2.19 6.94 -1.99
CA TYR A 48 1.31 6.54 -3.07
C TYR A 48 0.07 7.43 -3.13
N GLN A 49 0.04 8.34 -4.10
CA GLN A 49 -1.08 9.25 -4.26
C GLN A 49 -2.20 8.61 -5.08
N LEU A 50 -3.43 8.74 -4.60
CA LEU A 50 -4.58 8.18 -5.29
C LEU A 50 -5.73 9.18 -5.34
N VAL A 51 -5.98 9.73 -6.53
CA VAL A 51 -7.06 10.69 -6.70
C VAL A 51 -8.06 10.22 -7.76
N SER A 52 -9.33 10.51 -7.54
CA SER A 52 -10.38 10.11 -8.47
C SER A 52 -11.18 11.31 -8.94
N LYS A 53 -12.16 11.07 -9.81
CA LYS A 53 -12.99 12.14 -10.34
C LYS A 53 -14.46 11.93 -9.94
N ILE A 54 -14.84 10.68 -9.77
CA ILE A 54 -16.21 10.34 -9.39
C ILE A 54 -16.41 10.49 -7.88
N CYS A 55 -15.53 9.86 -7.11
CA CYS A 55 -15.61 9.93 -5.66
C CYS A 55 -14.22 10.02 -5.04
N PRO A 56 -13.58 11.20 -5.16
CA PRO A 56 -12.25 11.43 -4.63
C PRO A 56 -12.23 11.49 -3.10
N LEU A 57 -13.39 11.79 -2.52
CA LEU A 57 -13.51 11.87 -1.07
C LEU A 57 -13.33 10.50 -0.43
N MET A 58 -13.59 9.45 -1.20
CA MET A 58 -13.46 8.09 -0.71
C MET A 58 -12.08 7.87 -0.09
N ILE A 59 -11.08 8.59 -0.58
CA ILE A 59 -9.73 8.48 -0.08
C ILE A 59 -9.25 9.80 0.51
N SER A 60 -8.60 9.73 1.67
CA SER A 60 -8.09 10.92 2.35
C SER A 60 -6.58 11.04 2.17
N ARG A 61 -6.03 12.18 2.58
CA ARG A 61 -4.60 12.42 2.47
C ARG A 61 -3.81 11.28 3.09
N ASN A 62 -4.20 10.88 4.31
CA ASN A 62 -3.52 9.80 5.01
C ASN A 62 -4.51 8.71 5.41
N HIS A 63 -5.17 8.12 4.43
CA HIS A 63 -6.15 7.06 4.69
C HIS A 63 -5.55 5.97 5.55
N CYS A 64 -4.26 5.71 5.37
CA CYS A 64 -3.56 4.68 6.14
C CYS A 64 -2.05 4.88 6.06
N VAL A 65 -1.33 4.15 6.90
CA VAL A 65 0.13 4.25 6.92
C VAL A 65 0.76 2.91 7.33
N LEU A 66 1.35 2.22 6.36
CA LEU A 66 1.99 0.94 6.62
C LEU A 66 3.41 1.13 7.16
N LYS A 67 3.84 0.21 8.01
CA LYS A 67 5.16 0.26 8.59
C LYS A 67 5.47 -1.00 9.38
N GLN A 68 6.76 -1.30 9.54
CA GLN A 68 7.18 -2.48 10.28
C GLN A 68 7.52 -2.13 11.72
N ASN A 69 6.74 -2.67 12.65
CA ASN A 69 6.95 -2.42 14.07
C ASN A 69 8.41 -2.69 14.46
N PRO A 70 8.82 -2.12 15.60
CA PRO A 70 10.19 -2.29 16.11
C PRO A 70 10.63 -3.75 16.13
N GLU A 71 9.66 -4.66 16.24
CA GLU A 71 9.95 -6.08 16.27
C GLU A 71 10.49 -6.56 14.93
N GLY A 72 9.94 -6.00 13.84
CA GLY A 72 10.38 -6.38 12.51
C GLY A 72 9.27 -7.00 11.69
N GLN A 73 8.03 -6.68 12.04
CA GLN A 73 6.87 -7.22 11.34
C GLN A 73 5.98 -6.08 10.83
N TRP A 74 5.42 -6.26 9.64
CA TRP A 74 4.55 -5.27 9.04
C TRP A 74 3.28 -5.10 9.87
N THR A 75 2.76 -3.87 9.90
CA THR A 75 1.55 -3.56 10.66
C THR A 75 0.80 -2.38 10.05
N ILE A 76 -0.45 -2.62 9.65
CA ILE A 76 -1.26 -1.57 9.05
C ILE A 76 -1.91 -0.70 10.13
N MET A 77 -1.81 0.61 9.96
CA MET A 77 -2.40 1.56 10.91
C MET A 77 -3.10 2.70 10.19
N ASP A 78 -4.36 2.90 10.50
CA ASP A 78 -5.14 3.97 9.88
C ASP A 78 -4.88 5.30 10.56
N ASN A 79 -4.34 6.26 9.80
CA ASN A 79 -4.03 7.58 10.33
C ASN A 79 -5.30 8.43 10.46
N LYS A 80 -6.25 7.94 11.25
CA LYS A 80 -7.51 8.65 11.45
C LYS A 80 -8.15 9.02 10.13
N SER A 81 -8.78 8.04 9.49
CA SER A 81 -9.44 8.26 8.20
C SER A 81 -10.88 8.74 8.40
N LEU A 82 -11.46 9.26 7.34
CA LEU A 82 -12.84 9.75 7.39
C LEU A 82 -13.83 8.66 7.00
N ASN A 83 -13.53 7.97 5.90
CA ASN A 83 -14.39 6.90 5.41
C ASN A 83 -14.23 5.64 6.26
N GLY A 84 -12.98 5.24 6.47
CA GLY A 84 -12.70 4.05 7.26
C GLY A 84 -11.96 2.98 6.47
N VAL A 85 -11.21 2.13 7.16
CA VAL A 85 -10.47 1.06 6.52
C VAL A 85 -11.04 -0.30 6.87
N TRP A 86 -10.80 -1.28 6.01
CA TRP A 86 -11.29 -2.63 6.23
C TRP A 86 -10.18 -3.66 6.02
N LEU A 87 -9.99 -4.54 7.00
CA LEU A 87 -8.96 -5.57 6.93
C LEU A 87 -9.57 -6.95 7.11
N ASN A 88 -9.51 -7.77 6.05
CA ASN A 88 -10.06 -9.12 6.11
C ASN A 88 -11.52 -9.10 6.53
N ARG A 89 -12.31 -8.29 5.84
CA ARG A 89 -13.74 -8.18 6.14
C ARG A 89 -13.96 -7.78 7.60
N ALA A 90 -13.10 -6.91 8.11
CA ALA A 90 -13.20 -6.45 9.50
C ALA A 90 -13.01 -4.95 9.59
N ARG A 91 -13.61 -4.34 10.60
CA ARG A 91 -13.51 -2.90 10.82
C ARG A 91 -12.33 -2.57 11.73
N LEU A 92 -11.45 -1.70 11.25
CA LEU A 92 -10.28 -1.29 12.03
C LEU A 92 -10.52 0.05 12.72
N GLU A 93 -9.69 0.34 13.72
CA GLU A 93 -9.82 1.59 14.46
C GLU A 93 -8.69 2.55 14.10
N PRO A 94 -8.89 3.85 14.38
CA PRO A 94 -7.91 4.89 14.10
C PRO A 94 -6.68 4.79 15.00
N LEU A 95 -5.51 4.80 14.39
CA LEU A 95 -4.25 4.71 15.14
C LEU A 95 -4.16 3.39 15.88
N ARG A 96 -4.40 2.30 15.16
CA ARG A 96 -4.34 0.96 15.75
C ARG A 96 -3.31 0.09 15.03
N VAL A 97 -2.82 -0.94 15.73
CA VAL A 97 -1.84 -1.85 15.15
C VAL A 97 -2.47 -3.18 14.76
N TYR A 98 -2.31 -3.55 13.50
CA TYR A 98 -2.86 -4.80 12.99
C TYR A 98 -1.88 -5.50 12.07
N SER A 99 -1.22 -6.53 12.59
CA SER A 99 -0.25 -7.29 11.82
C SER A 99 -0.91 -7.92 10.60
N ILE A 100 -0.33 -7.66 9.43
CA ILE A 100 -0.86 -8.20 8.18
C ILE A 100 -0.10 -9.46 7.77
N HIS A 101 -0.81 -10.41 7.17
CA HIS A 101 -0.21 -11.66 6.72
C HIS A 101 -0.69 -12.02 5.32
N GLN A 102 0.04 -12.93 4.66
CA GLN A 102 -0.31 -13.36 3.32
C GLN A 102 -1.78 -13.80 3.24
N GLY A 103 -2.58 -13.05 2.49
CA GLY A 103 -3.98 -13.38 2.35
C GLY A 103 -4.88 -12.35 2.98
N ASP A 104 -4.37 -11.13 3.15
CA ASP A 104 -5.13 -10.05 3.75
C ASP A 104 -5.85 -9.23 2.68
N TYR A 105 -6.73 -8.34 3.11
CA TYR A 105 -7.48 -7.50 2.18
C TYR A 105 -7.71 -6.11 2.77
N ILE A 106 -6.98 -5.13 2.27
CA ILE A 106 -7.10 -3.75 2.74
C ILE A 106 -8.04 -2.94 1.84
N GLN A 107 -9.09 -2.40 2.43
CA GLN A 107 -10.06 -1.60 1.68
C GLN A 107 -10.07 -0.16 2.18
N LEU A 108 -9.47 0.74 1.41
CA LEU A 108 -9.42 2.15 1.77
C LEU A 108 -10.76 2.84 1.50
N GLY A 109 -11.66 2.76 2.47
CA GLY A 109 -12.96 3.37 2.32
C GLY A 109 -14.08 2.36 2.19
N VAL A 110 -15.27 2.82 1.85
CA VAL A 110 -16.43 1.95 1.70
C VAL A 110 -16.91 1.93 0.25
N PRO A 111 -17.60 0.85 -0.12
CA PRO A 111 -18.14 0.68 -1.48
C PRO A 111 -19.29 1.63 -1.77
N LEU A 112 -19.83 1.56 -2.99
CA LEU A 112 -20.94 2.43 -3.38
C LEU A 112 -22.22 1.62 -3.50
N GLU A 113 -23.34 2.32 -3.67
CA GLU A 113 -24.64 1.68 -3.80
C GLU A 113 -24.73 0.90 -5.11
N ASN A 114 -23.95 1.32 -6.10
CA ASN A 114 -23.95 0.67 -7.40
C ASN A 114 -22.63 -0.07 -7.64
N LYS A 115 -21.96 -0.43 -6.55
CA LYS A 115 -20.70 -1.14 -6.63
C LYS A 115 -20.60 -2.21 -5.55
N GLU A 116 -20.39 -3.46 -5.96
CA GLU A 116 -20.29 -4.57 -5.02
C GLU A 116 -19.22 -4.28 -3.97
N ASN A 117 -17.97 -4.17 -4.41
CA ASN A 117 -16.86 -3.90 -3.51
C ASN A 117 -16.18 -2.59 -3.86
N ALA A 118 -15.46 -2.02 -2.90
CA ALA A 118 -14.75 -0.76 -3.11
C ALA A 118 -13.88 -0.82 -4.36
N GLU A 119 -13.70 0.32 -5.01
CA GLU A 119 -12.89 0.40 -6.21
C GLU A 119 -11.42 0.16 -5.89
N TYR A 120 -10.98 0.68 -4.75
CA TYR A 120 -9.58 0.53 -4.34
C TYR A 120 -9.43 -0.64 -3.36
N GLU A 121 -8.87 -1.74 -3.84
CA GLU A 121 -8.66 -2.92 -3.00
C GLU A 121 -7.31 -3.57 -3.30
N TYR A 122 -6.71 -4.17 -2.28
CA TYR A 122 -5.42 -4.82 -2.43
C TYR A 122 -5.37 -6.12 -1.62
N GLU A 123 -4.33 -6.91 -1.86
CA GLU A 123 -4.16 -8.17 -1.15
C GLU A 123 -2.71 -8.40 -0.76
N VAL A 124 -2.43 -8.33 0.54
CA VAL A 124 -1.08 -8.52 1.04
C VAL A 124 -0.47 -9.81 0.51
N THR A 125 0.58 -9.67 -0.30
CA THR A 125 1.27 -10.82 -0.87
C THR A 125 2.76 -10.57 -1.00
N GLU A 126 3.55 -11.58 -0.65
CA GLU A 126 5.01 -11.47 -0.73
C GLU A 126 5.52 -11.97 -2.07
N GLU A 127 6.02 -11.04 -2.90
CA GLU A 127 6.54 -11.39 -4.21
C GLU A 127 7.92 -10.76 -4.43
N ASP A 128 8.71 -11.39 -5.29
CA ASP A 128 10.05 -10.89 -5.60
C ASP A 128 9.97 -9.57 -6.36
N TRP A 129 11.01 -8.75 -6.20
CA TRP A 129 11.06 -7.45 -6.87
C TRP A 129 10.95 -7.61 -8.37
N GLU A 130 11.50 -8.71 -8.90
CA GLU A 130 11.46 -8.97 -10.33
C GLU A 130 10.06 -9.38 -10.76
N THR A 131 9.18 -9.58 -9.80
CA THR A 131 7.81 -9.98 -10.08
C THR A 131 6.87 -8.79 -10.04
N ILE A 132 7.17 -7.82 -9.17
CA ILE A 132 6.36 -6.62 -9.04
C ILE A 132 6.92 -5.47 -9.86
N TYR A 133 8.19 -5.60 -10.25
CA TYR A 133 8.85 -4.58 -11.04
C TYR A 133 8.06 -4.24 -12.29
N PRO A 134 7.77 -5.27 -13.11
CA PRO A 134 7.02 -5.13 -14.35
C PRO A 134 5.69 -4.40 -14.13
N CYS A 135 4.94 -4.82 -13.11
CA CYS A 135 3.67 -4.21 -12.80
C CYS A 135 3.74 -3.45 -11.48
N LEU A 136 4.60 -2.44 -11.42
CA LEU A 136 4.76 -1.63 -10.22
C LEU A 136 3.73 -0.50 -10.18
N SER A 137 3.61 0.13 -9.02
CA SER A 137 2.67 1.24 -8.85
C SER A 137 3.39 2.58 -8.83
N PRO A 138 2.64 3.66 -9.09
CA PRO A 138 3.18 5.02 -9.10
C PRO A 138 3.57 5.50 -7.70
N LYS A 139 4.79 6.01 -7.57
CA LYS A 139 5.28 6.52 -6.29
C LYS A 139 5.51 8.02 -6.35
N SER A 140 5.36 8.68 -5.21
CA SER A 140 5.55 10.12 -5.14
C SER A 140 6.65 10.47 -4.13
N GLY A 141 7.78 10.94 -4.64
CA GLY A 141 8.89 11.31 -3.77
C GLY A 141 10.19 10.66 -4.21
N PRO A 142 11.25 10.87 -3.41
CA PRO A 142 12.58 10.31 -3.69
C PRO A 142 12.62 8.79 -3.51
N SER A 143 13.80 8.21 -3.71
CA SER A 143 13.96 6.77 -3.56
C SER A 143 15.44 6.39 -3.51
N SER A 144 15.71 5.12 -3.24
CA SER A 144 17.09 4.64 -3.16
C SER A 144 17.34 3.56 -4.21
N GLY A 145 18.44 3.72 -4.95
CA GLY A 145 18.78 2.75 -5.97
C GLY A 145 18.34 3.19 -7.36
N GLY A 1 14.95 30.12 -20.63
CA GLY A 1 14.84 28.91 -21.42
C GLY A 1 15.22 27.67 -20.63
N SER A 2 14.76 26.52 -21.10
CA SER A 2 15.05 25.25 -20.43
C SER A 2 15.30 24.15 -21.44
N SER A 3 16.49 23.56 -21.39
CA SER A 3 16.85 22.49 -22.31
C SER A 3 17.73 21.45 -21.61
N GLY A 4 17.25 20.21 -21.58
CA GLY A 4 17.99 19.14 -20.94
C GLY A 4 17.15 17.92 -20.68
N SER A 5 17.65 16.75 -21.09
CA SER A 5 16.93 15.50 -20.91
C SER A 5 17.80 14.48 -20.16
N SER A 6 18.08 14.77 -18.90
CA SER A 6 18.90 13.88 -18.08
C SER A 6 18.03 12.86 -17.35
N GLY A 7 18.67 11.83 -16.82
CA GLY A 7 17.95 10.79 -16.12
C GLY A 7 18.73 10.22 -14.94
N VAL A 8 18.12 10.20 -13.78
CA VAL A 8 18.76 9.69 -12.58
C VAL A 8 17.94 8.57 -11.94
N THR A 9 18.55 7.41 -11.77
CA THR A 9 17.87 6.27 -11.18
C THR A 9 18.87 5.24 -10.65
N GLY A 10 18.70 4.83 -9.40
CA GLY A 10 19.60 3.86 -8.81
C GLY A 10 19.04 3.25 -7.54
N ASP A 11 19.08 1.93 -7.44
CA ASP A 11 18.57 1.22 -6.29
C ASP A 11 18.85 -0.27 -6.38
N ARG A 12 19.23 -0.89 -5.26
CA ARG A 12 19.54 -2.31 -5.22
C ARG A 12 18.25 -3.13 -5.11
N ALA A 13 18.40 -4.45 -5.20
CA ALA A 13 17.25 -5.34 -5.12
C ALA A 13 17.70 -6.80 -5.05
N GLY A 14 16.90 -7.63 -4.39
CA GLY A 14 17.24 -9.04 -4.28
C GLY A 14 16.20 -9.82 -3.49
N GLY A 15 16.29 -9.76 -2.17
CA GLY A 15 15.34 -10.47 -1.33
C GLY A 15 13.91 -10.09 -1.62
N ARG A 16 12.98 -10.98 -1.27
CA ARG A 16 11.56 -10.73 -1.50
C ARG A 16 11.15 -9.39 -0.93
N SER A 17 10.09 -8.80 -1.50
CA SER A 17 9.60 -7.50 -1.04
C SER A 17 8.08 -7.47 -1.05
N TRP A 18 7.49 -7.46 0.14
CA TRP A 18 6.03 -7.44 0.26
C TRP A 18 5.44 -6.29 -0.54
N CYS A 19 4.11 -6.29 -0.67
CA CYS A 19 3.42 -5.25 -1.43
C CYS A 19 1.91 -5.39 -1.28
N LEU A 20 1.17 -4.50 -1.94
CA LEU A 20 -0.28 -4.53 -1.88
C LEU A 20 -0.87 -4.83 -3.26
N ARG A 21 -0.73 -6.07 -3.69
CA ARG A 21 -1.25 -6.49 -5.00
C ARG A 21 -2.72 -6.11 -5.14
N ARG A 22 -3.01 -5.23 -6.10
CA ARG A 22 -4.37 -4.79 -6.33
C ARG A 22 -5.25 -5.94 -6.80
N VAL A 23 -6.34 -6.18 -6.09
CA VAL A 23 -7.27 -7.26 -6.43
C VAL A 23 -8.03 -6.94 -7.71
N GLY A 24 -7.93 -7.85 -8.68
CA GLY A 24 -8.62 -7.64 -9.95
C GLY A 24 -7.74 -7.00 -10.99
N MET A 25 -6.77 -6.20 -10.54
CA MET A 25 -5.86 -5.53 -11.45
C MET A 25 -4.44 -6.07 -11.30
N SER A 26 -3.74 -6.23 -12.42
CA SER A 26 -2.38 -6.74 -12.41
C SER A 26 -1.37 -5.60 -12.36
N ALA A 27 -1.84 -4.42 -11.99
CA ALA A 27 -0.98 -3.25 -11.91
C ALA A 27 -1.25 -2.47 -10.63
N GLY A 28 -0.58 -1.32 -10.48
CA GLY A 28 -0.77 -0.50 -9.31
C GLY A 28 -0.37 -1.21 -8.03
N TRP A 29 0.67 -2.03 -8.11
CA TRP A 29 1.16 -2.77 -6.96
C TRP A 29 1.99 -1.88 -6.05
N LEU A 30 1.50 -1.65 -4.83
CA LEU A 30 2.20 -0.82 -3.87
C LEU A 30 3.31 -1.60 -3.18
N LEU A 31 4.55 -1.33 -3.58
CA LEU A 31 5.70 -2.02 -2.99
C LEU A 31 5.86 -1.66 -1.52
N LEU A 32 6.22 -2.65 -0.71
CA LEU A 32 6.40 -2.45 0.73
C LEU A 32 7.81 -2.83 1.16
N GLU A 33 8.78 -2.00 0.79
CA GLU A 33 10.18 -2.26 1.14
C GLU A 33 10.35 -2.33 2.65
N ASP A 34 11.17 -3.28 3.10
CA ASP A 34 11.42 -3.47 4.52
C ASP A 34 12.15 -2.25 5.09
N GLY A 35 11.51 -1.58 6.05
CA GLY A 35 12.11 -0.42 6.67
C GLY A 35 11.76 0.87 5.95
N CYS A 36 10.74 0.80 5.09
CA CYS A 36 10.31 1.97 4.34
C CYS A 36 8.82 2.25 4.58
N GLU A 37 8.53 3.41 5.18
CA GLU A 37 7.15 3.79 5.46
C GLU A 37 6.36 3.97 4.17
N VAL A 38 5.18 3.36 4.11
CA VAL A 38 4.33 3.45 2.94
C VAL A 38 3.00 4.10 3.28
N THR A 39 2.84 5.37 2.90
CA THR A 39 1.62 6.11 3.16
C THR A 39 0.74 6.19 1.92
N VAL A 40 -0.52 5.80 2.07
CA VAL A 40 -1.46 5.83 0.96
C VAL A 40 -2.53 6.90 1.17
N GLY A 41 -2.96 7.53 0.07
CA GLY A 41 -3.97 8.56 0.17
C GLY A 41 -4.27 9.20 -1.17
N ARG A 42 -4.48 10.51 -1.17
CA ARG A 42 -4.77 11.25 -2.40
C ARG A 42 -3.98 12.55 -2.45
N GLY A 43 -2.84 12.58 -1.76
CA GLY A 43 -2.02 13.78 -1.74
C GLY A 43 -0.73 13.60 -2.54
N PHE A 44 0.11 14.63 -2.52
CA PHE A 44 1.37 14.60 -3.24
C PHE A 44 2.51 14.17 -2.33
N GLY A 45 2.35 14.43 -1.03
CA GLY A 45 3.37 14.07 -0.07
C GLY A 45 3.43 12.58 0.19
N VAL A 46 2.26 11.94 0.18
CA VAL A 46 2.18 10.50 0.42
C VAL A 46 2.97 9.73 -0.64
N THR A 47 3.55 8.60 -0.23
CA THR A 47 4.33 7.77 -1.13
C THR A 47 3.46 7.23 -2.26
N TYR A 48 2.18 7.06 -1.99
CA TYR A 48 1.24 6.55 -2.99
C TYR A 48 -0.02 7.40 -3.03
N GLN A 49 -0.29 7.98 -4.19
CA GLN A 49 -1.46 8.83 -4.37
C GLN A 49 -2.51 8.13 -5.25
N LEU A 50 -3.78 8.30 -4.89
CA LEU A 50 -4.86 7.69 -5.64
C LEU A 50 -6.05 8.66 -5.77
N VAL A 51 -6.38 9.00 -7.02
CA VAL A 51 -7.48 9.92 -7.28
C VAL A 51 -8.48 9.30 -8.27
N SER A 52 -9.75 9.43 -7.96
CA SER A 52 -10.82 8.88 -8.81
C SER A 52 -11.91 9.91 -9.05
N LYS A 53 -12.39 9.98 -10.29
CA LYS A 53 -13.43 10.93 -10.65
C LYS A 53 -14.78 10.51 -10.05
N ILE A 54 -14.92 9.21 -9.78
CA ILE A 54 -16.16 8.69 -9.19
C ILE A 54 -16.30 9.13 -7.75
N CYS A 55 -15.27 8.85 -6.94
CA CYS A 55 -15.29 9.21 -5.53
C CYS A 55 -13.91 9.67 -5.07
N PRO A 56 -13.52 10.88 -5.49
CA PRO A 56 -12.21 11.45 -5.15
C PRO A 56 -12.13 11.84 -3.67
N LEU A 57 -13.29 11.93 -3.02
CA LEU A 57 -13.34 12.29 -1.61
C LEU A 57 -13.19 11.05 -0.73
N MET A 58 -13.52 9.90 -1.29
CA MET A 58 -13.42 8.64 -0.54
C MET A 58 -12.03 8.48 0.07
N ILE A 59 -11.00 8.83 -0.70
CA ILE A 59 -9.62 8.73 -0.22
C ILE A 59 -9.11 10.08 0.26
N SER A 60 -8.50 10.09 1.44
CA SER A 60 -7.96 11.31 2.01
C SER A 60 -6.45 11.38 1.84
N ARG A 61 -5.87 12.54 2.14
CA ARG A 61 -4.43 12.73 2.02
C ARG A 61 -3.67 11.63 2.76
N ASN A 62 -4.01 11.45 4.03
CA ASN A 62 -3.36 10.43 4.85
C ASN A 62 -4.36 9.35 5.27
N HIS A 63 -4.89 8.64 4.29
CA HIS A 63 -5.85 7.58 4.55
C HIS A 63 -5.28 6.57 5.55
N CYS A 64 -4.24 5.87 5.13
CA CYS A 64 -3.60 4.87 5.99
C CYS A 64 -2.10 4.81 5.74
N VAL A 65 -1.36 4.21 6.67
CA VAL A 65 0.08 4.09 6.55
C VAL A 65 0.56 2.70 6.94
N LEU A 66 1.61 2.23 6.29
CA LEU A 66 2.16 0.91 6.56
C LEU A 66 3.60 1.01 7.07
N LYS A 67 3.94 0.15 8.03
CA LYS A 67 5.28 0.14 8.61
C LYS A 67 5.53 -1.15 9.37
N GLN A 68 6.80 -1.48 9.55
CA GLN A 68 7.18 -2.70 10.27
C GLN A 68 7.48 -2.40 11.73
N ASN A 69 6.64 -2.93 12.62
CA ASN A 69 6.83 -2.72 14.06
C ASN A 69 8.24 -3.06 14.49
N PRO A 70 8.65 -2.54 15.66
CA PRO A 70 9.98 -2.77 16.21
C PRO A 70 10.37 -4.25 16.21
N GLU A 71 9.36 -5.11 16.25
CA GLU A 71 9.59 -6.55 16.26
C GLU A 71 10.16 -7.02 14.91
N GLY A 72 9.65 -6.42 13.83
CA GLY A 72 10.12 -6.78 12.50
C GLY A 72 9.02 -7.36 11.63
N GLN A 73 7.78 -7.06 12.00
CA GLN A 73 6.62 -7.55 11.25
C GLN A 73 5.77 -6.39 10.73
N TRP A 74 5.33 -6.50 9.49
CA TRP A 74 4.51 -5.46 8.88
C TRP A 74 3.19 -5.29 9.63
N THR A 75 2.77 -4.05 9.82
CA THR A 75 1.53 -3.75 10.52
C THR A 75 0.84 -2.52 9.94
N ILE A 76 -0.39 -2.70 9.48
CA ILE A 76 -1.16 -1.60 8.90
C ILE A 76 -1.69 -0.68 9.99
N MET A 77 -1.43 0.62 9.84
CA MET A 77 -1.89 1.61 10.81
C MET A 77 -2.64 2.74 10.12
N ASP A 78 -3.92 2.91 10.48
CA ASP A 78 -4.74 3.96 9.90
C ASP A 78 -4.45 5.31 10.53
N ASN A 79 -3.99 6.26 9.72
CA ASN A 79 -3.67 7.60 10.20
C ASN A 79 -4.93 8.42 10.42
N LYS A 80 -5.81 7.93 11.29
CA LYS A 80 -7.06 8.61 11.58
C LYS A 80 -7.80 8.98 10.29
N SER A 81 -8.55 8.03 9.75
CA SER A 81 -9.29 8.26 8.52
C SER A 81 -10.73 8.67 8.83
N LEU A 82 -11.41 9.23 7.83
CA LEU A 82 -12.78 9.67 8.00
C LEU A 82 -13.76 8.55 7.64
N ASN A 83 -13.52 7.91 6.49
CA ASN A 83 -14.38 6.83 6.03
C ASN A 83 -14.13 5.56 6.84
N GLY A 84 -12.86 5.25 7.04
CA GLY A 84 -12.51 4.05 7.80
C GLY A 84 -11.84 3.00 6.95
N VAL A 85 -10.99 2.19 7.57
CA VAL A 85 -10.29 1.13 6.85
C VAL A 85 -10.79 -0.25 7.27
N TRP A 86 -10.74 -1.20 6.34
CA TRP A 86 -11.19 -2.56 6.61
C TRP A 86 -10.10 -3.57 6.30
N LEU A 87 -9.90 -4.52 7.21
CA LEU A 87 -8.88 -5.55 7.03
C LEU A 87 -9.46 -6.93 7.27
N ASN A 88 -9.75 -7.65 6.19
CA ASN A 88 -10.31 -9.00 6.28
C ASN A 88 -11.68 -8.97 6.95
N ARG A 89 -12.57 -8.14 6.42
CA ARG A 89 -13.92 -8.02 6.97
C ARG A 89 -13.88 -7.68 8.46
N ALA A 90 -13.02 -6.74 8.83
CA ALA A 90 -12.88 -6.33 10.22
C ALA A 90 -12.75 -4.81 10.33
N ARG A 91 -13.00 -4.28 11.53
CA ARG A 91 -12.91 -2.85 11.76
C ARG A 91 -11.60 -2.49 12.44
N LEU A 92 -10.85 -1.59 11.81
CA LEU A 92 -9.56 -1.16 12.35
C LEU A 92 -9.68 0.22 13.00
N GLU A 93 -9.11 0.34 14.21
CA GLU A 93 -9.15 1.60 14.93
C GLU A 93 -8.06 2.54 14.45
N PRO A 94 -8.24 3.84 14.72
CA PRO A 94 -7.27 4.88 14.32
C PRO A 94 -5.97 4.78 15.10
N LEU A 95 -4.85 4.81 14.38
CA LEU A 95 -3.53 4.73 14.99
C LEU A 95 -3.35 3.39 15.70
N ARG A 96 -4.10 2.38 15.26
CA ARG A 96 -4.02 1.05 15.86
C ARG A 96 -3.10 0.14 15.03
N VAL A 97 -2.42 -0.78 15.71
CA VAL A 97 -1.52 -1.70 15.04
C VAL A 97 -2.23 -3.00 14.70
N TYR A 98 -2.14 -3.42 13.44
CA TYR A 98 -2.77 -4.65 12.98
C TYR A 98 -1.80 -5.50 12.17
N SER A 99 -1.40 -6.63 12.74
CA SER A 99 -0.47 -7.53 12.06
C SER A 99 -1.11 -8.14 10.82
N ILE A 100 -0.55 -7.82 9.66
CA ILE A 100 -1.06 -8.34 8.40
C ILE A 100 -0.23 -9.53 7.91
N HIS A 101 -0.87 -10.42 7.16
CA HIS A 101 -0.19 -11.59 6.63
C HIS A 101 -0.71 -11.95 5.24
N GLN A 102 -0.02 -12.87 4.58
CA GLN A 102 -0.42 -13.29 3.23
C GLN A 102 -1.88 -13.73 3.21
N GLY A 103 -2.71 -12.97 2.50
CA GLY A 103 -4.12 -13.31 2.41
C GLY A 103 -5.00 -12.26 3.05
N ASP A 104 -4.48 -11.04 3.18
CA ASP A 104 -5.23 -9.94 3.79
C ASP A 104 -5.96 -9.13 2.73
N TYR A 105 -6.86 -8.26 3.16
CA TYR A 105 -7.63 -7.43 2.25
C TYR A 105 -7.86 -6.04 2.84
N ILE A 106 -7.10 -5.06 2.35
CA ILE A 106 -7.22 -3.69 2.84
C ILE A 106 -8.23 -2.91 2.01
N GLN A 107 -9.27 -2.40 2.66
CA GLN A 107 -10.30 -1.63 1.99
C GLN A 107 -10.32 -0.19 2.48
N LEU A 108 -9.87 0.72 1.63
CA LEU A 108 -9.83 2.14 1.97
C LEU A 108 -11.21 2.78 1.80
N GLY A 109 -11.98 2.81 2.89
CA GLY A 109 -13.30 3.41 2.84
C GLY A 109 -14.39 2.37 2.67
N VAL A 110 -15.62 2.83 2.47
CA VAL A 110 -16.76 1.93 2.30
C VAL A 110 -17.34 2.05 0.90
N PRO A 111 -18.02 0.97 0.45
CA PRO A 111 -18.64 0.93 -0.87
C PRO A 111 -19.84 1.87 -0.99
N LEU A 112 -19.81 2.74 -1.99
CA LEU A 112 -20.89 3.69 -2.20
C LEU A 112 -22.21 2.97 -2.52
N GLU A 113 -23.25 3.73 -2.76
CA GLU A 113 -24.56 3.17 -3.07
C GLU A 113 -24.61 2.67 -4.52
N ASN A 114 -25.57 1.79 -4.80
CA ASN A 114 -25.72 1.23 -6.14
C ASN A 114 -24.44 0.54 -6.59
N LYS A 115 -23.66 0.06 -5.62
CA LYS A 115 -22.41 -0.62 -5.92
C LYS A 115 -22.42 -2.04 -5.35
N GLU A 116 -21.36 -2.80 -5.63
CA GLU A 116 -21.26 -4.17 -5.14
C GLU A 116 -20.07 -4.32 -4.19
N ASN A 117 -19.08 -3.46 -4.35
CA ASN A 117 -17.89 -3.49 -3.51
C ASN A 117 -17.00 -2.27 -3.76
N ALA A 118 -16.13 -1.97 -2.81
CA ALA A 118 -15.22 -0.84 -2.93
C ALA A 118 -14.47 -0.89 -4.25
N GLU A 119 -14.03 0.28 -4.72
CA GLU A 119 -13.29 0.37 -5.97
C GLU A 119 -11.84 -0.07 -5.79
N TYR A 120 -11.15 0.56 -4.83
CA TYR A 120 -9.76 0.23 -4.56
C TYR A 120 -9.66 -0.94 -3.58
N GLU A 121 -8.96 -1.99 -4.00
CA GLU A 121 -8.79 -3.18 -3.17
C GLU A 121 -7.44 -3.83 -3.42
N TYR A 122 -6.76 -4.20 -2.35
CA TYR A 122 -5.44 -4.84 -2.46
C TYR A 122 -5.41 -6.14 -1.66
N GLU A 123 -4.28 -6.84 -1.74
CA GLU A 123 -4.11 -8.10 -1.02
C GLU A 123 -2.66 -8.31 -0.62
N VAL A 124 -2.40 -8.26 0.68
CA VAL A 124 -1.04 -8.45 1.20
C VAL A 124 -0.42 -9.72 0.65
N THR A 125 0.73 -9.56 -0.02
CA THR A 125 1.43 -10.71 -0.60
C THR A 125 2.93 -10.45 -0.66
N GLU A 126 3.70 -11.52 -0.74
CA GLU A 126 5.16 -11.41 -0.81
C GLU A 126 5.67 -11.76 -2.19
N GLU A 127 6.21 -10.77 -2.89
CA GLU A 127 6.73 -10.98 -4.24
C GLU A 127 8.06 -10.25 -4.42
N ASP A 128 8.99 -10.91 -5.10
CA ASP A 128 10.32 -10.33 -5.34
C ASP A 128 10.19 -9.00 -6.09
N TRP A 129 11.19 -8.14 -5.93
CA TRP A 129 11.20 -6.84 -6.59
C TRP A 129 11.10 -7.00 -8.10
N GLU A 130 11.70 -8.07 -8.62
CA GLU A 130 11.69 -8.33 -10.05
C GLU A 130 10.31 -8.80 -10.51
N THR A 131 9.42 -9.03 -9.54
CA THR A 131 8.07 -9.49 -9.84
C THR A 131 7.08 -8.33 -9.81
N ILE A 132 7.34 -7.35 -8.95
CA ILE A 132 6.47 -6.19 -8.82
C ILE A 132 7.02 -5.02 -9.63
N TYR A 133 8.28 -5.10 -10.01
CA TYR A 133 8.92 -4.04 -10.80
C TYR A 133 8.12 -3.75 -12.06
N PRO A 134 7.90 -4.79 -12.87
CA PRO A 134 7.14 -4.67 -14.13
C PRO A 134 5.80 -3.99 -13.93
N CYS A 135 5.06 -4.43 -12.92
CA CYS A 135 3.74 -3.87 -12.62
C CYS A 135 3.77 -3.12 -11.29
N LEU A 136 4.59 -2.07 -11.22
CA LEU A 136 4.70 -1.27 -10.02
C LEU A 136 3.64 -0.17 -9.99
N SER A 137 3.46 0.44 -8.83
CA SER A 137 2.47 1.50 -8.66
C SER A 137 3.11 2.88 -8.88
N PRO A 138 2.26 3.88 -9.16
CA PRO A 138 2.71 5.25 -9.41
C PRO A 138 3.23 5.92 -8.13
N LYS A 139 4.51 5.70 -7.84
CA LYS A 139 5.14 6.28 -6.66
C LYS A 139 5.22 7.79 -6.77
N SER A 140 4.56 8.49 -5.86
CA SER A 140 4.57 9.95 -5.87
C SER A 140 5.59 10.50 -4.87
N GLY A 141 6.63 9.72 -4.62
CA GLY A 141 7.67 10.13 -3.69
C GLY A 141 8.42 8.97 -3.08
N PRO A 142 9.51 9.27 -2.36
CA PRO A 142 10.33 8.25 -1.72
C PRO A 142 9.63 7.57 -0.55
N SER A 143 10.35 6.71 0.16
CA SER A 143 9.78 6.00 1.30
C SER A 143 10.86 5.67 2.32
N SER A 144 10.59 5.98 3.58
CA SER A 144 11.54 5.72 4.66
C SER A 144 10.90 5.99 6.02
N GLY A 145 10.90 4.97 6.88
CA GLY A 145 10.32 5.10 8.20
C GLY A 145 11.35 5.50 9.24
N GLY A 1 15.83 26.12 6.36
CA GLY A 1 15.32 25.25 7.40
C GLY A 1 16.39 24.31 7.93
N SER A 2 16.16 23.00 7.74
CA SER A 2 17.10 22.00 8.21
C SER A 2 16.98 20.72 7.39
N SER A 3 17.92 19.80 7.59
CA SER A 3 17.91 18.53 6.86
C SER A 3 17.20 17.45 7.67
N GLY A 4 15.90 17.30 7.43
CA GLY A 4 15.12 16.31 8.13
C GLY A 4 14.70 15.16 7.24
N SER A 5 14.50 15.44 5.95
CA SER A 5 14.09 14.43 5.00
C SER A 5 15.24 13.47 4.70
N SER A 6 14.89 12.26 4.26
CA SER A 6 15.89 11.25 3.93
C SER A 6 15.41 10.36 2.80
N GLY A 7 16.29 10.17 1.80
CA GLY A 7 15.93 9.33 0.67
C GLY A 7 16.34 9.95 -0.66
N VAL A 8 17.58 10.42 -0.72
CA VAL A 8 18.10 11.04 -1.93
C VAL A 8 18.41 9.99 -2.99
N THR A 9 18.70 8.78 -2.54
CA THR A 9 19.03 7.69 -3.44
C THR A 9 18.21 6.44 -3.11
N GLY A 10 18.39 5.38 -3.91
CA GLY A 10 17.68 4.14 -3.69
C GLY A 10 18.06 3.06 -4.67
N ASP A 11 18.83 2.09 -4.21
CA ASP A 11 19.27 0.99 -5.06
C ASP A 11 18.82 -0.35 -4.49
N ARG A 12 17.63 -0.37 -3.89
CA ARG A 12 17.09 -1.59 -3.30
C ARG A 12 16.74 -2.60 -4.38
N ALA A 13 17.19 -3.84 -4.19
CA ALA A 13 16.93 -4.91 -5.15
C ALA A 13 17.32 -6.27 -4.58
N GLY A 14 16.89 -7.33 -5.26
CA GLY A 14 17.21 -8.68 -4.81
C GLY A 14 16.22 -9.17 -3.77
N GLY A 15 16.24 -10.48 -3.53
CA GLY A 15 15.34 -11.07 -2.55
C GLY A 15 13.89 -10.75 -2.84
N ARG A 16 13.01 -11.06 -1.89
CA ARG A 16 11.59 -10.81 -2.05
C ARG A 16 11.22 -9.44 -1.48
N SER A 17 10.03 -8.97 -1.83
CA SER A 17 9.55 -7.66 -1.36
C SER A 17 8.03 -7.62 -1.33
N TRP A 18 7.45 -7.68 -0.14
CA TRP A 18 6.01 -7.64 0.02
C TRP A 18 5.41 -6.45 -0.73
N CYS A 19 4.09 -6.45 -0.86
CA CYS A 19 3.40 -5.36 -1.56
C CYS A 19 1.88 -5.52 -1.43
N LEU A 20 1.14 -4.64 -2.09
CA LEU A 20 -0.31 -4.67 -2.06
C LEU A 20 -0.88 -4.96 -3.44
N ARG A 21 -0.77 -6.21 -3.88
CA ARG A 21 -1.28 -6.62 -5.18
C ARG A 21 -2.73 -6.21 -5.35
N ARG A 22 -2.97 -5.23 -6.24
CA ARG A 22 -4.32 -4.74 -6.49
C ARG A 22 -5.24 -5.88 -6.89
N VAL A 23 -6.31 -6.06 -6.11
CA VAL A 23 -7.28 -7.12 -6.37
C VAL A 23 -8.09 -6.82 -7.62
N GLY A 24 -8.04 -7.74 -8.59
CA GLY A 24 -8.78 -7.56 -9.83
C GLY A 24 -7.93 -6.94 -10.92
N MET A 25 -6.99 -6.09 -10.53
CA MET A 25 -6.10 -5.44 -11.49
C MET A 25 -4.69 -6.00 -11.41
N SER A 26 -4.03 -6.11 -12.55
CA SER A 26 -2.67 -6.64 -12.60
C SER A 26 -1.64 -5.52 -12.50
N ALA A 27 -2.10 -4.35 -12.07
CA ALA A 27 -1.22 -3.19 -11.93
C ALA A 27 -1.50 -2.45 -10.62
N GLY A 28 -0.84 -1.30 -10.46
CA GLY A 28 -1.02 -0.52 -9.25
C GLY A 28 -0.60 -1.25 -8.00
N TRP A 29 0.45 -2.05 -8.12
CA TRP A 29 0.97 -2.82 -6.98
C TRP A 29 1.82 -1.94 -6.07
N LEU A 30 1.30 -1.66 -4.89
CA LEU A 30 2.01 -0.84 -3.92
C LEU A 30 3.14 -1.62 -3.25
N LEU A 31 4.38 -1.34 -3.66
CA LEU A 31 5.54 -2.01 -3.09
C LEU A 31 5.65 -1.75 -1.60
N LEU A 32 6.07 -2.76 -0.85
CA LEU A 32 6.22 -2.64 0.59
C LEU A 32 7.64 -3.00 1.01
N GLU A 33 8.58 -2.11 0.69
CA GLU A 33 9.99 -2.34 1.05
C GLU A 33 10.14 -2.56 2.54
N ASP A 34 10.84 -3.62 2.91
CA ASP A 34 11.07 -3.94 4.32
C ASP A 34 11.87 -2.84 5.00
N GLY A 35 11.23 -2.16 5.96
CA GLY A 35 11.91 -1.09 6.67
C GLY A 35 11.65 0.27 6.06
N CYS A 36 10.67 0.33 5.16
CA CYS A 36 10.33 1.59 4.50
C CYS A 36 8.86 1.92 4.69
N GLU A 37 8.59 3.03 5.38
CA GLU A 37 7.22 3.45 5.64
C GLU A 37 6.47 3.70 4.34
N VAL A 38 5.26 3.17 4.25
CA VAL A 38 4.43 3.33 3.06
C VAL A 38 3.14 4.06 3.39
N THR A 39 3.08 5.35 3.06
CA THR A 39 1.91 6.16 3.32
C THR A 39 1.09 6.36 2.04
N VAL A 40 -0.21 6.09 2.13
CA VAL A 40 -1.10 6.24 0.99
C VAL A 40 -2.16 7.31 1.26
N GLY A 41 -2.61 7.96 0.19
CA GLY A 41 -3.62 9.00 0.32
C GLY A 41 -3.89 9.72 -0.97
N ARG A 42 -4.34 10.97 -0.87
CA ARG A 42 -4.64 11.77 -2.05
C ARG A 42 -3.80 13.04 -2.08
N GLY A 43 -2.64 12.99 -1.43
CA GLY A 43 -1.77 14.15 -1.40
C GLY A 43 -0.56 14.00 -2.31
N PHE A 44 0.48 14.78 -2.04
CA PHE A 44 1.69 14.74 -2.85
C PHE A 44 2.87 14.21 -2.04
N GLY A 45 2.83 14.46 -0.73
CA GLY A 45 3.90 14.01 0.14
C GLY A 45 3.88 12.51 0.36
N VAL A 46 2.68 11.94 0.44
CA VAL A 46 2.53 10.50 0.64
C VAL A 46 3.26 9.71 -0.43
N THR A 47 3.91 8.63 -0.02
CA THR A 47 4.64 7.77 -0.95
C THR A 47 3.75 7.29 -2.09
N TYR A 48 2.44 7.22 -1.82
CA TYR A 48 1.48 6.77 -2.82
C TYR A 48 0.26 7.68 -2.84
N GLN A 49 -0.09 8.17 -4.03
CA GLN A 49 -1.23 9.05 -4.19
C GLN A 49 -2.29 8.41 -5.10
N LEU A 50 -3.37 7.94 -4.50
CA LEU A 50 -4.44 7.30 -5.25
C LEU A 50 -5.47 8.34 -5.69
N VAL A 51 -5.63 8.47 -7.00
CA VAL A 51 -6.58 9.43 -7.57
C VAL A 51 -7.53 8.75 -8.55
N SER A 52 -8.81 9.09 -8.47
CA SER A 52 -9.81 8.51 -9.35
C SER A 52 -10.67 9.60 -9.98
N LYS A 53 -11.56 9.19 -10.89
CA LYS A 53 -12.45 10.13 -11.57
C LYS A 53 -13.90 9.95 -11.10
N ILE A 54 -14.21 8.74 -10.63
CA ILE A 54 -15.55 8.44 -10.15
C ILE A 54 -15.78 9.04 -8.76
N CYS A 55 -14.96 8.65 -7.80
CA CYS A 55 -15.07 9.14 -6.44
C CYS A 55 -13.71 9.24 -5.78
N PRO A 56 -12.92 10.24 -6.19
CA PRO A 56 -11.57 10.47 -5.65
C PRO A 56 -11.60 10.96 -4.20
N LEU A 57 -12.77 11.42 -3.77
CA LEU A 57 -12.93 11.93 -2.41
C LEU A 57 -13.01 10.77 -1.42
N MET A 58 -13.26 9.57 -1.93
CA MET A 58 -13.36 8.39 -1.08
C MET A 58 -12.16 8.27 -0.16
N ILE A 59 -10.98 8.55 -0.70
CA ILE A 59 -9.74 8.47 0.07
C ILE A 59 -9.34 9.85 0.60
N SER A 60 -8.75 9.87 1.79
CA SER A 60 -8.31 11.12 2.41
C SER A 60 -6.80 11.14 2.59
N ARG A 61 -6.24 12.33 2.74
CA ARG A 61 -4.80 12.49 2.92
C ARG A 61 -4.30 11.60 4.05
N ASN A 62 -3.40 10.69 3.72
CA ASN A 62 -2.84 9.77 4.71
C ASN A 62 -3.92 8.88 5.30
N HIS A 63 -4.86 8.45 4.45
CA HIS A 63 -5.95 7.59 4.88
C HIS A 63 -5.41 6.38 5.65
N CYS A 64 -4.22 5.92 5.26
CA CYS A 64 -3.60 4.77 5.90
C CYS A 64 -2.08 4.84 5.79
N VAL A 65 -1.40 4.10 6.66
CA VAL A 65 0.06 4.08 6.66
C VAL A 65 0.59 2.73 7.10
N LEU A 66 1.46 2.14 6.27
CA LEU A 66 2.04 0.83 6.58
C LEU A 66 3.47 0.98 7.08
N LYS A 67 3.89 0.07 7.94
CA LYS A 67 5.24 0.09 8.49
C LYS A 67 5.50 -1.13 9.37
N GLN A 68 6.76 -1.51 9.49
CA GLN A 68 7.14 -2.67 10.29
C GLN A 68 7.40 -2.25 11.74
N ASN A 69 6.59 -2.77 12.65
CA ASN A 69 6.73 -2.45 14.07
C ASN A 69 8.16 -2.69 14.54
N PRO A 70 8.53 -2.09 15.68
CA PRO A 70 9.86 -2.23 16.26
C PRO A 70 10.31 -3.69 16.34
N GLU A 71 9.34 -4.59 16.43
CA GLU A 71 9.63 -6.02 16.51
C GLU A 71 10.23 -6.53 15.20
N GLY A 72 9.69 -6.04 14.09
CA GLY A 72 10.18 -6.46 12.79
C GLY A 72 9.11 -7.10 11.94
N GLN A 73 7.85 -6.80 12.25
CA GLN A 73 6.72 -7.35 11.51
C GLN A 73 5.85 -6.24 10.95
N TRP A 74 5.41 -6.41 9.71
CA TRP A 74 4.57 -5.42 9.05
C TRP A 74 3.29 -5.18 9.85
N THR A 75 2.81 -3.93 9.82
CA THR A 75 1.60 -3.58 10.54
C THR A 75 0.89 -2.39 9.88
N ILE A 76 -0.37 -2.59 9.51
CA ILE A 76 -1.15 -1.54 8.87
C ILE A 76 -1.88 -0.69 9.90
N MET A 77 -1.68 0.63 9.81
CA MET A 77 -2.32 1.56 10.73
C MET A 77 -3.07 2.65 9.98
N ASP A 78 -4.29 2.94 10.42
CA ASP A 78 -5.10 3.96 9.77
C ASP A 78 -4.97 5.30 10.51
N ASN A 79 -4.49 6.31 9.81
CA ASN A 79 -4.31 7.63 10.40
C ASN A 79 -5.65 8.35 10.53
N LYS A 80 -6.47 7.88 11.46
CA LYS A 80 -7.78 8.47 11.71
C LYS A 80 -8.57 8.58 10.41
N SER A 81 -8.94 7.43 9.85
CA SER A 81 -9.70 7.40 8.61
C SER A 81 -11.13 7.90 8.83
N LEU A 82 -11.61 8.73 7.90
CA LEU A 82 -12.96 9.28 8.00
C LEU A 82 -14.00 8.21 7.71
N ASN A 83 -14.04 7.74 6.47
CA ASN A 83 -15.00 6.71 6.07
C ASN A 83 -14.74 5.41 6.83
N GLY A 84 -13.48 5.14 7.11
CA GLY A 84 -13.11 3.92 7.82
C GLY A 84 -12.34 2.94 6.95
N VAL A 85 -11.49 2.14 7.58
CA VAL A 85 -10.69 1.16 6.86
C VAL A 85 -11.13 -0.25 7.18
N TRP A 86 -11.13 -1.11 6.17
CA TRP A 86 -11.53 -2.50 6.35
C TRP A 86 -10.35 -3.44 6.14
N LEU A 87 -10.32 -4.53 6.91
CA LEU A 87 -9.24 -5.50 6.81
C LEU A 87 -9.77 -6.91 7.03
N ASN A 88 -9.80 -7.71 5.96
CA ASN A 88 -10.29 -9.08 6.04
C ASN A 88 -11.72 -9.12 6.55
N ARG A 89 -12.57 -8.28 5.97
CA ARG A 89 -13.98 -8.22 6.37
C ARG A 89 -14.11 -7.84 7.84
N ALA A 90 -13.39 -6.80 8.25
CA ALA A 90 -13.42 -6.34 9.63
C ALA A 90 -13.32 -4.82 9.70
N ARG A 91 -13.57 -4.27 10.89
CA ARG A 91 -13.50 -2.84 11.09
C ARG A 91 -12.23 -2.45 11.84
N LEU A 92 -11.49 -1.50 11.29
CA LEU A 92 -10.25 -1.03 11.89
C LEU A 92 -10.48 0.24 12.70
N GLU A 93 -9.62 0.48 13.68
CA GLU A 93 -9.73 1.67 14.52
C GLU A 93 -8.66 2.69 14.16
N PRO A 94 -8.89 3.95 14.55
CA PRO A 94 -7.95 5.05 14.27
C PRO A 94 -6.66 4.93 15.08
N LEU A 95 -5.53 5.14 14.42
CA LEU A 95 -4.23 5.05 15.08
C LEU A 95 -4.09 3.74 15.84
N ARG A 96 -4.29 2.63 15.15
CA ARG A 96 -4.18 1.31 15.76
C ARG A 96 -3.22 0.42 14.98
N VAL A 97 -2.63 -0.55 15.67
CA VAL A 97 -1.68 -1.46 15.05
C VAL A 97 -2.36 -2.77 14.66
N TYR A 98 -2.17 -3.19 13.42
CA TYR A 98 -2.76 -4.43 12.93
C TYR A 98 -1.74 -5.25 12.13
N SER A 99 -1.32 -6.37 12.71
CA SER A 99 -0.34 -7.23 12.08
C SER A 99 -0.96 -7.98 10.89
N ILE A 100 -0.42 -7.72 9.70
CA ILE A 100 -0.92 -8.35 8.49
C ILE A 100 -0.07 -9.56 8.11
N HIS A 101 -0.64 -10.44 7.27
CA HIS A 101 0.08 -11.62 6.83
C HIS A 101 -0.28 -11.96 5.38
N GLN A 102 0.36 -12.99 4.85
CA GLN A 102 0.12 -13.41 3.48
C GLN A 102 -1.31 -13.93 3.30
N GLY A 103 -2.19 -13.06 2.81
CA GLY A 103 -3.57 -13.45 2.61
C GLY A 103 -4.54 -12.48 3.25
N ASP A 104 -4.19 -11.20 3.23
CA ASP A 104 -5.04 -10.16 3.82
C ASP A 104 -5.68 -9.30 2.72
N TYR A 105 -6.78 -8.65 3.06
CA TYR A 105 -7.49 -7.80 2.11
C TYR A 105 -7.73 -6.41 2.70
N ILE A 106 -6.95 -5.43 2.23
CA ILE A 106 -7.08 -4.06 2.71
C ILE A 106 -8.04 -3.26 1.83
N GLN A 107 -8.98 -2.58 2.46
CA GLN A 107 -9.95 -1.77 1.73
C GLN A 107 -10.09 -0.38 2.35
N LEU A 108 -9.84 0.64 1.55
CA LEU A 108 -9.94 2.02 2.02
C LEU A 108 -11.27 2.65 1.60
N GLY A 109 -12.21 2.69 2.54
CA GLY A 109 -13.51 3.28 2.25
C GLY A 109 -14.60 2.23 2.14
N VAL A 110 -15.75 2.63 1.59
CA VAL A 110 -16.87 1.71 1.43
C VAL A 110 -17.40 1.75 0.00
N PRO A 111 -18.07 0.66 -0.42
CA PRO A 111 -18.64 0.55 -1.75
C PRO A 111 -19.84 1.46 -1.97
N LEU A 112 -19.76 2.31 -2.98
CA LEU A 112 -20.84 3.24 -3.28
C LEU A 112 -22.12 2.50 -3.67
N GLU A 113 -23.19 3.26 -3.88
CA GLU A 113 -24.47 2.66 -4.25
C GLU A 113 -24.40 2.04 -5.65
N ASN A 114 -23.45 2.51 -6.45
CA ASN A 114 -23.27 2.00 -7.80
C ASN A 114 -21.98 1.18 -7.92
N LYS A 115 -21.54 0.64 -6.79
CA LYS A 115 -20.32 -0.17 -6.78
C LYS A 115 -20.50 -1.39 -5.88
N GLU A 116 -20.75 -2.54 -6.50
CA GLU A 116 -20.94 -3.78 -5.77
C GLU A 116 -19.79 -4.03 -4.79
N ASN A 117 -18.60 -3.55 -5.17
CA ASN A 117 -17.42 -3.72 -4.33
C ASN A 117 -16.53 -2.48 -4.40
N ALA A 118 -15.83 -2.20 -3.30
CA ALA A 118 -14.94 -1.04 -3.23
C ALA A 118 -13.97 -1.03 -4.41
N GLU A 119 -13.99 0.07 -5.17
CA GLU A 119 -13.11 0.21 -6.33
C GLU A 119 -11.65 0.00 -5.94
N TYR A 120 -11.32 0.37 -4.71
CA TYR A 120 -9.95 0.23 -4.21
C TYR A 120 -9.83 -1.01 -3.32
N GLU A 121 -9.11 -2.01 -3.81
CA GLU A 121 -8.91 -3.25 -3.07
C GLU A 121 -7.56 -3.87 -3.40
N TYR A 122 -6.85 -4.33 -2.38
CA TYR A 122 -5.54 -4.95 -2.57
C TYR A 122 -5.49 -6.32 -1.90
N GLU A 123 -4.34 -6.98 -2.01
CA GLU A 123 -4.16 -8.29 -1.42
C GLU A 123 -2.71 -8.51 -0.99
N VAL A 124 -2.46 -8.49 0.31
CA VAL A 124 -1.11 -8.68 0.84
C VAL A 124 -0.47 -9.93 0.26
N THR A 125 0.67 -9.75 -0.40
CA THR A 125 1.39 -10.87 -1.01
C THR A 125 2.89 -10.60 -1.04
N GLU A 126 3.68 -11.67 -1.05
CA GLU A 126 5.13 -11.54 -1.09
C GLU A 126 5.67 -11.91 -2.47
N GLU A 127 6.20 -10.92 -3.18
CA GLU A 127 6.74 -11.14 -4.52
C GLU A 127 8.09 -10.42 -4.68
N ASP A 128 8.92 -10.93 -5.58
CA ASP A 128 10.22 -10.35 -5.83
C ASP A 128 10.09 -9.00 -6.55
N TRP A 129 11.09 -8.15 -6.38
CA TRP A 129 11.08 -6.83 -7.01
C TRP A 129 10.96 -6.96 -8.53
N GLU A 130 11.54 -8.01 -9.08
CA GLU A 130 11.50 -8.25 -10.51
C GLU A 130 10.12 -8.71 -10.95
N THR A 131 9.25 -8.96 -9.97
CA THR A 131 7.89 -9.41 -10.26
C THR A 131 6.90 -8.25 -10.16
N ILE A 132 7.18 -7.32 -9.26
CA ILE A 132 6.30 -6.16 -9.08
C ILE A 132 6.82 -4.96 -9.86
N TYR A 133 8.07 -5.01 -10.25
CA TYR A 133 8.69 -3.93 -11.01
C TYR A 133 7.86 -3.59 -12.25
N PRO A 134 7.62 -4.60 -13.09
CA PRO A 134 6.85 -4.44 -14.33
C PRO A 134 5.49 -3.80 -14.07
N CYS A 135 4.78 -4.30 -13.06
CA CYS A 135 3.47 -3.77 -12.72
C CYS A 135 3.51 -3.05 -11.37
N LEU A 136 4.32 -2.00 -11.29
CA LEU A 136 4.46 -1.22 -10.07
C LEU A 136 3.38 -0.15 -9.98
N SER A 137 3.20 0.42 -8.79
CA SER A 137 2.21 1.46 -8.58
C SER A 137 2.83 2.85 -8.74
N PRO A 138 1.98 3.86 -8.98
CA PRO A 138 2.42 5.25 -9.15
C PRO A 138 2.93 5.85 -7.84
N LYS A 139 4.22 5.67 -7.58
CA LYS A 139 4.84 6.20 -6.38
C LYS A 139 4.91 7.72 -6.43
N SER A 140 4.13 8.39 -5.59
CA SER A 140 4.10 9.84 -5.54
C SER A 140 5.26 10.38 -4.71
N GLY A 141 6.12 11.17 -5.35
CA GLY A 141 7.26 11.74 -4.65
C GLY A 141 8.57 11.47 -5.38
N PRO A 142 9.68 11.95 -4.80
CA PRO A 142 11.01 11.77 -5.38
C PRO A 142 11.48 10.33 -5.31
N SER A 143 11.55 9.68 -6.46
CA SER A 143 11.97 8.29 -6.54
C SER A 143 13.31 8.16 -7.27
N SER A 144 14.40 8.25 -6.51
CA SER A 144 15.74 8.17 -7.08
C SER A 144 16.21 6.71 -7.12
N GLY A 145 17.21 6.45 -7.97
CA GLY A 145 17.73 5.10 -8.09
C GLY A 145 18.42 4.87 -9.42
N GLY A 1 9.20 -21.59 1.17
CA GLY A 1 9.54 -21.44 -0.24
C GLY A 1 8.82 -22.43 -1.12
N SER A 2 8.12 -21.92 -2.12
CA SER A 2 7.36 -22.77 -3.04
C SER A 2 8.20 -23.10 -4.28
N SER A 3 8.65 -22.05 -4.97
CA SER A 3 9.46 -22.22 -6.17
C SER A 3 10.75 -22.97 -5.86
N GLY A 4 11.21 -22.86 -4.62
CA GLY A 4 12.43 -23.53 -4.22
C GLY A 4 13.62 -22.59 -4.15
N SER A 5 14.12 -22.20 -5.32
CA SER A 5 15.27 -21.30 -5.40
C SER A 5 14.82 -19.84 -5.32
N SER A 6 13.94 -19.44 -6.24
CA SER A 6 13.44 -18.08 -6.27
C SER A 6 14.59 -17.08 -6.27
N GLY A 7 15.73 -17.48 -6.83
CA GLY A 7 16.89 -16.61 -6.88
C GLY A 7 17.59 -16.67 -8.21
N VAL A 8 17.42 -15.62 -9.02
CA VAL A 8 18.04 -15.56 -10.34
C VAL A 8 19.54 -15.30 -10.22
N THR A 9 20.32 -16.03 -10.99
CA THR A 9 21.78 -15.87 -10.98
C THR A 9 22.26 -15.07 -12.17
N GLY A 10 22.98 -13.98 -11.89
CA GLY A 10 23.50 -13.14 -12.95
C GLY A 10 22.81 -11.80 -12.99
N ASP A 11 21.52 -11.77 -12.67
CA ASP A 11 20.76 -10.53 -12.66
C ASP A 11 19.96 -10.38 -11.37
N ARG A 12 20.62 -10.61 -10.24
CA ARG A 12 19.98 -10.50 -8.95
C ARG A 12 19.40 -9.12 -8.74
N ALA A 13 18.17 -9.06 -8.23
CA ALA A 13 17.50 -7.78 -7.98
C ALA A 13 16.96 -7.71 -6.56
N GLY A 14 17.56 -8.48 -5.66
CA GLY A 14 17.13 -8.50 -4.28
C GLY A 14 16.08 -9.55 -4.01
N GLY A 15 16.01 -10.02 -2.77
CA GLY A 15 15.05 -11.04 -2.41
C GLY A 15 13.62 -10.57 -2.60
N ARG A 16 12.67 -11.34 -2.06
CA ARG A 16 11.26 -10.99 -2.18
C ARG A 16 10.99 -9.60 -1.61
N SER A 17 9.78 -9.10 -1.84
CA SER A 17 9.40 -7.78 -1.37
C SER A 17 7.88 -7.65 -1.26
N TRP A 18 7.38 -7.63 -0.04
CA TRP A 18 5.95 -7.51 0.20
C TRP A 18 5.36 -6.33 -0.57
N CYS A 19 4.06 -6.39 -0.83
CA CYS A 19 3.38 -5.33 -1.57
C CYS A 19 1.86 -5.46 -1.44
N LEU A 20 1.14 -4.52 -2.03
CA LEU A 20 -0.33 -4.54 -1.99
C LEU A 20 -0.90 -4.83 -3.36
N ARG A 21 -0.76 -6.08 -3.81
CA ARG A 21 -1.27 -6.48 -5.11
C ARG A 21 -2.74 -6.10 -5.26
N ARG A 22 -3.00 -5.12 -6.12
CA ARG A 22 -4.36 -4.65 -6.35
C ARG A 22 -5.26 -5.81 -6.77
N VAL A 23 -6.38 -5.97 -6.07
CA VAL A 23 -7.33 -7.04 -6.37
C VAL A 23 -8.11 -6.73 -7.65
N GLY A 24 -8.10 -7.67 -8.59
CA GLY A 24 -8.80 -7.48 -9.84
C GLY A 24 -7.92 -6.88 -10.92
N MET A 25 -7.04 -5.99 -10.53
CA MET A 25 -6.13 -5.35 -11.47
C MET A 25 -4.70 -5.86 -11.31
N SER A 26 -3.99 -6.01 -12.42
CA SER A 26 -2.62 -6.50 -12.39
C SER A 26 -1.63 -5.33 -12.33
N ALA A 27 -2.13 -4.15 -11.98
CA ALA A 27 -1.30 -2.97 -11.88
C ALA A 27 -1.57 -2.21 -10.58
N GLY A 28 -0.82 -1.13 -10.36
CA GLY A 28 -1.00 -0.33 -9.15
C GLY A 28 -0.57 -1.08 -7.89
N TRP A 29 0.53 -1.80 -7.99
CA TRP A 29 1.04 -2.57 -6.85
C TRP A 29 1.94 -1.71 -5.97
N LEU A 30 1.54 -1.53 -4.73
CA LEU A 30 2.31 -0.73 -3.79
C LEU A 30 3.41 -1.56 -3.13
N LEU A 31 4.66 -1.23 -3.45
CA LEU A 31 5.80 -1.94 -2.88
C LEU A 31 5.96 -1.63 -1.40
N LEU A 32 6.28 -2.66 -0.62
CA LEU A 32 6.46 -2.50 0.83
C LEU A 32 7.88 -2.87 1.23
N GLU A 33 8.84 -2.04 0.85
CA GLU A 33 10.24 -2.29 1.18
C GLU A 33 10.43 -2.46 2.69
N ASP A 34 11.30 -3.37 3.08
CA ASP A 34 11.57 -3.62 4.49
C ASP A 34 12.13 -2.37 5.17
N GLY A 35 11.46 -1.94 6.23
CA GLY A 35 11.90 -0.76 6.96
C GLY A 35 11.61 0.52 6.21
N CYS A 36 10.64 0.46 5.30
CA CYS A 36 10.26 1.63 4.51
C CYS A 36 8.80 1.98 4.72
N GLU A 37 8.53 3.16 5.27
CA GLU A 37 7.17 3.60 5.52
C GLU A 37 6.40 3.77 4.21
N VAL A 38 5.20 3.20 4.17
CA VAL A 38 4.36 3.28 2.97
C VAL A 38 3.02 3.92 3.28
N THR A 39 2.88 5.19 2.90
CA THR A 39 1.64 5.91 3.13
C THR A 39 0.81 6.04 1.86
N VAL A 40 -0.51 5.87 1.99
CA VAL A 40 -1.40 5.97 0.85
C VAL A 40 -2.44 7.06 1.05
N GLY A 41 -2.85 7.69 -0.05
CA GLY A 41 -3.84 8.75 0.04
C GLY A 41 -4.12 9.40 -1.31
N ARG A 42 -4.95 10.43 -1.31
CA ARG A 42 -5.29 11.13 -2.54
C ARG A 42 -4.59 12.48 -2.62
N GLY A 43 -3.45 12.58 -1.95
CA GLY A 43 -2.69 13.82 -1.95
C GLY A 43 -1.36 13.68 -2.68
N PHE A 44 -0.64 14.80 -2.81
CA PHE A 44 0.64 14.80 -3.48
C PHE A 44 1.78 14.68 -2.48
N GLY A 45 1.54 13.97 -1.40
CA GLY A 45 2.56 13.78 -0.38
C GLY A 45 2.79 12.33 -0.03
N VAL A 46 1.73 11.54 -0.07
CA VAL A 46 1.80 10.12 0.24
C VAL A 46 2.69 9.38 -0.77
N THR A 47 3.29 8.29 -0.33
CA THR A 47 4.16 7.50 -1.20
C THR A 47 3.42 7.06 -2.46
N TYR A 48 2.23 6.51 -2.28
CA TYR A 48 1.42 6.06 -3.41
C TYR A 48 0.11 6.82 -3.50
N GLN A 49 0.09 7.85 -4.33
CA GLN A 49 -1.12 8.67 -4.50
C GLN A 49 -2.14 7.95 -5.38
N LEU A 50 -3.42 8.19 -5.08
CA LEU A 50 -4.50 7.56 -5.84
C LEU A 50 -5.60 8.57 -6.15
N VAL A 51 -6.01 8.61 -7.42
CA VAL A 51 -7.06 9.52 -7.84
C VAL A 51 -7.88 8.93 -8.98
N SER A 52 -9.20 9.04 -8.87
CA SER A 52 -10.11 8.51 -9.88
C SER A 52 -11.09 9.58 -10.35
N LYS A 53 -11.95 9.21 -11.30
CA LYS A 53 -12.95 10.13 -11.83
C LYS A 53 -14.33 9.80 -11.29
N ILE A 54 -14.54 8.54 -10.93
CA ILE A 54 -15.82 8.10 -10.40
C ILE A 54 -16.09 8.71 -9.02
N CYS A 55 -15.31 8.27 -8.04
CA CYS A 55 -15.47 8.76 -6.67
C CYS A 55 -14.10 8.92 -6.00
N PRO A 56 -13.35 9.95 -6.41
CA PRO A 56 -12.02 10.23 -5.86
C PRO A 56 -12.08 10.72 -4.42
N LEU A 57 -13.26 11.15 -3.99
CA LEU A 57 -13.46 11.65 -2.64
C LEU A 57 -13.41 10.50 -1.63
N MET A 58 -13.71 9.30 -2.09
CA MET A 58 -13.69 8.12 -1.23
C MET A 58 -12.37 8.02 -0.48
N ILE A 59 -11.28 8.39 -1.14
CA ILE A 59 -9.96 8.33 -0.53
C ILE A 59 -9.62 9.65 0.15
N SER A 60 -8.95 9.57 1.30
CA SER A 60 -8.57 10.75 2.05
C SER A 60 -7.06 10.80 2.26
N ARG A 61 -6.53 12.00 2.47
CA ARG A 61 -5.10 12.18 2.67
C ARG A 61 -4.59 11.25 3.78
N ASN A 62 -3.61 10.43 3.45
CA ASN A 62 -3.04 9.49 4.41
C ASN A 62 -4.09 8.52 4.91
N HIS A 63 -4.85 7.93 3.98
CA HIS A 63 -5.89 6.99 4.34
C HIS A 63 -5.34 5.88 5.24
N CYS A 64 -4.06 5.56 5.06
CA CYS A 64 -3.40 4.53 5.85
C CYS A 64 -1.89 4.65 5.78
N VAL A 65 -1.20 3.99 6.70
CA VAL A 65 0.26 4.03 6.74
C VAL A 65 0.82 2.70 7.19
N LEU A 66 1.50 2.00 6.27
CA LEU A 66 2.09 0.71 6.57
C LEU A 66 3.51 0.88 7.10
N LYS A 67 3.91 0.00 8.02
CA LYS A 67 5.24 0.04 8.60
C LYS A 67 5.50 -1.19 9.46
N GLN A 68 6.77 -1.53 9.63
CA GLN A 68 7.15 -2.69 10.44
C GLN A 68 7.45 -2.28 11.87
N ASN A 69 6.64 -2.77 12.80
CA ASN A 69 6.82 -2.45 14.22
C ASN A 69 8.25 -2.72 14.66
N PRO A 70 8.65 -2.10 15.79
CA PRO A 70 10.00 -2.26 16.33
C PRO A 70 10.43 -3.73 16.43
N GLU A 71 9.44 -4.62 16.55
CA GLU A 71 9.72 -6.04 16.65
C GLU A 71 10.30 -6.57 15.34
N GLY A 72 9.76 -6.09 14.22
CA GLY A 72 10.24 -6.52 12.93
C GLY A 72 9.14 -7.17 12.09
N GLN A 73 7.89 -6.83 12.40
CA GLN A 73 6.75 -7.37 11.67
C GLN A 73 5.89 -6.26 11.09
N TRP A 74 5.36 -6.49 9.91
CA TRP A 74 4.51 -5.51 9.24
C TRP A 74 3.20 -5.30 9.99
N THR A 75 2.73 -4.06 10.02
CA THR A 75 1.50 -3.73 10.71
C THR A 75 0.80 -2.54 10.06
N ILE A 76 -0.45 -2.73 9.65
CA ILE A 76 -1.21 -1.68 9.01
C ILE A 76 -1.83 -0.74 10.05
N MET A 77 -1.59 0.55 9.89
CA MET A 77 -2.12 1.55 10.81
C MET A 77 -2.87 2.65 10.06
N ASP A 78 -4.01 3.06 10.60
CA ASP A 78 -4.81 4.11 9.98
C ASP A 78 -4.45 5.48 10.53
N ASN A 79 -4.16 6.41 9.62
CA ASN A 79 -3.79 7.76 10.01
C ASN A 79 -5.02 8.62 10.27
N LYS A 80 -5.89 8.14 11.15
CA LYS A 80 -7.12 8.86 11.49
C LYS A 80 -7.90 9.22 10.22
N SER A 81 -8.37 8.21 9.51
CA SER A 81 -9.13 8.42 8.29
C SER A 81 -10.58 8.77 8.60
N LEU A 82 -11.39 8.92 7.55
CA LEU A 82 -12.80 9.26 7.71
C LEU A 82 -13.68 8.04 7.43
N ASN A 83 -13.65 7.57 6.19
CA ASN A 83 -14.44 6.41 5.78
C ASN A 83 -14.11 5.20 6.66
N GLY A 84 -12.83 5.06 7.01
CA GLY A 84 -12.42 3.94 7.84
C GLY A 84 -11.59 2.93 7.07
N VAL A 85 -10.82 2.13 7.80
CA VAL A 85 -9.97 1.12 7.17
C VAL A 85 -10.50 -0.29 7.47
N TRP A 86 -10.50 -1.14 6.45
CA TRP A 86 -10.97 -2.52 6.60
C TRP A 86 -9.82 -3.50 6.42
N LEU A 87 -9.89 -4.61 7.15
CA LEU A 87 -8.86 -5.64 7.08
C LEU A 87 -9.46 -7.03 7.23
N ASN A 88 -9.58 -7.75 6.12
CA ASN A 88 -10.14 -9.09 6.14
C ASN A 88 -11.55 -9.08 6.69
N ARG A 89 -12.40 -8.21 6.14
CA ARG A 89 -13.78 -8.10 6.59
C ARG A 89 -13.85 -7.68 8.06
N ALA A 90 -13.02 -6.73 8.43
CA ALA A 90 -12.99 -6.24 9.81
C ALA A 90 -12.68 -4.75 9.85
N ARG A 91 -13.50 -4.00 10.60
CA ARG A 91 -13.32 -2.56 10.72
C ARG A 91 -12.17 -2.24 11.67
N LEU A 92 -11.21 -1.47 11.19
CA LEU A 92 -10.05 -1.09 12.00
C LEU A 92 -10.29 0.26 12.68
N GLU A 93 -9.42 0.59 13.64
CA GLU A 93 -9.54 1.84 14.37
C GLU A 93 -8.40 2.78 14.00
N PRO A 94 -8.60 4.09 14.28
CA PRO A 94 -7.60 5.11 13.98
C PRO A 94 -6.38 5.02 14.90
N LEU A 95 -5.20 5.02 14.29
CA LEU A 95 -3.95 4.93 15.04
C LEU A 95 -3.87 3.61 15.79
N ARG A 96 -4.15 2.52 15.10
CA ARG A 96 -4.10 1.19 15.70
C ARG A 96 -3.09 0.29 14.99
N VAL A 97 -2.63 -0.74 15.68
CA VAL A 97 -1.67 -1.68 15.11
C VAL A 97 -2.31 -3.02 14.78
N TYR A 98 -2.17 -3.46 13.54
CA TYR A 98 -2.74 -4.73 13.12
C TYR A 98 -1.75 -5.51 12.26
N SER A 99 -1.31 -6.66 12.77
CA SER A 99 -0.36 -7.50 12.04
C SER A 99 -0.98 -8.06 10.77
N ILE A 100 -0.32 -7.83 9.65
CA ILE A 100 -0.80 -8.31 8.36
C ILE A 100 0.09 -9.41 7.81
N HIS A 101 -0.51 -10.34 7.05
CA HIS A 101 0.24 -11.44 6.46
C HIS A 101 -0.35 -11.84 5.11
N GLN A 102 0.36 -12.70 4.40
CA GLN A 102 -0.10 -13.16 3.09
C GLN A 102 -1.53 -13.69 3.17
N GLY A 103 -2.43 -13.04 2.44
CA GLY A 103 -3.82 -13.46 2.44
C GLY A 103 -4.74 -12.43 3.10
N ASP A 104 -4.26 -11.20 3.19
CA ASP A 104 -5.05 -10.13 3.80
C ASP A 104 -5.72 -9.28 2.74
N TYR A 105 -6.72 -8.50 3.16
CA TYR A 105 -7.45 -7.65 2.24
C TYR A 105 -7.68 -6.26 2.84
N ILE A 106 -7.05 -5.25 2.25
CA ILE A 106 -7.19 -3.88 2.74
C ILE A 106 -8.16 -3.09 1.86
N GLN A 107 -9.14 -2.46 2.51
CA GLN A 107 -10.14 -1.67 1.79
C GLN A 107 -10.07 -0.20 2.22
N LEU A 108 -9.52 0.64 1.35
CA LEU A 108 -9.41 2.07 1.65
C LEU A 108 -10.72 2.79 1.38
N GLY A 109 -11.70 2.59 2.27
CA GLY A 109 -12.99 3.23 2.11
C GLY A 109 -14.14 2.24 2.20
N VAL A 110 -15.22 2.54 1.49
CA VAL A 110 -16.40 1.67 1.50
C VAL A 110 -17.08 1.65 0.13
N PRO A 111 -17.82 0.57 -0.15
CA PRO A 111 -18.52 0.41 -1.42
C PRO A 111 -19.70 1.36 -1.56
N LEU A 112 -19.87 1.92 -2.75
CA LEU A 112 -20.97 2.86 -3.01
C LEU A 112 -22.29 2.11 -3.21
N GLU A 113 -23.34 2.87 -3.51
CA GLU A 113 -24.66 2.28 -3.72
C GLU A 113 -24.71 1.52 -5.04
N ASN A 114 -23.85 1.93 -5.97
CA ASN A 114 -23.81 1.29 -7.29
C ASN A 114 -22.51 0.49 -7.45
N LYS A 115 -21.92 0.09 -6.33
CA LYS A 115 -20.68 -0.67 -6.36
C LYS A 115 -20.72 -1.78 -5.30
N GLU A 116 -20.81 -3.02 -5.78
CA GLU A 116 -20.85 -4.17 -4.87
C GLU A 116 -19.69 -4.13 -3.89
N ASN A 117 -18.47 -3.98 -4.42
CA ASN A 117 -17.28 -3.92 -3.59
C ASN A 117 -16.52 -2.63 -3.82
N ALA A 118 -15.73 -2.24 -2.82
CA ALA A 118 -14.94 -1.01 -2.91
C ALA A 118 -14.12 -0.97 -4.19
N GLU A 119 -14.12 0.18 -4.86
CA GLU A 119 -13.38 0.34 -6.10
C GLU A 119 -11.88 0.12 -5.88
N TYR A 120 -11.41 0.47 -4.69
CA TYR A 120 -10.01 0.31 -4.35
C TYR A 120 -9.81 -0.85 -3.38
N GLU A 121 -9.16 -1.91 -3.85
CA GLU A 121 -8.91 -3.08 -3.03
C GLU A 121 -7.57 -3.72 -3.38
N TYR A 122 -6.82 -4.12 -2.36
CA TYR A 122 -5.51 -4.74 -2.56
C TYR A 122 -5.45 -6.11 -1.90
N GLU A 123 -4.26 -6.69 -1.87
CA GLU A 123 -4.07 -8.01 -1.27
C GLU A 123 -2.62 -8.19 -0.82
N VAL A 124 -2.42 -8.27 0.50
CA VAL A 124 -1.09 -8.45 1.06
C VAL A 124 -0.43 -9.72 0.53
N THR A 125 0.61 -9.55 -0.27
CA THR A 125 1.33 -10.69 -0.84
C THR A 125 2.82 -10.39 -0.96
N GLU A 126 3.64 -11.44 -0.99
CA GLU A 126 5.07 -11.30 -1.11
C GLU A 126 5.56 -11.76 -2.47
N GLU A 127 6.14 -10.84 -3.23
CA GLU A 127 6.65 -11.16 -4.56
C GLU A 127 8.01 -10.51 -4.80
N ASP A 128 8.78 -11.07 -5.71
CA ASP A 128 10.11 -10.55 -6.04
C ASP A 128 10.00 -9.18 -6.69
N TRP A 129 11.03 -8.36 -6.48
CA TRP A 129 11.05 -7.01 -7.05
C TRP A 129 10.93 -7.06 -8.57
N GLU A 130 11.46 -8.11 -9.17
CA GLU A 130 11.40 -8.27 -10.61
C GLU A 130 10.01 -8.67 -11.06
N THR A 131 9.12 -8.92 -10.10
CA THR A 131 7.75 -9.31 -10.39
C THR A 131 6.80 -8.13 -10.26
N ILE A 132 7.11 -7.22 -9.34
CA ILE A 132 6.28 -6.05 -9.11
C ILE A 132 6.84 -4.84 -9.86
N TYR A 133 8.11 -4.92 -10.24
CA TYR A 133 8.75 -3.82 -10.98
C TYR A 133 7.92 -3.43 -12.19
N PRO A 134 7.64 -4.40 -13.07
CA PRO A 134 6.87 -4.17 -14.29
C PRO A 134 5.55 -3.47 -14.01
N CYS A 135 4.82 -3.96 -13.02
CA CYS A 135 3.53 -3.38 -12.65
C CYS A 135 3.63 -2.67 -11.30
N LEU A 136 4.49 -1.66 -11.23
CA LEU A 136 4.68 -0.89 -10.01
C LEU A 136 3.73 0.31 -9.97
N SER A 137 3.07 0.48 -8.83
CA SER A 137 2.14 1.59 -8.66
C SER A 137 2.84 2.93 -8.87
N PRO A 138 2.05 3.97 -9.16
CA PRO A 138 2.56 5.33 -9.38
C PRO A 138 3.09 5.96 -8.11
N LYS A 139 4.41 6.03 -7.99
CA LYS A 139 5.04 6.62 -6.81
C LYS A 139 5.07 8.14 -6.91
N SER A 140 4.38 8.80 -5.98
CA SER A 140 4.31 10.26 -5.98
C SER A 140 5.17 10.83 -4.85
N GLY A 141 5.81 11.96 -5.11
CA GLY A 141 6.66 12.59 -4.12
C GLY A 141 8.03 12.94 -4.66
N PRO A 142 8.79 13.73 -3.88
CA PRO A 142 10.13 14.15 -4.26
C PRO A 142 11.14 13.00 -4.25
N SER A 143 10.78 11.93 -3.54
CA SER A 143 11.65 10.76 -3.45
C SER A 143 12.97 11.13 -2.78
N SER A 144 12.92 12.03 -1.82
CA SER A 144 14.11 12.47 -1.10
C SER A 144 14.37 11.59 0.11
N GLY A 145 15.16 10.54 -0.09
CA GLY A 145 15.49 9.63 0.99
C GLY A 145 16.76 8.85 0.74
N GLY A 1 53.43 9.04 -5.89
CA GLY A 1 52.33 8.10 -6.09
C GLY A 1 50.99 8.70 -5.70
N SER A 2 50.00 8.51 -6.56
CA SER A 2 48.66 9.04 -6.29
C SER A 2 47.61 7.99 -6.59
N SER A 3 46.46 8.10 -5.91
CA SER A 3 45.37 7.15 -6.09
C SER A 3 44.19 7.82 -6.79
N GLY A 4 43.61 7.12 -7.76
CA GLY A 4 42.48 7.65 -8.49
C GLY A 4 41.17 7.03 -8.07
N SER A 5 41.12 5.70 -8.03
CA SER A 5 39.92 4.98 -7.64
C SER A 5 39.93 4.65 -6.16
N SER A 6 38.77 4.32 -5.62
CA SER A 6 38.64 3.99 -4.21
C SER A 6 38.06 2.58 -4.03
N GLY A 7 36.77 2.45 -4.28
CA GLY A 7 36.11 1.16 -4.14
C GLY A 7 34.63 1.29 -3.81
N VAL A 8 33.80 0.59 -4.58
CA VAL A 8 32.36 0.64 -4.35
C VAL A 8 31.73 -0.73 -4.59
N THR A 9 30.70 -1.05 -3.81
CA THR A 9 30.01 -2.33 -3.94
C THR A 9 28.59 -2.24 -3.37
N GLY A 10 27.72 -3.11 -3.88
CA GLY A 10 26.34 -3.11 -3.42
C GLY A 10 25.34 -3.20 -4.56
N ASP A 11 25.18 -4.40 -5.11
CA ASP A 11 24.25 -4.62 -6.22
C ASP A 11 23.29 -5.76 -5.90
N ARG A 12 22.73 -5.74 -4.70
CA ARG A 12 21.80 -6.77 -4.27
C ARG A 12 20.46 -6.63 -5.00
N ALA A 13 20.34 -7.32 -6.13
CA ALA A 13 19.11 -7.28 -6.92
C ALA A 13 18.29 -8.55 -6.75
N GLY A 14 17.97 -8.88 -5.50
CA GLY A 14 17.21 -10.08 -5.23
C GLY A 14 16.35 -9.95 -3.98
N GLY A 15 16.01 -11.09 -3.38
CA GLY A 15 15.19 -11.07 -2.17
C GLY A 15 13.76 -10.65 -2.46
N ARG A 16 12.82 -11.27 -1.75
CA ARG A 16 11.41 -10.96 -1.93
C ARG A 16 11.08 -9.58 -1.37
N SER A 17 9.90 -9.07 -1.72
CA SER A 17 9.48 -7.76 -1.26
C SER A 17 7.95 -7.67 -1.20
N TRP A 18 7.41 -7.64 0.01
CA TRP A 18 5.98 -7.56 0.21
C TRP A 18 5.37 -6.40 -0.58
N CYS A 19 4.07 -6.45 -0.80
CA CYS A 19 3.38 -5.40 -1.54
C CYS A 19 1.87 -5.53 -1.39
N LEU A 20 1.13 -4.67 -2.10
CA LEU A 20 -0.33 -4.70 -2.05
C LEU A 20 -0.91 -4.99 -3.43
N ARG A 21 -0.81 -6.24 -3.85
CA ARG A 21 -1.34 -6.65 -5.15
C ARG A 21 -2.79 -6.22 -5.31
N ARG A 22 -3.03 -5.30 -6.24
CA ARG A 22 -4.37 -4.80 -6.49
C ARG A 22 -5.30 -5.93 -6.89
N VAL A 23 -6.43 -6.04 -6.18
CA VAL A 23 -7.40 -7.09 -6.46
C VAL A 23 -8.22 -6.76 -7.71
N GLY A 24 -8.16 -7.65 -8.70
CA GLY A 24 -8.90 -7.45 -9.93
C GLY A 24 -8.03 -6.80 -11.00
N MET A 25 -6.98 -6.12 -10.58
CA MET A 25 -6.08 -5.45 -11.52
C MET A 25 -4.66 -5.96 -11.36
N SER A 26 -3.93 -6.04 -12.47
CA SER A 26 -2.55 -6.51 -12.45
C SER A 26 -1.57 -5.34 -12.40
N ALA A 27 -2.04 -4.21 -11.87
CA ALA A 27 -1.21 -3.02 -11.76
C ALA A 27 -1.44 -2.31 -10.43
N GLY A 28 -0.77 -1.18 -10.24
CA GLY A 28 -0.91 -0.42 -9.01
C GLY A 28 -0.45 -1.21 -7.79
N TRP A 29 0.62 -1.97 -7.96
CA TRP A 29 1.16 -2.78 -6.87
C TRP A 29 2.05 -1.93 -5.96
N LEU A 30 1.57 -1.65 -4.76
CA LEU A 30 2.31 -0.85 -3.80
C LEU A 30 3.43 -1.67 -3.15
N LEU A 31 4.67 -1.36 -3.49
CA LEU A 31 5.81 -2.08 -2.93
C LEU A 31 6.02 -1.73 -1.46
N LEU A 32 6.31 -2.75 -0.65
CA LEU A 32 6.53 -2.56 0.77
C LEU A 32 7.96 -2.92 1.16
N GLU A 33 8.90 -2.05 0.83
CA GLU A 33 10.31 -2.28 1.15
C GLU A 33 10.53 -2.31 2.66
N ASP A 34 11.50 -3.10 3.09
CA ASP A 34 11.81 -3.23 4.51
C ASP A 34 12.45 -1.94 5.04
N GLY A 35 11.88 -1.40 6.11
CA GLY A 35 12.39 -0.18 6.70
C GLY A 35 11.99 1.05 5.92
N CYS A 36 10.98 0.91 5.07
CA CYS A 36 10.50 2.01 4.26
C CYS A 36 9.00 2.25 4.49
N GLU A 37 8.67 3.42 5.02
CA GLU A 37 7.28 3.76 5.30
C GLU A 37 6.46 3.80 4.01
N VAL A 38 5.21 3.38 4.09
CA VAL A 38 4.32 3.36 2.93
C VAL A 38 2.98 3.98 3.26
N THR A 39 2.80 5.25 2.89
CA THR A 39 1.55 5.96 3.15
C THR A 39 0.69 6.03 1.89
N VAL A 40 -0.62 5.92 2.06
CA VAL A 40 -1.55 5.98 0.94
C VAL A 40 -2.55 7.10 1.12
N GLY A 41 -2.88 7.78 0.02
CA GLY A 41 -3.83 8.88 0.09
C GLY A 41 -3.73 9.80 -1.11
N ARG A 42 -4.58 10.81 -1.14
CA ARG A 42 -4.59 11.77 -2.25
C ARG A 42 -4.29 13.19 -1.74
N GLY A 43 -3.38 13.29 -0.78
CA GLY A 43 -3.02 14.58 -0.23
C GLY A 43 -1.77 15.15 -0.85
N PHE A 44 -1.39 14.62 -2.01
CA PHE A 44 -0.20 15.08 -2.71
C PHE A 44 1.01 15.07 -1.78
N GLY A 45 1.06 14.09 -0.89
CA GLY A 45 2.16 13.98 0.04
C GLY A 45 2.31 12.58 0.60
N VAL A 46 2.03 11.58 -0.22
CA VAL A 46 2.14 10.18 0.21
C VAL A 46 2.98 9.37 -0.77
N THR A 47 3.61 8.32 -0.27
CA THR A 47 4.45 7.46 -1.09
C THR A 47 3.68 6.93 -2.29
N TYR A 48 2.38 6.71 -2.11
CA TYR A 48 1.53 6.21 -3.18
C TYR A 48 0.24 7.02 -3.29
N GLN A 49 0.11 7.76 -4.38
CA GLN A 49 -1.08 8.58 -4.61
C GLN A 49 -2.15 7.80 -5.36
N LEU A 50 -3.40 7.99 -4.96
CA LEU A 50 -4.51 7.31 -5.60
C LEU A 50 -5.63 8.28 -5.94
N VAL A 51 -6.11 8.22 -7.18
CA VAL A 51 -7.17 9.11 -7.63
C VAL A 51 -8.17 8.36 -8.50
N SER A 52 -9.45 8.71 -8.36
CA SER A 52 -10.51 8.07 -9.14
C SER A 52 -11.31 9.09 -9.93
N LYS A 53 -12.35 8.63 -10.61
CA LYS A 53 -13.20 9.51 -11.40
C LYS A 53 -14.61 9.58 -10.81
N ILE A 54 -15.03 8.49 -10.18
CA ILE A 54 -16.37 8.44 -9.56
C ILE A 54 -16.37 9.15 -8.21
N CYS A 55 -15.74 8.54 -7.23
CA CYS A 55 -15.67 9.10 -5.89
C CYS A 55 -14.23 9.15 -5.38
N PRO A 56 -13.45 10.10 -5.93
CA PRO A 56 -12.05 10.27 -5.55
C PRO A 56 -11.89 10.82 -4.14
N LEU A 57 -12.97 11.39 -3.61
CA LEU A 57 -12.95 11.94 -2.26
C LEU A 57 -12.95 10.84 -1.21
N MET A 58 -13.40 9.65 -1.60
CA MET A 58 -13.45 8.51 -0.69
C MET A 58 -12.10 8.30 -0.01
N ILE A 59 -11.03 8.66 -0.71
CA ILE A 59 -9.69 8.51 -0.18
C ILE A 59 -9.18 9.81 0.43
N SER A 60 -8.64 9.71 1.64
CA SER A 60 -8.12 10.89 2.34
C SER A 60 -6.62 11.04 2.12
N ARG A 61 -6.08 12.18 2.51
CA ARG A 61 -4.65 12.46 2.35
C ARG A 61 -3.83 11.35 2.96
N ASN A 62 -4.31 10.80 4.08
CA ASN A 62 -3.60 9.72 4.77
C ASN A 62 -4.57 8.63 5.21
N HIS A 63 -5.20 7.98 4.24
CA HIS A 63 -6.14 6.91 4.53
C HIS A 63 -5.53 5.87 5.45
N CYS A 64 -4.24 5.62 5.28
CA CYS A 64 -3.53 4.65 6.10
C CYS A 64 -2.02 4.82 5.97
N VAL A 65 -1.28 4.17 6.85
CA VAL A 65 0.19 4.26 6.83
C VAL A 65 0.82 2.94 7.27
N LEU A 66 1.33 2.18 6.31
CA LEU A 66 1.96 0.90 6.59
C LEU A 66 3.38 1.10 7.12
N LYS A 67 3.83 0.18 7.97
CA LYS A 67 5.17 0.24 8.53
C LYS A 67 5.46 -0.98 9.39
N GLN A 68 6.73 -1.32 9.52
CA GLN A 68 7.15 -2.46 10.32
C GLN A 68 7.42 -2.06 11.77
N ASN A 69 6.59 -2.56 12.68
CA ASN A 69 6.74 -2.25 14.09
C ASN A 69 8.17 -2.49 14.56
N PRO A 70 8.53 -1.89 15.71
CA PRO A 70 9.87 -2.03 16.28
C PRO A 70 10.31 -3.49 16.38
N GLU A 71 9.34 -4.39 16.46
CA GLU A 71 9.62 -5.82 16.57
C GLU A 71 10.21 -6.35 15.27
N GLY A 72 9.71 -5.84 14.14
CA GLY A 72 10.20 -6.28 12.85
C GLY A 72 9.13 -6.95 12.02
N GLN A 73 7.86 -6.64 12.31
CA GLN A 73 6.74 -7.22 11.60
C GLN A 73 5.85 -6.13 11.02
N TRP A 74 5.42 -6.33 9.77
CA TRP A 74 4.56 -5.36 9.10
C TRP A 74 3.24 -5.20 9.84
N THR A 75 2.79 -3.96 9.97
CA THR A 75 1.54 -3.66 10.65
C THR A 75 0.84 -2.44 10.04
N ILE A 76 -0.40 -2.63 9.62
CA ILE A 76 -1.17 -1.54 9.03
C ILE A 76 -1.75 -0.63 10.10
N MET A 77 -1.47 0.67 9.97
CA MET A 77 -1.97 1.65 10.93
C MET A 77 -2.74 2.76 10.21
N ASP A 78 -4.04 2.83 10.46
CA ASP A 78 -4.89 3.84 9.84
C ASP A 78 -4.67 5.20 10.50
N ASN A 79 -4.23 6.17 9.71
CA ASN A 79 -3.98 7.52 10.23
C ASN A 79 -5.29 8.29 10.40
N LYS A 80 -6.17 7.75 11.23
CA LYS A 80 -7.46 8.38 11.48
C LYS A 80 -8.17 8.73 10.18
N SER A 81 -8.86 7.74 9.61
CA SER A 81 -9.59 7.94 8.36
C SER A 81 -11.04 8.30 8.61
N LEU A 82 -11.60 9.14 7.75
CA LEU A 82 -12.98 9.57 7.88
C LEU A 82 -13.95 8.42 7.59
N ASN A 83 -13.72 7.73 6.48
CA ASN A 83 -14.56 6.60 6.09
C ASN A 83 -14.24 5.37 6.95
N GLY A 84 -13.00 4.91 6.87
CA GLY A 84 -12.60 3.74 7.64
C GLY A 84 -11.91 2.70 6.78
N VAL A 85 -11.05 1.91 7.41
CA VAL A 85 -10.31 0.87 6.70
C VAL A 85 -10.82 -0.52 7.08
N TRP A 86 -10.78 -1.45 6.13
CA TRP A 86 -11.23 -2.81 6.38
C TRP A 86 -10.11 -3.82 6.11
N LEU A 87 -9.96 -4.78 7.01
CA LEU A 87 -8.93 -5.80 6.88
C LEU A 87 -9.50 -7.19 7.11
N ASN A 88 -9.77 -7.90 6.03
CA ASN A 88 -10.32 -9.25 6.12
C ASN A 88 -11.70 -9.23 6.77
N ARG A 89 -12.58 -8.37 6.27
CA ARG A 89 -13.93 -8.26 6.79
C ARG A 89 -13.91 -7.82 8.26
N ALA A 90 -13.05 -6.85 8.56
CA ALA A 90 -12.93 -6.33 9.93
C ALA A 90 -12.46 -4.89 9.93
N ARG A 91 -13.23 -4.02 10.59
CA ARG A 91 -12.90 -2.60 10.67
C ARG A 91 -11.73 -2.38 11.63
N LEU A 92 -10.69 -1.70 11.14
CA LEU A 92 -9.51 -1.41 11.96
C LEU A 92 -9.66 -0.06 12.65
N GLU A 93 -9.26 -0.01 13.92
CA GLU A 93 -9.34 1.23 14.69
C GLU A 93 -8.25 2.21 14.26
N PRO A 94 -8.46 3.50 14.55
CA PRO A 94 -7.50 4.56 14.21
C PRO A 94 -6.21 4.48 15.04
N LEU A 95 -5.09 4.70 14.37
CA LEU A 95 -3.79 4.66 15.04
C LEU A 95 -3.62 3.34 15.81
N ARG A 96 -4.19 2.27 15.27
CA ARG A 96 -4.10 0.96 15.90
C ARG A 96 -3.15 0.04 15.12
N VAL A 97 -2.57 -0.92 15.82
CA VAL A 97 -1.65 -1.86 15.20
C VAL A 97 -2.36 -3.14 14.78
N TYR A 98 -2.23 -3.50 13.51
CA TYR A 98 -2.87 -4.70 12.98
C TYR A 98 -1.92 -5.48 12.09
N SER A 99 -1.24 -6.46 12.67
CA SER A 99 -0.29 -7.28 11.92
C SER A 99 -0.97 -7.96 10.73
N ILE A 100 -0.39 -7.79 9.55
CA ILE A 100 -0.94 -8.38 8.34
C ILE A 100 -0.12 -9.59 7.90
N HIS A 101 -0.73 -10.43 7.08
CA HIS A 101 -0.06 -11.64 6.59
C HIS A 101 -0.59 -12.02 5.21
N GLN A 102 0.13 -12.93 4.54
CA GLN A 102 -0.28 -13.38 3.21
C GLN A 102 -1.72 -13.86 3.21
N GLY A 103 -2.57 -13.14 2.49
CA GLY A 103 -3.98 -13.51 2.41
C GLY A 103 -4.88 -12.47 3.07
N ASP A 104 -4.44 -11.22 3.07
CA ASP A 104 -5.21 -10.14 3.67
C ASP A 104 -5.94 -9.33 2.60
N TYR A 105 -6.85 -8.46 3.04
CA TYR A 105 -7.61 -7.62 2.12
C TYR A 105 -7.84 -6.24 2.71
N ILE A 106 -7.06 -5.26 2.24
CA ILE A 106 -7.18 -3.90 2.73
C ILE A 106 -8.16 -3.09 1.87
N GLN A 107 -9.21 -2.57 2.50
CA GLN A 107 -10.21 -1.79 1.79
C GLN A 107 -10.21 -0.34 2.29
N LEU A 108 -9.65 0.56 1.50
CA LEU A 108 -9.60 1.97 1.85
C LEU A 108 -10.97 2.63 1.71
N GLY A 109 -11.79 2.49 2.74
CA GLY A 109 -13.12 3.08 2.71
C GLY A 109 -14.19 2.07 2.38
N VAL A 110 -15.37 2.54 2.01
CA VAL A 110 -16.49 1.66 1.67
C VAL A 110 -16.96 1.90 0.24
N PRO A 111 -17.60 0.87 -0.34
CA PRO A 111 -18.12 0.95 -1.71
C PRO A 111 -19.31 1.89 -1.84
N LEU A 112 -19.44 2.51 -3.00
CA LEU A 112 -20.54 3.45 -3.26
C LEU A 112 -21.80 2.70 -3.67
N GLU A 113 -22.93 3.41 -3.67
CA GLU A 113 -24.20 2.82 -4.04
C GLU A 113 -24.16 2.32 -5.48
N ASN A 114 -23.27 2.89 -6.28
CA ASN A 114 -23.12 2.50 -7.68
C ASN A 114 -21.83 1.72 -7.90
N LYS A 115 -21.36 1.06 -6.85
CA LYS A 115 -20.13 0.28 -6.93
C LYS A 115 -20.27 -1.02 -6.15
N GLU A 116 -20.42 -2.13 -6.87
CA GLU A 116 -20.56 -3.43 -6.25
C GLU A 116 -19.43 -3.70 -5.25
N ASN A 117 -18.27 -3.11 -5.53
CA ASN A 117 -17.11 -3.27 -4.66
C ASN A 117 -16.42 -1.93 -4.41
N ALA A 118 -15.60 -1.88 -3.37
CA ALA A 118 -14.88 -0.66 -3.02
C ALA A 118 -14.15 -0.09 -4.22
N GLU A 119 -13.81 1.19 -4.15
CA GLU A 119 -13.10 1.86 -5.24
C GLU A 119 -11.67 1.35 -5.35
N TYR A 120 -11.13 0.86 -4.24
CA TYR A 120 -9.77 0.35 -4.21
C TYR A 120 -9.68 -0.91 -3.35
N GLU A 121 -9.00 -1.93 -3.87
CA GLU A 121 -8.84 -3.18 -3.14
C GLU A 121 -7.49 -3.83 -3.44
N TYR A 122 -6.82 -4.31 -2.41
CA TYR A 122 -5.52 -4.94 -2.58
C TYR A 122 -5.46 -6.27 -1.82
N GLU A 123 -4.35 -6.97 -1.96
CA GLU A 123 -4.17 -8.26 -1.29
C GLU A 123 -2.71 -8.45 -0.86
N VAL A 124 -2.48 -8.39 0.44
CA VAL A 124 -1.13 -8.56 0.99
C VAL A 124 -0.48 -9.82 0.45
N THR A 125 0.60 -9.65 -0.30
CA THR A 125 1.32 -10.79 -0.87
C THR A 125 2.82 -10.50 -0.96
N GLU A 126 3.62 -11.57 -0.92
CA GLU A 126 5.07 -11.43 -1.00
C GLU A 126 5.59 -11.84 -2.37
N GLU A 127 6.11 -10.87 -3.12
CA GLU A 127 6.64 -11.13 -4.45
C GLU A 127 7.99 -10.46 -4.64
N ASP A 128 8.83 -11.06 -5.49
CA ASP A 128 10.16 -10.51 -5.77
C ASP A 128 10.06 -9.17 -6.47
N TRP A 129 11.07 -8.33 -6.29
CA TRP A 129 11.10 -7.01 -6.91
C TRP A 129 10.97 -7.12 -8.43
N GLU A 130 11.55 -8.19 -8.98
CA GLU A 130 11.51 -8.41 -10.43
C GLU A 130 10.11 -8.83 -10.86
N THR A 131 9.23 -9.07 -9.90
CA THR A 131 7.86 -9.48 -10.19
C THR A 131 6.90 -8.30 -10.10
N ILE A 132 7.19 -7.37 -9.20
CA ILE A 132 6.36 -6.19 -9.02
C ILE A 132 6.90 -5.00 -9.79
N TYR A 133 8.17 -5.09 -10.21
CA TYR A 133 8.80 -4.03 -10.96
C TYR A 133 8.00 -3.66 -12.19
N PRO A 134 7.73 -4.68 -13.04
CA PRO A 134 6.96 -4.49 -14.27
C PRO A 134 5.62 -3.80 -14.02
N CYS A 135 4.89 -4.27 -13.01
CA CYS A 135 3.59 -3.70 -12.67
C CYS A 135 3.66 -2.98 -11.33
N LEU A 136 4.50 -1.97 -11.25
CA LEU A 136 4.66 -1.20 -10.02
C LEU A 136 3.62 -0.09 -9.94
N SER A 137 3.35 0.38 -8.72
CA SER A 137 2.36 1.43 -8.51
C SER A 137 3.00 2.81 -8.69
N PRO A 138 2.16 3.82 -8.91
CA PRO A 138 2.61 5.21 -9.11
C PRO A 138 3.16 5.82 -7.83
N LYS A 139 4.46 6.07 -7.80
CA LYS A 139 5.11 6.65 -6.63
C LYS A 139 5.15 8.17 -6.75
N SER A 140 5.03 8.85 -5.60
CA SER A 140 5.05 10.31 -5.57
C SER A 140 6.12 10.82 -4.61
N GLY A 141 6.76 11.91 -4.98
CA GLY A 141 7.80 12.49 -4.15
C GLY A 141 9.19 12.06 -4.58
N PRO A 142 10.19 12.37 -3.75
CA PRO A 142 11.59 12.02 -4.02
C PRO A 142 11.85 10.52 -3.93
N SER A 143 13.03 10.11 -4.36
CA SER A 143 13.40 8.70 -4.32
C SER A 143 14.17 8.37 -3.06
N SER A 144 15.20 9.16 -2.77
CA SER A 144 16.02 8.96 -1.58
C SER A 144 16.16 10.24 -0.78
N GLY A 145 16.46 10.10 0.51
CA GLY A 145 16.61 11.27 1.37
C GLY A 145 16.92 10.89 2.80
N GLY A 1 18.56 12.72 14.99
CA GLY A 1 18.26 13.23 16.32
C GLY A 1 19.08 14.44 16.68
N SER A 2 20.37 14.24 16.92
CA SER A 2 21.27 15.33 17.28
C SER A 2 22.28 15.59 16.17
N SER A 3 22.02 16.64 15.38
CA SER A 3 22.91 16.99 14.27
C SER A 3 23.05 15.83 13.30
N GLY A 4 21.92 15.28 12.86
CA GLY A 4 21.93 14.17 11.93
C GLY A 4 20.73 14.16 11.02
N SER A 5 20.98 14.12 9.71
CA SER A 5 19.92 14.11 8.72
C SER A 5 19.77 12.74 8.08
N SER A 6 18.69 12.55 7.33
CA SER A 6 18.43 11.27 6.68
C SER A 6 17.99 11.49 5.23
N GLY A 7 18.39 10.58 4.35
CA GLY A 7 18.03 10.69 2.94
C GLY A 7 18.03 9.34 2.25
N VAL A 8 17.74 9.35 0.95
CA VAL A 8 17.71 8.13 0.16
C VAL A 8 19.10 7.80 -0.37
N THR A 9 19.75 6.82 0.26
CA THR A 9 21.08 6.41 -0.15
C THR A 9 21.26 4.90 0.03
N GLY A 10 21.73 4.24 -1.03
CA GLY A 10 21.95 2.80 -0.96
C GLY A 10 20.64 2.02 -1.00
N ASP A 11 20.54 1.09 -1.94
CA ASP A 11 19.34 0.27 -2.10
C ASP A 11 19.61 -0.95 -2.96
N ARG A 12 19.56 -2.12 -2.35
CA ARG A 12 19.82 -3.37 -3.06
C ARG A 12 18.51 -4.11 -3.32
N ALA A 13 18.20 -4.34 -4.58
CA ALA A 13 16.98 -5.04 -4.97
C ALA A 13 17.26 -6.53 -5.20
N GLY A 14 17.08 -7.33 -4.15
CA GLY A 14 17.32 -8.76 -4.28
C GLY A 14 16.27 -9.57 -3.55
N GLY A 15 16.34 -9.60 -2.22
CA GLY A 15 15.39 -10.35 -1.44
C GLY A 15 13.96 -9.97 -1.74
N ARG A 16 13.03 -10.90 -1.48
CA ARG A 16 11.62 -10.65 -1.73
C ARG A 16 11.16 -9.35 -1.09
N SER A 17 10.10 -8.76 -1.63
CA SER A 17 9.57 -7.51 -1.11
C SER A 17 8.05 -7.51 -1.11
N TRP A 18 7.46 -7.55 0.08
CA TRP A 18 6.01 -7.56 0.22
C TRP A 18 5.38 -6.42 -0.57
N CYS A 19 4.06 -6.46 -0.72
CA CYS A 19 3.33 -5.44 -1.46
C CYS A 19 1.83 -5.65 -1.33
N LEU A 20 1.06 -4.78 -2.00
CA LEU A 20 -0.40 -4.87 -1.96
C LEU A 20 -0.97 -5.05 -3.37
N ARG A 21 -1.07 -6.30 -3.80
CA ARG A 21 -1.60 -6.61 -5.12
C ARG A 21 -3.02 -6.06 -5.28
N ARG A 22 -3.18 -5.11 -6.20
CA ARG A 22 -4.49 -4.51 -6.44
C ARG A 22 -5.48 -5.55 -6.95
N VAL A 23 -6.44 -5.90 -6.10
CA VAL A 23 -7.46 -6.88 -6.47
C VAL A 23 -8.24 -6.45 -7.70
N GLY A 24 -8.34 -7.35 -8.68
CA GLY A 24 -9.06 -7.04 -9.90
C GLY A 24 -8.20 -6.30 -10.90
N MET A 25 -6.89 -6.38 -10.72
CA MET A 25 -5.95 -5.70 -11.62
C MET A 25 -4.53 -6.21 -11.41
N SER A 26 -3.73 -6.17 -12.47
CA SER A 26 -2.35 -6.63 -12.40
C SER A 26 -1.38 -5.45 -12.31
N ALA A 27 -1.93 -4.27 -12.02
CA ALA A 27 -1.12 -3.07 -11.90
C ALA A 27 -1.40 -2.34 -10.59
N GLY A 28 -0.79 -1.17 -10.42
CA GLY A 28 -0.98 -0.40 -9.20
C GLY A 28 -0.56 -1.16 -7.97
N TRP A 29 0.59 -1.81 -8.04
CA TRP A 29 1.11 -2.57 -6.91
C TRP A 29 1.95 -1.69 -5.98
N LEU A 30 1.60 -1.68 -4.71
CA LEU A 30 2.31 -0.87 -3.72
C LEU A 30 3.42 -1.68 -3.06
N LEU A 31 4.67 -1.37 -3.39
CA LEU A 31 5.81 -2.07 -2.83
C LEU A 31 5.92 -1.81 -1.32
N LEU A 32 6.34 -2.83 -0.58
CA LEU A 32 6.50 -2.71 0.86
C LEU A 32 7.91 -3.09 1.30
N GLU A 33 8.89 -2.29 0.87
CA GLU A 33 10.28 -2.53 1.22
C GLU A 33 10.45 -2.67 2.73
N ASP A 34 11.13 -3.73 3.16
CA ASP A 34 11.36 -3.98 4.57
C ASP A 34 12.08 -2.79 5.22
N GLY A 35 11.39 -2.10 6.12
CA GLY A 35 11.99 -0.96 6.79
C GLY A 35 11.70 0.34 6.07
N CYS A 36 10.69 0.34 5.21
CA CYS A 36 10.32 1.52 4.46
C CYS A 36 8.85 1.87 4.69
N GLU A 37 8.60 3.04 5.25
CA GLU A 37 7.24 3.50 5.53
C GLU A 37 6.46 3.70 4.23
N VAL A 38 5.29 3.08 4.14
CA VAL A 38 4.46 3.19 2.96
C VAL A 38 3.12 3.87 3.29
N THR A 39 2.96 5.10 2.84
CA THR A 39 1.74 5.86 3.09
C THR A 39 0.87 5.93 1.83
N VAL A 40 -0.44 5.81 2.02
CA VAL A 40 -1.37 5.86 0.90
C VAL A 40 -2.46 6.90 1.14
N GLY A 41 -2.88 7.57 0.07
CA GLY A 41 -3.92 8.58 0.19
C GLY A 41 -4.14 9.34 -1.10
N ARG A 42 -4.74 10.52 -1.00
CA ARG A 42 -5.00 11.34 -2.17
C ARG A 42 -4.16 12.61 -2.16
N GLY A 43 -3.01 12.55 -1.49
CA GLY A 43 -2.13 13.69 -1.41
C GLY A 43 -0.92 13.56 -2.32
N PHE A 44 -0.22 14.67 -2.53
CA PHE A 44 0.96 14.67 -3.39
C PHE A 44 2.24 14.50 -2.57
N GLY A 45 2.10 13.86 -1.41
CA GLY A 45 3.25 13.66 -0.55
C GLY A 45 3.45 12.19 -0.20
N VAL A 46 2.35 11.45 -0.12
CA VAL A 46 2.40 10.04 0.22
C VAL A 46 3.22 9.25 -0.81
N THR A 47 3.52 8.00 -0.50
CA THR A 47 4.31 7.16 -1.39
C THR A 47 3.47 6.68 -2.56
N TYR A 48 2.20 6.37 -2.29
CA TYR A 48 1.29 5.89 -3.33
C TYR A 48 -0.02 6.66 -3.30
N GLN A 49 -0.14 7.65 -4.19
CA GLN A 49 -1.34 8.46 -4.26
C GLN A 49 -2.43 7.76 -5.07
N LEU A 50 -3.68 8.15 -4.83
CA LEU A 50 -4.81 7.54 -5.53
C LEU A 50 -5.89 8.59 -5.81
N VAL A 51 -6.00 9.00 -7.07
CA VAL A 51 -6.99 9.99 -7.48
C VAL A 51 -7.98 9.41 -8.47
N SER A 52 -9.24 9.79 -8.35
CA SER A 52 -10.29 9.31 -9.25
C SER A 52 -11.31 10.40 -9.54
N LYS A 53 -12.34 10.05 -10.29
CA LYS A 53 -13.38 11.00 -10.65
C LYS A 53 -14.72 10.61 -10.04
N ILE A 54 -14.88 9.31 -9.77
CA ILE A 54 -16.10 8.80 -9.18
C ILE A 54 -16.27 9.28 -7.74
N CYS A 55 -15.23 9.06 -6.93
CA CYS A 55 -15.26 9.48 -5.54
C CYS A 55 -13.85 9.72 -5.01
N PRO A 56 -13.22 10.82 -5.46
CA PRO A 56 -11.86 11.19 -5.04
C PRO A 56 -11.80 11.61 -3.58
N LEU A 57 -12.94 11.94 -3.01
CA LEU A 57 -13.02 12.36 -1.61
C LEU A 57 -13.01 11.15 -0.68
N MET A 58 -13.45 10.01 -1.20
CA MET A 58 -13.49 8.77 -0.41
C MET A 58 -12.14 8.50 0.25
N ILE A 59 -11.07 8.95 -0.41
CA ILE A 59 -9.72 8.75 0.11
C ILE A 59 -9.16 10.05 0.68
N SER A 60 -8.48 9.95 1.81
CA SER A 60 -7.89 11.11 2.47
C SER A 60 -6.39 11.19 2.19
N ARG A 61 -5.78 12.30 2.59
CA ARG A 61 -4.35 12.49 2.38
C ARG A 61 -3.55 11.32 2.93
N ASN A 62 -3.94 10.85 4.12
CA ASN A 62 -3.26 9.73 4.76
C ASN A 62 -4.26 8.67 5.20
N HIS A 63 -4.93 8.04 4.24
CA HIS A 63 -5.91 7.00 4.53
C HIS A 63 -5.32 5.93 5.44
N CYS A 64 -4.06 5.60 5.20
CA CYS A 64 -3.37 4.57 5.98
C CYS A 64 -1.86 4.74 5.88
N VAL A 65 -1.15 4.04 6.76
CA VAL A 65 0.32 4.11 6.77
C VAL A 65 0.92 2.79 7.23
N LEU A 66 1.50 2.06 6.29
CA LEU A 66 2.12 0.78 6.59
C LEU A 66 3.53 0.96 7.13
N LYS A 67 3.96 0.07 8.01
CA LYS A 67 5.29 0.13 8.59
C LYS A 67 5.56 -1.08 9.49
N GLN A 68 6.82 -1.50 9.54
CA GLN A 68 7.20 -2.65 10.35
C GLN A 68 7.50 -2.22 11.79
N ASN A 69 6.67 -2.68 12.72
CA ASN A 69 6.86 -2.35 14.13
C ASN A 69 8.29 -2.64 14.58
N PRO A 70 8.69 -2.02 15.70
CA PRO A 70 10.03 -2.19 16.26
C PRO A 70 10.43 -3.66 16.36
N GLU A 71 9.43 -4.53 16.50
CA GLU A 71 9.68 -5.96 16.61
C GLU A 71 10.25 -6.52 15.32
N GLY A 72 9.74 -6.03 14.19
CA GLY A 72 10.22 -6.49 12.90
C GLY A 72 9.12 -7.11 12.06
N GLN A 73 7.88 -6.80 12.41
CA GLN A 73 6.72 -7.34 11.69
C GLN A 73 5.90 -6.21 11.06
N TRP A 74 5.38 -6.46 9.87
CA TRP A 74 4.58 -5.47 9.16
C TRP A 74 3.25 -5.25 9.87
N THR A 75 2.79 -4.00 9.88
CA THR A 75 1.53 -3.64 10.53
C THR A 75 0.88 -2.45 9.85
N ILE A 76 -0.41 -2.57 9.56
CA ILE A 76 -1.15 -1.49 8.91
C ILE A 76 -1.84 -0.61 9.93
N MET A 77 -1.56 0.69 9.88
CA MET A 77 -2.16 1.64 10.80
C MET A 77 -2.93 2.72 10.04
N ASP A 78 -4.15 2.99 10.48
CA ASP A 78 -4.99 4.01 9.85
C ASP A 78 -4.82 5.36 10.53
N ASN A 79 -4.44 6.36 9.76
CA ASN A 79 -4.23 7.70 10.29
C ASN A 79 -5.57 8.40 10.54
N LYS A 80 -6.31 7.92 11.53
CA LYS A 80 -7.61 8.48 11.88
C LYS A 80 -8.50 8.57 10.65
N SER A 81 -8.76 7.43 10.03
CA SER A 81 -9.62 7.37 8.84
C SER A 81 -11.04 7.82 9.16
N LEU A 82 -11.61 8.64 8.29
CA LEU A 82 -12.97 9.14 8.47
C LEU A 82 -13.99 8.09 8.05
N ASN A 83 -13.92 7.68 6.79
CA ASN A 83 -14.84 6.69 6.26
C ASN A 83 -14.65 5.34 6.94
N GLY A 84 -13.41 5.05 7.33
CA GLY A 84 -13.11 3.80 8.00
C GLY A 84 -12.31 2.85 7.11
N VAL A 85 -11.42 2.08 7.73
CA VAL A 85 -10.60 1.13 7.00
C VAL A 85 -10.98 -0.31 7.33
N TRP A 86 -10.98 -1.17 6.32
CA TRP A 86 -11.33 -2.57 6.52
C TRP A 86 -10.10 -3.47 6.34
N LEU A 87 -10.12 -4.62 6.99
CA LEU A 87 -9.01 -5.56 6.90
C LEU A 87 -9.49 -6.99 7.13
N ASN A 88 -9.54 -7.77 6.05
CA ASN A 88 -9.98 -9.16 6.12
C ASN A 88 -11.39 -9.25 6.71
N ARG A 89 -12.28 -8.42 6.21
CA ARG A 89 -13.66 -8.40 6.67
C ARG A 89 -13.73 -8.02 8.15
N ALA A 90 -13.01 -6.97 8.52
CA ALA A 90 -12.99 -6.51 9.91
C ALA A 90 -12.93 -4.99 9.99
N ARG A 91 -13.28 -4.45 11.14
CA ARG A 91 -13.26 -3.00 11.35
C ARG A 91 -11.98 -2.57 12.05
N LEU A 92 -11.28 -1.60 11.46
CA LEU A 92 -10.04 -1.09 12.02
C LEU A 92 -10.29 0.17 12.83
N GLU A 93 -9.39 0.47 13.76
CA GLU A 93 -9.52 1.67 14.60
C GLU A 93 -8.47 2.71 14.22
N PRO A 94 -8.72 3.96 14.61
CA PRO A 94 -7.81 5.08 14.33
C PRO A 94 -6.50 4.98 15.13
N LEU A 95 -5.39 5.19 14.45
CA LEU A 95 -4.08 5.12 15.10
C LEU A 95 -3.92 3.83 15.89
N ARG A 96 -4.08 2.70 15.19
CA ARG A 96 -3.96 1.40 15.82
C ARG A 96 -3.03 0.49 15.02
N VAL A 97 -2.49 -0.54 15.67
CA VAL A 97 -1.59 -1.48 15.02
C VAL A 97 -2.31 -2.79 14.70
N TYR A 98 -2.12 -3.27 13.47
CA TYR A 98 -2.75 -4.51 13.03
C TYR A 98 -1.77 -5.36 12.25
N SER A 99 -1.35 -6.47 12.83
CA SER A 99 -0.41 -7.38 12.19
C SER A 99 -1.04 -8.04 10.96
N ILE A 100 -0.41 -7.85 9.81
CA ILE A 100 -0.91 -8.42 8.57
C ILE A 100 -0.04 -9.60 8.11
N HIS A 101 -0.56 -10.39 7.19
CA HIS A 101 0.16 -11.54 6.67
C HIS A 101 -0.19 -11.80 5.20
N GLN A 102 0.38 -12.85 4.63
CA GLN A 102 0.13 -13.19 3.24
C GLN A 102 -1.31 -13.69 3.06
N GLY A 103 -2.10 -12.94 2.29
CA GLY A 103 -3.47 -13.30 2.05
C GLY A 103 -4.45 -12.40 2.77
N ASP A 104 -4.12 -11.11 2.85
CA ASP A 104 -4.98 -10.14 3.52
C ASP A 104 -5.76 -9.32 2.50
N TYR A 105 -6.69 -8.51 2.99
CA TYR A 105 -7.51 -7.67 2.13
C TYR A 105 -7.76 -6.31 2.77
N ILE A 106 -7.11 -5.29 2.24
CA ILE A 106 -7.25 -3.93 2.76
C ILE A 106 -8.22 -3.12 1.90
N GLN A 107 -9.24 -2.56 2.53
CA GLN A 107 -10.23 -1.75 1.82
C GLN A 107 -10.24 -0.32 2.34
N LEU A 108 -10.02 0.63 1.45
CA LEU A 108 -10.02 2.05 1.82
C LEU A 108 -11.41 2.65 1.72
N GLY A 109 -12.07 2.83 2.86
CA GLY A 109 -13.39 3.40 2.87
C GLY A 109 -14.48 2.36 2.64
N VAL A 110 -15.69 2.82 2.36
CA VAL A 110 -16.81 1.91 2.11
C VAL A 110 -17.32 2.04 0.68
N PRO A 111 -17.97 0.98 0.19
CA PRO A 111 -18.51 0.95 -1.17
C PRO A 111 -19.71 1.88 -1.34
N LEU A 112 -19.90 2.40 -2.54
CA LEU A 112 -21.00 3.30 -2.83
C LEU A 112 -22.30 2.54 -3.01
N GLU A 113 -23.42 3.26 -3.01
CA GLU A 113 -24.72 2.64 -3.18
C GLU A 113 -24.87 2.04 -4.57
N ASN A 114 -24.11 2.57 -5.52
CA ASN A 114 -24.15 2.08 -6.90
C ASN A 114 -22.88 1.32 -7.24
N LYS A 115 -22.25 0.73 -6.22
CA LYS A 115 -21.03 -0.04 -6.42
C LYS A 115 -21.12 -1.40 -5.75
N GLU A 116 -21.17 -2.45 -6.57
CA GLU A 116 -21.26 -3.81 -6.04
C GLU A 116 -20.15 -4.08 -5.03
N ASN A 117 -19.03 -3.40 -5.20
CA ASN A 117 -17.89 -3.57 -4.29
C ASN A 117 -16.93 -2.40 -4.41
N ALA A 118 -16.16 -2.16 -3.35
CA ALA A 118 -15.19 -1.07 -3.33
C ALA A 118 -14.26 -1.15 -4.54
N GLU A 119 -14.29 -0.10 -5.36
CA GLU A 119 -13.45 -0.05 -6.56
C GLU A 119 -11.96 -0.13 -6.19
N TYR A 120 -11.64 0.30 -4.98
CA TYR A 120 -10.26 0.28 -4.50
C TYR A 120 -10.04 -0.87 -3.52
N GLU A 121 -9.35 -1.91 -3.98
CA GLU A 121 -9.07 -3.06 -3.15
C GLU A 121 -7.70 -3.66 -3.48
N TYR A 122 -6.97 -4.06 -2.44
CA TYR A 122 -5.64 -4.63 -2.61
C TYR A 122 -5.55 -6.00 -1.95
N GLU A 123 -4.33 -6.54 -1.86
CA GLU A 123 -4.11 -7.84 -1.26
C GLU A 123 -2.64 -8.04 -0.92
N VAL A 124 -2.34 -8.17 0.37
CA VAL A 124 -0.97 -8.37 0.83
C VAL A 124 -0.38 -9.65 0.25
N THR A 125 0.74 -9.50 -0.46
CA THR A 125 1.41 -10.64 -1.07
C THR A 125 2.91 -10.41 -1.19
N GLU A 126 3.69 -11.47 -1.03
CA GLU A 126 5.14 -11.37 -1.11
C GLU A 126 5.62 -11.63 -2.54
N GLU A 127 6.24 -10.63 -3.14
CA GLU A 127 6.75 -10.74 -4.50
C GLU A 127 8.06 -9.99 -4.67
N ASP A 128 9.04 -10.65 -5.30
CA ASP A 128 10.35 -10.04 -5.50
C ASP A 128 10.21 -8.70 -6.22
N TRP A 129 11.20 -7.83 -6.02
CA TRP A 129 11.19 -6.51 -6.64
C TRP A 129 11.11 -6.62 -8.16
N GLU A 130 11.72 -7.66 -8.71
CA GLU A 130 11.71 -7.89 -10.15
C GLU A 130 10.33 -8.36 -10.61
N THR A 131 9.45 -8.63 -9.66
CA THR A 131 8.11 -9.09 -9.97
C THR A 131 7.10 -7.95 -9.91
N ILE A 132 7.35 -7.00 -9.01
CA ILE A 132 6.46 -5.86 -8.85
C ILE A 132 6.98 -4.65 -9.63
N TYR A 133 8.26 -4.69 -9.98
CA TYR A 133 8.88 -3.60 -10.73
C TYR A 133 8.08 -3.28 -11.99
N PRO A 134 7.88 -4.30 -12.84
CA PRO A 134 7.12 -4.14 -14.08
C PRO A 134 5.76 -3.49 -13.86
N CYS A 135 5.01 -3.99 -12.90
CA CYS A 135 3.69 -3.46 -12.59
C CYS A 135 3.72 -2.69 -11.27
N LEU A 136 4.55 -1.65 -11.21
CA LEU A 136 4.67 -0.82 -10.02
C LEU A 136 3.63 0.30 -10.03
N SER A 137 3.11 0.62 -8.85
CA SER A 137 2.12 1.69 -8.72
C SER A 137 2.73 3.05 -9.03
N PRO A 138 1.87 4.01 -9.39
CA PRO A 138 2.30 5.37 -9.71
C PRO A 138 2.79 6.13 -8.48
N LYS A 139 4.10 6.05 -8.23
CA LYS A 139 4.70 6.73 -7.08
C LYS A 139 4.75 8.24 -7.30
N SER A 140 4.30 9.00 -6.31
CA SER A 140 4.30 10.45 -6.42
C SER A 140 5.36 11.06 -5.50
N GLY A 141 6.43 10.31 -5.28
CA GLY A 141 7.50 10.80 -4.42
C GLY A 141 8.44 11.73 -5.15
N PRO A 142 9.38 12.34 -4.40
CA PRO A 142 10.35 13.28 -4.95
C PRO A 142 11.38 12.59 -5.84
N SER A 143 11.66 11.33 -5.53
CA SER A 143 12.63 10.55 -6.29
C SER A 143 11.99 9.94 -7.54
N SER A 144 10.68 9.72 -7.47
CA SER A 144 9.93 9.13 -8.58
C SER A 144 9.82 10.12 -9.74
N GLY A 145 10.13 9.66 -10.95
CA GLY A 145 10.06 10.52 -12.11
C GLY A 145 10.89 9.99 -13.27
N GLY A 1 11.74 -23.98 0.11
CA GLY A 1 11.50 -25.41 0.11
C GLY A 1 11.28 -25.96 -1.28
N SER A 2 10.81 -25.10 -2.19
CA SER A 2 10.56 -25.50 -3.56
C SER A 2 11.37 -24.66 -4.54
N SER A 3 11.39 -25.07 -5.80
CA SER A 3 12.13 -24.36 -6.84
C SER A 3 11.38 -24.38 -8.16
N GLY A 4 11.29 -23.22 -8.80
CA GLY A 4 10.60 -23.13 -10.07
C GLY A 4 10.71 -21.76 -10.71
N SER A 5 11.41 -21.68 -11.84
CA SER A 5 11.60 -20.41 -12.54
C SER A 5 11.24 -20.55 -14.02
N SER A 6 11.04 -19.42 -14.67
CA SER A 6 10.69 -19.40 -16.09
C SER A 6 11.67 -18.55 -16.89
N GLY A 7 12.09 -19.06 -18.04
CA GLY A 7 13.02 -18.33 -18.88
C GLY A 7 14.45 -18.41 -18.37
N VAL A 8 15.24 -17.38 -18.64
CA VAL A 8 16.63 -17.34 -18.20
C VAL A 8 17.00 -15.96 -17.68
N THR A 9 17.80 -15.93 -16.62
CA THR A 9 18.23 -14.67 -16.02
C THR A 9 19.60 -14.82 -15.37
N GLY A 10 20.24 -13.69 -15.09
CA GLY A 10 21.55 -13.71 -14.48
C GLY A 10 21.89 -12.39 -13.80
N ASP A 11 21.08 -11.99 -12.84
CA ASP A 11 21.29 -10.74 -12.12
C ASP A 11 20.33 -10.60 -10.95
N ARG A 12 20.85 -10.62 -9.74
CA ARG A 12 20.02 -10.49 -8.55
C ARG A 12 19.68 -9.04 -8.27
N ALA A 13 18.39 -8.74 -8.23
CA ALA A 13 17.93 -7.38 -7.97
C ALA A 13 17.41 -7.23 -6.54
N GLY A 14 17.93 -8.07 -5.64
CA GLY A 14 17.51 -8.02 -4.25
C GLY A 14 16.51 -9.13 -3.91
N GLY A 15 16.41 -9.43 -2.62
CA GLY A 15 15.49 -10.48 -2.18
C GLY A 15 14.05 -10.13 -2.46
N ARG A 16 13.14 -10.84 -1.81
CA ARG A 16 11.71 -10.61 -2.00
C ARG A 16 11.29 -9.26 -1.39
N SER A 17 10.17 -8.74 -1.87
CA SER A 17 9.66 -7.45 -1.38
C SER A 17 8.14 -7.45 -1.34
N TRP A 18 7.58 -7.46 -0.13
CA TRP A 18 6.13 -7.46 0.05
C TRP A 18 5.50 -6.33 -0.73
N CYS A 19 4.17 -6.39 -0.86
CA CYS A 19 3.43 -5.37 -1.60
C CYS A 19 1.92 -5.55 -1.42
N LEU A 20 1.15 -4.71 -2.10
CA LEU A 20 -0.30 -4.79 -2.02
C LEU A 20 -0.92 -5.00 -3.39
N ARG A 21 -0.85 -6.24 -3.88
CA ARG A 21 -1.40 -6.58 -5.19
C ARG A 21 -2.84 -6.11 -5.31
N ARG A 22 -3.07 -5.11 -6.16
CA ARG A 22 -4.41 -4.57 -6.37
C ARG A 22 -5.38 -5.67 -6.81
N VAL A 23 -6.55 -5.70 -6.18
CA VAL A 23 -7.56 -6.70 -6.50
C VAL A 23 -8.28 -6.35 -7.79
N GLY A 24 -8.46 -7.35 -8.65
CA GLY A 24 -9.13 -7.12 -9.92
C GLY A 24 -8.29 -6.34 -10.89
N MET A 25 -6.98 -6.28 -10.64
CA MET A 25 -6.06 -5.56 -11.50
C MET A 25 -4.63 -6.03 -11.28
N SER A 26 -3.87 -6.18 -12.37
CA SER A 26 -2.49 -6.62 -12.29
C SER A 26 -1.54 -5.42 -12.27
N ALA A 27 -2.08 -4.26 -11.92
CA ALA A 27 -1.27 -3.05 -11.86
C ALA A 27 -1.50 -2.30 -10.55
N GLY A 28 -0.75 -1.22 -10.34
CA GLY A 28 -0.88 -0.44 -9.14
C GLY A 28 -0.44 -1.20 -7.90
N TRP A 29 0.65 -1.95 -8.04
CA TRP A 29 1.19 -2.72 -6.93
C TRP A 29 2.05 -1.86 -6.02
N LEU A 30 1.56 -1.62 -4.80
CA LEU A 30 2.29 -0.81 -3.84
C LEU A 30 3.43 -1.59 -3.20
N LEU A 31 4.66 -1.22 -3.51
CA LEU A 31 5.83 -1.90 -2.96
C LEU A 31 5.95 -1.64 -1.46
N LEU A 32 6.24 -2.69 -0.71
CA LEU A 32 6.38 -2.58 0.74
C LEU A 32 7.81 -2.90 1.17
N GLU A 33 8.72 -1.95 0.96
CA GLU A 33 10.12 -2.12 1.32
C GLU A 33 10.27 -2.32 2.83
N ASP A 34 11.22 -3.15 3.22
CA ASP A 34 11.48 -3.42 4.62
C ASP A 34 12.13 -2.22 5.30
N GLY A 35 11.41 -1.63 6.26
CA GLY A 35 11.94 -0.48 6.96
C GLY A 35 11.59 0.83 6.28
N CYS A 36 10.57 0.80 5.42
CA CYS A 36 10.14 1.99 4.71
C CYS A 36 8.66 2.28 4.97
N GLU A 37 8.36 3.53 5.29
CA GLU A 37 6.98 3.93 5.57
C GLU A 37 6.18 4.07 4.28
N VAL A 38 5.13 3.27 4.15
CA VAL A 38 4.29 3.30 2.96
C VAL A 38 2.95 3.96 3.26
N THR A 39 2.84 5.25 2.94
CA THR A 39 1.61 5.99 3.18
C THR A 39 0.79 6.13 1.89
N VAL A 40 -0.51 5.90 2.00
CA VAL A 40 -1.40 6.01 0.84
C VAL A 40 -2.38 7.16 1.02
N GLY A 41 -2.80 7.75 -0.11
CA GLY A 41 -3.74 8.85 -0.06
C GLY A 41 -4.04 9.41 -1.44
N ARG A 42 -4.64 10.59 -1.47
CA ARG A 42 -4.99 11.23 -2.73
C ARG A 42 -4.38 12.63 -2.81
N GLY A 43 -3.20 12.79 -2.22
CA GLY A 43 -2.53 14.08 -2.24
C GLY A 43 -1.10 13.98 -2.71
N PHE A 44 -0.34 15.07 -2.56
CA PHE A 44 1.05 15.11 -2.96
C PHE A 44 1.98 15.01 -1.75
N GLY A 45 1.50 14.32 -0.71
CA GLY A 45 2.29 14.17 0.49
C GLY A 45 2.37 12.72 0.95
N VAL A 46 2.16 11.80 0.03
CA VAL A 46 2.20 10.37 0.33
C VAL A 46 3.08 9.62 -0.66
N THR A 47 3.52 8.43 -0.28
CA THR A 47 4.36 7.61 -1.13
C THR A 47 3.58 7.06 -2.31
N TYR A 48 2.30 6.80 -2.09
CA TYR A 48 1.43 6.26 -3.13
C TYR A 48 0.13 7.05 -3.23
N GLN A 49 -0.04 7.77 -4.33
CA GLN A 49 -1.24 8.57 -4.54
C GLN A 49 -2.25 7.82 -5.40
N LEU A 50 -3.54 8.01 -5.09
CA LEU A 50 -4.61 7.35 -5.83
C LEU A 50 -5.74 8.31 -6.12
N VAL A 51 -6.26 8.26 -7.36
CA VAL A 51 -7.35 9.12 -7.76
C VAL A 51 -8.30 8.40 -8.71
N SER A 52 -9.60 8.49 -8.42
CA SER A 52 -10.61 7.84 -9.26
C SER A 52 -11.74 8.81 -9.58
N LYS A 53 -12.16 8.81 -10.85
CA LYS A 53 -13.24 9.69 -11.29
C LYS A 53 -14.57 9.30 -10.62
N ILE A 54 -14.67 8.05 -10.22
CA ILE A 54 -15.88 7.55 -9.57
C ILE A 54 -16.06 8.20 -8.20
N CYS A 55 -15.23 7.80 -7.25
CA CYS A 55 -15.31 8.34 -5.90
C CYS A 55 -13.94 8.85 -5.44
N PRO A 56 -13.52 9.99 -6.00
CA PRO A 56 -12.23 10.60 -5.66
C PRO A 56 -12.20 11.16 -4.24
N LEU A 57 -13.38 11.34 -3.66
CA LEU A 57 -13.49 11.86 -2.31
C LEU A 57 -13.37 10.75 -1.28
N MET A 58 -13.67 9.53 -1.69
CA MET A 58 -13.60 8.38 -0.81
C MET A 58 -12.24 8.31 -0.11
N ILE A 59 -11.18 8.49 -0.89
CA ILE A 59 -9.82 8.45 -0.35
C ILE A 59 -9.42 9.80 0.22
N SER A 60 -8.74 9.78 1.36
CA SER A 60 -8.29 11.00 2.02
C SER A 60 -6.78 11.01 2.20
N ARG A 61 -6.21 12.20 2.34
CA ARG A 61 -4.77 12.34 2.52
C ARG A 61 -4.27 11.45 3.65
N ASN A 62 -3.36 10.54 3.33
CA ASN A 62 -2.80 9.63 4.33
C ASN A 62 -3.89 8.72 4.90
N HIS A 63 -4.68 8.12 4.02
CA HIS A 63 -5.75 7.23 4.44
C HIS A 63 -5.23 6.16 5.40
N CYS A 64 -4.03 5.65 5.13
CA CYS A 64 -3.42 4.64 5.97
C CYS A 64 -1.90 4.70 5.90
N VAL A 65 -1.24 4.02 6.82
CA VAL A 65 0.22 4.00 6.86
C VAL A 65 0.75 2.64 7.26
N LEU A 66 1.56 2.03 6.40
CA LEU A 66 2.13 0.73 6.67
C LEU A 66 3.57 0.84 7.14
N LYS A 67 3.97 -0.05 8.05
CA LYS A 67 5.33 -0.04 8.58
C LYS A 67 5.56 -1.25 9.49
N GLN A 68 6.79 -1.75 9.50
CA GLN A 68 7.14 -2.89 10.32
C GLN A 68 7.40 -2.48 11.76
N ASN A 69 6.57 -2.95 12.68
CA ASN A 69 6.70 -2.62 14.09
C ASN A 69 8.13 -2.89 14.57
N PRO A 70 8.49 -2.27 15.71
CA PRO A 70 9.83 -2.44 16.30
C PRO A 70 10.25 -3.90 16.40
N GLU A 71 9.25 -4.79 16.50
CA GLU A 71 9.52 -6.22 16.60
C GLU A 71 10.11 -6.75 15.31
N GLY A 72 9.59 -6.28 14.18
CA GLY A 72 10.08 -6.72 12.89
C GLY A 72 8.99 -7.36 12.05
N GLN A 73 7.75 -7.00 12.31
CA GLN A 73 6.61 -7.55 11.58
C GLN A 73 5.76 -6.43 11.00
N TRP A 74 5.34 -6.60 9.74
CA TRP A 74 4.53 -5.61 9.06
C TRP A 74 3.23 -5.37 9.83
N THR A 75 2.82 -4.10 9.91
CA THR A 75 1.59 -3.74 10.62
C THR A 75 0.94 -2.51 9.99
N ILE A 76 -0.31 -2.67 9.57
CA ILE A 76 -1.04 -1.58 8.95
C ILE A 76 -1.74 -0.72 9.99
N MET A 77 -1.47 0.59 9.95
CA MET A 77 -2.08 1.52 10.90
C MET A 77 -2.69 2.70 10.17
N ASP A 78 -3.98 2.95 10.40
CA ASP A 78 -4.67 4.06 9.77
C ASP A 78 -4.31 5.38 10.43
N ASN A 79 -4.36 6.46 9.67
CA ASN A 79 -4.04 7.79 10.18
C ASN A 79 -5.30 8.59 10.44
N LYS A 80 -6.06 8.17 11.45
CA LYS A 80 -7.30 8.85 11.82
C LYS A 80 -8.20 9.03 10.60
N SER A 81 -8.56 7.92 9.96
CA SER A 81 -9.43 7.96 8.79
C SER A 81 -10.81 8.47 9.15
N LEU A 82 -11.65 8.64 8.13
CA LEU A 82 -13.01 9.13 8.33
C LEU A 82 -14.02 8.00 8.20
N ASN A 83 -14.14 7.45 6.99
CA ASN A 83 -15.08 6.36 6.74
C ASN A 83 -14.65 5.10 7.47
N GLY A 84 -13.34 4.98 7.73
CA GLY A 84 -12.83 3.81 8.43
C GLY A 84 -12.10 2.85 7.50
N VAL A 85 -11.19 2.07 8.06
CA VAL A 85 -10.42 1.11 7.28
C VAL A 85 -10.87 -0.32 7.58
N TRP A 86 -10.82 -1.17 6.57
CA TRP A 86 -11.21 -2.57 6.72
C TRP A 86 -10.03 -3.50 6.49
N LEU A 87 -10.05 -4.65 7.15
CA LEU A 87 -8.98 -5.64 7.02
C LEU A 87 -9.50 -7.04 7.25
N ASN A 88 -9.85 -7.73 6.16
CA ASN A 88 -10.36 -9.09 6.25
C ASN A 88 -11.67 -9.13 7.02
N ARG A 89 -12.64 -8.33 6.57
CA ARG A 89 -13.94 -8.27 7.22
C ARG A 89 -13.81 -7.85 8.68
N ALA A 90 -12.92 -6.89 8.93
CA ALA A 90 -12.71 -6.39 10.28
C ALA A 90 -12.51 -4.88 10.29
N ARG A 91 -13.10 -4.21 11.28
CA ARG A 91 -12.99 -2.76 11.38
C ARG A 91 -11.69 -2.37 12.08
N LEU A 92 -11.01 -1.37 11.53
CA LEU A 92 -9.75 -0.90 12.09
C LEU A 92 -9.91 0.49 12.71
N GLU A 93 -9.53 0.62 13.97
CA GLU A 93 -9.63 1.89 14.68
C GLU A 93 -8.50 2.83 14.27
N PRO A 94 -8.72 4.14 14.47
CA PRO A 94 -7.74 5.17 14.13
C PRO A 94 -6.51 5.13 15.04
N LEU A 95 -5.33 5.17 14.44
CA LEU A 95 -4.09 5.15 15.20
C LEU A 95 -3.94 3.83 15.96
N ARG A 96 -4.20 2.72 15.27
CA ARG A 96 -4.10 1.41 15.88
C ARG A 96 -3.18 0.50 15.05
N VAL A 97 -2.52 -0.43 15.74
CA VAL A 97 -1.60 -1.35 15.07
C VAL A 97 -2.29 -2.70 14.81
N TYR A 98 -2.11 -3.21 13.59
CA TYR A 98 -2.71 -4.48 13.20
C TYR A 98 -1.72 -5.32 12.41
N SER A 99 -1.46 -6.53 12.90
CA SER A 99 -0.54 -7.44 12.23
C SER A 99 -1.17 -8.07 11.01
N ILE A 100 -0.51 -7.92 9.86
CA ILE A 100 -1.02 -8.46 8.60
C ILE A 100 -0.16 -9.64 8.14
N HIS A 101 -0.72 -10.46 7.26
CA HIS A 101 -0.01 -11.62 6.74
C HIS A 101 -0.46 -11.93 5.31
N GLN A 102 0.22 -12.87 4.66
CA GLN A 102 -0.11 -13.26 3.31
C GLN A 102 -1.56 -13.70 3.20
N GLY A 103 -2.30 -13.10 2.27
CA GLY A 103 -3.70 -13.44 2.09
C GLY A 103 -4.62 -12.46 2.77
N ASP A 104 -4.14 -11.26 3.02
CA ASP A 104 -4.93 -10.21 3.67
C ASP A 104 -5.62 -9.35 2.63
N TYR A 105 -6.61 -8.58 3.08
CA TYR A 105 -7.37 -7.70 2.19
C TYR A 105 -7.58 -6.33 2.83
N ILE A 106 -6.92 -5.32 2.28
CA ILE A 106 -7.04 -3.96 2.79
C ILE A 106 -8.02 -3.14 1.95
N GLN A 107 -8.97 -2.50 2.63
CA GLN A 107 -9.97 -1.68 1.94
C GLN A 107 -9.81 -0.21 2.32
N LEU A 108 -10.13 0.67 1.38
CA LEU A 108 -10.02 2.11 1.61
C LEU A 108 -11.33 2.81 1.27
N GLY A 109 -12.25 2.83 2.24
CA GLY A 109 -13.53 3.48 2.03
C GLY A 109 -14.64 2.48 1.74
N VAL A 110 -15.70 2.52 2.55
CA VAL A 110 -16.82 1.62 2.37
C VAL A 110 -17.34 1.65 0.93
N PRO A 111 -18.00 0.56 0.52
CA PRO A 111 -18.54 0.43 -0.83
C PRO A 111 -19.74 1.36 -1.06
N LEU A 112 -20.03 1.62 -2.33
CA LEU A 112 -21.14 2.49 -2.69
C LEU A 112 -22.41 1.68 -2.96
N GLU A 113 -23.54 2.37 -3.09
CA GLU A 113 -24.81 1.71 -3.35
C GLU A 113 -24.80 1.03 -4.71
N ASN A 114 -23.89 1.47 -5.58
CA ASN A 114 -23.78 0.90 -6.92
C ASN A 114 -22.62 -0.09 -6.99
N LYS A 115 -21.72 -0.01 -6.01
CA LYS A 115 -20.57 -0.90 -5.96
C LYS A 115 -20.72 -1.92 -4.84
N GLU A 116 -21.13 -3.14 -5.19
CA GLU A 116 -21.31 -4.20 -4.21
C GLU A 116 -20.05 -4.36 -3.35
N ASN A 117 -18.90 -4.08 -3.94
CA ASN A 117 -17.63 -4.19 -3.23
C ASN A 117 -16.74 -2.98 -3.49
N ALA A 118 -15.99 -2.56 -2.48
CA ALA A 118 -15.10 -1.42 -2.61
C ALA A 118 -14.19 -1.57 -3.81
N GLU A 119 -14.27 -0.62 -4.74
CA GLU A 119 -13.46 -0.64 -5.94
C GLU A 119 -11.97 -0.67 -5.59
N TYR A 120 -11.59 0.13 -4.61
CA TYR A 120 -10.20 0.20 -4.18
C TYR A 120 -9.89 -0.88 -3.16
N GLU A 121 -9.27 -1.97 -3.62
CA GLU A 121 -8.91 -3.08 -2.74
C GLU A 121 -7.59 -3.71 -3.17
N TYR A 122 -6.84 -4.21 -2.20
CA TYR A 122 -5.55 -4.85 -2.48
C TYR A 122 -5.45 -6.20 -1.79
N GLU A 123 -4.31 -6.86 -1.97
CA GLU A 123 -4.09 -8.17 -1.36
C GLU A 123 -2.62 -8.36 -1.01
N VAL A 124 -2.33 -8.42 0.29
CA VAL A 124 -0.96 -8.59 0.76
C VAL A 124 -0.34 -9.85 0.19
N THR A 125 0.77 -9.68 -0.53
CA THR A 125 1.47 -10.81 -1.14
C THR A 125 2.96 -10.53 -1.28
N GLU A 126 3.78 -11.56 -1.04
CA GLU A 126 5.22 -11.42 -1.13
C GLU A 126 5.71 -11.74 -2.54
N GLU A 127 6.41 -10.78 -3.15
CA GLU A 127 6.94 -10.96 -4.49
C GLU A 127 8.26 -10.22 -4.66
N ASP A 128 9.11 -10.74 -5.56
CA ASP A 128 10.41 -10.12 -5.81
C ASP A 128 10.24 -8.78 -6.51
N TRP A 129 11.21 -7.89 -6.31
CA TRP A 129 11.17 -6.56 -6.92
C TRP A 129 11.09 -6.67 -8.44
N GLU A 130 11.69 -7.71 -8.99
CA GLU A 130 11.69 -7.92 -10.43
C GLU A 130 10.31 -8.39 -10.91
N THR A 131 9.43 -8.66 -9.96
CA THR A 131 8.08 -9.13 -10.28
C THR A 131 7.06 -8.00 -10.16
N ILE A 132 7.33 -7.08 -9.25
CA ILE A 132 6.43 -5.94 -9.05
C ILE A 132 6.93 -4.70 -9.79
N TYR A 133 8.19 -4.74 -10.20
CA TYR A 133 8.79 -3.63 -10.93
C TYR A 133 7.97 -3.28 -12.16
N PRO A 134 7.75 -4.28 -13.03
CA PRO A 134 6.97 -4.10 -14.27
C PRO A 134 5.61 -3.48 -14.00
N CYS A 135 4.88 -4.03 -13.03
CA CYS A 135 3.57 -3.53 -12.69
C CYS A 135 3.58 -2.83 -11.34
N LEU A 136 4.39 -1.78 -11.23
CA LEU A 136 4.51 -1.02 -9.98
C LEU A 136 3.37 -0.02 -9.85
N SER A 137 3.31 0.65 -8.71
CA SER A 137 2.26 1.63 -8.45
C SER A 137 2.79 3.05 -8.66
N PRO A 138 1.86 4.00 -8.86
CA PRO A 138 2.20 5.41 -9.07
C PRO A 138 2.75 6.07 -7.82
N LYS A 139 4.07 6.29 -7.79
CA LYS A 139 4.72 6.92 -6.65
C LYS A 139 4.69 8.44 -6.77
N SER A 140 4.60 9.11 -5.63
CA SER A 140 4.56 10.58 -5.62
C SER A 140 5.53 11.13 -4.57
N GLY A 141 6.21 12.21 -4.92
CA GLY A 141 7.15 12.82 -4.00
C GLY A 141 8.45 13.23 -4.68
N PRO A 142 9.42 13.71 -3.89
CA PRO A 142 10.72 14.15 -4.40
C PRO A 142 11.57 12.98 -4.89
N SER A 143 11.20 11.77 -4.47
CA SER A 143 11.94 10.57 -4.85
C SER A 143 11.76 10.29 -6.34
N SER A 144 10.52 10.09 -6.76
CA SER A 144 10.22 9.81 -8.15
C SER A 144 9.78 11.08 -8.89
N GLY A 145 9.65 10.96 -10.20
CA GLY A 145 9.24 12.11 -11.00
C GLY A 145 10.42 12.86 -11.59
N GLY A 1 27.36 -22.91 2.22
CA GLY A 1 28.34 -21.91 1.88
C GLY A 1 28.26 -21.49 0.42
N SER A 2 27.37 -20.56 0.12
CA SER A 2 27.20 -20.08 -1.25
C SER A 2 27.35 -18.57 -1.32
N SER A 3 27.80 -18.07 -2.47
CA SER A 3 28.00 -16.64 -2.67
C SER A 3 26.71 -15.88 -2.38
N GLY A 4 26.83 -14.78 -1.66
CA GLY A 4 25.66 -13.96 -1.33
C GLY A 4 25.92 -12.49 -1.53
N SER A 5 26.00 -11.75 -0.42
CA SER A 5 26.23 -10.31 -0.48
C SER A 5 27.28 -9.89 0.55
N SER A 6 28.14 -8.95 0.16
CA SER A 6 29.18 -8.46 1.05
C SER A 6 28.59 -7.84 2.31
N GLY A 7 29.46 -7.41 3.22
CA GLY A 7 29.01 -6.80 4.45
C GLY A 7 28.70 -5.33 4.30
N VAL A 8 27.67 -5.03 3.49
CA VAL A 8 27.28 -3.64 3.26
C VAL A 8 25.95 -3.57 2.50
N THR A 9 25.11 -2.62 2.88
CA THR A 9 23.81 -2.44 2.25
C THR A 9 23.70 -1.08 1.58
N GLY A 10 23.40 -1.09 0.28
CA GLY A 10 23.28 0.16 -0.46
C GLY A 10 22.27 0.06 -1.59
N ASP A 11 22.57 -0.79 -2.57
CA ASP A 11 21.67 -0.98 -3.71
C ASP A 11 21.44 -2.46 -3.99
N ARG A 12 21.22 -3.22 -2.93
CA ARG A 12 20.98 -4.66 -3.06
C ARG A 12 19.65 -4.93 -3.73
N ALA A 13 19.69 -5.59 -4.89
CA ALA A 13 18.47 -5.91 -5.62
C ALA A 13 18.19 -7.41 -5.58
N GLY A 14 17.68 -7.88 -4.44
CA GLY A 14 17.38 -9.29 -4.29
C GLY A 14 16.37 -9.55 -3.18
N GLY A 15 16.14 -10.82 -2.88
CA GLY A 15 15.20 -11.18 -1.83
C GLY A 15 13.78 -10.75 -2.16
N ARG A 16 12.81 -11.38 -1.50
CA ARG A 16 11.41 -11.05 -1.71
C ARG A 16 11.08 -9.67 -1.18
N SER A 17 9.96 -9.11 -1.63
CA SER A 17 9.54 -7.78 -1.20
C SER A 17 8.01 -7.69 -1.15
N TRP A 18 7.46 -7.66 0.06
CA TRP A 18 6.02 -7.55 0.24
C TRP A 18 5.44 -6.41 -0.57
N CYS A 19 4.12 -6.38 -0.70
CA CYS A 19 3.44 -5.33 -1.44
C CYS A 19 1.92 -5.43 -1.28
N LEU A 20 1.20 -4.60 -2.01
CA LEU A 20 -0.25 -4.60 -1.96
C LEU A 20 -0.86 -4.91 -3.32
N ARG A 21 -0.76 -6.17 -3.73
CA ARG A 21 -1.30 -6.59 -5.01
C ARG A 21 -2.75 -6.16 -5.17
N ARG A 22 -3.00 -5.26 -6.12
CA ARG A 22 -4.35 -4.76 -6.37
C ARG A 22 -5.28 -5.90 -6.80
N VAL A 23 -6.39 -6.04 -6.07
CA VAL A 23 -7.36 -7.09 -6.37
C VAL A 23 -8.09 -6.80 -7.69
N GLY A 24 -7.93 -7.71 -8.65
CA GLY A 24 -8.58 -7.54 -9.94
C GLY A 24 -7.65 -6.96 -10.98
N MET A 25 -6.75 -6.08 -10.55
CA MET A 25 -5.79 -5.46 -11.46
C MET A 25 -4.38 -5.97 -11.20
N SER A 26 -3.67 -6.31 -12.26
CA SER A 26 -2.30 -6.81 -12.14
C SER A 26 -1.31 -5.67 -12.05
N ALA A 27 -1.82 -4.44 -12.04
CA ALA A 27 -0.98 -3.25 -11.96
C ALA A 27 -1.24 -2.48 -10.67
N GLY A 28 -0.56 -1.35 -10.51
CA GLY A 28 -0.74 -0.54 -9.31
C GLY A 28 -0.35 -1.28 -8.05
N TRP A 29 0.70 -2.08 -8.13
CA TRP A 29 1.18 -2.84 -6.99
C TRP A 29 2.04 -1.98 -6.08
N LEU A 30 1.54 -1.70 -4.88
CA LEU A 30 2.27 -0.88 -3.91
C LEU A 30 3.35 -1.70 -3.22
N LEU A 31 4.60 -1.49 -3.62
CA LEU A 31 5.73 -2.20 -3.04
C LEU A 31 5.91 -1.82 -1.57
N LEU A 32 6.22 -2.81 -0.75
CA LEU A 32 6.42 -2.59 0.69
C LEU A 32 7.85 -2.92 1.09
N GLU A 33 8.79 -2.09 0.66
CA GLU A 33 10.20 -2.30 0.99
C GLU A 33 10.41 -2.37 2.50
N ASP A 34 11.36 -3.19 2.92
CA ASP A 34 11.66 -3.36 4.33
C ASP A 34 12.31 -2.10 4.90
N GLY A 35 11.64 -1.48 5.86
CA GLY A 35 12.16 -0.27 6.47
C GLY A 35 11.76 0.98 5.72
N CYS A 36 10.74 0.86 4.86
CA CYS A 36 10.27 1.99 4.08
C CYS A 36 8.78 2.23 4.31
N GLU A 37 8.45 3.39 4.87
CA GLU A 37 7.07 3.75 5.15
C GLU A 37 6.25 3.81 3.86
N VAL A 38 5.01 3.35 3.93
CA VAL A 38 4.12 3.36 2.77
C VAL A 38 2.79 4.01 3.11
N THR A 39 2.70 5.32 2.87
CA THR A 39 1.48 6.06 3.15
C THR A 39 0.61 6.19 1.90
N VAL A 40 -0.68 5.94 2.05
CA VAL A 40 -1.62 6.03 0.94
C VAL A 40 -2.59 7.17 1.13
N GLY A 41 -2.95 7.84 0.03
CA GLY A 41 -3.88 8.95 0.10
C GLY A 41 -4.03 9.67 -1.22
N ARG A 42 -4.72 10.80 -1.21
CA ARG A 42 -4.93 11.58 -2.42
C ARG A 42 -3.95 12.75 -2.49
N GLY A 43 -3.47 13.18 -1.33
CA GLY A 43 -2.53 14.29 -1.28
C GLY A 43 -1.34 14.08 -2.21
N PHE A 44 -0.63 15.15 -2.51
CA PHE A 44 0.53 15.08 -3.39
C PHE A 44 1.83 14.98 -2.58
N GLY A 45 1.74 14.33 -1.43
CA GLY A 45 2.91 14.17 -0.58
C GLY A 45 3.15 12.72 -0.20
N VAL A 46 2.08 11.96 -0.03
CA VAL A 46 2.19 10.55 0.34
C VAL A 46 3.05 9.79 -0.67
N THR A 47 3.44 8.58 -0.29
CA THR A 47 4.27 7.73 -1.17
C THR A 47 3.46 7.25 -2.37
N TYR A 48 2.20 6.93 -2.15
CA TYR A 48 1.33 6.45 -3.22
C TYR A 48 0.05 7.27 -3.29
N GLN A 49 -0.07 8.07 -4.34
CA GLN A 49 -1.26 8.91 -4.53
C GLN A 49 -2.36 8.14 -5.23
N LEU A 50 -3.61 8.44 -4.88
CA LEU A 50 -4.76 7.77 -5.48
C LEU A 50 -5.86 8.78 -5.80
N VAL A 51 -6.37 8.72 -7.03
CA VAL A 51 -7.43 9.62 -7.45
C VAL A 51 -8.58 8.85 -8.08
N SER A 52 -9.81 9.26 -7.75
CA SER A 52 -11.00 8.60 -8.29
C SER A 52 -11.91 9.61 -8.97
N LYS A 53 -12.27 9.32 -10.22
CA LYS A 53 -13.14 10.20 -10.99
C LYS A 53 -14.54 10.24 -10.38
N ILE A 54 -14.87 9.24 -9.59
CA ILE A 54 -16.17 9.16 -8.94
C ILE A 54 -16.16 9.88 -7.60
N CYS A 55 -15.44 9.30 -6.64
CA CYS A 55 -15.35 9.88 -5.30
C CYS A 55 -13.90 10.15 -4.93
N PRO A 56 -13.32 11.21 -5.52
CA PRO A 56 -11.93 11.60 -5.26
C PRO A 56 -11.73 12.14 -3.85
N LEU A 57 -12.83 12.37 -3.14
CA LEU A 57 -12.78 12.88 -1.78
C LEU A 57 -12.75 11.75 -0.77
N MET A 58 -13.20 10.56 -1.19
CA MET A 58 -13.23 9.40 -0.32
C MET A 58 -11.86 9.18 0.33
N ILE A 59 -10.85 8.98 -0.50
CA ILE A 59 -9.50 8.75 -0.01
C ILE A 59 -8.91 10.03 0.59
N SER A 60 -8.55 9.95 1.87
CA SER A 60 -7.97 11.09 2.57
C SER A 60 -6.47 11.18 2.32
N ARG A 61 -5.87 12.30 2.72
CA ARG A 61 -4.44 12.52 2.55
C ARG A 61 -3.65 11.35 3.14
N ASN A 62 -4.09 10.85 4.29
CA ASN A 62 -3.43 9.73 4.94
C ASN A 62 -4.42 8.66 5.35
N HIS A 63 -5.08 8.07 4.36
CA HIS A 63 -6.06 7.02 4.61
C HIS A 63 -5.47 5.92 5.49
N CYS A 64 -4.18 5.67 5.32
CA CYS A 64 -3.49 4.64 6.09
C CYS A 64 -1.98 4.76 5.94
N VAL A 65 -1.25 4.14 6.86
CA VAL A 65 0.21 4.17 6.83
C VAL A 65 0.81 2.85 7.26
N LEU A 66 1.41 2.14 6.31
CA LEU A 66 2.03 0.84 6.60
C LEU A 66 3.46 1.02 7.08
N LYS A 67 3.89 0.13 7.98
CA LYS A 67 5.25 0.18 8.52
C LYS A 67 5.54 -1.04 9.39
N GLN A 68 6.80 -1.41 9.48
CA GLN A 68 7.20 -2.56 10.28
C GLN A 68 7.51 -2.15 11.72
N ASN A 69 6.71 -2.65 12.65
CA ASN A 69 6.89 -2.32 14.06
C ASN A 69 8.33 -2.58 14.50
N PRO A 70 8.72 -1.96 15.63
CA PRO A 70 10.07 -2.11 16.17
C PRO A 70 10.51 -3.57 16.25
N GLU A 71 9.54 -4.46 16.38
CA GLU A 71 9.82 -5.89 16.48
C GLU A 71 10.41 -6.41 15.16
N GLY A 72 9.85 -5.94 14.05
CA GLY A 72 10.32 -6.38 12.75
C GLY A 72 9.23 -7.03 11.93
N GLN A 73 7.98 -6.70 12.24
CA GLN A 73 6.84 -7.26 11.53
C GLN A 73 5.96 -6.15 10.95
N TRP A 74 5.43 -6.39 9.75
CA TRP A 74 4.57 -5.42 9.09
C TRP A 74 3.26 -5.26 9.84
N THR A 75 2.79 -4.01 9.92
CA THR A 75 1.53 -3.71 10.61
C THR A 75 0.84 -2.50 10.00
N ILE A 76 -0.42 -2.68 9.62
CA ILE A 76 -1.20 -1.59 9.02
C ILE A 76 -1.79 -0.68 10.09
N MET A 77 -1.53 0.61 9.96
CA MET A 77 -2.04 1.59 10.92
C MET A 77 -2.76 2.72 10.21
N ASP A 78 -4.05 2.87 10.51
CA ASP A 78 -4.86 3.91 9.89
C ASP A 78 -4.60 5.27 10.56
N ASN A 79 -4.20 6.25 9.75
CA ASN A 79 -3.91 7.59 10.25
C ASN A 79 -5.19 8.38 10.46
N LYS A 80 -6.09 7.85 11.29
CA LYS A 80 -7.36 8.51 11.58
C LYS A 80 -8.09 8.87 10.29
N SER A 81 -8.81 7.91 9.73
CA SER A 81 -9.55 8.12 8.50
C SER A 81 -11.00 8.48 8.80
N LEU A 82 -11.64 9.18 7.85
CA LEU A 82 -13.03 9.59 8.02
C LEU A 82 -13.97 8.48 7.58
N ASN A 83 -13.61 7.77 6.51
CA ASN A 83 -14.43 6.68 6.00
C ASN A 83 -14.17 5.40 6.79
N GLY A 84 -12.91 5.08 7.00
CA GLY A 84 -12.56 3.88 7.74
C GLY A 84 -11.89 2.83 6.87
N VAL A 85 -11.00 2.05 7.47
CA VAL A 85 -10.28 1.01 6.75
C VAL A 85 -10.77 -0.38 7.15
N TRP A 86 -10.89 -1.26 6.17
CA TRP A 86 -11.35 -2.63 6.41
C TRP A 86 -10.24 -3.63 6.14
N LEU A 87 -10.09 -4.60 7.04
CA LEU A 87 -9.07 -5.63 6.89
C LEU A 87 -9.66 -7.02 7.13
N ASN A 88 -9.90 -7.74 6.03
CA ASN A 88 -10.46 -9.08 6.12
C ASN A 88 -11.85 -9.05 6.74
N ARG A 89 -12.72 -8.18 6.22
CA ARG A 89 -14.07 -8.05 6.71
C ARG A 89 -14.08 -7.63 8.18
N ALA A 90 -13.17 -6.72 8.53
CA ALA A 90 -13.08 -6.22 9.90
C ALA A 90 -12.55 -4.80 9.93
N ARG A 91 -13.34 -3.89 10.50
CA ARG A 91 -12.95 -2.49 10.60
C ARG A 91 -11.79 -2.32 11.57
N LEU A 92 -10.83 -1.47 11.19
CA LEU A 92 -9.66 -1.22 12.02
C LEU A 92 -9.78 0.14 12.70
N GLU A 93 -9.38 0.20 13.97
CA GLU A 93 -9.43 1.45 14.73
C GLU A 93 -8.31 2.39 14.29
N PRO A 94 -8.49 3.69 14.60
CA PRO A 94 -7.50 4.71 14.26
C PRO A 94 -6.22 4.59 15.07
N LEU A 95 -5.08 4.67 14.38
CA LEU A 95 -3.78 4.56 15.05
C LEU A 95 -3.67 3.25 15.82
N ARG A 96 -4.15 2.17 15.21
CA ARG A 96 -4.10 0.86 15.84
C ARG A 96 -3.14 -0.07 15.10
N VAL A 97 -2.64 -1.09 15.80
CA VAL A 97 -1.72 -2.04 15.20
C VAL A 97 -2.43 -3.34 14.82
N TYR A 98 -2.28 -3.75 13.57
CA TYR A 98 -2.90 -4.96 13.08
C TYR A 98 -1.96 -5.74 12.17
N SER A 99 -1.27 -6.71 12.74
CA SER A 99 -0.33 -7.53 11.99
C SER A 99 -0.98 -8.10 10.74
N ILE A 100 -0.35 -7.88 9.59
CA ILE A 100 -0.87 -8.38 8.32
C ILE A 100 -0.03 -9.53 7.78
N HIS A 101 -0.65 -10.40 6.99
CA HIS A 101 0.04 -11.53 6.42
C HIS A 101 -0.54 -11.89 5.05
N GLN A 102 0.04 -12.91 4.41
CA GLN A 102 -0.41 -13.34 3.10
C GLN A 102 -1.86 -13.83 3.16
N GLY A 103 -2.75 -13.10 2.50
CA GLY A 103 -4.16 -13.48 2.49
C GLY A 103 -5.04 -12.46 3.19
N ASP A 104 -4.72 -11.19 3.02
CA ASP A 104 -5.48 -10.11 3.65
C ASP A 104 -6.17 -9.25 2.59
N TYR A 105 -7.05 -8.36 3.05
CA TYR A 105 -7.78 -7.48 2.14
C TYR A 105 -7.95 -6.10 2.76
N ILE A 106 -7.11 -5.16 2.34
CA ILE A 106 -7.17 -3.79 2.85
C ILE A 106 -8.11 -2.94 2.01
N GLN A 107 -9.17 -2.44 2.63
CA GLN A 107 -10.15 -1.61 1.95
C GLN A 107 -10.09 -0.17 2.46
N LEU A 108 -9.79 0.76 1.56
CA LEU A 108 -9.72 2.17 1.92
C LEU A 108 -11.07 2.85 1.79
N GLY A 109 -11.83 2.84 2.88
CA GLY A 109 -13.15 3.46 2.87
C GLY A 109 -14.26 2.46 2.56
N VAL A 110 -15.45 2.98 2.29
CA VAL A 110 -16.59 2.13 1.99
C VAL A 110 -17.07 2.35 0.55
N PRO A 111 -17.75 1.33 -0.01
CA PRO A 111 -18.27 1.40 -1.38
C PRO A 111 -19.42 2.38 -1.52
N LEU A 112 -19.43 3.13 -2.61
CA LEU A 112 -20.49 4.10 -2.87
C LEU A 112 -21.83 3.41 -3.09
N GLU A 113 -22.89 4.21 -3.15
CA GLU A 113 -24.23 3.68 -3.37
C GLU A 113 -24.37 3.12 -4.78
N ASN A 114 -23.54 3.61 -5.70
CA ASN A 114 -23.58 3.16 -7.09
C ASN A 114 -22.36 2.29 -7.40
N LYS A 115 -21.84 1.62 -6.38
CA LYS A 115 -20.68 0.75 -6.55
C LYS A 115 -20.87 -0.56 -5.79
N GLU A 116 -21.13 -1.63 -6.52
CA GLU A 116 -21.32 -2.94 -5.92
C GLU A 116 -20.17 -3.29 -4.98
N ASN A 117 -18.98 -2.77 -5.29
CA ASN A 117 -17.81 -3.03 -4.49
C ASN A 117 -16.92 -1.79 -4.41
N ALA A 118 -16.05 -1.74 -3.41
CA ALA A 118 -15.14 -0.61 -3.22
C ALA A 118 -14.37 -0.33 -4.51
N GLU A 119 -13.71 0.82 -4.54
CA GLU A 119 -12.94 1.22 -5.71
C GLU A 119 -11.50 0.69 -5.62
N TYR A 120 -10.84 0.98 -4.51
CA TYR A 120 -9.47 0.54 -4.29
C TYR A 120 -9.43 -0.69 -3.38
N GLU A 121 -8.84 -1.77 -3.88
CA GLU A 121 -8.74 -3.00 -3.11
C GLU A 121 -7.41 -3.70 -3.39
N TYR A 122 -6.74 -4.12 -2.32
CA TYR A 122 -5.45 -4.80 -2.44
C TYR A 122 -5.45 -6.09 -1.63
N GLU A 123 -4.34 -6.83 -1.73
CA GLU A 123 -4.20 -8.10 -1.01
C GLU A 123 -2.76 -8.33 -0.60
N VAL A 124 -2.51 -8.29 0.71
CA VAL A 124 -1.17 -8.49 1.24
C VAL A 124 -0.55 -9.77 0.69
N THR A 125 0.59 -9.64 0.02
CA THR A 125 1.28 -10.78 -0.55
C THR A 125 2.78 -10.53 -0.63
N GLU A 126 3.55 -11.62 -0.70
CA GLU A 126 5.01 -11.51 -0.77
C GLU A 126 5.51 -11.91 -2.15
N GLU A 127 6.10 -10.96 -2.86
CA GLU A 127 6.62 -11.21 -4.20
C GLU A 127 7.98 -10.54 -4.39
N ASP A 128 8.81 -11.13 -5.25
CA ASP A 128 10.14 -10.60 -5.52
C ASP A 128 10.05 -9.26 -6.26
N TRP A 129 11.06 -8.42 -6.07
CA TRP A 129 11.10 -7.12 -6.73
C TRP A 129 11.01 -7.26 -8.24
N GLU A 130 11.58 -8.34 -8.76
CA GLU A 130 11.57 -8.59 -10.20
C GLU A 130 10.18 -9.02 -10.66
N THR A 131 9.28 -9.24 -9.71
CA THR A 131 7.92 -9.65 -10.01
C THR A 131 6.95 -8.47 -9.96
N ILE A 132 7.25 -7.52 -9.07
CA ILE A 132 6.41 -6.34 -8.92
C ILE A 132 6.96 -5.16 -9.72
N TYR A 133 8.23 -5.27 -10.10
CA TYR A 133 8.89 -4.22 -10.87
C TYR A 133 8.10 -3.88 -12.13
N PRO A 134 7.85 -4.91 -12.96
CA PRO A 134 7.09 -4.74 -14.21
C PRO A 134 5.75 -4.05 -14.00
N CYS A 135 5.02 -4.50 -12.98
CA CYS A 135 3.71 -3.91 -12.67
C CYS A 135 3.74 -3.19 -11.33
N LEU A 136 4.58 -2.16 -11.25
CA LEU A 136 4.72 -1.38 -10.02
C LEU A 136 3.64 -0.30 -9.95
N SER A 137 3.55 0.36 -8.80
CA SER A 137 2.57 1.41 -8.60
C SER A 137 3.20 2.79 -8.79
N PRO A 138 2.35 3.80 -9.04
CA PRO A 138 2.80 5.18 -9.24
C PRO A 138 3.34 5.81 -7.96
N LYS A 139 4.63 6.10 -7.95
CA LYS A 139 5.28 6.70 -6.79
C LYS A 139 5.31 8.23 -6.92
N SER A 140 4.82 8.92 -5.89
CA SER A 140 4.80 10.37 -5.90
C SER A 140 5.98 10.95 -5.12
N GLY A 141 6.47 10.17 -4.14
CA GLY A 141 7.58 10.62 -3.33
C GLY A 141 8.92 10.19 -3.93
N PRO A 142 10.01 10.54 -3.24
CA PRO A 142 11.37 10.21 -3.68
C PRO A 142 11.66 8.72 -3.58
N SER A 143 12.89 8.34 -3.90
CA SER A 143 13.30 6.94 -3.85
C SER A 143 14.57 6.76 -3.01
N SER A 144 14.46 5.98 -1.94
CA SER A 144 15.59 5.73 -1.06
C SER A 144 15.44 4.39 -0.36
N GLY A 145 16.53 3.62 -0.33
CA GLY A 145 16.51 2.33 0.32
C GLY A 145 16.53 2.42 1.83
N GLY A 1 24.79 -12.43 -21.19
CA GLY A 1 24.28 -12.42 -19.83
C GLY A 1 23.26 -13.52 -19.59
N SER A 2 23.37 -14.19 -18.45
CA SER A 2 22.46 -15.26 -18.10
C SER A 2 21.30 -14.73 -17.26
N SER A 3 20.07 -14.93 -17.76
CA SER A 3 18.88 -14.47 -17.05
C SER A 3 18.35 -15.55 -16.13
N GLY A 4 18.53 -15.35 -14.82
CA GLY A 4 18.07 -16.33 -13.86
C GLY A 4 17.78 -15.71 -12.49
N SER A 5 16.65 -16.08 -11.90
CA SER A 5 16.26 -15.54 -10.60
C SER A 5 17.34 -15.81 -9.57
N SER A 6 17.45 -14.91 -8.59
CA SER A 6 18.46 -15.04 -7.53
C SER A 6 17.95 -15.98 -6.44
N GLY A 7 18.87 -16.76 -5.87
CA GLY A 7 18.51 -17.69 -4.82
C GLY A 7 18.82 -17.14 -3.44
N VAL A 8 19.63 -17.88 -2.68
CA VAL A 8 20.00 -17.46 -1.33
C VAL A 8 21.19 -16.51 -1.37
N THR A 9 20.90 -15.21 -1.43
CA THR A 9 21.94 -14.19 -1.47
C THR A 9 21.56 -12.99 -0.61
N GLY A 10 22.53 -12.49 0.15
CA GLY A 10 22.28 -11.34 1.01
C GLY A 10 22.52 -10.03 0.30
N ASP A 11 21.45 -9.45 -0.24
CA ASP A 11 21.54 -8.17 -0.94
C ASP A 11 20.16 -7.66 -1.34
N ARG A 12 20.11 -6.42 -1.81
CA ARG A 12 18.85 -5.82 -2.21
C ARG A 12 18.59 -6.04 -3.69
N ALA A 13 17.37 -5.71 -4.13
CA ALA A 13 16.99 -5.89 -5.53
C ALA A 13 17.13 -7.34 -5.96
N GLY A 14 17.05 -8.25 -5.01
CA GLY A 14 17.16 -9.66 -5.31
C GLY A 14 16.17 -10.51 -4.54
N GLY A 15 16.13 -10.34 -3.22
CA GLY A 15 15.22 -11.10 -2.39
C GLY A 15 13.77 -10.76 -2.66
N ARG A 16 12.88 -11.13 -1.74
CA ARG A 16 11.46 -10.86 -1.89
C ARG A 16 11.11 -9.51 -1.29
N SER A 17 10.00 -8.93 -1.76
CA SER A 17 9.54 -7.63 -1.27
C SER A 17 8.02 -7.57 -1.24
N TRP A 18 7.46 -7.61 -0.04
CA TRP A 18 6.01 -7.55 0.13
C TRP A 18 5.43 -6.36 -0.61
N CYS A 19 4.10 -6.34 -0.75
CA CYS A 19 3.42 -5.26 -1.44
C CYS A 19 1.91 -5.39 -1.30
N LEU A 20 1.18 -4.54 -2.01
CA LEU A 20 -0.28 -4.57 -1.97
C LEU A 20 -0.87 -4.83 -3.35
N ARG A 21 -0.71 -6.07 -3.82
CA ARG A 21 -1.22 -6.46 -5.13
C ARG A 21 -2.69 -6.09 -5.28
N ARG A 22 -2.96 -5.02 -6.02
CA ARG A 22 -4.32 -4.56 -6.23
C ARG A 22 -5.22 -5.70 -6.74
N VAL A 23 -6.23 -6.03 -5.95
CA VAL A 23 -7.15 -7.10 -6.32
C VAL A 23 -7.97 -6.72 -7.54
N GLY A 24 -8.00 -7.61 -8.54
CA GLY A 24 -8.75 -7.35 -9.75
C GLY A 24 -7.89 -6.79 -10.85
N MET A 25 -6.91 -5.96 -10.49
CA MET A 25 -6.01 -5.36 -11.46
C MET A 25 -4.61 -5.95 -11.36
N SER A 26 -3.92 -6.02 -12.49
CA SER A 26 -2.56 -6.57 -12.52
C SER A 26 -1.53 -5.47 -12.38
N ALA A 27 -1.98 -4.26 -12.03
CA ALA A 27 -1.09 -3.13 -11.86
C ALA A 27 -1.39 -2.39 -10.56
N GLY A 28 -0.78 -1.22 -10.39
CA GLY A 28 -0.98 -0.44 -9.19
C GLY A 28 -0.55 -1.17 -7.93
N TRP A 29 0.58 -1.86 -8.01
CA TRP A 29 1.09 -2.61 -6.87
C TRP A 29 1.95 -1.73 -5.97
N LEU A 30 1.55 -1.58 -4.72
CA LEU A 30 2.29 -0.76 -3.77
C LEU A 30 3.37 -1.58 -3.07
N LEU A 31 4.61 -1.37 -3.49
CA LEU A 31 5.75 -2.09 -2.91
C LEU A 31 5.91 -1.74 -1.43
N LEU A 32 6.22 -2.75 -0.62
CA LEU A 32 6.40 -2.56 0.82
C LEU A 32 7.82 -2.93 1.24
N GLU A 33 8.79 -2.12 0.80
CA GLU A 33 10.19 -2.36 1.15
C GLU A 33 10.37 -2.42 2.66
N ASP A 34 11.27 -3.29 3.10
CA ASP A 34 11.56 -3.44 4.52
C ASP A 34 12.19 -2.18 5.09
N GLY A 35 11.54 -1.59 6.09
CA GLY A 35 12.04 -0.38 6.70
C GLY A 35 11.69 0.86 5.91
N CYS A 36 10.69 0.75 5.04
CA CYS A 36 10.26 1.87 4.22
C CYS A 36 8.78 2.16 4.41
N GLU A 37 8.47 3.34 4.93
CA GLU A 37 7.08 3.73 5.17
C GLU A 37 6.30 3.81 3.86
N VAL A 38 5.07 3.32 3.89
CA VAL A 38 4.22 3.33 2.71
C VAL A 38 2.88 4.00 3.00
N THR A 39 2.86 5.32 2.91
CA THR A 39 1.65 6.09 3.17
C THR A 39 0.80 6.21 1.91
N VAL A 40 -0.49 5.96 2.04
CA VAL A 40 -1.41 6.04 0.92
C VAL A 40 -2.49 7.10 1.15
N GLY A 41 -2.92 7.74 0.08
CA GLY A 41 -3.95 8.77 0.19
C GLY A 41 -4.13 9.55 -1.10
N ARG A 42 -4.68 10.75 -0.99
CA ARG A 42 -4.92 11.59 -2.15
C ARG A 42 -3.86 12.69 -2.26
N GLY A 43 -3.24 13.01 -1.13
CA GLY A 43 -2.21 14.03 -1.11
C GLY A 43 -1.08 13.75 -2.07
N PHE A 44 -0.08 14.62 -2.09
CA PHE A 44 1.07 14.46 -2.97
C PHE A 44 2.28 13.94 -2.20
N GLY A 45 2.32 14.23 -0.90
CA GLY A 45 3.43 13.80 -0.07
C GLY A 45 3.40 12.31 0.19
N VAL A 46 2.23 11.70 0.02
CA VAL A 46 2.07 10.26 0.24
C VAL A 46 2.87 9.46 -0.76
N THR A 47 3.28 8.26 -0.36
CA THR A 47 4.06 7.39 -1.23
C THR A 47 3.27 7.02 -2.49
N TYR A 48 2.07 6.50 -2.29
CA TYR A 48 1.22 6.10 -3.41
C TYR A 48 -0.11 6.86 -3.38
N GLN A 49 -0.27 7.79 -4.30
CA GLN A 49 -1.50 8.58 -4.39
C GLN A 49 -2.60 7.82 -5.13
N LEU A 50 -3.84 8.05 -4.74
CA LEU A 50 -4.98 7.38 -5.36
C LEU A 50 -6.07 8.39 -5.71
N VAL A 51 -6.28 8.60 -7.01
CA VAL A 51 -7.30 9.53 -7.47
C VAL A 51 -8.29 8.84 -8.41
N SER A 52 -9.56 9.21 -8.30
CA SER A 52 -10.60 8.63 -9.13
C SER A 52 -11.45 9.71 -9.79
N LYS A 53 -12.48 9.30 -10.51
CA LYS A 53 -13.37 10.24 -11.19
C LYS A 53 -14.79 10.15 -10.62
N ILE A 54 -15.12 8.99 -10.08
CA ILE A 54 -16.45 8.78 -9.50
C ILE A 54 -16.55 9.41 -8.11
N CYS A 55 -15.87 8.80 -7.15
CA CYS A 55 -15.88 9.30 -5.78
C CYS A 55 -14.46 9.46 -5.25
N PRO A 56 -13.76 10.49 -5.73
CA PRO A 56 -12.38 10.78 -5.32
C PRO A 56 -12.30 11.27 -3.88
N LEU A 57 -13.43 11.70 -3.34
CA LEU A 57 -13.49 12.20 -1.97
C LEU A 57 -13.47 11.05 -0.97
N MET A 58 -13.87 9.87 -1.43
CA MET A 58 -13.90 8.69 -0.58
C MET A 58 -12.56 8.49 0.11
N ILE A 59 -11.48 8.91 -0.55
CA ILE A 59 -10.14 8.77 0.00
C ILE A 59 -9.62 10.11 0.52
N SER A 60 -8.97 10.08 1.68
CA SER A 60 -8.43 11.29 2.28
C SER A 60 -6.90 11.21 2.38
N ARG A 61 -6.28 12.36 2.60
CA ARG A 61 -4.82 12.42 2.73
C ARG A 61 -4.32 11.46 3.81
N ASN A 62 -3.37 10.62 3.43
CA ASN A 62 -2.80 9.65 4.38
C ASN A 62 -3.90 8.77 4.97
N HIS A 63 -4.76 8.24 4.11
CA HIS A 63 -5.85 7.37 4.55
C HIS A 63 -5.32 6.25 5.43
N CYS A 64 -4.09 5.83 5.18
CA CYS A 64 -3.47 4.75 5.94
C CYS A 64 -1.95 4.83 5.86
N VAL A 65 -1.27 4.04 6.69
CA VAL A 65 0.18 4.03 6.72
C VAL A 65 0.71 2.66 7.14
N LEU A 66 1.53 2.06 6.28
CA LEU A 66 2.10 0.74 6.56
C LEU A 66 3.54 0.87 7.07
N LYS A 67 3.91 -0.01 7.99
CA LYS A 67 5.25 0.00 8.56
C LYS A 67 5.47 -1.21 9.46
N GLN A 68 6.72 -1.67 9.52
CA GLN A 68 7.06 -2.82 10.34
C GLN A 68 7.31 -2.42 11.79
N ASN A 69 6.46 -2.88 12.70
CA ASN A 69 6.59 -2.56 14.11
C ASN A 69 8.01 -2.85 14.60
N PRO A 70 8.38 -2.24 15.75
CA PRO A 70 9.70 -2.42 16.35
C PRO A 70 10.09 -3.89 16.46
N GLU A 71 9.09 -4.76 16.55
CA GLU A 71 9.33 -6.20 16.67
C GLU A 71 9.94 -6.74 15.38
N GLY A 72 9.46 -6.25 14.24
CA GLY A 72 9.98 -6.71 12.96
C GLY A 72 8.91 -7.33 12.10
N GLN A 73 7.65 -6.98 12.36
CA GLN A 73 6.53 -7.52 11.61
C GLN A 73 5.70 -6.40 10.98
N TRP A 74 5.29 -6.59 9.73
CA TRP A 74 4.50 -5.60 9.03
C TRP A 74 3.15 -5.39 9.72
N THR A 75 2.75 -4.13 9.83
CA THR A 75 1.48 -3.79 10.47
C THR A 75 0.83 -2.57 9.81
N ILE A 76 -0.48 -2.63 9.61
CA ILE A 76 -1.21 -1.53 8.99
C ILE A 76 -1.81 -0.61 10.06
N MET A 77 -1.49 0.67 9.97
CA MET A 77 -2.00 1.65 10.91
C MET A 77 -2.75 2.77 10.19
N ASP A 78 -3.91 3.14 10.71
CA ASP A 78 -4.71 4.20 10.11
C ASP A 78 -4.32 5.57 10.67
N ASN A 79 -4.23 6.55 9.78
CA ASN A 79 -3.84 7.91 10.19
C ASN A 79 -5.08 8.75 10.50
N LYS A 80 -5.89 8.26 11.44
CA LYS A 80 -7.11 8.96 11.83
C LYS A 80 -7.97 9.30 10.61
N SER A 81 -8.43 8.27 9.93
CA SER A 81 -9.27 8.45 8.74
C SER A 81 -10.74 8.63 9.12
N LEU A 82 -11.54 9.08 8.17
CA LEU A 82 -12.96 9.28 8.40
C LEU A 82 -13.76 8.05 8.04
N ASN A 83 -13.74 7.68 6.77
CA ASN A 83 -14.46 6.50 6.30
C ASN A 83 -14.09 5.26 7.12
N GLY A 84 -12.80 5.12 7.41
CA GLY A 84 -12.35 3.97 8.19
C GLY A 84 -11.54 3.00 7.36
N VAL A 85 -10.63 2.28 8.02
CA VAL A 85 -9.78 1.32 7.34
C VAL A 85 -10.25 -0.11 7.63
N TRP A 86 -10.44 -0.89 6.58
CA TRP A 86 -10.88 -2.27 6.72
C TRP A 86 -9.75 -3.24 6.39
N LEU A 87 -9.69 -4.35 7.11
CA LEU A 87 -8.66 -5.36 6.90
C LEU A 87 -9.21 -6.77 7.16
N ASN A 88 -9.42 -7.51 6.08
CA ASN A 88 -9.94 -8.88 6.19
C ASN A 88 -11.30 -8.89 6.89
N ARG A 89 -12.20 -8.04 6.43
CA ARG A 89 -13.54 -7.96 7.01
C ARG A 89 -13.46 -7.55 8.48
N ALA A 90 -12.65 -6.54 8.78
CA ALA A 90 -12.49 -6.07 10.15
C ALA A 90 -12.23 -4.56 10.17
N ARG A 91 -12.86 -3.88 11.12
CA ARG A 91 -12.70 -2.44 11.26
C ARG A 91 -11.44 -2.11 12.05
N LEU A 92 -10.57 -1.29 11.46
CA LEU A 92 -9.32 -0.90 12.11
C LEU A 92 -9.46 0.47 12.76
N GLU A 93 -9.15 0.53 14.06
CA GLU A 93 -9.24 1.79 14.79
C GLU A 93 -8.14 2.75 14.37
N PRO A 94 -8.35 4.04 14.66
CA PRO A 94 -7.38 5.10 14.31
C PRO A 94 -6.10 5.01 15.14
N LEU A 95 -4.96 5.21 14.49
CA LEU A 95 -3.67 5.15 15.17
C LEU A 95 -3.50 3.83 15.91
N ARG A 96 -3.95 2.75 15.28
CA ARG A 96 -3.85 1.42 15.87
C ARG A 96 -2.97 0.50 15.02
N VAL A 97 -2.50 -0.58 15.63
CA VAL A 97 -1.64 -1.53 14.93
C VAL A 97 -2.41 -2.81 14.60
N TYR A 98 -2.29 -3.26 13.36
CA TYR A 98 -2.96 -4.48 12.92
C TYR A 98 -2.06 -5.32 12.02
N SER A 99 -1.37 -6.28 12.62
CA SER A 99 -0.46 -7.15 11.88
C SER A 99 -1.18 -7.79 10.69
N ILE A 100 -0.49 -7.86 9.57
CA ILE A 100 -1.06 -8.46 8.36
C ILE A 100 -0.26 -9.68 7.92
N HIS A 101 -0.95 -10.66 7.35
CA HIS A 101 -0.31 -11.88 6.88
C HIS A 101 -0.66 -12.16 5.42
N GLN A 102 0.11 -13.03 4.79
CA GLN A 102 -0.13 -13.38 3.38
C GLN A 102 -1.57 -13.80 3.17
N GLY A 103 -2.27 -13.07 2.31
CA GLY A 103 -3.66 -13.38 2.02
C GLY A 103 -4.62 -12.39 2.66
N ASP A 104 -4.11 -11.22 3.02
CA ASP A 104 -4.92 -10.19 3.65
C ASP A 104 -5.66 -9.36 2.60
N TYR A 105 -6.59 -8.52 3.05
CA TYR A 105 -7.36 -7.67 2.16
C TYR A 105 -7.59 -6.29 2.76
N ILE A 106 -6.94 -5.29 2.19
CA ILE A 106 -7.07 -3.92 2.68
C ILE A 106 -8.06 -3.13 1.82
N GLN A 107 -9.08 -2.59 2.46
CA GLN A 107 -10.09 -1.80 1.76
C GLN A 107 -10.12 -0.36 2.26
N LEU A 108 -9.82 0.58 1.36
CA LEU A 108 -9.81 1.99 1.73
C LEU A 108 -11.20 2.60 1.58
N GLY A 109 -11.87 2.78 2.72
CA GLY A 109 -13.20 3.35 2.70
C GLY A 109 -14.29 2.31 2.68
N VAL A 110 -15.48 2.68 2.21
CA VAL A 110 -16.60 1.77 2.14
C VAL A 110 -17.30 1.84 0.79
N PRO A 111 -17.99 0.76 0.41
CA PRO A 111 -18.71 0.68 -0.86
C PRO A 111 -19.93 1.59 -0.90
N LEU A 112 -20.19 2.18 -2.05
CA LEU A 112 -21.33 3.08 -2.22
C LEU A 112 -22.64 2.31 -2.19
N GLU A 113 -23.75 3.03 -2.08
CA GLU A 113 -25.06 2.41 -2.05
C GLU A 113 -25.40 1.75 -3.38
N ASN A 114 -24.72 2.19 -4.44
CA ASN A 114 -24.95 1.65 -5.77
C ASN A 114 -23.83 0.68 -6.16
N LYS A 115 -22.73 0.73 -5.41
CA LYS A 115 -21.58 -0.13 -5.67
C LYS A 115 -21.51 -1.26 -4.64
N GLU A 116 -21.61 -2.49 -5.12
CA GLU A 116 -21.55 -3.66 -4.25
C GLU A 116 -20.27 -3.66 -3.41
N ASN A 117 -19.13 -3.73 -4.08
CA ASN A 117 -17.84 -3.75 -3.40
C ASN A 117 -17.06 -2.47 -3.70
N ALA A 118 -16.14 -2.12 -2.80
CA ALA A 118 -15.33 -0.92 -2.96
C ALA A 118 -14.61 -0.93 -4.30
N GLU A 119 -13.96 0.18 -4.63
CA GLU A 119 -13.22 0.29 -5.88
C GLU A 119 -11.74 0.03 -5.67
N TYR A 120 -11.21 0.50 -4.53
CA TYR A 120 -9.81 0.31 -4.21
C TYR A 120 -9.62 -0.89 -3.28
N GLU A 121 -9.03 -1.96 -3.83
CA GLU A 121 -8.78 -3.17 -3.05
C GLU A 121 -7.40 -3.74 -3.36
N TYR A 122 -6.77 -4.32 -2.35
CA TYR A 122 -5.44 -4.91 -2.51
C TYR A 122 -5.36 -6.26 -1.80
N GLU A 123 -4.18 -6.88 -1.85
CA GLU A 123 -3.96 -8.16 -1.22
C GLU A 123 -2.50 -8.33 -0.81
N VAL A 124 -2.25 -8.35 0.49
CA VAL A 124 -0.90 -8.50 1.01
C VAL A 124 -0.25 -9.78 0.48
N THR A 125 0.79 -9.61 -0.34
CA THR A 125 1.50 -10.75 -0.92
C THR A 125 2.99 -10.49 -0.97
N GLU A 126 3.78 -11.56 -0.86
CA GLU A 126 5.24 -11.44 -0.91
C GLU A 126 5.77 -11.79 -2.29
N GLU A 127 6.12 -10.75 -3.06
CA GLU A 127 6.64 -10.95 -4.40
C GLU A 127 8.00 -10.29 -4.56
N ASP A 128 8.84 -10.83 -5.44
CA ASP A 128 10.16 -10.29 -5.69
C ASP A 128 10.08 -8.93 -6.37
N TRP A 129 11.09 -8.10 -6.16
CA TRP A 129 11.14 -6.77 -6.76
C TRP A 129 11.05 -6.86 -8.27
N GLU A 130 11.63 -7.90 -8.85
CA GLU A 130 11.61 -8.10 -10.29
C GLU A 130 10.23 -8.53 -10.77
N THR A 131 9.34 -8.79 -9.81
CA THR A 131 7.98 -9.22 -10.14
C THR A 131 7.01 -8.04 -10.06
N ILE A 132 7.28 -7.12 -9.14
CA ILE A 132 6.42 -5.95 -8.96
C ILE A 132 6.97 -4.75 -9.72
N TYR A 133 8.26 -4.81 -10.06
CA TYR A 133 8.90 -3.72 -10.78
C TYR A 133 8.12 -3.35 -12.03
N PRO A 134 7.89 -4.35 -12.90
CA PRO A 134 7.14 -4.15 -14.14
C PRO A 134 5.80 -3.47 -13.92
N CYS A 135 5.04 -3.97 -12.95
CA CYS A 135 3.73 -3.40 -12.63
C CYS A 135 3.77 -2.67 -11.30
N LEU A 136 4.62 -1.65 -11.20
CA LEU A 136 4.75 -0.86 -9.99
C LEU A 136 3.77 0.31 -9.99
N SER A 137 3.05 0.47 -8.89
CA SER A 137 2.08 1.55 -8.76
C SER A 137 2.75 2.90 -8.96
N PRO A 138 1.94 3.92 -9.28
CA PRO A 138 2.43 5.28 -9.51
C PRO A 138 2.91 5.94 -8.22
N LYS A 139 4.23 6.05 -8.07
CA LYS A 139 4.82 6.66 -6.88
C LYS A 139 4.83 8.19 -7.00
N SER A 140 3.91 8.83 -6.31
CA SER A 140 3.81 10.29 -6.34
C SER A 140 5.04 10.93 -5.70
N GLY A 141 5.44 12.08 -6.22
CA GLY A 141 6.60 12.78 -5.69
C GLY A 141 7.73 12.91 -6.70
N PRO A 142 8.88 13.41 -6.25
CA PRO A 142 10.05 13.60 -7.11
C PRO A 142 10.68 12.27 -7.52
N SER A 143 11.60 12.34 -8.47
CA SER A 143 12.28 11.14 -8.97
C SER A 143 13.56 10.89 -8.19
N SER A 144 13.46 10.12 -7.10
CA SER A 144 14.61 9.81 -6.27
C SER A 144 15.20 11.08 -5.66
N GLY A 145 14.34 12.07 -5.44
CA GLY A 145 14.79 13.32 -4.85
C GLY A 145 14.74 13.31 -3.34
N GLY A 1 11.31 32.29 -23.90
CA GLY A 1 12.02 31.32 -23.10
C GLY A 1 12.00 29.94 -23.71
N SER A 2 12.66 28.99 -23.05
CA SER A 2 12.72 27.61 -23.54
C SER A 2 12.05 26.66 -22.57
N SER A 3 11.59 25.51 -23.08
CA SER A 3 10.92 24.51 -22.26
C SER A 3 11.65 23.18 -22.33
N GLY A 4 12.24 22.77 -21.22
CA GLY A 4 12.96 21.51 -21.18
C GLY A 4 12.27 20.46 -20.33
N SER A 5 12.52 19.20 -20.61
CA SER A 5 11.92 18.11 -19.86
C SER A 5 12.74 16.82 -20.00
N SER A 6 12.63 15.95 -19.00
CA SER A 6 13.36 14.69 -19.01
C SER A 6 12.70 13.66 -18.11
N GLY A 7 13.32 12.50 -17.97
CA GLY A 7 12.77 11.45 -17.13
C GLY A 7 13.84 10.51 -16.59
N VAL A 8 13.44 9.62 -15.70
CA VAL A 8 14.37 8.66 -15.12
C VAL A 8 13.72 7.29 -14.94
N THR A 9 14.51 6.31 -14.52
CA THR A 9 14.00 4.96 -14.30
C THR A 9 14.85 4.22 -13.26
N GLY A 10 14.22 3.27 -12.58
CA GLY A 10 14.92 2.50 -11.57
C GLY A 10 15.12 1.06 -11.97
N ASP A 11 16.36 0.58 -11.91
CA ASP A 11 16.67 -0.79 -12.27
C ASP A 11 17.15 -1.58 -11.06
N ARG A 12 16.40 -1.47 -9.96
CA ARG A 12 16.75 -2.17 -8.72
C ARG A 12 16.58 -3.68 -8.89
N ALA A 13 16.98 -4.43 -7.88
CA ALA A 13 16.87 -5.88 -7.90
C ALA A 13 17.36 -6.50 -6.60
N GLY A 14 16.77 -7.63 -6.23
CA GLY A 14 17.16 -8.30 -5.01
C GLY A 14 16.22 -9.43 -4.64
N GLY A 15 16.24 -9.83 -3.37
CA GLY A 15 15.36 -10.90 -2.91
C GLY A 15 13.90 -10.55 -3.02
N ARG A 16 13.07 -11.22 -2.23
CA ARG A 16 11.63 -10.97 -2.25
C ARG A 16 11.31 -9.61 -1.65
N SER A 17 10.19 -9.04 -2.07
CA SER A 17 9.76 -7.73 -1.57
C SER A 17 8.25 -7.65 -1.47
N TRP A 18 7.74 -7.62 -0.25
CA TRP A 18 6.30 -7.55 -0.01
C TRP A 18 5.68 -6.40 -0.78
N CYS A 19 4.36 -6.40 -0.86
CA CYS A 19 3.65 -5.34 -1.58
C CYS A 19 2.14 -5.47 -1.37
N LEU A 20 1.37 -4.64 -2.08
CA LEU A 20 -0.08 -4.67 -1.97
C LEU A 20 -0.72 -4.97 -3.32
N ARG A 21 -0.66 -6.23 -3.73
CA ARG A 21 -1.25 -6.66 -5.00
C ARG A 21 -2.69 -6.18 -5.12
N ARG A 22 -2.99 -5.46 -6.20
CA ARG A 22 -4.33 -4.95 -6.43
C ARG A 22 -5.26 -6.07 -6.90
N VAL A 23 -6.48 -6.08 -6.38
CA VAL A 23 -7.46 -7.09 -6.74
C VAL A 23 -8.22 -6.69 -8.00
N GLY A 24 -8.56 -7.68 -8.82
CA GLY A 24 -9.30 -7.41 -10.05
C GLY A 24 -8.44 -6.71 -11.08
N MET A 25 -7.14 -6.61 -10.80
CA MET A 25 -6.21 -5.96 -11.73
C MET A 25 -4.76 -6.22 -11.31
N SER A 26 -3.94 -6.61 -12.27
CA SER A 26 -2.53 -6.89 -12.00
C SER A 26 -1.68 -5.64 -12.18
N ALA A 27 -2.13 -4.53 -11.60
CA ALA A 27 -1.41 -3.27 -11.70
C ALA A 27 -1.54 -2.47 -10.40
N GLY A 28 -0.80 -1.37 -10.32
CA GLY A 28 -0.85 -0.54 -9.13
C GLY A 28 -0.40 -1.28 -7.89
N TRP A 29 0.56 -2.17 -8.06
CA TRP A 29 1.08 -2.96 -6.94
C TRP A 29 1.97 -2.10 -6.04
N LEU A 30 1.41 -1.65 -4.92
CA LEU A 30 2.15 -0.82 -3.98
C LEU A 30 3.28 -1.61 -3.33
N LEU A 31 4.51 -1.26 -3.68
CA LEU A 31 5.69 -1.94 -3.14
C LEU A 31 5.82 -1.67 -1.64
N LEU A 32 6.06 -2.74 -0.88
CA LEU A 32 6.19 -2.62 0.57
C LEU A 32 7.63 -2.94 1.00
N GLU A 33 8.55 -2.04 0.67
CA GLU A 33 9.96 -2.23 1.03
C GLU A 33 10.12 -2.45 2.52
N ASP A 34 10.81 -3.54 2.88
CA ASP A 34 11.03 -3.87 4.28
C ASP A 34 11.74 -2.73 5.01
N GLY A 35 11.05 -2.14 5.98
CA GLY A 35 11.64 -1.04 6.74
C GLY A 35 11.38 0.29 6.09
N CYS A 36 10.41 0.35 5.19
CA CYS A 36 10.08 1.59 4.49
C CYS A 36 8.60 1.93 4.67
N GLU A 37 8.34 3.05 5.33
CA GLU A 37 6.97 3.49 5.59
C GLU A 37 6.24 3.76 4.27
N VAL A 38 5.03 3.22 4.15
CA VAL A 38 4.23 3.40 2.94
C VAL A 38 2.93 4.13 3.25
N THR A 39 2.89 5.42 2.90
CA THR A 39 1.70 6.23 3.15
C THR A 39 0.87 6.40 1.87
N VAL A 40 -0.43 6.17 1.98
CA VAL A 40 -1.32 6.31 0.84
C VAL A 40 -2.37 7.39 1.08
N GLY A 41 -2.82 8.03 0.00
CA GLY A 41 -3.81 9.08 0.11
C GLY A 41 -3.92 9.91 -1.15
N ARG A 42 -4.40 11.14 -1.01
CA ARG A 42 -4.56 12.04 -2.14
C ARG A 42 -3.85 13.36 -1.90
N GLY A 43 -2.67 13.29 -1.30
CA GLY A 43 -1.90 14.49 -1.01
C GLY A 43 -0.65 14.59 -1.85
N PHE A 44 0.07 15.70 -1.72
CA PHE A 44 1.30 15.92 -2.47
C PHE A 44 2.52 15.60 -1.61
N GLY A 45 2.77 14.31 -1.41
CA GLY A 45 3.90 13.89 -0.60
C GLY A 45 3.90 12.41 -0.29
N VAL A 46 2.69 11.86 -0.11
CA VAL A 46 2.54 10.44 0.19
C VAL A 46 3.28 9.58 -0.82
N THR A 47 3.79 8.44 -0.36
CA THR A 47 4.53 7.53 -1.23
C THR A 47 3.65 7.04 -2.38
N TYR A 48 2.35 7.04 -2.16
CA TYR A 48 1.40 6.60 -3.18
C TYR A 48 0.15 7.47 -3.18
N GLN A 49 -0.16 8.05 -4.33
CA GLN A 49 -1.33 8.91 -4.48
C GLN A 49 -2.46 8.18 -5.18
N LEU A 50 -3.70 8.51 -4.83
CA LEU A 50 -4.86 7.88 -5.43
C LEU A 50 -6.00 8.90 -5.61
N VAL A 51 -6.35 9.16 -6.87
CA VAL A 51 -7.42 10.11 -7.17
C VAL A 51 -8.48 9.47 -8.06
N SER A 52 -9.73 9.81 -7.82
CA SER A 52 -10.84 9.27 -8.60
C SER A 52 -11.72 10.40 -9.15
N LYS A 53 -11.89 10.41 -10.46
CA LYS A 53 -12.71 11.43 -11.12
C LYS A 53 -14.16 11.33 -10.67
N ILE A 54 -14.57 10.15 -10.26
CA ILE A 54 -15.93 9.91 -9.80
C ILE A 54 -16.09 10.30 -8.33
N CYS A 55 -15.38 9.60 -7.46
CA CYS A 55 -15.45 9.89 -6.03
C CYS A 55 -14.07 10.19 -5.47
N PRO A 56 -13.54 11.38 -5.79
CA PRO A 56 -12.22 11.82 -5.33
C PRO A 56 -12.19 12.10 -3.83
N LEU A 57 -13.38 12.26 -3.24
CA LEU A 57 -13.48 12.53 -1.81
C LEU A 57 -13.40 11.24 -1.00
N MET A 58 -13.72 10.12 -1.65
CA MET A 58 -13.67 8.82 -0.99
C MET A 58 -12.33 8.60 -0.30
N ILE A 59 -11.27 9.08 -0.93
CA ILE A 59 -9.92 8.93 -0.38
C ILE A 59 -9.41 10.25 0.18
N SER A 60 -8.91 10.21 1.40
CA SER A 60 -8.39 11.41 2.05
C SER A 60 -6.87 11.31 2.23
N ARG A 61 -6.24 12.47 2.41
CA ARG A 61 -4.79 12.52 2.59
C ARG A 61 -4.35 11.57 3.70
N ASN A 62 -3.34 10.76 3.41
CA ASN A 62 -2.82 9.80 4.37
C ASN A 62 -3.93 8.90 4.91
N HIS A 63 -4.74 8.38 3.99
CA HIS A 63 -5.84 7.49 4.36
C HIS A 63 -5.36 6.35 5.25
N CYS A 64 -4.11 5.95 5.05
CA CYS A 64 -3.53 4.87 5.82
C CYS A 64 -2.00 4.97 5.84
N VAL A 65 -1.37 4.17 6.70
CA VAL A 65 0.09 4.17 6.81
C VAL A 65 0.61 2.80 7.21
N LEU A 66 1.35 2.16 6.31
CA LEU A 66 1.91 0.84 6.58
C LEU A 66 3.34 0.95 7.11
N LYS A 67 3.70 0.04 8.00
CA LYS A 67 5.04 0.02 8.58
C LYS A 67 5.26 -1.22 9.42
N GLN A 68 6.51 -1.66 9.53
CA GLN A 68 6.85 -2.84 10.31
C GLN A 68 7.16 -2.47 11.75
N ASN A 69 6.37 -3.00 12.67
CA ASN A 69 6.57 -2.72 14.10
C ASN A 69 8.01 -2.98 14.51
N PRO A 70 8.41 -2.41 15.65
CA PRO A 70 9.77 -2.55 16.19
C PRO A 70 10.21 -4.02 16.23
N GLU A 71 9.24 -4.91 16.34
CA GLU A 71 9.52 -6.34 16.40
C GLU A 71 10.10 -6.85 15.08
N GLY A 72 9.60 -6.30 13.98
CA GLY A 72 10.07 -6.70 12.66
C GLY A 72 8.98 -7.31 11.82
N GLN A 73 7.72 -6.99 12.14
CA GLN A 73 6.59 -7.52 11.41
C GLN A 73 5.72 -6.39 10.87
N TRP A 74 5.25 -6.54 9.64
CA TRP A 74 4.41 -5.54 9.00
C TRP A 74 3.14 -5.31 9.80
N THR A 75 2.69 -4.06 9.86
CA THR A 75 1.48 -3.72 10.59
C THR A 75 0.77 -2.52 9.95
N ILE A 76 -0.51 -2.71 9.62
CA ILE A 76 -1.30 -1.65 9.01
C ILE A 76 -1.90 -0.73 10.07
N MET A 77 -1.72 0.57 9.87
CA MET A 77 -2.25 1.57 10.81
C MET A 77 -2.93 2.71 10.06
N ASP A 78 -4.17 2.99 10.44
CA ASP A 78 -4.94 4.06 9.80
C ASP A 78 -4.63 5.40 10.46
N ASN A 79 -4.24 6.38 9.64
CA ASN A 79 -3.91 7.72 10.15
C ASN A 79 -5.19 8.54 10.34
N LYS A 80 -6.08 8.04 11.18
CA LYS A 80 -7.34 8.74 11.46
C LYS A 80 -8.06 9.09 10.17
N SER A 81 -8.64 8.09 9.52
CA SER A 81 -9.37 8.31 8.27
C SER A 81 -10.81 8.73 8.54
N LEU A 82 -11.49 9.16 7.49
CA LEU A 82 -12.89 9.60 7.61
C LEU A 82 -13.84 8.47 7.24
N ASN A 83 -13.55 7.80 6.12
CA ASN A 83 -14.38 6.70 5.65
C ASN A 83 -14.12 5.43 6.45
N GLY A 84 -12.85 5.18 6.75
CA GLY A 84 -12.49 4.00 7.52
C GLY A 84 -11.77 2.96 6.68
N VAL A 85 -11.01 2.09 7.35
CA VAL A 85 -10.27 1.05 6.65
C VAL A 85 -10.78 -0.34 7.04
N TRP A 86 -10.74 -1.26 6.10
CA TRP A 86 -11.19 -2.63 6.33
C TRP A 86 -10.05 -3.62 6.17
N LEU A 87 -9.92 -4.53 7.12
CA LEU A 87 -8.86 -5.54 7.08
C LEU A 87 -9.44 -6.94 7.25
N ASN A 88 -9.48 -7.69 6.16
CA ASN A 88 -10.00 -9.05 6.18
C ASN A 88 -11.46 -9.06 6.66
N ARG A 89 -12.30 -8.28 5.99
CA ARG A 89 -13.71 -8.20 6.35
C ARG A 89 -13.87 -7.80 7.82
N ALA A 90 -13.12 -6.80 8.24
CA ALA A 90 -13.18 -6.32 9.61
C ALA A 90 -12.70 -4.88 9.72
N ARG A 91 -13.58 -3.99 10.20
CA ARG A 91 -13.25 -2.58 10.34
C ARG A 91 -12.14 -2.39 11.38
N LEU A 92 -11.27 -1.42 11.14
CA LEU A 92 -10.18 -1.13 12.05
C LEU A 92 -10.38 0.21 12.75
N GLU A 93 -9.53 0.50 13.74
CA GLU A 93 -9.63 1.75 14.48
C GLU A 93 -8.50 2.70 14.10
N PRO A 94 -8.69 3.99 14.38
CA PRO A 94 -7.70 5.03 14.08
C PRO A 94 -6.45 4.91 14.95
N LEU A 95 -5.28 4.95 14.30
CA LEU A 95 -4.02 4.85 15.02
C LEU A 95 -3.93 3.53 15.78
N ARG A 96 -4.23 2.43 15.11
CA ARG A 96 -4.18 1.11 15.71
C ARG A 96 -3.19 0.21 14.98
N VAL A 97 -2.67 -0.79 15.69
CA VAL A 97 -1.72 -1.73 15.11
C VAL A 97 -2.39 -3.06 14.77
N TYR A 98 -2.18 -3.53 13.54
CA TYR A 98 -2.75 -4.78 13.10
C TYR A 98 -1.78 -5.55 12.21
N SER A 99 -1.20 -6.62 12.77
CA SER A 99 -0.24 -7.43 12.03
C SER A 99 -0.88 -8.01 10.77
N ILE A 100 -0.25 -7.75 9.63
CA ILE A 100 -0.75 -8.24 8.34
C ILE A 100 0.16 -9.32 7.78
N HIS A 101 -0.44 -10.33 7.16
CA HIS A 101 0.32 -11.42 6.56
C HIS A 101 -0.23 -11.79 5.19
N GLN A 102 0.33 -12.84 4.60
CA GLN A 102 -0.11 -13.29 3.28
C GLN A 102 -1.54 -13.80 3.32
N GLY A 103 -2.45 -13.07 2.69
CA GLY A 103 -3.84 -13.46 2.67
C GLY A 103 -4.75 -12.41 3.29
N ASP A 104 -4.26 -11.19 3.39
CA ASP A 104 -5.03 -10.10 3.97
C ASP A 104 -5.68 -9.25 2.88
N TYR A 105 -6.58 -8.36 3.29
CA TYR A 105 -7.27 -7.50 2.35
C TYR A 105 -7.46 -6.09 2.93
N ILE A 106 -6.75 -5.13 2.37
CA ILE A 106 -6.83 -3.75 2.84
C ILE A 106 -7.77 -2.93 1.95
N GLN A 107 -8.80 -2.36 2.56
CA GLN A 107 -9.77 -1.55 1.83
C GLN A 107 -9.77 -0.11 2.34
N LEU A 108 -9.49 0.83 1.45
CA LEU A 108 -9.47 2.24 1.81
C LEU A 108 -10.83 2.89 1.57
N GLY A 109 -11.64 2.96 2.63
CA GLY A 109 -12.96 3.55 2.50
C GLY A 109 -14.06 2.52 2.38
N VAL A 110 -15.17 2.91 1.77
CA VAL A 110 -16.31 2.01 1.58
C VAL A 110 -16.80 2.06 0.14
N PRO A 111 -17.47 0.97 -0.29
CA PRO A 111 -18.02 0.86 -1.64
C PRO A 111 -19.20 1.79 -1.87
N LEU A 112 -19.64 1.88 -3.12
CA LEU A 112 -20.77 2.74 -3.47
C LEU A 112 -22.06 1.93 -3.58
N GLU A 113 -23.15 2.61 -3.91
CA GLU A 113 -24.45 1.96 -4.05
C GLU A 113 -24.55 1.25 -5.40
N ASN A 114 -23.74 1.68 -6.36
CA ASN A 114 -23.74 1.10 -7.69
C ASN A 114 -22.42 0.38 -7.97
N LYS A 115 -21.73 -0.02 -6.91
CA LYS A 115 -20.46 -0.72 -7.04
C LYS A 115 -20.49 -2.04 -6.27
N GLU A 116 -20.23 -3.13 -6.97
CA GLU A 116 -20.22 -4.45 -6.36
C GLU A 116 -19.24 -4.50 -5.20
N ASN A 117 -18.19 -3.68 -5.28
CA ASN A 117 -17.17 -3.63 -4.24
C ASN A 117 -16.27 -2.41 -4.42
N ALA A 118 -15.62 -2.01 -3.34
CA ALA A 118 -14.72 -0.85 -3.37
C ALA A 118 -13.71 -0.98 -4.52
N GLU A 119 -13.67 0.03 -5.38
CA GLU A 119 -12.76 0.03 -6.51
C GLU A 119 -11.32 -0.21 -6.05
N TYR A 120 -10.95 0.41 -4.94
CA TYR A 120 -9.61 0.26 -4.39
C TYR A 120 -9.53 -0.95 -3.46
N GLU A 121 -8.83 -1.98 -3.91
CA GLU A 121 -8.67 -3.20 -3.12
C GLU A 121 -7.32 -3.86 -3.39
N TYR A 122 -6.62 -4.20 -2.33
CA TYR A 122 -5.31 -4.84 -2.44
C TYR A 122 -5.29 -6.18 -1.73
N GLU A 123 -4.10 -6.76 -1.59
CA GLU A 123 -3.94 -8.05 -0.92
C GLU A 123 -2.49 -8.28 -0.53
N VAL A 124 -2.21 -8.25 0.77
CA VAL A 124 -0.86 -8.46 1.27
C VAL A 124 -0.26 -9.74 0.70
N THR A 125 0.82 -9.59 -0.06
CA THR A 125 1.49 -10.73 -0.67
C THR A 125 2.98 -10.47 -0.82
N GLU A 126 3.76 -11.54 -0.94
CA GLU A 126 5.21 -11.43 -1.09
C GLU A 126 5.64 -11.87 -2.49
N GLU A 127 6.36 -11.00 -3.17
CA GLU A 127 6.84 -11.28 -4.52
C GLU A 127 8.18 -10.60 -4.79
N ASP A 128 8.95 -11.17 -5.71
CA ASP A 128 10.25 -10.62 -6.05
C ASP A 128 10.11 -9.26 -6.75
N TRP A 129 11.12 -8.41 -6.60
CA TRP A 129 11.10 -7.09 -7.21
C TRP A 129 10.93 -7.19 -8.72
N GLU A 130 11.49 -8.24 -9.31
CA GLU A 130 11.40 -8.46 -10.75
C GLU A 130 10.00 -8.91 -11.15
N THR A 131 9.16 -9.17 -10.15
CA THR A 131 7.79 -9.60 -10.39
C THR A 131 6.80 -8.43 -10.27
N ILE A 132 7.12 -7.50 -9.38
CA ILE A 132 6.27 -6.33 -9.17
C ILE A 132 6.77 -5.14 -9.98
N TYR A 133 8.02 -5.20 -10.40
CA TYR A 133 8.62 -4.12 -11.18
C TYR A 133 7.76 -3.78 -12.39
N PRO A 134 7.48 -4.78 -13.22
CA PRO A 134 6.67 -4.61 -14.43
C PRO A 134 5.33 -3.94 -14.13
N CYS A 135 4.64 -4.43 -13.10
CA CYS A 135 3.35 -3.86 -12.72
C CYS A 135 3.45 -3.15 -11.37
N LEU A 136 4.29 -2.12 -11.32
CA LEU A 136 4.47 -1.35 -10.09
C LEU A 136 3.43 -0.25 -9.98
N SER A 137 3.34 0.35 -8.81
CA SER A 137 2.38 1.43 -8.57
C SER A 137 3.04 2.80 -8.76
N PRO A 138 2.21 3.82 -8.98
CA PRO A 138 2.68 5.20 -9.17
C PRO A 138 3.26 5.80 -7.90
N LYS A 139 4.59 5.78 -7.80
CA LYS A 139 5.26 6.33 -6.63
C LYS A 139 5.27 7.86 -6.66
N SER A 140 5.33 8.47 -5.49
CA SER A 140 5.33 9.92 -5.39
C SER A 140 6.33 10.39 -4.33
N GLY A 141 7.19 11.35 -4.70
CA GLY A 141 8.17 11.85 -3.77
C GLY A 141 9.56 11.28 -4.01
N PRO A 142 10.51 11.61 -3.12
CA PRO A 142 11.89 11.13 -3.23
C PRO A 142 12.00 9.64 -2.94
N SER A 143 11.02 9.10 -2.23
CA SER A 143 11.03 7.68 -1.88
C SER A 143 11.16 6.82 -3.13
N SER A 144 12.10 5.88 -3.10
CA SER A 144 12.33 5.00 -4.24
C SER A 144 12.57 3.57 -3.76
N GLY A 145 12.57 2.63 -4.70
CA GLY A 145 12.78 1.23 -4.37
C GLY A 145 12.82 0.34 -5.59
N GLY A 1 15.34 -12.74 -10.55
CA GLY A 1 16.17 -13.04 -9.41
C GLY A 1 17.63 -12.70 -9.64
N SER A 2 17.92 -11.41 -9.80
CA SER A 2 19.29 -10.96 -10.04
C SER A 2 20.23 -11.50 -8.97
N SER A 3 21.12 -12.40 -9.38
CA SER A 3 22.08 -13.00 -8.45
C SER A 3 23.06 -11.95 -7.94
N GLY A 4 22.73 -11.37 -6.78
CA GLY A 4 23.59 -10.36 -6.20
C GLY A 4 23.83 -10.59 -4.72
N SER A 5 23.28 -9.71 -3.89
CA SER A 5 23.43 -9.81 -2.44
C SER A 5 22.25 -9.18 -1.71
N SER A 6 22.06 -9.56 -0.46
CA SER A 6 20.95 -9.04 0.34
C SER A 6 21.25 -7.62 0.81
N GLY A 7 20.22 -6.94 1.31
CA GLY A 7 20.40 -5.59 1.79
C GLY A 7 19.37 -4.63 1.20
N VAL A 8 18.70 -3.88 2.06
CA VAL A 8 17.69 -2.93 1.63
C VAL A 8 18.01 -1.52 2.13
N THR A 9 19.08 -0.93 1.60
CA THR A 9 19.49 0.41 1.99
C THR A 9 18.62 1.47 1.32
N GLY A 10 18.06 1.12 0.16
CA GLY A 10 17.22 2.05 -0.57
C GLY A 10 16.36 1.36 -1.60
N ASP A 11 16.98 0.55 -2.45
CA ASP A 11 16.26 -0.17 -3.49
C ASP A 11 17.19 -1.13 -4.22
N ARG A 12 16.92 -2.43 -4.09
CA ARG A 12 17.74 -3.44 -4.74
C ARG A 12 16.87 -4.37 -5.59
N ALA A 13 17.51 -5.32 -6.25
CA ALA A 13 16.80 -6.27 -7.11
C ALA A 13 17.07 -7.71 -6.67
N GLY A 14 16.92 -7.97 -5.37
CA GLY A 14 17.16 -9.30 -4.86
C GLY A 14 16.17 -9.67 -3.76
N GLY A 15 16.11 -10.97 -3.44
CA GLY A 15 15.21 -11.43 -2.40
C GLY A 15 13.76 -11.08 -2.70
N ARG A 16 12.88 -11.37 -1.74
CA ARG A 16 11.46 -11.09 -1.91
C ARG A 16 11.11 -9.72 -1.33
N SER A 17 9.97 -9.18 -1.75
CA SER A 17 9.53 -7.87 -1.28
C SER A 17 7.99 -7.79 -1.26
N TRP A 18 7.44 -7.78 -0.06
CA TRP A 18 5.99 -7.70 0.09
C TRP A 18 5.40 -6.53 -0.69
N CYS A 19 4.08 -6.50 -0.81
CA CYS A 19 3.41 -5.43 -1.53
C CYS A 19 1.90 -5.54 -1.39
N LEU A 20 1.17 -4.69 -2.11
CA LEU A 20 -0.28 -4.69 -2.06
C LEU A 20 -0.88 -4.96 -3.44
N ARG A 21 -0.78 -6.21 -3.89
CA ARG A 21 -1.31 -6.60 -5.19
C ARG A 21 -2.76 -6.17 -5.34
N ARG A 22 -2.99 -5.13 -6.13
CA ARG A 22 -4.34 -4.62 -6.36
C ARG A 22 -5.26 -5.73 -6.85
N VAL A 23 -6.36 -5.94 -6.14
CA VAL A 23 -7.33 -6.98 -6.52
C VAL A 23 -8.10 -6.57 -7.76
N GLY A 24 -8.13 -7.46 -8.76
CA GLY A 24 -8.85 -7.18 -9.99
C GLY A 24 -7.95 -6.58 -11.05
N MET A 25 -6.94 -5.83 -10.61
CA MET A 25 -6.01 -5.20 -11.54
C MET A 25 -4.62 -5.82 -11.43
N SER A 26 -3.94 -5.95 -12.56
CA SER A 26 -2.60 -6.53 -12.59
C SER A 26 -1.54 -5.45 -12.47
N ALA A 27 -1.96 -4.26 -12.07
CA ALA A 27 -1.03 -3.14 -11.90
C ALA A 27 -1.31 -2.39 -10.61
N GLY A 28 -0.63 -1.25 -10.43
CA GLY A 28 -0.80 -0.46 -9.22
C GLY A 28 -0.41 -1.22 -7.97
N TRP A 29 0.62 -2.05 -8.08
CA TRP A 29 1.10 -2.83 -6.95
C TRP A 29 1.97 -1.98 -6.03
N LEU A 30 1.44 -1.67 -4.85
CA LEU A 30 2.16 -0.87 -3.87
C LEU A 30 3.27 -1.68 -3.21
N LEU A 31 4.51 -1.35 -3.53
CA LEU A 31 5.66 -2.05 -2.95
C LEU A 31 5.77 -1.79 -1.46
N LEU A 32 6.07 -2.84 -0.70
CA LEU A 32 6.22 -2.72 0.75
C LEU A 32 7.65 -2.99 1.18
N GLU A 33 8.54 -2.06 0.87
CA GLU A 33 9.95 -2.20 1.23
C GLU A 33 10.11 -2.35 2.74
N ASP A 34 10.96 -3.30 3.14
CA ASP A 34 11.20 -3.55 4.56
C ASP A 34 11.85 -2.34 5.22
N GLY A 35 11.16 -1.77 6.21
CA GLY A 35 11.68 -0.61 6.90
C GLY A 35 11.38 0.69 6.17
N CYS A 36 10.41 0.65 5.27
CA CYS A 36 10.02 1.83 4.50
C CYS A 36 8.55 2.14 4.70
N GLU A 37 8.26 3.33 5.22
CA GLU A 37 6.87 3.75 5.46
C GLU A 37 6.13 3.88 4.13
N VAL A 38 4.93 3.31 4.07
CA VAL A 38 4.11 3.37 2.87
C VAL A 38 2.78 4.05 3.15
N THR A 39 2.75 5.38 3.01
CA THR A 39 1.55 6.15 3.24
C THR A 39 0.73 6.31 1.96
N VAL A 40 -0.51 5.83 2.00
CA VAL A 40 -1.40 5.93 0.84
C VAL A 40 -2.50 6.95 1.08
N GLY A 41 -2.96 7.57 0.00
CA GLY A 41 -4.02 8.56 0.12
C GLY A 41 -4.12 9.45 -1.11
N ARG A 42 -4.79 10.59 -0.96
CA ARG A 42 -4.95 11.53 -2.06
C ARG A 42 -4.17 12.82 -1.80
N GLY A 43 -2.99 12.68 -1.21
CA GLY A 43 -2.17 13.84 -0.91
C GLY A 43 -0.95 13.94 -1.80
N PHE A 44 -0.14 14.98 -1.60
CA PHE A 44 1.06 15.18 -2.39
C PHE A 44 2.29 14.69 -1.65
N GLY A 45 2.22 14.69 -0.32
CA GLY A 45 3.33 14.23 0.49
C GLY A 45 3.38 12.72 0.63
N VAL A 46 2.21 12.09 0.54
CA VAL A 46 2.12 10.64 0.67
C VAL A 46 3.05 9.94 -0.33
N THR A 47 3.28 8.66 -0.10
CA THR A 47 4.15 7.88 -0.97
C THR A 47 3.38 7.30 -2.16
N TYR A 48 2.08 7.07 -1.96
CA TYR A 48 1.24 6.53 -3.01
C TYR A 48 -0.05 7.34 -3.13
N GLN A 49 -0.15 8.12 -4.21
CA GLN A 49 -1.34 8.94 -4.44
C GLN A 49 -2.42 8.14 -5.16
N LEU A 50 -3.68 8.45 -4.85
CA LEU A 50 -4.81 7.75 -5.45
C LEU A 50 -5.83 8.75 -5.97
N VAL A 51 -6.26 8.55 -7.22
CA VAL A 51 -7.25 9.43 -7.84
C VAL A 51 -8.12 8.67 -8.83
N SER A 52 -9.43 8.87 -8.74
CA SER A 52 -10.37 8.19 -9.62
C SER A 52 -11.31 9.20 -10.29
N LYS A 53 -12.27 8.69 -11.05
CA LYS A 53 -13.23 9.54 -11.74
C LYS A 53 -14.63 9.34 -11.18
N ILE A 54 -14.91 8.12 -10.72
CA ILE A 54 -16.21 7.80 -10.15
C ILE A 54 -16.40 8.43 -8.79
N CYS A 55 -15.53 8.07 -7.85
CA CYS A 55 -15.59 8.61 -6.50
C CYS A 55 -14.21 8.92 -5.96
N PRO A 56 -13.59 10.00 -6.48
CA PRO A 56 -12.26 10.42 -6.08
C PRO A 56 -12.22 10.97 -4.65
N LEU A 57 -13.40 11.31 -4.12
CA LEU A 57 -13.51 11.85 -2.78
C LEU A 57 -13.52 10.73 -1.74
N MET A 58 -13.88 9.53 -2.19
CA MET A 58 -13.93 8.37 -1.30
C MET A 58 -12.62 8.21 -0.55
N ILE A 59 -11.53 8.63 -1.18
CA ILE A 59 -10.21 8.52 -0.58
C ILE A 59 -9.76 9.87 0.00
N SER A 60 -9.09 9.83 1.15
CA SER A 60 -8.61 11.04 1.78
C SER A 60 -7.10 10.97 2.02
N ARG A 61 -6.47 12.14 2.14
CA ARG A 61 -5.03 12.20 2.35
C ARG A 61 -4.62 11.34 3.53
N ASN A 62 -3.50 10.64 3.38
CA ASN A 62 -2.99 9.77 4.43
C ASN A 62 -4.06 8.79 4.89
N HIS A 63 -4.80 8.23 3.94
CA HIS A 63 -5.85 7.28 4.25
C HIS A 63 -5.35 6.16 5.15
N CYS A 64 -4.06 5.85 5.02
CA CYS A 64 -3.44 4.80 5.82
C CYS A 64 -1.92 4.83 5.71
N VAL A 65 -1.24 4.08 6.56
CA VAL A 65 0.21 4.04 6.55
C VAL A 65 0.72 2.67 7.02
N LEU A 66 1.49 2.02 6.17
CA LEU A 66 2.05 0.71 6.50
C LEU A 66 3.49 0.83 6.98
N LYS A 67 3.89 -0.06 7.88
CA LYS A 67 5.25 -0.06 8.42
C LYS A 67 5.47 -1.24 9.36
N GLN A 68 6.71 -1.69 9.44
CA GLN A 68 7.05 -2.82 10.31
C GLN A 68 7.39 -2.34 11.72
N ASN A 69 6.59 -2.75 12.68
CA ASN A 69 6.80 -2.37 14.08
C ASN A 69 8.24 -2.65 14.51
N PRO A 70 8.67 -1.99 15.59
CA PRO A 70 10.03 -2.16 16.13
C PRO A 70 10.41 -3.63 16.29
N GLU A 71 9.41 -4.48 16.48
CA GLU A 71 9.64 -5.91 16.65
C GLU A 71 10.18 -6.53 15.37
N GLY A 72 9.67 -6.06 14.23
CA GLY A 72 10.11 -6.59 12.95
C GLY A 72 8.99 -7.25 12.18
N GLN A 73 7.76 -6.85 12.48
CA GLN A 73 6.59 -7.42 11.81
C GLN A 73 5.75 -6.31 11.17
N TRP A 74 5.24 -6.57 9.97
CA TRP A 74 4.42 -5.60 9.25
C TRP A 74 3.12 -5.34 10.00
N THR A 75 2.71 -4.07 10.03
CA THR A 75 1.48 -3.69 10.71
C THR A 75 0.84 -2.47 10.06
N ILE A 76 -0.42 -2.59 9.69
CA ILE A 76 -1.14 -1.49 9.05
C ILE A 76 -1.69 -0.52 10.08
N MET A 77 -1.34 0.76 9.94
CA MET A 77 -1.80 1.79 10.85
C MET A 77 -2.55 2.89 10.11
N ASP A 78 -3.71 3.26 10.62
CA ASP A 78 -4.52 4.30 10.01
C ASP A 78 -4.11 5.68 10.51
N ASN A 79 -3.85 6.59 9.57
CA ASN A 79 -3.44 7.94 9.92
C ASN A 79 -4.66 8.84 10.16
N LYS A 80 -5.52 8.41 11.09
CA LYS A 80 -6.72 9.17 11.42
C LYS A 80 -7.53 9.50 10.17
N SER A 81 -7.98 8.46 9.47
CA SER A 81 -8.76 8.65 8.25
C SER A 81 -10.21 8.95 8.57
N LEU A 82 -11.02 9.17 7.54
CA LEU A 82 -12.43 9.47 7.71
C LEU A 82 -13.28 8.23 7.45
N ASN A 83 -13.28 7.78 6.20
CA ASN A 83 -14.05 6.60 5.81
C ASN A 83 -13.72 5.41 6.71
N GLY A 84 -12.44 5.27 7.03
CA GLY A 84 -12.01 4.17 7.87
C GLY A 84 -11.17 3.15 7.12
N VAL A 85 -10.37 2.38 7.86
CA VAL A 85 -9.51 1.37 7.25
C VAL A 85 -10.00 -0.03 7.59
N TRP A 86 -10.31 -0.81 6.55
CA TRP A 86 -10.80 -2.17 6.73
C TRP A 86 -9.69 -3.18 6.49
N LEU A 87 -9.72 -4.28 7.22
CA LEU A 87 -8.71 -5.33 7.08
C LEU A 87 -9.33 -6.71 7.26
N ASN A 88 -9.45 -7.45 6.16
CA ASN A 88 -10.02 -8.79 6.20
C ASN A 88 -11.44 -8.76 6.76
N ARG A 89 -12.26 -7.85 6.24
CA ARG A 89 -13.64 -7.71 6.68
C ARG A 89 -13.70 -7.30 8.16
N ALA A 90 -12.80 -6.41 8.55
CA ALA A 90 -12.75 -5.94 9.93
C ALA A 90 -12.40 -4.46 10.00
N ARG A 91 -13.26 -3.68 10.65
CA ARG A 91 -13.04 -2.24 10.77
C ARG A 91 -11.90 -1.95 11.75
N LEU A 92 -10.93 -1.16 11.29
CA LEU A 92 -9.78 -0.81 12.12
C LEU A 92 -9.99 0.54 12.80
N GLU A 93 -9.09 0.90 13.70
CA GLU A 93 -9.18 2.16 14.41
C GLU A 93 -8.02 3.08 14.04
N PRO A 94 -8.20 4.39 14.29
CA PRO A 94 -7.18 5.40 13.99
C PRO A 94 -5.95 5.28 14.89
N LEU A 95 -4.77 5.37 14.30
CA LEU A 95 -3.53 5.28 15.05
C LEU A 95 -3.46 3.97 15.84
N ARG A 96 -3.83 2.87 15.19
CA ARG A 96 -3.82 1.56 15.83
C ARG A 96 -2.83 0.63 15.14
N VAL A 97 -2.74 -0.60 15.63
CA VAL A 97 -1.83 -1.60 15.06
C VAL A 97 -2.57 -2.88 14.72
N TYR A 98 -2.24 -3.47 13.58
CA TYR A 98 -2.88 -4.70 13.13
C TYR A 98 -1.92 -5.53 12.27
N SER A 99 -1.40 -6.61 12.84
CA SER A 99 -0.48 -7.47 12.13
C SER A 99 -1.13 -8.05 10.88
N ILE A 100 -0.41 -7.98 9.76
CA ILE A 100 -0.92 -8.48 8.50
C ILE A 100 -0.05 -9.62 7.97
N HIS A 101 -0.69 -10.63 7.40
CA HIS A 101 0.03 -11.79 6.85
C HIS A 101 -0.34 -12.02 5.39
N GLN A 102 0.31 -12.99 4.77
CA GLN A 102 0.06 -13.32 3.37
C GLN A 102 -1.38 -13.81 3.18
N GLY A 103 -2.20 -12.98 2.54
CA GLY A 103 -3.59 -13.35 2.30
C GLY A 103 -4.56 -12.37 2.95
N ASP A 104 -4.07 -11.18 3.27
CA ASP A 104 -4.91 -10.15 3.89
C ASP A 104 -5.53 -9.25 2.83
N TYR A 105 -6.72 -8.74 3.12
CA TYR A 105 -7.42 -7.84 2.19
C TYR A 105 -7.61 -6.46 2.80
N ILE A 106 -6.97 -5.46 2.18
CA ILE A 106 -7.07 -4.09 2.66
C ILE A 106 -8.01 -3.27 1.78
N GLN A 107 -8.99 -2.64 2.40
CA GLN A 107 -9.95 -1.81 1.68
C GLN A 107 -9.88 -0.36 2.13
N LEU A 108 -9.38 0.51 1.25
CA LEU A 108 -9.26 1.93 1.57
C LEU A 108 -10.60 2.63 1.43
N GLY A 109 -11.37 2.66 2.50
CA GLY A 109 -12.68 3.30 2.47
C GLY A 109 -13.82 2.31 2.47
N VAL A 110 -14.97 2.75 1.99
CA VAL A 110 -16.15 1.89 1.93
C VAL A 110 -16.74 1.85 0.52
N PRO A 111 -17.47 0.76 0.21
CA PRO A 111 -18.09 0.58 -1.10
C PRO A 111 -19.25 1.55 -1.32
N LEU A 112 -19.82 1.49 -2.52
CA LEU A 112 -20.94 2.37 -2.87
C LEU A 112 -22.23 1.56 -3.04
N GLU A 113 -23.30 2.25 -3.44
CA GLU A 113 -24.58 1.59 -3.64
C GLU A 113 -24.56 0.72 -4.89
N ASN A 114 -25.16 -0.46 -4.80
CA ASN A 114 -25.20 -1.39 -5.92
C ASN A 114 -23.79 -1.75 -6.39
N LYS A 115 -22.83 -1.65 -5.48
CA LYS A 115 -21.45 -1.97 -5.79
C LYS A 115 -20.98 -3.21 -5.02
N GLU A 116 -20.49 -4.21 -5.75
CA GLU A 116 -20.02 -5.44 -5.14
C GLU A 116 -19.00 -5.14 -4.04
N ASN A 117 -18.00 -4.33 -4.36
CA ASN A 117 -16.96 -3.97 -3.40
C ASN A 117 -16.37 -2.60 -3.74
N ALA A 118 -15.66 -2.03 -2.78
CA ALA A 118 -15.02 -0.73 -2.98
C ALA A 118 -14.19 -0.71 -4.25
N GLU A 119 -14.00 0.49 -4.81
CA GLU A 119 -13.23 0.63 -6.03
C GLU A 119 -11.75 0.32 -5.80
N TYR A 120 -11.30 0.52 -4.56
CA TYR A 120 -9.92 0.26 -4.20
C TYR A 120 -9.81 -1.02 -3.37
N GLU A 121 -9.01 -1.97 -3.85
CA GLU A 121 -8.80 -3.23 -3.16
C GLU A 121 -7.43 -3.80 -3.46
N TYR A 122 -6.79 -4.38 -2.44
CA TYR A 122 -5.47 -4.98 -2.61
C TYR A 122 -5.42 -6.37 -1.97
N GLU A 123 -4.22 -6.95 -1.93
CA GLU A 123 -4.04 -8.26 -1.36
C GLU A 123 -2.59 -8.49 -0.95
N VAL A 124 -2.34 -8.46 0.36
CA VAL A 124 -0.99 -8.65 0.88
C VAL A 124 -0.36 -9.91 0.33
N THR A 125 0.68 -9.75 -0.47
CA THR A 125 1.37 -10.89 -1.07
C THR A 125 2.88 -10.65 -1.11
N GLU A 126 3.65 -11.73 -0.99
CA GLU A 126 5.10 -11.63 -1.02
C GLU A 126 5.65 -12.02 -2.39
N GLU A 127 6.07 -11.01 -3.15
CA GLU A 127 6.61 -11.25 -4.49
C GLU A 127 7.96 -10.55 -4.65
N ASP A 128 8.83 -11.15 -5.47
CA ASP A 128 10.15 -10.59 -5.71
C ASP A 128 10.05 -9.24 -6.42
N TRP A 129 11.06 -8.41 -6.24
CA TRP A 129 11.09 -7.09 -6.87
C TRP A 129 10.98 -7.20 -8.38
N GLU A 130 11.55 -8.28 -8.92
CA GLU A 130 11.52 -8.50 -10.37
C GLU A 130 10.13 -8.93 -10.83
N THR A 131 9.24 -9.16 -9.86
CA THR A 131 7.87 -9.58 -10.16
C THR A 131 6.91 -8.41 -10.07
N ILE A 132 7.20 -7.47 -9.17
CA ILE A 132 6.35 -6.30 -9.00
C ILE A 132 6.90 -5.11 -9.77
N TYR A 133 8.16 -5.19 -10.15
CA TYR A 133 8.81 -4.12 -10.91
C TYR A 133 8.00 -3.76 -12.16
N PRO A 134 7.76 -4.76 -13.00
CA PRO A 134 6.99 -4.59 -14.25
C PRO A 134 5.65 -3.91 -14.00
N CYS A 135 4.92 -4.38 -12.99
CA CYS A 135 3.62 -3.82 -12.66
C CYS A 135 3.66 -3.12 -11.31
N LEU A 136 4.49 -2.08 -11.22
CA LEU A 136 4.62 -1.32 -9.98
C LEU A 136 3.57 -0.23 -9.90
N SER A 137 3.43 0.37 -8.71
CA SER A 137 2.45 1.43 -8.51
C SER A 137 3.10 2.81 -8.67
N PRO A 138 2.26 3.83 -8.91
CA PRO A 138 2.73 5.21 -9.09
C PRO A 138 3.25 5.81 -7.80
N LYS A 139 4.57 5.78 -7.63
CA LYS A 139 5.21 6.33 -6.44
C LYS A 139 5.25 7.86 -6.50
N SER A 140 4.52 8.50 -5.61
CA SER A 140 4.47 9.96 -5.55
C SER A 140 5.74 10.52 -4.94
N GLY A 141 6.39 9.72 -4.10
CA GLY A 141 7.61 10.16 -3.45
C GLY A 141 8.85 9.69 -4.19
N PRO A 142 10.03 10.12 -3.70
CA PRO A 142 11.31 9.74 -4.30
C PRO A 142 11.65 8.26 -4.09
N SER A 143 12.62 7.77 -4.85
CA SER A 143 13.02 6.37 -4.75
C SER A 143 14.54 6.27 -4.59
N SER A 144 14.98 5.59 -3.54
CA SER A 144 16.40 5.41 -3.28
C SER A 144 17.00 4.36 -4.21
N GLY A 145 17.18 4.74 -5.47
CA GLY A 145 17.74 3.83 -6.45
C GLY A 145 18.85 4.47 -7.26
N GLY A 1 37.73 20.21 -24.60
CA GLY A 1 38.05 18.97 -23.93
C GLY A 1 36.83 18.09 -23.74
N SER A 2 36.46 17.86 -22.49
CA SER A 2 35.30 17.03 -22.17
C SER A 2 35.47 15.63 -22.76
N SER A 3 36.66 15.07 -22.61
CA SER A 3 36.95 13.74 -23.14
C SER A 3 36.68 12.66 -22.08
N GLY A 4 35.71 11.80 -22.37
CA GLY A 4 35.36 10.74 -21.44
C GLY A 4 34.03 10.09 -21.78
N SER A 5 33.61 9.15 -20.94
CA SER A 5 32.34 8.45 -21.14
C SER A 5 31.47 8.52 -19.90
N SER A 6 30.23 8.07 -20.02
CA SER A 6 29.30 8.08 -18.90
C SER A 6 29.00 6.65 -18.42
N GLY A 7 28.78 6.51 -17.12
CA GLY A 7 28.49 5.20 -16.56
C GLY A 7 27.10 4.71 -16.92
N VAL A 8 27.00 3.43 -17.26
CA VAL A 8 25.72 2.84 -17.64
C VAL A 8 25.38 1.66 -16.73
N THR A 9 25.78 1.75 -15.47
CA THR A 9 25.51 0.70 -14.50
C THR A 9 25.31 1.27 -13.10
N GLY A 10 24.72 0.47 -12.22
CA GLY A 10 24.49 0.92 -10.85
C GLY A 10 23.06 0.71 -10.42
N ASP A 11 22.72 -0.53 -10.07
CA ASP A 11 21.36 -0.86 -9.63
C ASP A 11 21.30 -2.27 -9.07
N ARG A 12 21.04 -2.37 -7.77
CA ARG A 12 20.95 -3.67 -7.11
C ARG A 12 19.51 -4.15 -7.01
N ALA A 13 19.25 -5.33 -7.55
CA ALA A 13 17.89 -5.90 -7.52
C ALA A 13 17.92 -7.35 -7.08
N GLY A 14 17.44 -7.61 -5.87
CA GLY A 14 17.42 -8.96 -5.35
C GLY A 14 16.76 -9.04 -3.98
N GLY A 15 15.88 -10.02 -3.82
CA GLY A 15 15.18 -10.19 -2.55
C GLY A 15 13.70 -9.90 -2.66
N ARG A 16 12.90 -10.68 -1.96
CA ARG A 16 11.45 -10.51 -1.98
C ARG A 16 11.05 -9.18 -1.36
N SER A 17 9.94 -8.61 -1.83
CA SER A 17 9.46 -7.33 -1.32
C SER A 17 7.93 -7.31 -1.26
N TRP A 18 7.39 -7.30 -0.06
CA TRP A 18 5.95 -7.29 0.14
C TRP A 18 5.30 -6.16 -0.66
N CYS A 19 4.00 -6.26 -0.88
CA CYS A 19 3.27 -5.25 -1.64
C CYS A 19 1.77 -5.44 -1.48
N LEU A 20 0.99 -4.59 -2.15
CA LEU A 20 -0.46 -4.67 -2.08
C LEU A 20 -1.06 -4.95 -3.46
N ARG A 21 -0.95 -6.20 -3.90
CA ARG A 21 -1.47 -6.60 -5.20
C ARG A 21 -2.93 -6.17 -5.36
N ARG A 22 -3.21 -5.40 -6.40
CA ARG A 22 -4.56 -4.92 -6.66
C ARG A 22 -5.50 -6.09 -6.97
N VAL A 23 -6.65 -6.11 -6.30
CA VAL A 23 -7.63 -7.17 -6.49
C VAL A 23 -8.40 -6.97 -7.80
N GLY A 24 -8.29 -7.93 -8.70
CA GLY A 24 -8.97 -7.84 -9.98
C GLY A 24 -8.12 -7.19 -11.05
N MET A 25 -7.03 -6.56 -10.63
CA MET A 25 -6.14 -5.87 -11.57
C MET A 25 -4.69 -6.28 -11.32
N SER A 26 -3.92 -6.40 -12.40
CA SER A 26 -2.52 -6.80 -12.30
C SER A 26 -1.62 -5.56 -12.31
N ALA A 27 -2.16 -4.44 -11.87
CA ALA A 27 -1.41 -3.19 -11.81
C ALA A 27 -1.63 -2.47 -10.50
N GLY A 28 -0.98 -1.32 -10.34
CA GLY A 28 -1.12 -0.54 -9.11
C GLY A 28 -0.64 -1.30 -7.88
N TRP A 29 0.48 -1.99 -8.03
CA TRP A 29 1.05 -2.76 -6.93
C TRP A 29 1.92 -1.88 -6.04
N LEU A 30 1.41 -1.55 -4.86
CA LEU A 30 2.14 -0.71 -3.92
C LEU A 30 3.28 -1.49 -3.26
N LEU A 31 4.51 -1.10 -3.55
CA LEU A 31 5.68 -1.75 -2.98
C LEU A 31 5.79 -1.49 -1.48
N LEU A 32 6.23 -2.49 -0.74
CA LEU A 32 6.38 -2.36 0.70
C LEU A 32 7.81 -2.70 1.15
N GLU A 33 8.74 -1.82 0.79
CA GLU A 33 10.15 -2.01 1.15
C GLU A 33 10.30 -2.23 2.65
N ASP A 34 11.00 -3.29 3.02
CA ASP A 34 11.22 -3.61 4.44
C ASP A 34 12.03 -2.51 5.11
N GLY A 35 11.40 -1.83 6.06
CA GLY A 35 12.09 -0.75 6.77
C GLY A 35 11.80 0.61 6.17
N CYS A 36 10.84 0.66 5.25
CA CYS A 36 10.48 1.92 4.60
C CYS A 36 8.98 2.20 4.77
N GLU A 37 8.67 3.29 5.46
CA GLU A 37 7.28 3.67 5.69
C GLU A 37 6.54 3.86 4.37
N VAL A 38 5.36 3.27 4.27
CA VAL A 38 4.55 3.38 3.06
C VAL A 38 3.22 4.05 3.35
N THR A 39 3.12 5.33 3.03
CA THR A 39 1.89 6.09 3.26
C THR A 39 1.04 6.16 1.99
N VAL A 40 -0.28 6.05 2.16
CA VAL A 40 -1.19 6.10 1.03
C VAL A 40 -2.22 7.21 1.21
N GLY A 41 -2.66 7.80 0.10
CA GLY A 41 -3.64 8.87 0.16
C GLY A 41 -3.78 9.60 -1.16
N ARG A 42 -4.24 10.84 -1.11
CA ARG A 42 -4.43 11.64 -2.31
C ARG A 42 -3.48 12.84 -2.32
N GLY A 43 -3.07 13.27 -1.12
CA GLY A 43 -2.16 14.39 -1.02
C GLY A 43 -0.91 14.22 -1.86
N PHE A 44 -0.14 15.29 -1.98
CA PHE A 44 1.09 15.25 -2.77
C PHE A 44 2.30 15.09 -1.87
N GLY A 45 2.14 14.34 -0.79
CA GLY A 45 3.23 14.11 0.14
C GLY A 45 3.45 12.65 0.43
N VAL A 46 2.36 11.88 0.47
CA VAL A 46 2.43 10.45 0.75
C VAL A 46 3.27 9.74 -0.32
N THR A 47 3.87 8.62 0.07
CA THR A 47 4.70 7.84 -0.85
C THR A 47 3.88 7.33 -2.01
N TYR A 48 2.57 7.17 -1.80
CA TYR A 48 1.68 6.68 -2.84
C TYR A 48 0.43 7.55 -2.93
N GLN A 49 0.18 8.10 -4.12
CA GLN A 49 -0.99 8.95 -4.34
C GLN A 49 -1.97 8.28 -5.30
N LEU A 50 -3.22 8.17 -4.88
CA LEU A 50 -4.26 7.55 -5.69
C LEU A 50 -5.34 8.57 -6.04
N VAL A 51 -5.50 8.84 -7.33
CA VAL A 51 -6.51 9.79 -7.80
C VAL A 51 -7.38 9.17 -8.88
N SER A 52 -8.70 9.32 -8.73
CA SER A 52 -9.64 8.77 -9.70
C SER A 52 -10.72 9.79 -10.05
N LYS A 53 -11.31 9.65 -11.23
CA LYS A 53 -12.36 10.56 -11.68
C LYS A 53 -13.73 10.01 -11.33
N ILE A 54 -13.77 9.07 -10.40
CA ILE A 54 -15.04 8.46 -9.98
C ILE A 54 -15.39 8.87 -8.56
N CYS A 55 -14.50 8.59 -7.62
CA CYS A 55 -14.72 8.93 -6.23
C CYS A 55 -13.39 9.16 -5.50
N PRO A 56 -12.74 10.30 -5.81
CA PRO A 56 -11.46 10.66 -5.20
C PRO A 56 -11.59 11.02 -3.72
N LEU A 57 -12.68 11.71 -3.39
CA LEU A 57 -12.94 12.11 -2.01
C LEU A 57 -12.89 10.91 -1.08
N MET A 58 -13.20 9.73 -1.61
CA MET A 58 -13.20 8.51 -0.82
C MET A 58 -11.86 8.32 -0.11
N ILE A 59 -10.79 8.77 -0.74
CA ILE A 59 -9.46 8.66 -0.16
C ILE A 59 -9.01 9.98 0.46
N SER A 60 -8.33 9.89 1.60
CA SER A 60 -7.85 11.07 2.31
C SER A 60 -6.34 11.22 2.17
N ARG A 61 -5.82 12.36 2.61
CA ARG A 61 -4.38 12.61 2.54
C ARG A 61 -3.60 11.48 3.18
N ASN A 62 -4.01 11.07 4.37
CA ASN A 62 -3.34 10.00 5.10
C ASN A 62 -4.32 8.87 5.43
N HIS A 63 -4.85 8.24 4.39
CA HIS A 63 -5.80 7.14 4.57
C HIS A 63 -5.25 6.09 5.53
N CYS A 64 -4.04 5.60 5.22
CA CYS A 64 -3.40 4.58 6.05
C CYS A 64 -1.88 4.71 5.97
N VAL A 65 -1.20 4.13 6.96
CA VAL A 65 0.26 4.18 7.01
C VAL A 65 0.83 2.81 7.36
N LEU A 66 1.51 2.19 6.40
CA LEU A 66 2.11 0.88 6.61
C LEU A 66 3.55 1.01 7.12
N LYS A 67 3.94 0.13 8.03
CA LYS A 67 5.28 0.14 8.59
C LYS A 67 5.52 -1.09 9.45
N GLN A 68 6.79 -1.49 9.55
CA GLN A 68 7.16 -2.66 10.34
C GLN A 68 7.44 -2.27 11.78
N ASN A 69 6.63 -2.77 12.71
CA ASN A 69 6.79 -2.48 14.12
C ASN A 69 8.23 -2.75 14.57
N PRO A 70 8.61 -2.16 15.71
CA PRO A 70 9.95 -2.32 16.27
C PRO A 70 10.38 -3.78 16.34
N GLU A 71 9.40 -4.67 16.44
CA GLU A 71 9.68 -6.10 16.53
C GLU A 71 10.27 -6.61 15.22
N GLY A 72 9.74 -6.11 14.10
CA GLY A 72 10.24 -6.52 12.80
C GLY A 72 9.15 -7.15 11.94
N GLN A 73 7.89 -6.86 12.28
CA GLN A 73 6.77 -7.39 11.54
C GLN A 73 5.91 -6.28 10.95
N TRP A 74 5.49 -6.45 9.71
CA TRP A 74 4.67 -5.45 9.03
C TRP A 74 3.34 -5.26 9.75
N THR A 75 2.90 -4.01 9.87
CA THR A 75 1.65 -3.69 10.54
C THR A 75 1.02 -2.45 9.95
N ILE A 76 -0.21 -2.57 9.48
CA ILE A 76 -0.94 -1.44 8.89
C ILE A 76 -1.68 -0.66 9.96
N MET A 77 -1.44 0.65 10.00
CA MET A 77 -2.10 1.52 10.97
C MET A 77 -2.73 2.73 10.28
N ASP A 78 -4.05 2.86 10.43
CA ASP A 78 -4.78 3.96 9.82
C ASP A 78 -4.49 5.27 10.56
N ASN A 79 -4.40 6.36 9.81
CA ASN A 79 -4.13 7.67 10.39
C ASN A 79 -5.41 8.47 10.54
N LYS A 80 -6.30 8.00 11.40
CA LYS A 80 -7.57 8.67 11.65
C LYS A 80 -8.30 8.94 10.34
N SER A 81 -8.65 7.87 9.63
CA SER A 81 -9.35 7.99 8.36
C SER A 81 -10.78 8.46 8.57
N LEU A 82 -11.31 9.21 7.60
CA LEU A 82 -12.68 9.71 7.68
C LEU A 82 -13.68 8.63 7.33
N ASN A 83 -13.50 8.02 6.16
CA ASN A 83 -14.40 6.95 5.71
C ASN A 83 -14.22 5.70 6.55
N GLY A 84 -12.97 5.37 6.86
CA GLY A 84 -12.68 4.19 7.66
C GLY A 84 -11.97 3.11 6.87
N VAL A 85 -11.08 2.39 7.54
CA VAL A 85 -10.32 1.33 6.89
C VAL A 85 -10.89 -0.05 7.23
N TRP A 86 -10.88 -0.95 6.25
CA TRP A 86 -11.40 -2.29 6.45
C TRP A 86 -10.34 -3.34 6.13
N LEU A 87 -10.31 -4.41 6.91
CA LEU A 87 -9.35 -5.48 6.71
C LEU A 87 -9.98 -6.85 6.97
N ASN A 88 -10.24 -7.58 5.89
CA ASN A 88 -10.85 -8.90 6.00
C ASN A 88 -12.25 -8.81 6.59
N ARG A 89 -13.04 -7.87 6.08
CA ARG A 89 -14.41 -7.68 6.57
C ARG A 89 -14.41 -7.31 8.05
N ALA A 90 -13.49 -6.44 8.43
CA ALA A 90 -13.38 -5.99 9.82
C ALA A 90 -13.12 -4.49 9.90
N ARG A 91 -13.56 -3.88 10.99
CA ARG A 91 -13.37 -2.45 11.19
C ARG A 91 -12.04 -2.16 11.87
N LEU A 92 -11.23 -1.31 11.25
CA LEU A 92 -9.93 -0.96 11.80
C LEU A 92 -9.98 0.40 12.49
N GLU A 93 -9.85 0.40 13.82
CA GLU A 93 -9.88 1.63 14.59
C GLU A 93 -8.74 2.54 14.20
N PRO A 94 -8.93 3.86 14.38
CA PRO A 94 -7.93 4.87 14.05
C PRO A 94 -6.73 4.83 15.00
N LEU A 95 -5.54 4.90 14.43
CA LEU A 95 -4.32 4.87 15.22
C LEU A 95 -4.17 3.54 15.95
N ARG A 96 -4.38 2.44 15.23
CA ARG A 96 -4.28 1.11 15.80
C ARG A 96 -3.32 0.25 14.99
N VAL A 97 -2.67 -0.71 15.67
CA VAL A 97 -1.72 -1.60 15.02
C VAL A 97 -2.38 -2.92 14.64
N TYR A 98 -2.15 -3.35 13.40
CA TYR A 98 -2.73 -4.59 12.91
C TYR A 98 -1.70 -5.40 12.13
N SER A 99 -1.42 -6.61 12.60
CA SER A 99 -0.44 -7.48 11.94
C SER A 99 -1.03 -8.10 10.68
N ILE A 100 -0.43 -7.78 9.54
CA ILE A 100 -0.90 -8.32 8.26
C ILE A 100 -0.04 -9.48 7.80
N HIS A 101 -0.62 -10.37 7.00
CA HIS A 101 0.10 -11.53 6.49
C HIS A 101 -0.45 -11.95 5.13
N GLN A 102 0.32 -12.77 4.42
CA GLN A 102 -0.09 -13.25 3.10
C GLN A 102 -1.48 -13.86 3.16
N GLY A 103 -2.47 -13.13 2.64
CA GLY A 103 -3.83 -13.60 2.63
C GLY A 103 -4.79 -12.63 3.28
N ASP A 104 -4.51 -11.34 3.14
CA ASP A 104 -5.35 -10.30 3.71
C ASP A 104 -6.03 -9.48 2.60
N TYR A 105 -6.95 -8.61 3.00
CA TYR A 105 -7.67 -7.77 2.06
C TYR A 105 -7.91 -6.38 2.63
N ILE A 106 -7.16 -5.41 2.15
CA ILE A 106 -7.29 -4.03 2.61
C ILE A 106 -8.27 -3.24 1.75
N GLN A 107 -9.21 -2.56 2.39
CA GLN A 107 -10.20 -1.77 1.67
C GLN A 107 -10.18 -0.31 2.13
N LEU A 108 -9.64 0.56 1.29
CA LEU A 108 -9.56 1.98 1.61
C LEU A 108 -10.88 2.69 1.33
N GLY A 109 -11.79 2.64 2.31
CA GLY A 109 -13.08 3.27 2.15
C GLY A 109 -14.21 2.27 2.04
N VAL A 110 -15.42 2.77 1.79
CA VAL A 110 -16.58 1.90 1.65
C VAL A 110 -17.14 1.93 0.24
N PRO A 111 -17.86 0.87 -0.15
CA PRO A 111 -18.46 0.76 -1.48
C PRO A 111 -19.62 1.73 -1.68
N LEU A 112 -19.68 2.33 -2.86
CA LEU A 112 -20.73 3.29 -3.17
C LEU A 112 -22.08 2.59 -3.30
N GLU A 113 -23.13 3.37 -3.50
CA GLU A 113 -24.48 2.83 -3.64
C GLU A 113 -24.60 2.00 -4.91
N ASN A 114 -23.75 2.30 -5.90
CA ASN A 114 -23.77 1.58 -7.17
C ASN A 114 -22.51 0.75 -7.34
N LYS A 115 -21.90 0.38 -6.22
CA LYS A 115 -20.67 -0.41 -6.24
C LYS A 115 -20.80 -1.62 -5.32
N GLU A 116 -20.98 -2.80 -5.91
CA GLU A 116 -21.12 -4.02 -5.13
C GLU A 116 -19.93 -4.19 -4.17
N ASN A 117 -18.78 -3.68 -4.58
CA ASN A 117 -17.57 -3.77 -3.76
C ASN A 117 -16.65 -2.58 -4.00
N ALA A 118 -15.86 -2.23 -2.99
CA ALA A 118 -14.94 -1.10 -3.09
C ALA A 118 -14.07 -1.22 -4.34
N GLU A 119 -14.17 -0.23 -5.22
CA GLU A 119 -13.39 -0.22 -6.46
C GLU A 119 -11.90 -0.33 -6.16
N TYR A 120 -11.51 0.12 -4.97
CA TYR A 120 -10.11 0.09 -4.57
C TYR A 120 -9.87 -1.01 -3.52
N GLU A 121 -9.23 -2.10 -3.96
CA GLU A 121 -8.94 -3.21 -3.07
C GLU A 121 -7.57 -3.80 -3.36
N TYR A 122 -6.99 -4.46 -2.36
CA TYR A 122 -5.66 -5.06 -2.51
C TYR A 122 -5.56 -6.35 -1.70
N GLU A 123 -4.40 -6.99 -1.77
CA GLU A 123 -4.17 -8.24 -1.04
C GLU A 123 -2.70 -8.38 -0.65
N VAL A 124 -2.43 -8.32 0.65
CA VAL A 124 -1.06 -8.44 1.14
C VAL A 124 -0.39 -9.70 0.60
N THR A 125 0.72 -9.52 -0.10
CA THR A 125 1.45 -10.63 -0.67
C THR A 125 2.94 -10.31 -0.80
N GLU A 126 3.77 -11.35 -0.86
CA GLU A 126 5.21 -11.16 -0.99
C GLU A 126 5.69 -11.59 -2.38
N GLU A 127 6.33 -10.67 -3.07
CA GLU A 127 6.84 -10.94 -4.42
C GLU A 127 8.16 -10.22 -4.66
N ASP A 128 8.99 -10.79 -5.53
CA ASP A 128 10.29 -10.19 -5.85
C ASP A 128 10.11 -8.85 -6.53
N TRP A 129 11.08 -7.96 -6.33
CA TRP A 129 11.04 -6.62 -6.93
C TRP A 129 10.94 -6.72 -8.44
N GLU A 130 11.55 -7.76 -9.01
CA GLU A 130 11.53 -7.95 -10.46
C GLU A 130 10.16 -8.42 -10.93
N THR A 131 9.29 -8.71 -9.97
CA THR A 131 7.94 -9.17 -10.28
C THR A 131 6.93 -8.04 -10.18
N ILE A 132 7.18 -7.11 -9.26
CA ILE A 132 6.30 -5.97 -9.06
C ILE A 132 6.79 -4.74 -9.83
N TYR A 133 8.05 -4.78 -10.23
CA TYR A 133 8.66 -3.68 -10.96
C TYR A 133 7.82 -3.33 -12.20
N PRO A 134 7.60 -4.32 -13.06
CA PRO A 134 6.82 -4.15 -14.29
C PRO A 134 5.46 -3.53 -14.02
N CYS A 135 4.73 -4.07 -13.05
CA CYS A 135 3.41 -3.56 -12.70
C CYS A 135 3.45 -2.84 -11.35
N LEU A 136 4.27 -1.80 -11.28
CA LEU A 136 4.40 -1.03 -10.05
C LEU A 136 3.28 0.01 -9.94
N SER A 137 3.22 0.69 -8.79
CA SER A 137 2.20 1.71 -8.56
C SER A 137 2.79 3.11 -8.69
N PRO A 138 1.90 4.10 -8.92
CA PRO A 138 2.31 5.50 -9.06
C PRO A 138 2.82 6.09 -7.75
N LYS A 139 4.14 6.12 -7.58
CA LYS A 139 4.75 6.67 -6.38
C LYS A 139 4.78 8.19 -6.44
N SER A 140 4.69 8.83 -5.27
CA SER A 140 4.71 10.28 -5.17
C SER A 140 5.48 10.74 -3.95
N GLY A 141 5.47 12.05 -3.70
CA GLY A 141 6.17 12.59 -2.56
C GLY A 141 7.57 13.05 -2.91
N PRO A 142 8.20 13.80 -1.99
CA PRO A 142 9.57 14.32 -2.19
C PRO A 142 10.62 13.21 -2.16
N SER A 143 10.43 12.26 -1.27
CA SER A 143 11.36 11.14 -1.12
C SER A 143 12.79 11.65 -0.95
N SER A 144 12.96 12.60 -0.04
CA SER A 144 14.28 13.17 0.22
C SER A 144 14.83 13.86 -1.04
N GLY A 145 13.93 14.36 -1.86
CA GLY A 145 14.35 15.02 -3.09
C GLY A 145 13.62 16.34 -3.31
N GLY A 1 24.78 -14.38 9.41
CA GLY A 1 24.15 -15.03 8.27
C GLY A 1 24.63 -16.46 8.09
N SER A 2 24.31 -17.32 9.04
CA SER A 2 24.72 -18.71 8.97
C SER A 2 23.64 -19.57 8.32
N SER A 3 22.47 -19.62 8.94
CA SER A 3 21.35 -20.39 8.41
C SER A 3 20.88 -19.84 7.07
N GLY A 4 20.44 -18.58 7.08
CA GLY A 4 19.98 -17.94 5.87
C GLY A 4 18.98 -16.83 6.14
N SER A 5 19.49 -15.70 6.61
CA SER A 5 18.65 -14.55 6.93
C SER A 5 18.56 -13.61 5.74
N SER A 6 17.44 -12.90 5.62
CA SER A 6 17.23 -11.96 4.52
C SER A 6 16.69 -10.63 5.04
N GLY A 7 16.99 -9.56 4.32
CA GLY A 7 16.54 -8.24 4.72
C GLY A 7 17.64 -7.20 4.64
N VAL A 8 18.10 -6.92 3.43
CA VAL A 8 19.15 -5.94 3.21
C VAL A 8 18.73 -4.57 3.73
N THR A 9 19.67 -3.88 4.38
CA THR A 9 19.40 -2.56 4.94
C THR A 9 19.37 -1.50 3.84
N GLY A 10 20.27 -1.63 2.87
CA GLY A 10 20.33 -0.69 1.77
C GLY A 10 19.14 -0.80 0.84
N ASP A 11 19.26 -0.21 -0.35
CA ASP A 11 18.19 -0.26 -1.33
C ASP A 11 18.57 -1.13 -2.52
N ARG A 12 19.01 -2.35 -2.23
CA ARG A 12 19.41 -3.29 -3.29
C ARG A 12 18.24 -4.17 -3.71
N ALA A 13 18.12 -4.39 -5.02
CA ALA A 13 17.04 -5.22 -5.55
C ALA A 13 17.47 -6.68 -5.66
N GLY A 14 16.84 -7.54 -4.86
CA GLY A 14 17.16 -8.95 -4.89
C GLY A 14 16.12 -9.79 -4.16
N GLY A 15 16.26 -9.89 -2.84
CA GLY A 15 15.32 -10.68 -2.06
C GLY A 15 13.88 -10.27 -2.30
N ARG A 16 12.95 -11.12 -1.87
CA ARG A 16 11.53 -10.83 -2.03
C ARG A 16 11.16 -9.49 -1.41
N SER A 17 10.06 -8.91 -1.86
CA SER A 17 9.60 -7.63 -1.34
C SER A 17 8.07 -7.58 -1.28
N TRP A 18 7.54 -7.61 -0.06
CA TRP A 18 6.09 -7.57 0.13
C TRP A 18 5.47 -6.39 -0.61
N CYS A 19 4.14 -6.40 -0.72
CA CYS A 19 3.44 -5.33 -1.41
C CYS A 19 1.93 -5.49 -1.26
N LEU A 20 1.17 -4.60 -1.89
CA LEU A 20 -0.28 -4.65 -1.82
C LEU A 20 -0.89 -4.95 -3.19
N ARG A 21 -0.77 -6.19 -3.63
CA ARG A 21 -1.31 -6.60 -4.92
C ARG A 21 -2.76 -6.20 -5.07
N ARG A 22 -3.01 -5.23 -5.95
CA ARG A 22 -4.37 -4.74 -6.18
C ARG A 22 -5.28 -5.87 -6.65
N VAL A 23 -6.38 -6.08 -5.92
CA VAL A 23 -7.33 -7.12 -6.26
C VAL A 23 -8.13 -6.75 -7.50
N GLY A 24 -8.13 -7.64 -8.50
CA GLY A 24 -8.86 -7.38 -9.73
C GLY A 24 -8.01 -6.73 -10.79
N MET A 25 -7.04 -5.93 -10.36
CA MET A 25 -6.14 -5.25 -11.29
C MET A 25 -4.73 -5.79 -11.17
N SER A 26 -4.06 -5.94 -12.31
CA SER A 26 -2.69 -6.45 -12.34
C SER A 26 -1.68 -5.31 -12.29
N ALA A 27 -2.15 -4.13 -11.91
CA ALA A 27 -1.28 -2.96 -11.82
C ALA A 27 -1.54 -2.20 -10.52
N GLY A 28 -0.79 -1.11 -10.33
CA GLY A 28 -0.95 -0.31 -9.13
C GLY A 28 -0.54 -1.04 -7.88
N TRP A 29 0.48 -1.88 -7.99
CA TRP A 29 0.97 -2.66 -6.86
C TRP A 29 1.83 -1.79 -5.95
N LEU A 30 1.32 -1.52 -4.75
CA LEU A 30 2.04 -0.71 -3.78
C LEU A 30 3.16 -1.51 -3.13
N LEU A 31 4.40 -1.18 -3.48
CA LEU A 31 5.56 -1.86 -2.94
C LEU A 31 5.68 -1.61 -1.44
N LEU A 32 6.13 -2.62 -0.71
CA LEU A 32 6.30 -2.51 0.74
C LEU A 32 7.74 -2.79 1.15
N GLU A 33 8.63 -1.87 0.80
CA GLU A 33 10.05 -2.02 1.12
C GLU A 33 10.23 -2.25 2.62
N ASP A 34 11.03 -3.26 2.96
CA ASP A 34 11.28 -3.60 4.36
C ASP A 34 12.00 -2.44 5.06
N GLY A 35 11.30 -1.82 6.02
CA GLY A 35 11.87 -0.71 6.75
C GLY A 35 11.57 0.63 6.11
N CYS A 36 10.58 0.64 5.22
CA CYS A 36 10.20 1.87 4.53
C CYS A 36 8.72 2.18 4.76
N GLU A 37 8.45 3.35 5.34
CA GLU A 37 7.07 3.75 5.61
C GLU A 37 6.31 3.99 4.31
N VAL A 38 5.13 3.37 4.21
CA VAL A 38 4.30 3.51 3.02
C VAL A 38 3.00 4.22 3.34
N THR A 39 2.93 5.50 3.01
CA THR A 39 1.73 6.29 3.26
C THR A 39 0.89 6.44 2.00
N VAL A 40 -0.35 5.95 2.06
CA VAL A 40 -1.26 6.03 0.92
C VAL A 40 -2.23 7.19 1.07
N GLY A 41 -2.65 7.75 -0.05
CA GLY A 41 -3.59 8.86 -0.02
C GLY A 41 -3.87 9.43 -1.40
N ARG A 42 -4.44 10.63 -1.45
CA ARG A 42 -4.76 11.27 -2.71
C ARG A 42 -4.05 12.62 -2.83
N GLY A 43 -2.92 12.76 -2.13
CA GLY A 43 -2.17 13.99 -2.17
C GLY A 43 -0.81 13.81 -2.82
N PHE A 44 0.07 14.79 -2.63
CA PHE A 44 1.40 14.75 -3.21
C PHE A 44 2.43 14.35 -2.17
N GLY A 45 2.16 14.67 -0.91
CA GLY A 45 3.08 14.34 0.16
C GLY A 45 3.18 12.84 0.39
N VAL A 46 2.05 12.15 0.27
CA VAL A 46 2.01 10.71 0.47
C VAL A 46 2.89 10.00 -0.55
N THR A 47 3.41 8.83 -0.17
CA THR A 47 4.28 8.05 -1.05
C THR A 47 3.49 7.50 -2.24
N TYR A 48 2.27 7.06 -1.98
CA TYR A 48 1.42 6.52 -3.04
C TYR A 48 0.15 7.35 -3.20
N GLN A 49 0.07 8.08 -4.31
CA GLN A 49 -1.09 8.92 -4.59
C GLN A 49 -2.06 8.21 -5.53
N LEU A 50 -3.23 7.85 -4.99
CA LEU A 50 -4.24 7.17 -5.77
C LEU A 50 -5.32 8.14 -6.25
N VAL A 51 -5.54 8.18 -7.55
CA VAL A 51 -6.54 9.07 -8.14
C VAL A 51 -7.54 8.29 -8.99
N SER A 52 -8.81 8.64 -8.86
CA SER A 52 -9.87 7.98 -9.62
C SER A 52 -10.67 8.98 -10.45
N LYS A 53 -11.60 8.47 -11.24
CA LYS A 53 -12.44 9.32 -12.08
C LYS A 53 -13.89 9.29 -11.62
N ILE A 54 -14.27 8.20 -10.96
CA ILE A 54 -15.64 8.03 -10.47
C ILE A 54 -15.83 8.75 -9.14
N CYS A 55 -14.99 8.41 -8.17
CA CYS A 55 -15.06 9.02 -6.84
C CYS A 55 -13.67 9.16 -6.23
N PRO A 56 -12.88 10.11 -6.76
CA PRO A 56 -11.52 10.37 -6.27
C PRO A 56 -11.51 10.98 -4.88
N LEU A 57 -12.62 11.59 -4.49
CA LEU A 57 -12.73 12.22 -3.18
C LEU A 57 -12.83 11.17 -2.08
N MET A 58 -13.22 9.95 -2.46
CA MET A 58 -13.34 8.85 -1.50
C MET A 58 -12.07 8.71 -0.68
N ILE A 59 -10.93 8.71 -1.35
CA ILE A 59 -9.64 8.57 -0.67
C ILE A 59 -9.19 9.91 -0.08
N SER A 60 -8.75 9.87 1.17
CA SER A 60 -8.29 11.08 1.85
C SER A 60 -6.77 11.03 2.07
N ARG A 61 -6.18 12.21 2.23
CA ARG A 61 -4.73 12.30 2.45
C ARG A 61 -4.29 11.41 3.61
N ASN A 62 -3.28 10.59 3.35
CA ASN A 62 -2.77 9.68 4.37
C ASN A 62 -3.86 8.75 4.88
N HIS A 63 -4.62 8.17 3.95
CA HIS A 63 -5.70 7.26 4.30
C HIS A 63 -5.21 6.17 5.26
N CYS A 64 -3.94 5.82 5.12
CA CYS A 64 -3.34 4.78 5.97
C CYS A 64 -1.83 4.80 5.86
N VAL A 65 -1.16 4.19 6.84
CA VAL A 65 0.30 4.13 6.85
C VAL A 65 0.79 2.74 7.23
N LEU A 66 1.70 2.20 6.43
CA LEU A 66 2.26 0.88 6.67
C LEU A 66 3.71 0.98 7.14
N LYS A 67 4.06 0.16 8.13
CA LYS A 67 5.41 0.15 8.67
C LYS A 67 5.69 -1.14 9.43
N GLN A 68 6.96 -1.47 9.59
CA GLN A 68 7.36 -2.69 10.31
C GLN A 68 7.69 -2.37 11.76
N ASN A 69 6.86 -2.88 12.67
CA ASN A 69 7.07 -2.67 14.09
C ASN A 69 8.49 -3.02 14.50
N PRO A 70 8.93 -2.51 15.66
CA PRO A 70 10.28 -2.76 16.19
C PRO A 70 10.63 -4.25 16.17
N GLU A 71 9.62 -5.09 16.26
CA GLU A 71 9.82 -6.54 16.25
C GLU A 71 10.36 -7.00 14.90
N GLY A 72 9.83 -6.43 13.82
CA GLY A 72 10.26 -6.80 12.49
C GLY A 72 9.13 -7.33 11.64
N GLN A 73 7.89 -7.02 12.03
CA GLN A 73 6.71 -7.47 11.30
C GLN A 73 5.91 -6.29 10.79
N TRP A 74 5.32 -6.44 9.60
CA TRP A 74 4.53 -5.38 9.00
C TRP A 74 3.23 -5.17 9.77
N THR A 75 2.78 -3.92 9.85
CA THR A 75 1.56 -3.59 10.56
C THR A 75 0.88 -2.37 9.96
N ILE A 76 -0.37 -2.53 9.54
CA ILE A 76 -1.13 -1.44 8.95
C ILE A 76 -1.77 -0.57 10.02
N MET A 77 -1.63 0.75 9.86
CA MET A 77 -2.21 1.69 10.82
C MET A 77 -2.90 2.84 10.10
N ASP A 78 -4.21 2.92 10.25
CA ASP A 78 -4.99 3.98 9.62
C ASP A 78 -4.75 5.33 10.28
N ASN A 79 -4.26 6.29 9.51
CA ASN A 79 -3.97 7.62 10.03
C ASN A 79 -5.25 8.44 10.17
N LYS A 80 -6.20 7.93 10.95
CA LYS A 80 -7.47 8.63 11.15
C LYS A 80 -8.11 8.99 9.82
N SER A 81 -8.87 8.06 9.26
CA SER A 81 -9.54 8.29 7.98
C SER A 81 -11.00 8.65 8.19
N LEU A 82 -11.61 9.26 7.18
CA LEU A 82 -13.02 9.66 7.26
C LEU A 82 -13.93 8.49 6.90
N ASN A 83 -13.58 7.76 5.85
CA ASN A 83 -14.37 6.61 5.42
C ASN A 83 -14.12 5.40 6.31
N GLY A 84 -12.88 4.93 6.32
CA GLY A 84 -12.53 3.79 7.14
C GLY A 84 -11.80 2.71 6.36
N VAL A 85 -11.00 1.91 7.06
CA VAL A 85 -10.24 0.84 6.42
C VAL A 85 -10.76 -0.53 6.85
N TRP A 86 -10.91 -1.43 5.88
CA TRP A 86 -11.39 -2.77 6.15
C TRP A 86 -10.29 -3.80 5.96
N LEU A 87 -10.12 -4.68 6.94
CA LEU A 87 -9.09 -5.72 6.87
C LEU A 87 -9.70 -7.09 7.13
N ASN A 88 -9.76 -7.91 6.09
CA ASN A 88 -10.31 -9.26 6.20
C ASN A 88 -11.77 -9.22 6.63
N ARG A 89 -12.56 -8.42 5.93
CA ARG A 89 -13.98 -8.29 6.24
C ARG A 89 -14.18 -7.83 7.68
N ALA A 90 -13.31 -6.95 8.14
CA ALA A 90 -13.39 -6.43 9.50
C ALA A 90 -12.84 -5.01 9.58
N ARG A 91 -13.67 -4.09 10.05
CA ARG A 91 -13.28 -2.69 10.18
C ARG A 91 -12.05 -2.56 11.09
N LEU A 92 -11.43 -1.38 11.07
CA LEU A 92 -10.25 -1.13 11.89
C LEU A 92 -10.31 0.26 12.51
N GLU A 93 -9.94 0.36 13.78
CA GLU A 93 -9.95 1.62 14.49
C GLU A 93 -8.79 2.51 14.04
N PRO A 94 -8.92 3.83 14.30
CA PRO A 94 -7.89 4.80 13.93
C PRO A 94 -6.62 4.66 14.77
N LEU A 95 -5.48 4.82 14.12
CA LEU A 95 -4.19 4.71 14.80
C LEU A 95 -4.09 3.39 15.57
N ARG A 96 -4.47 2.31 14.90
CA ARG A 96 -4.42 0.97 15.52
C ARG A 96 -3.42 0.08 14.79
N VAL A 97 -2.85 -0.88 15.53
CA VAL A 97 -1.88 -1.80 14.96
C VAL A 97 -2.52 -3.13 14.63
N TYR A 98 -2.44 -3.53 13.36
CA TYR A 98 -3.01 -4.79 12.90
C TYR A 98 -2.04 -5.53 12.00
N SER A 99 -1.36 -6.52 12.56
CA SER A 99 -0.40 -7.31 11.80
C SER A 99 -1.03 -7.88 10.53
N ILE A 100 -0.30 -7.80 9.43
CA ILE A 100 -0.79 -8.31 8.15
C ILE A 100 0.10 -9.44 7.62
N HIS A 101 -0.53 -10.44 7.03
CA HIS A 101 0.20 -11.58 6.48
C HIS A 101 -0.40 -12.03 5.15
N GLN A 102 0.28 -12.95 4.48
CA GLN A 102 -0.20 -13.46 3.19
C GLN A 102 -1.61 -14.00 3.32
N GLY A 103 -2.59 -13.26 2.80
CA GLY A 103 -3.97 -13.68 2.87
C GLY A 103 -4.87 -12.65 3.51
N ASP A 104 -4.54 -11.38 3.31
CA ASP A 104 -5.33 -10.29 3.88
C ASP A 104 -5.96 -9.45 2.77
N TYR A 105 -6.94 -8.63 3.16
CA TYR A 105 -7.63 -7.76 2.20
C TYR A 105 -7.85 -6.37 2.78
N ILE A 106 -7.05 -5.42 2.33
CA ILE A 106 -7.16 -4.05 2.81
C ILE A 106 -8.06 -3.22 1.90
N GLN A 107 -9.15 -2.70 2.46
CA GLN A 107 -10.09 -1.90 1.69
C GLN A 107 -10.08 -0.44 2.17
N LEU A 108 -9.57 0.45 1.34
CA LEU A 108 -9.50 1.86 1.68
C LEU A 108 -10.82 2.57 1.35
N GLY A 109 -11.72 2.59 2.33
CA GLY A 109 -13.00 3.23 2.13
C GLY A 109 -14.14 2.23 2.00
N VAL A 110 -15.30 2.71 1.56
CA VAL A 110 -16.46 1.85 1.39
C VAL A 110 -16.98 1.91 -0.04
N PRO A 111 -17.70 0.85 -0.46
CA PRO A 111 -18.26 0.76 -1.80
C PRO A 111 -19.41 1.73 -2.02
N LEU A 112 -19.45 2.34 -3.20
CA LEU A 112 -20.50 3.31 -3.53
C LEU A 112 -21.86 2.63 -3.60
N GLU A 113 -22.89 3.41 -3.89
CA GLU A 113 -24.25 2.87 -3.99
C GLU A 113 -24.46 2.18 -5.34
N ASN A 114 -23.51 2.37 -6.25
CA ASN A 114 -23.59 1.76 -7.57
C ASN A 114 -22.37 0.89 -7.85
N LYS A 115 -21.41 0.91 -6.93
CA LYS A 115 -20.20 0.12 -7.06
C LYS A 115 -20.35 -1.22 -6.37
N GLU A 116 -20.26 -2.30 -7.14
CA GLU A 116 -20.39 -3.65 -6.60
C GLU A 116 -19.44 -3.85 -5.42
N ASN A 117 -18.20 -3.39 -5.58
CA ASN A 117 -17.19 -3.52 -4.53
C ASN A 117 -16.25 -2.32 -4.54
N ALA A 118 -15.58 -2.11 -3.41
CA ALA A 118 -14.65 -0.99 -3.28
C ALA A 118 -13.65 -0.97 -4.43
N GLU A 119 -13.71 0.07 -5.25
CA GLU A 119 -12.82 0.21 -6.38
C GLU A 119 -11.35 0.05 -5.96
N TYR A 120 -11.07 0.44 -4.72
CA TYR A 120 -9.71 0.33 -4.19
C TYR A 120 -9.58 -0.88 -3.26
N GLU A 121 -9.02 -1.95 -3.80
CA GLU A 121 -8.84 -3.18 -3.03
C GLU A 121 -7.48 -3.80 -3.32
N TYR A 122 -6.82 -4.29 -2.27
CA TYR A 122 -5.50 -4.91 -2.41
C TYR A 122 -5.47 -6.27 -1.71
N GLU A 123 -4.28 -6.88 -1.67
CA GLU A 123 -4.11 -8.17 -1.04
C GLU A 123 -2.65 -8.39 -0.64
N VAL A 124 -2.40 -8.38 0.67
CA VAL A 124 -1.05 -8.58 1.19
C VAL A 124 -0.42 -9.83 0.60
N THR A 125 0.70 -9.65 -0.11
CA THR A 125 1.40 -10.77 -0.71
C THR A 125 2.90 -10.50 -0.82
N GLU A 126 3.69 -11.55 -0.93
CA GLU A 126 5.14 -11.43 -1.03
C GLU A 126 5.62 -11.78 -2.43
N GLU A 127 6.20 -10.81 -3.12
CA GLU A 127 6.70 -11.02 -4.47
C GLU A 127 8.04 -10.31 -4.67
N ASP A 128 8.87 -10.87 -5.55
CA ASP A 128 10.18 -10.29 -5.83
C ASP A 128 10.05 -8.94 -6.52
N TRP A 129 11.06 -8.09 -6.34
CA TRP A 129 11.05 -6.77 -6.96
C TRP A 129 10.91 -6.86 -8.47
N GLU A 130 11.48 -7.91 -9.05
CA GLU A 130 11.42 -8.12 -10.49
C GLU A 130 10.03 -8.56 -10.91
N THR A 131 9.17 -8.84 -9.93
CA THR A 131 7.81 -9.28 -10.21
C THR A 131 6.83 -8.12 -10.10
N ILE A 132 7.12 -7.19 -9.19
CA ILE A 132 6.26 -6.03 -8.99
C ILE A 132 6.78 -4.82 -9.78
N TYR A 133 8.04 -4.88 -10.18
CA TYR A 133 8.65 -3.79 -10.93
C TYR A 133 7.81 -3.43 -12.16
N PRO A 134 7.56 -4.45 -13.01
CA PRO A 134 6.77 -4.27 -14.24
C PRO A 134 5.43 -3.61 -13.97
N CYS A 135 4.73 -4.09 -12.95
CA CYS A 135 3.43 -3.54 -12.59
C CYS A 135 3.48 -2.85 -11.24
N LEU A 136 4.30 -1.80 -11.15
CA LEU A 136 4.45 -1.05 -9.90
C LEU A 136 3.38 0.04 -9.80
N SER A 137 3.26 0.62 -8.61
CA SER A 137 2.29 1.67 -8.38
C SER A 137 2.92 3.05 -8.55
N PRO A 138 2.07 4.07 -8.77
CA PRO A 138 2.52 5.45 -8.96
C PRO A 138 3.08 6.06 -7.67
N LYS A 139 4.37 6.37 -7.68
CA LYS A 139 5.03 6.96 -6.52
C LYS A 139 5.09 8.47 -6.65
N SER A 140 5.03 9.16 -5.51
CA SER A 140 5.08 10.61 -5.49
C SER A 140 5.99 11.11 -4.38
N GLY A 141 6.68 12.22 -4.63
CA GLY A 141 7.57 12.79 -3.63
C GLY A 141 8.95 13.06 -4.18
N PRO A 142 9.74 13.85 -3.44
CA PRO A 142 11.10 14.21 -3.85
C PRO A 142 12.06 13.02 -3.79
N SER A 143 11.79 12.09 -2.88
CA SER A 143 12.63 10.91 -2.73
C SER A 143 12.74 10.15 -4.05
N SER A 144 11.63 10.02 -4.75
CA SER A 144 11.60 9.32 -6.03
C SER A 144 11.91 10.27 -7.19
N GLY A 145 13.17 10.72 -7.25
CA GLY A 145 13.57 11.62 -8.30
C GLY A 145 13.97 10.90 -9.57
N GLY A 1 46.10 2.75 -9.16
CA GLY A 1 47.30 2.82 -8.35
C GLY A 1 47.44 4.15 -7.65
N SER A 2 48.36 4.98 -8.13
CA SER A 2 48.60 6.28 -7.52
C SER A 2 47.73 7.35 -8.19
N SER A 3 46.48 7.46 -7.75
CA SER A 3 45.55 8.43 -8.30
C SER A 3 45.01 9.35 -7.21
N GLY A 4 44.26 10.36 -7.62
CA GLY A 4 43.69 11.30 -6.66
C GLY A 4 42.57 10.69 -5.86
N SER A 5 41.34 10.78 -6.40
CA SER A 5 40.18 10.23 -5.71
C SER A 5 39.54 9.11 -6.53
N SER A 6 39.19 8.02 -5.85
CA SER A 6 38.57 6.87 -6.51
C SER A 6 37.55 6.20 -5.60
N GLY A 7 36.93 5.14 -6.11
CA GLY A 7 35.94 4.42 -5.32
C GLY A 7 35.29 3.29 -6.10
N VAL A 8 34.43 2.53 -5.44
CA VAL A 8 33.75 1.41 -6.07
C VAL A 8 32.59 0.92 -5.21
N THR A 9 31.52 0.48 -5.87
CA THR A 9 30.34 -0.02 -5.16
C THR A 9 29.88 -1.35 -5.75
N GLY A 10 28.92 -1.98 -5.07
CA GLY A 10 28.41 -3.25 -5.53
C GLY A 10 26.97 -3.17 -6.00
N ASP A 11 26.26 -4.29 -5.93
CA ASP A 11 24.86 -4.33 -6.35
C ASP A 11 24.14 -5.51 -5.70
N ARG A 12 22.90 -5.28 -5.27
CA ARG A 12 22.11 -6.32 -4.64
C ARG A 12 20.73 -6.41 -5.27
N ALA A 13 20.58 -7.30 -6.25
CA ALA A 13 19.30 -7.49 -6.93
C ALA A 13 18.70 -8.85 -6.62
N GLY A 14 17.71 -8.87 -5.73
CA GLY A 14 17.07 -10.12 -5.36
C GLY A 14 16.29 -10.01 -4.06
N GLY A 15 15.84 -11.15 -3.55
CA GLY A 15 15.09 -11.16 -2.31
C GLY A 15 13.63 -10.78 -2.53
N ARG A 16 12.75 -11.35 -1.69
CA ARG A 16 11.33 -11.07 -1.80
C ARG A 16 10.99 -9.68 -1.26
N SER A 17 9.83 -9.16 -1.64
CA SER A 17 9.40 -7.84 -1.19
C SER A 17 7.88 -7.75 -1.14
N TRP A 18 7.34 -7.70 0.08
CA TRP A 18 5.90 -7.62 0.27
C TRP A 18 5.32 -6.47 -0.53
N CYS A 19 4.01 -6.52 -0.77
CA CYS A 19 3.32 -5.48 -1.53
C CYS A 19 1.81 -5.62 -1.39
N LEU A 20 1.07 -4.70 -2.01
CA LEU A 20 -0.38 -4.71 -1.97
C LEU A 20 -0.97 -5.00 -3.34
N ARG A 21 -0.89 -6.26 -3.77
CA ARG A 21 -1.42 -6.65 -5.07
C ARG A 21 -2.87 -6.20 -5.23
N ARG A 22 -3.08 -5.21 -6.08
CA ARG A 22 -4.41 -4.68 -6.32
C ARG A 22 -5.32 -5.76 -6.90
N VAL A 23 -6.34 -6.15 -6.11
CA VAL A 23 -7.27 -7.18 -6.53
C VAL A 23 -8.07 -6.72 -7.75
N GLY A 24 -8.12 -7.56 -8.79
CA GLY A 24 -8.85 -7.22 -9.99
C GLY A 24 -7.96 -6.66 -11.08
N MET A 25 -6.93 -5.92 -10.67
CA MET A 25 -5.99 -5.32 -11.61
C MET A 25 -4.61 -5.97 -11.49
N SER A 26 -3.85 -5.91 -12.58
CA SER A 26 -2.51 -6.49 -12.59
C SER A 26 -1.45 -5.40 -12.47
N ALA A 27 -1.87 -4.20 -12.13
CA ALA A 27 -0.96 -3.08 -11.97
C ALA A 27 -1.22 -2.32 -10.67
N GLY A 28 -0.53 -1.19 -10.50
CA GLY A 28 -0.71 -0.40 -9.30
C GLY A 28 -0.34 -1.15 -8.04
N TRP A 29 0.69 -1.99 -8.14
CA TRP A 29 1.15 -2.78 -7.01
C TRP A 29 2.02 -1.94 -6.07
N LEU A 30 1.50 -1.66 -4.88
CA LEU A 30 2.22 -0.86 -3.90
C LEU A 30 3.33 -1.69 -3.24
N LEU A 31 4.57 -1.34 -3.53
CA LEU A 31 5.72 -2.05 -2.96
C LEU A 31 5.84 -1.77 -1.47
N LEU A 32 6.22 -2.79 -0.71
CA LEU A 32 6.38 -2.66 0.74
C LEU A 32 7.79 -3.05 1.17
N GLU A 33 8.77 -2.24 0.78
CA GLU A 33 10.16 -2.50 1.13
C GLU A 33 10.36 -2.49 2.64
N ASP A 34 11.15 -3.43 3.14
CA ASP A 34 11.43 -3.53 4.56
C ASP A 34 12.10 -2.26 5.08
N GLY A 35 11.52 -1.65 6.12
CA GLY A 35 12.08 -0.44 6.69
C GLY A 35 11.71 0.79 5.88
N CYS A 36 10.70 0.66 5.03
CA CYS A 36 10.26 1.77 4.19
C CYS A 36 8.78 2.05 4.41
N GLU A 37 8.47 3.23 4.93
CA GLU A 37 7.08 3.61 5.18
C GLU A 37 6.29 3.69 3.88
N VAL A 38 5.02 3.30 3.94
CA VAL A 38 4.16 3.32 2.76
C VAL A 38 2.84 4.03 3.07
N THR A 39 2.84 5.36 2.92
CA THR A 39 1.65 6.15 3.18
C THR A 39 0.79 6.28 1.93
N VAL A 40 -0.51 6.03 2.09
CA VAL A 40 -1.45 6.12 0.96
C VAL A 40 -2.44 7.26 1.16
N GLY A 41 -2.85 7.88 0.06
CA GLY A 41 -3.80 8.98 0.13
C GLY A 41 -3.95 9.69 -1.20
N ARG A 42 -4.56 10.88 -1.17
CA ARG A 42 -4.76 11.66 -2.37
C ARG A 42 -3.85 12.89 -2.39
N GLY A 43 -2.72 12.79 -1.70
CA GLY A 43 -1.77 13.89 -1.65
C GLY A 43 -0.48 13.58 -2.36
N PHE A 44 0.37 14.59 -2.50
CA PHE A 44 1.66 14.43 -3.18
C PHE A 44 2.74 14.01 -2.18
N GLY A 45 2.56 14.40 -0.92
CA GLY A 45 3.53 14.06 0.11
C GLY A 45 3.61 12.57 0.35
N VAL A 46 2.46 11.91 0.38
CA VAL A 46 2.41 10.47 0.60
C VAL A 46 3.24 9.71 -0.43
N THR A 47 3.60 8.49 -0.11
CA THR A 47 4.40 7.65 -1.00
C THR A 47 3.59 7.23 -2.23
N TYR A 48 2.32 6.94 -2.01
CA TYR A 48 1.43 6.52 -3.10
C TYR A 48 0.17 7.39 -3.14
N GLN A 49 0.01 8.12 -4.24
CA GLN A 49 -1.15 8.99 -4.41
C GLN A 49 -2.23 8.30 -5.24
N LEU A 50 -3.48 8.62 -4.93
CA LEU A 50 -4.61 8.02 -5.64
C LEU A 50 -5.68 9.08 -5.93
N VAL A 51 -6.18 9.07 -7.16
CA VAL A 51 -7.22 10.02 -7.57
C VAL A 51 -8.29 9.33 -8.40
N SER A 52 -9.55 9.70 -8.15
CA SER A 52 -10.67 9.12 -8.87
C SER A 52 -11.55 10.21 -9.48
N LYS A 53 -12.54 9.80 -10.26
CA LYS A 53 -13.45 10.74 -10.90
C LYS A 53 -14.82 10.70 -10.25
N ILE A 54 -15.18 9.54 -9.68
CA ILE A 54 -16.47 9.38 -9.02
C ILE A 54 -16.46 10.02 -7.64
N CYS A 55 -15.63 9.49 -6.76
CA CYS A 55 -15.53 10.01 -5.40
C CYS A 55 -14.08 10.07 -4.94
N PRO A 56 -13.33 11.04 -5.47
CA PRO A 56 -11.92 11.23 -5.13
C PRO A 56 -11.71 11.72 -3.70
N LEU A 57 -12.80 12.20 -3.10
CA LEU A 57 -12.73 12.70 -1.73
C LEU A 57 -12.75 11.55 -0.72
N MET A 58 -13.25 10.40 -1.16
CA MET A 58 -13.33 9.23 -0.30
C MET A 58 -11.96 8.94 0.32
N ILE A 59 -10.90 9.17 -0.45
CA ILE A 59 -9.54 8.93 0.02
C ILE A 59 -8.95 10.18 0.65
N SER A 60 -8.44 10.05 1.87
CA SER A 60 -7.84 11.18 2.58
C SER A 60 -6.33 11.22 2.35
N ARG A 61 -5.72 12.34 2.71
CA ARG A 61 -4.28 12.51 2.55
C ARG A 61 -3.52 11.35 3.17
N ASN A 62 -3.98 10.91 4.34
CA ASN A 62 -3.34 9.80 5.04
C ASN A 62 -4.37 8.75 5.45
N HIS A 63 -5.06 8.20 4.47
CA HIS A 63 -6.08 7.18 4.73
C HIS A 63 -5.51 6.05 5.58
N CYS A 64 -4.21 5.78 5.42
CA CYS A 64 -3.56 4.73 6.17
C CYS A 64 -2.04 4.88 6.10
N VAL A 65 -1.33 4.14 6.95
CA VAL A 65 0.13 4.18 6.98
C VAL A 65 0.71 2.83 7.36
N LEU A 66 1.34 2.17 6.40
CA LEU A 66 1.95 0.86 6.63
C LEU A 66 3.38 1.02 7.14
N LYS A 67 3.82 0.09 7.97
CA LYS A 67 5.17 0.11 8.53
C LYS A 67 5.42 -1.11 9.40
N GLN A 68 6.67 -1.57 9.42
CA GLN A 68 7.05 -2.73 10.20
C GLN A 68 7.33 -2.34 11.65
N ASN A 69 6.52 -2.85 12.57
CA ASN A 69 6.68 -2.56 13.99
C ASN A 69 8.12 -2.81 14.44
N PRO A 70 8.50 -2.22 15.58
CA PRO A 70 9.84 -2.37 16.14
C PRO A 70 10.27 -3.83 16.23
N GLU A 71 9.30 -4.73 16.31
CA GLU A 71 9.58 -6.16 16.40
C GLU A 71 10.16 -6.68 15.08
N GLY A 72 9.63 -6.19 13.97
CA GLY A 72 10.11 -6.61 12.67
C GLY A 72 9.01 -7.25 11.82
N GLN A 73 7.77 -6.88 12.10
CA GLN A 73 6.63 -7.41 11.37
C GLN A 73 5.78 -6.29 10.78
N TRP A 74 5.29 -6.50 9.56
CA TRP A 74 4.45 -5.51 8.90
C TRP A 74 3.12 -5.34 9.61
N THR A 75 2.76 -4.09 9.90
CA THR A 75 1.52 -3.79 10.59
C THR A 75 0.83 -2.58 9.99
N ILE A 76 -0.43 -2.76 9.59
CA ILE A 76 -1.20 -1.68 8.99
C ILE A 76 -1.87 -0.82 10.05
N MET A 77 -1.63 0.49 10.00
CA MET A 77 -2.21 1.42 10.96
C MET A 77 -2.85 2.61 10.24
N ASP A 78 -4.09 2.90 10.60
CA ASP A 78 -4.81 4.03 9.99
C ASP A 78 -4.44 5.34 10.69
N ASN A 79 -4.51 6.43 9.94
CA ASN A 79 -4.18 7.75 10.47
C ASN A 79 -5.46 8.54 10.78
N LYS A 80 -6.21 8.08 11.77
CA LYS A 80 -7.44 8.73 12.16
C LYS A 80 -8.35 8.96 10.95
N SER A 81 -8.69 7.88 10.26
CA SER A 81 -9.54 7.96 9.08
C SER A 81 -10.98 8.31 9.48
N LEU A 82 -11.73 8.85 8.52
CA LEU A 82 -13.11 9.23 8.76
C LEU A 82 -14.06 8.08 8.45
N ASN A 83 -13.99 7.58 7.23
CA ASN A 83 -14.84 6.47 6.81
C ASN A 83 -14.48 5.19 7.55
N GLY A 84 -13.18 4.95 7.70
CA GLY A 84 -12.73 3.76 8.41
C GLY A 84 -12.03 2.78 7.49
N VAL A 85 -11.05 2.06 8.03
CA VAL A 85 -10.29 1.09 7.25
C VAL A 85 -10.80 -0.33 7.51
N TRP A 86 -10.81 -1.16 6.47
CA TRP A 86 -11.27 -2.53 6.59
C TRP A 86 -10.12 -3.51 6.32
N LEU A 87 -10.07 -4.58 7.11
CA LEU A 87 -9.03 -5.59 6.95
C LEU A 87 -9.58 -6.99 7.18
N ASN A 88 -9.76 -7.72 6.09
CA ASN A 88 -10.29 -9.09 6.17
C ASN A 88 -11.66 -9.10 6.84
N ARG A 89 -12.56 -8.26 6.33
CA ARG A 89 -13.91 -8.17 6.88
C ARG A 89 -13.88 -7.77 8.35
N ALA A 90 -13.04 -6.79 8.67
CA ALA A 90 -12.91 -6.31 10.04
C ALA A 90 -12.58 -4.82 10.08
N ARG A 91 -13.25 -4.09 10.95
CA ARG A 91 -13.03 -2.66 11.08
C ARG A 91 -11.75 -2.38 11.87
N LEU A 92 -11.04 -1.32 11.49
CA LEU A 92 -9.80 -0.95 12.16
C LEU A 92 -9.93 0.41 12.83
N GLU A 93 -9.61 0.46 14.12
CA GLU A 93 -9.69 1.70 14.89
C GLU A 93 -8.57 2.66 14.50
N PRO A 94 -8.80 3.96 14.74
CA PRO A 94 -7.82 5.00 14.42
C PRO A 94 -6.59 4.94 15.31
N LEU A 95 -5.41 5.01 14.70
CA LEU A 95 -4.16 4.96 15.45
C LEU A 95 -3.99 3.62 16.15
N ARG A 96 -4.24 2.54 15.42
CA ARG A 96 -4.12 1.20 15.98
C ARG A 96 -3.19 0.34 15.14
N VAL A 97 -2.49 -0.59 15.79
CA VAL A 97 -1.56 -1.47 15.09
C VAL A 97 -2.23 -2.81 14.77
N TYR A 98 -2.06 -3.25 13.53
CA TYR A 98 -2.64 -4.52 13.08
C TYR A 98 -1.64 -5.32 12.26
N SER A 99 -1.15 -6.41 12.83
CA SER A 99 -0.18 -7.27 12.16
C SER A 99 -0.80 -7.90 10.91
N ILE A 100 -0.17 -7.67 9.77
CA ILE A 100 -0.66 -8.22 8.50
C ILE A 100 0.25 -9.35 8.02
N HIS A 101 -0.37 -10.37 7.41
CA HIS A 101 0.37 -11.52 6.90
C HIS A 101 -0.07 -11.86 5.48
N GLN A 102 0.51 -12.91 4.92
CA GLN A 102 0.19 -13.34 3.57
C GLN A 102 -1.25 -13.83 3.48
N GLY A 103 -2.13 -12.97 2.97
CA GLY A 103 -3.53 -13.33 2.85
C GLY A 103 -4.44 -12.37 3.57
N ASP A 104 -4.27 -11.08 3.31
CA ASP A 104 -5.09 -10.05 3.94
C ASP A 104 -5.68 -9.11 2.90
N TYR A 105 -6.94 -8.74 3.09
CA TYR A 105 -7.63 -7.84 2.16
C TYR A 105 -7.78 -6.46 2.77
N ILE A 106 -7.17 -5.47 2.13
CA ILE A 106 -7.25 -4.08 2.61
C ILE A 106 -8.22 -3.27 1.75
N GLN A 107 -9.14 -2.57 2.42
CA GLN A 107 -10.11 -1.74 1.72
C GLN A 107 -10.14 -0.34 2.29
N LEU A 108 -9.98 0.65 1.41
CA LEU A 108 -9.99 2.06 1.83
C LEU A 108 -11.39 2.64 1.77
N GLY A 109 -11.96 2.94 2.93
CA GLY A 109 -13.29 3.50 2.99
C GLY A 109 -14.37 2.49 2.65
N VAL A 110 -15.58 2.96 2.43
CA VAL A 110 -16.70 2.09 2.09
C VAL A 110 -17.19 2.34 0.67
N PRO A 111 -17.84 1.33 0.08
CA PRO A 111 -18.37 1.41 -1.28
C PRO A 111 -19.57 2.36 -1.37
N LEU A 112 -19.78 2.92 -2.56
CA LEU A 112 -20.89 3.84 -2.78
C LEU A 112 -22.11 3.10 -3.33
N GLU A 113 -23.15 3.86 -3.67
CA GLU A 113 -24.37 3.28 -4.20
C GLU A 113 -24.13 2.68 -5.60
N ASN A 114 -24.87 1.62 -5.91
CA ASN A 114 -24.73 0.96 -7.21
C ASN A 114 -23.32 0.42 -7.39
N LYS A 115 -22.72 -0.04 -6.30
CA LYS A 115 -21.37 -0.59 -6.34
C LYS A 115 -21.29 -1.89 -5.54
N GLU A 116 -21.21 -3.01 -6.25
CA GLU A 116 -21.13 -4.32 -5.62
C GLU A 116 -19.99 -4.36 -4.62
N ASN A 117 -18.96 -3.56 -4.87
CA ASN A 117 -17.79 -3.51 -3.99
C ASN A 117 -16.91 -2.31 -4.32
N ALA A 118 -16.14 -1.85 -3.34
CA ALA A 118 -15.25 -0.72 -3.54
C ALA A 118 -14.31 -0.95 -4.71
N GLU A 119 -14.03 0.11 -5.46
CA GLU A 119 -13.14 0.01 -6.61
C GLU A 119 -11.69 -0.22 -6.17
N TYR A 120 -11.36 0.31 -5.00
CA TYR A 120 -10.00 0.17 -4.47
C TYR A 120 -9.90 -1.08 -3.59
N GLU A 121 -9.07 -2.03 -4.02
CA GLU A 121 -8.88 -3.27 -3.28
C GLU A 121 -7.48 -3.83 -3.52
N TYR A 122 -6.90 -4.43 -2.48
CA TYR A 122 -5.56 -5.01 -2.58
C TYR A 122 -5.51 -6.36 -1.87
N GLU A 123 -4.33 -6.98 -1.89
CA GLU A 123 -4.14 -8.27 -1.23
C GLU A 123 -2.68 -8.45 -0.81
N VAL A 124 -2.45 -8.51 0.49
CA VAL A 124 -1.11 -8.68 1.03
C VAL A 124 -0.46 -9.95 0.48
N THR A 125 0.50 -9.76 -0.42
CA THR A 125 1.20 -10.89 -1.04
C THR A 125 2.71 -10.62 -1.12
N GLU A 126 3.50 -11.64 -0.83
CA GLU A 126 4.96 -11.51 -0.88
C GLU A 126 5.49 -11.95 -2.24
N GLU A 127 6.01 -10.99 -3.00
CA GLU A 127 6.55 -11.27 -4.32
C GLU A 127 7.92 -10.62 -4.50
N ASP A 128 8.73 -11.19 -5.38
CA ASP A 128 10.07 -10.67 -5.65
C ASP A 128 9.99 -9.32 -6.36
N TRP A 129 11.02 -8.50 -6.16
CA TRP A 129 11.06 -7.18 -6.78
C TRP A 129 10.98 -7.29 -8.30
N GLU A 130 11.53 -8.35 -8.85
CA GLU A 130 11.52 -8.58 -10.28
C GLU A 130 10.12 -8.99 -10.76
N THR A 131 9.22 -9.22 -9.80
CA THR A 131 7.86 -9.63 -10.11
C THR A 131 6.91 -8.44 -10.04
N ILE A 132 7.20 -7.50 -9.14
CA ILE A 132 6.37 -6.31 -8.97
C ILE A 132 6.94 -5.13 -9.74
N TYR A 133 8.21 -5.24 -10.13
CA TYR A 133 8.88 -4.18 -10.87
C TYR A 133 8.09 -3.82 -12.12
N PRO A 134 7.85 -4.82 -12.97
CA PRO A 134 7.09 -4.64 -14.23
C PRO A 134 5.76 -3.93 -14.00
N CYS A 135 5.02 -4.39 -13.01
CA CYS A 135 3.72 -3.80 -12.68
C CYS A 135 3.76 -3.09 -11.34
N LEU A 136 4.60 -2.07 -11.23
CA LEU A 136 4.73 -1.32 -9.98
C LEU A 136 3.67 -0.22 -9.91
N SER A 137 3.53 0.37 -8.73
CA SER A 137 2.56 1.44 -8.52
C SER A 137 3.21 2.82 -8.71
N PRO A 138 2.37 3.83 -8.95
CA PRO A 138 2.84 5.20 -9.15
C PRO A 138 3.39 5.83 -7.88
N LYS A 139 4.71 5.85 -7.76
CA LYS A 139 5.36 6.42 -6.59
C LYS A 139 5.42 7.94 -6.68
N SER A 140 5.26 8.61 -5.55
CA SER A 140 5.29 10.06 -5.50
C SER A 140 6.28 10.56 -4.45
N GLY A 141 7.13 11.50 -4.84
CA GLY A 141 8.11 12.04 -3.92
C GLY A 141 9.53 11.93 -4.44
N PRO A 142 10.50 12.39 -3.64
CA PRO A 142 11.92 12.34 -4.01
C PRO A 142 12.47 10.92 -4.04
N SER A 143 13.49 10.70 -4.86
CA SER A 143 14.11 9.39 -4.97
C SER A 143 15.31 9.27 -4.03
N SER A 144 15.14 8.48 -2.97
CA SER A 144 16.21 8.29 -2.00
C SER A 144 15.99 7.01 -1.19
N GLY A 145 17.00 6.16 -1.12
CA GLY A 145 16.89 4.92 -0.39
C GLY A 145 18.23 4.42 0.11
N GLY A 1 33.96 18.67 -29.77
CA GLY A 1 33.49 17.56 -28.97
C GLY A 1 33.05 17.99 -27.58
N SER A 2 33.14 17.08 -26.63
CA SER A 2 32.75 17.37 -25.25
C SER A 2 33.42 16.41 -24.28
N SER A 3 33.09 16.55 -22.99
CA SER A 3 33.67 15.70 -21.96
C SER A 3 32.75 14.52 -21.65
N GLY A 4 33.17 13.68 -20.70
CA GLY A 4 32.37 12.53 -20.34
C GLY A 4 31.47 12.80 -19.15
N SER A 5 30.53 11.89 -18.90
CA SER A 5 29.60 12.04 -17.79
C SER A 5 29.96 11.10 -16.65
N SER A 6 29.34 11.31 -15.49
CA SER A 6 29.60 10.49 -14.32
C SER A 6 28.79 9.19 -14.37
N GLY A 7 27.54 9.31 -14.83
CA GLY A 7 26.68 8.14 -14.93
C GLY A 7 25.90 7.89 -13.65
N VAL A 8 26.52 7.16 -12.72
CA VAL A 8 25.88 6.84 -11.45
C VAL A 8 24.53 6.19 -11.66
N THR A 9 24.55 4.90 -12.04
CA THR A 9 23.32 4.16 -12.28
C THR A 9 23.43 2.73 -11.75
N GLY A 10 22.32 2.21 -11.25
CA GLY A 10 22.32 0.86 -10.72
C GLY A 10 20.99 0.49 -10.08
N ASP A 11 20.20 -0.32 -10.78
CA ASP A 11 18.89 -0.74 -10.28
C ASP A 11 19.00 -2.10 -9.59
N ARG A 12 20.09 -2.31 -8.86
CA ARG A 12 20.31 -3.56 -8.16
C ARG A 12 19.10 -3.92 -7.30
N ALA A 13 18.97 -5.20 -6.98
CA ALA A 13 17.85 -5.67 -6.15
C ALA A 13 18.12 -7.08 -5.64
N GLY A 14 17.15 -7.61 -4.89
CA GLY A 14 17.30 -8.95 -4.35
C GLY A 14 16.39 -9.21 -3.17
N GLY A 15 16.13 -10.47 -2.87
CA GLY A 15 15.27 -10.82 -1.76
C GLY A 15 13.83 -10.43 -2.00
N ARG A 16 12.91 -11.27 -1.54
CA ARG A 16 11.48 -11.02 -1.71
C ARG A 16 11.10 -9.66 -1.14
N SER A 17 10.05 -9.05 -1.71
CA SER A 17 9.59 -7.74 -1.26
C SER A 17 8.07 -7.69 -1.21
N TRP A 18 7.52 -7.63 0.00
CA TRP A 18 6.07 -7.57 0.18
C TRP A 18 5.46 -6.47 -0.67
N CYS A 19 4.14 -6.50 -0.80
CA CYS A 19 3.43 -5.49 -1.59
C CYS A 19 1.92 -5.64 -1.41
N LEU A 20 1.16 -4.77 -2.08
CA LEU A 20 -0.29 -4.79 -2.00
C LEU A 20 -0.90 -5.07 -3.37
N ARG A 21 -0.88 -6.34 -3.78
CA ARG A 21 -1.44 -6.74 -5.06
C ARG A 21 -2.87 -6.23 -5.22
N ARG A 22 -3.05 -5.27 -6.12
CA ARG A 22 -4.37 -4.69 -6.37
C ARG A 22 -5.39 -5.78 -6.73
N VAL A 23 -6.45 -5.87 -5.94
CA VAL A 23 -7.49 -6.87 -6.17
C VAL A 23 -8.23 -6.59 -7.48
N GLY A 24 -8.21 -7.56 -8.39
CA GLY A 24 -8.89 -7.40 -9.66
C GLY A 24 -8.04 -6.66 -10.68
N MET A 25 -6.74 -6.61 -10.43
CA MET A 25 -5.82 -5.93 -11.33
C MET A 25 -4.38 -6.39 -11.10
N SER A 26 -3.70 -6.73 -12.18
CA SER A 26 -2.31 -7.20 -12.10
C SER A 26 -1.34 -6.02 -12.05
N ALA A 27 -1.89 -4.81 -12.05
CA ALA A 27 -1.08 -3.61 -12.01
C ALA A 27 -1.32 -2.82 -10.72
N GLY A 28 -0.66 -1.68 -10.59
CA GLY A 28 -0.81 -0.86 -9.40
C GLY A 28 -0.40 -1.58 -8.14
N TRP A 29 0.70 -2.31 -8.22
CA TRP A 29 1.21 -3.06 -7.06
C TRP A 29 2.07 -2.17 -6.18
N LEU A 30 1.57 -1.86 -4.99
CA LEU A 30 2.30 -1.03 -4.04
C LEU A 30 3.42 -1.81 -3.37
N LEU A 31 4.66 -1.46 -3.69
CA LEU A 31 5.82 -2.13 -3.12
C LEU A 31 5.95 -1.82 -1.62
N LEU A 32 6.24 -2.83 -0.83
CA LEU A 32 6.39 -2.66 0.61
C LEU A 32 7.81 -2.98 1.05
N GLU A 33 8.75 -2.11 0.66
CA GLU A 33 10.15 -2.29 1.02
C GLU A 33 10.33 -2.36 2.52
N ASP A 34 10.94 -3.44 2.99
CA ASP A 34 11.17 -3.64 4.42
C ASP A 34 12.04 -2.53 4.99
N GLY A 35 11.46 -1.69 5.84
CA GLY A 35 12.20 -0.60 6.44
C GLY A 35 11.74 0.75 5.94
N CYS A 36 11.08 0.76 4.78
CA CYS A 36 10.58 1.99 4.20
C CYS A 36 9.09 2.16 4.43
N GLU A 37 8.72 3.22 5.13
CA GLU A 37 7.31 3.49 5.44
C GLU A 37 6.51 3.68 4.16
N VAL A 38 5.28 3.17 4.16
CA VAL A 38 4.41 3.28 2.99
C VAL A 38 3.10 3.98 3.35
N THR A 39 2.98 5.25 2.95
CA THR A 39 1.79 6.03 3.23
C THR A 39 0.91 6.15 1.99
N VAL A 40 -0.38 5.88 2.16
CA VAL A 40 -1.33 5.96 1.04
C VAL A 40 -2.39 7.02 1.31
N GLY A 41 -2.82 7.69 0.24
CA GLY A 41 -3.83 8.73 0.37
C GLY A 41 -4.22 9.34 -0.96
N ARG A 42 -4.69 10.57 -0.93
CA ARG A 42 -5.11 11.27 -2.14
C ARG A 42 -4.23 12.49 -2.38
N GLY A 43 -3.66 13.04 -1.31
CA GLY A 43 -2.81 14.20 -1.42
C GLY A 43 -1.50 13.91 -2.12
N PHE A 44 -0.72 14.95 -2.40
CA PHE A 44 0.55 14.79 -3.08
C PHE A 44 1.70 14.76 -2.06
N GLY A 45 1.41 14.27 -0.86
CA GLY A 45 2.43 14.19 0.17
C GLY A 45 2.57 12.79 0.74
N VAL A 46 2.09 11.80 0.00
CA VAL A 46 2.18 10.41 0.44
C VAL A 46 2.94 9.55 -0.57
N THR A 47 3.54 8.48 -0.08
CA THR A 47 4.31 7.59 -0.94
C THR A 47 3.48 7.13 -2.13
N TYR A 48 2.20 6.87 -1.90
CA TYR A 48 1.31 6.43 -2.96
C TYR A 48 0.05 7.31 -3.01
N GLN A 49 0.02 8.23 -3.97
CA GLN A 49 -1.11 9.13 -4.13
C GLN A 49 -2.19 8.49 -5.01
N LEU A 50 -3.45 8.76 -4.68
CA LEU A 50 -4.57 8.21 -5.43
C LEU A 50 -5.68 9.24 -5.59
N VAL A 51 -5.84 9.75 -6.80
CA VAL A 51 -6.87 10.75 -7.08
C VAL A 51 -7.89 10.22 -8.08
N SER A 52 -9.16 10.55 -7.85
CA SER A 52 -10.24 10.11 -8.73
C SER A 52 -11.05 11.29 -9.23
N LYS A 53 -11.99 11.02 -10.13
CA LYS A 53 -12.84 12.07 -10.69
C LYS A 53 -14.29 11.85 -10.27
N ILE A 54 -14.65 10.61 -9.98
CA ILE A 54 -16.01 10.28 -9.56
C ILE A 54 -16.22 10.57 -8.08
N CYS A 55 -15.32 10.06 -7.26
CA CYS A 55 -15.40 10.26 -5.81
C CYS A 55 -14.01 10.35 -5.19
N PRO A 56 -13.32 11.47 -5.42
CA PRO A 56 -11.97 11.69 -4.90
C PRO A 56 -11.95 11.88 -3.39
N LEU A 57 -13.01 12.50 -2.87
CA LEU A 57 -13.13 12.75 -1.44
C LEU A 57 -13.11 11.44 -0.66
N MET A 58 -13.50 10.35 -1.32
CA MET A 58 -13.52 9.04 -0.69
C MET A 58 -12.17 8.73 -0.03
N ILE A 59 -11.10 9.25 -0.61
CA ILE A 59 -9.76 9.03 -0.08
C ILE A 59 -9.23 10.29 0.60
N SER A 60 -8.50 10.09 1.71
CA SER A 60 -7.93 11.21 2.45
C SER A 60 -6.42 11.27 2.27
N ARG A 61 -5.82 12.39 2.66
CA ARG A 61 -4.39 12.58 2.54
C ARG A 61 -3.64 11.42 3.18
N ASN A 62 -4.11 10.99 4.35
CA ASN A 62 -3.46 9.89 5.07
C ASN A 62 -4.49 8.82 5.45
N HIS A 63 -5.14 8.26 4.43
CA HIS A 63 -6.15 7.22 4.65
C HIS A 63 -5.59 6.10 5.52
N CYS A 64 -4.30 5.82 5.35
CA CYS A 64 -3.65 4.77 6.12
C CYS A 64 -2.13 4.89 6.03
N VAL A 65 -1.43 4.14 6.88
CA VAL A 65 0.03 4.17 6.90
C VAL A 65 0.60 2.81 7.28
N LEU A 66 1.38 2.22 6.38
CA LEU A 66 2.00 0.93 6.64
C LEU A 66 3.40 1.09 7.18
N LYS A 67 3.74 0.28 8.19
CA LYS A 67 5.06 0.33 8.80
C LYS A 67 5.37 -0.97 9.55
N GLN A 68 6.66 -1.29 9.67
CA GLN A 68 7.08 -2.50 10.35
C GLN A 68 7.37 -2.22 11.82
N ASN A 69 6.59 -2.82 12.71
CA ASN A 69 6.77 -2.64 14.14
C ASN A 69 8.22 -2.90 14.55
N PRO A 70 8.60 -2.40 15.73
CA PRO A 70 9.96 -2.57 16.26
C PRO A 70 10.42 -4.02 16.21
N GLU A 71 9.47 -4.94 16.24
CA GLU A 71 9.78 -6.36 16.20
C GLU A 71 10.36 -6.75 14.84
N GLY A 72 9.80 -6.17 13.78
CA GLY A 72 10.27 -6.48 12.44
C GLY A 72 9.19 -7.05 11.56
N GLN A 73 7.93 -6.83 11.94
CA GLN A 73 6.79 -7.33 11.18
C GLN A 73 5.89 -6.18 10.73
N TRP A 74 5.43 -6.26 9.48
CA TRP A 74 4.57 -5.23 8.92
C TRP A 74 3.30 -5.08 9.74
N THR A 75 2.77 -3.86 9.80
CA THR A 75 1.55 -3.59 10.56
C THR A 75 0.80 -2.41 9.97
N ILE A 76 -0.46 -2.64 9.59
CA ILE A 76 -1.28 -1.59 9.02
C ILE A 76 -1.91 -0.72 10.11
N MET A 77 -1.82 0.58 9.95
CA MET A 77 -2.38 1.52 10.91
C MET A 77 -3.06 2.69 10.21
N ASP A 78 -4.33 2.92 10.55
CA ASP A 78 -5.10 4.00 9.96
C ASP A 78 -4.80 5.33 10.65
N ASN A 79 -4.30 6.29 9.89
CA ASN A 79 -3.98 7.60 10.43
C ASN A 79 -5.24 8.45 10.61
N LYS A 80 -6.17 7.95 11.41
CA LYS A 80 -7.42 8.66 11.67
C LYS A 80 -8.10 9.05 10.35
N SER A 81 -8.71 8.08 9.69
CA SER A 81 -9.39 8.32 8.43
C SER A 81 -10.83 8.78 8.67
N LEU A 82 -11.42 9.39 7.65
CA LEU A 82 -12.79 9.87 7.75
C LEU A 82 -13.78 8.81 7.28
N ASN A 83 -13.41 8.08 6.24
CA ASN A 83 -14.25 7.03 5.69
C ASN A 83 -14.14 5.74 6.51
N GLY A 84 -12.92 5.20 6.57
CA GLY A 84 -12.68 3.98 7.32
C GLY A 84 -11.92 2.95 6.52
N VAL A 85 -11.17 2.10 7.22
CA VAL A 85 -10.39 1.06 6.56
C VAL A 85 -10.87 -0.33 6.97
N TRP A 86 -10.94 -1.23 6.00
CA TRP A 86 -11.38 -2.60 6.26
C TRP A 86 -10.25 -3.60 6.04
N LEU A 87 -10.08 -4.51 6.98
CA LEU A 87 -9.03 -5.51 6.90
C LEU A 87 -9.60 -6.91 7.10
N ASN A 88 -9.63 -7.70 6.02
CA ASN A 88 -10.14 -9.05 6.07
C ASN A 88 -11.59 -9.06 6.55
N ARG A 89 -12.42 -8.21 5.95
CA ARG A 89 -13.83 -8.12 6.32
C ARG A 89 -13.98 -7.71 7.78
N ALA A 90 -13.23 -6.68 8.18
CA ALA A 90 -13.29 -6.19 9.55
C ALA A 90 -12.85 -4.73 9.63
N ARG A 91 -13.71 -3.89 10.19
CA ARG A 91 -13.41 -2.47 10.33
C ARG A 91 -12.31 -2.24 11.36
N LEU A 92 -11.31 -1.46 10.98
CA LEU A 92 -10.19 -1.16 11.87
C LEU A 92 -10.40 0.16 12.59
N GLU A 93 -9.68 0.36 13.68
CA GLU A 93 -9.79 1.58 14.47
C GLU A 93 -8.66 2.55 14.13
N PRO A 94 -8.86 3.84 14.46
CA PRO A 94 -7.86 4.88 14.20
C PRO A 94 -6.63 4.75 15.09
N LEU A 95 -5.46 4.77 14.47
CA LEU A 95 -4.21 4.66 15.21
C LEU A 95 -4.12 3.31 15.92
N ARG A 96 -4.38 2.23 15.18
CA ARG A 96 -4.33 0.89 15.74
C ARG A 96 -3.31 0.03 15.00
N VAL A 97 -2.73 -0.94 15.70
CA VAL A 97 -1.74 -1.84 15.11
C VAL A 97 -2.37 -3.16 14.70
N TYR A 98 -2.23 -3.52 13.43
CA TYR A 98 -2.79 -4.76 12.92
C TYR A 98 -1.78 -5.47 12.00
N SER A 99 -1.21 -6.55 12.50
CA SER A 99 -0.23 -7.33 11.74
C SER A 99 -0.87 -7.90 10.47
N ILE A 100 -0.25 -7.61 9.32
CA ILE A 100 -0.75 -8.10 8.05
C ILE A 100 0.13 -9.23 7.51
N HIS A 101 -0.51 -10.22 6.90
CA HIS A 101 0.21 -11.36 6.34
C HIS A 101 -0.39 -11.77 4.99
N GLN A 102 0.25 -12.74 4.35
CA GLN A 102 -0.23 -13.23 3.04
C GLN A 102 -1.67 -13.72 3.14
N GLY A 103 -2.59 -12.94 2.58
CA GLY A 103 -3.99 -13.32 2.61
C GLY A 103 -4.85 -12.26 3.26
N ASP A 104 -4.44 -11.00 3.17
CA ASP A 104 -5.19 -9.89 3.75
C ASP A 104 -5.91 -9.09 2.68
N TYR A 105 -6.81 -8.21 3.11
CA TYR A 105 -7.56 -7.38 2.17
C TYR A 105 -7.79 -5.98 2.75
N ILE A 106 -7.03 -5.02 2.23
CA ILE A 106 -7.16 -3.64 2.69
C ILE A 106 -8.13 -2.85 1.81
N GLN A 107 -9.17 -2.31 2.44
CA GLN A 107 -10.18 -1.54 1.71
C GLN A 107 -10.19 -0.09 2.20
N LEU A 108 -9.54 0.79 1.43
CA LEU A 108 -9.48 2.20 1.77
C LEU A 108 -10.83 2.89 1.52
N GLY A 109 -11.66 2.90 2.55
CA GLY A 109 -12.97 3.53 2.43
C GLY A 109 -14.09 2.52 2.29
N VAL A 110 -15.26 2.98 1.89
CA VAL A 110 -16.42 2.11 1.72
C VAL A 110 -16.92 2.12 0.27
N PRO A 111 -17.60 1.05 -0.12
CA PRO A 111 -18.15 0.91 -1.48
C PRO A 111 -19.30 1.87 -1.75
N LEU A 112 -19.54 2.15 -3.02
CA LEU A 112 -20.62 3.05 -3.41
C LEU A 112 -21.95 2.31 -3.53
N GLU A 113 -23.00 3.04 -3.88
CA GLU A 113 -24.32 2.44 -4.04
C GLU A 113 -24.40 1.61 -5.32
N ASN A 114 -23.55 1.93 -6.27
CA ASN A 114 -23.52 1.22 -7.56
C ASN A 114 -22.23 0.42 -7.71
N LYS A 115 -21.61 0.09 -6.58
CA LYS A 115 -20.37 -0.67 -6.58
C LYS A 115 -20.40 -1.76 -5.52
N GLU A 116 -20.44 -3.02 -5.97
CA GLU A 116 -20.46 -4.15 -5.06
C GLU A 116 -19.33 -4.07 -4.04
N ASN A 117 -18.12 -3.85 -4.55
CA ASN A 117 -16.94 -3.75 -3.69
C ASN A 117 -16.18 -2.45 -3.96
N ALA A 118 -15.46 -1.97 -2.95
CA ALA A 118 -14.69 -0.75 -3.09
C ALA A 118 -13.77 -0.81 -4.30
N GLU A 119 -13.89 0.19 -5.18
CA GLU A 119 -13.07 0.24 -6.39
C GLU A 119 -11.59 0.09 -6.05
N TYR A 120 -11.22 0.55 -4.86
CA TYR A 120 -9.83 0.47 -4.42
C TYR A 120 -9.63 -0.66 -3.41
N GLU A 121 -9.03 -1.75 -3.87
CA GLU A 121 -8.79 -2.91 -3.02
C GLU A 121 -7.45 -3.56 -3.35
N TYR A 122 -6.80 -4.13 -2.33
CA TYR A 122 -5.52 -4.78 -2.52
C TYR A 122 -5.44 -6.08 -1.70
N GLU A 123 -4.30 -6.75 -1.79
CA GLU A 123 -4.10 -8.00 -1.06
C GLU A 123 -2.63 -8.19 -0.69
N VAL A 124 -2.35 -8.26 0.61
CA VAL A 124 -0.99 -8.44 1.09
C VAL A 124 -0.38 -9.74 0.56
N THR A 125 0.73 -9.62 -0.15
CA THR A 125 1.41 -10.78 -0.71
C THR A 125 2.91 -10.54 -0.83
N GLU A 126 3.69 -11.61 -0.71
CA GLU A 126 5.14 -11.51 -0.80
C GLU A 126 5.63 -11.95 -2.18
N GLU A 127 6.29 -11.03 -2.89
CA GLU A 127 6.80 -11.32 -4.21
C GLU A 127 8.15 -10.63 -4.44
N ASP A 128 8.98 -11.24 -5.29
CA ASP A 128 10.29 -10.68 -5.58
C ASP A 128 10.17 -9.36 -6.32
N TRP A 129 11.15 -8.48 -6.14
CA TRP A 129 11.15 -7.17 -6.78
C TRP A 129 11.07 -7.33 -8.30
N GLU A 130 11.65 -8.39 -8.82
CA GLU A 130 11.66 -8.64 -10.26
C GLU A 130 10.27 -9.10 -10.73
N THR A 131 9.37 -9.32 -9.77
CA THR A 131 8.01 -9.77 -10.08
C THR A 131 7.04 -8.60 -10.02
N ILE A 132 7.31 -7.64 -9.14
CA ILE A 132 6.44 -6.48 -8.99
C ILE A 132 6.99 -5.29 -9.79
N TYR A 133 8.24 -5.38 -10.18
CA TYR A 133 8.88 -4.31 -10.95
C TYR A 133 8.08 -3.98 -12.19
N PRO A 134 7.84 -5.01 -13.03
CA PRO A 134 7.07 -4.86 -14.28
C PRO A 134 5.72 -4.19 -14.05
N CYS A 135 4.99 -4.68 -13.06
CA CYS A 135 3.68 -4.13 -12.74
C CYS A 135 3.71 -3.36 -11.42
N LEU A 136 4.55 -2.34 -11.35
CA LEU A 136 4.68 -1.53 -10.14
C LEU A 136 3.59 -0.46 -10.08
N SER A 137 3.49 0.21 -8.94
CA SER A 137 2.49 1.24 -8.75
C SER A 137 3.13 2.63 -8.79
N PRO A 138 2.31 3.66 -9.04
CA PRO A 138 2.78 5.05 -9.11
C PRO A 138 3.18 5.59 -7.75
N LYS A 139 4.42 6.05 -7.65
CA LYS A 139 4.95 6.60 -6.41
C LYS A 139 5.05 8.13 -6.48
N SER A 140 4.30 8.80 -5.62
CA SER A 140 4.30 10.27 -5.59
C SER A 140 5.13 10.78 -4.41
N GLY A 141 6.41 10.43 -4.41
CA GLY A 141 7.29 10.87 -3.34
C GLY A 141 8.55 10.03 -3.25
N PRO A 142 9.30 10.19 -2.14
CA PRO A 142 10.54 9.46 -1.92
C PRO A 142 10.30 7.98 -1.65
N SER A 143 11.34 7.16 -1.82
CA SER A 143 11.23 5.73 -1.61
C SER A 143 12.25 5.26 -0.59
N SER A 144 13.52 5.19 -1.01
CA SER A 144 14.60 4.76 -0.13
C SER A 144 14.88 5.80 0.94
N GLY A 145 15.81 5.48 1.84
CA GLY A 145 16.16 6.40 2.91
C GLY A 145 17.07 5.77 3.94
N GLY A 1 35.08 19.04 3.99
CA GLY A 1 35.12 17.59 4.05
C GLY A 1 33.81 17.00 4.52
N SER A 2 32.96 16.61 3.57
CA SER A 2 31.66 16.04 3.89
C SER A 2 31.67 14.53 3.68
N SER A 3 32.43 14.07 2.69
CA SER A 3 32.53 12.65 2.38
C SER A 3 33.59 12.40 1.31
N GLY A 4 34.18 11.21 1.35
CA GLY A 4 35.20 10.86 0.37
C GLY A 4 35.73 9.46 0.56
N SER A 5 34.82 8.51 0.77
CA SER A 5 35.20 7.12 0.97
C SER A 5 34.64 6.24 -0.14
N SER A 6 35.40 5.21 -0.51
CA SER A 6 34.98 4.29 -1.56
C SER A 6 34.02 3.23 -1.01
N GLY A 7 32.80 3.23 -1.54
CA GLY A 7 31.80 2.26 -1.09
C GLY A 7 31.93 0.93 -1.80
N VAL A 8 30.92 0.07 -1.63
CA VAL A 8 30.91 -1.24 -2.26
C VAL A 8 29.57 -1.55 -2.88
N THR A 9 29.56 -1.76 -4.20
CA THR A 9 28.34 -2.07 -4.92
C THR A 9 28.57 -3.13 -5.99
N GLY A 10 27.49 -3.67 -6.53
CA GLY A 10 27.60 -4.68 -7.57
C GLY A 10 26.61 -5.82 -7.36
N ASP A 11 25.33 -5.52 -7.52
CA ASP A 11 24.28 -6.52 -7.35
C ASP A 11 22.95 -6.00 -7.89
N ARG A 12 22.26 -6.84 -8.66
CA ARG A 12 20.98 -6.48 -9.24
C ARG A 12 19.91 -7.51 -8.90
N ALA A 13 19.84 -7.89 -7.63
CA ALA A 13 18.87 -8.87 -7.18
C ALA A 13 18.64 -8.77 -5.67
N GLY A 14 17.52 -8.18 -5.28
CA GLY A 14 17.21 -8.03 -3.87
C GLY A 14 16.20 -9.04 -3.39
N GLY A 15 16.27 -9.39 -2.11
CA GLY A 15 15.34 -10.35 -1.54
C GLY A 15 13.89 -10.00 -1.80
N ARG A 16 12.99 -10.90 -1.45
CA ARG A 16 11.56 -10.68 -1.65
C ARG A 16 11.14 -9.34 -1.05
N SER A 17 10.10 -8.74 -1.64
CA SER A 17 9.60 -7.45 -1.16
C SER A 17 8.07 -7.44 -1.16
N TRP A 18 7.49 -7.43 0.03
CA TRP A 18 6.05 -7.42 0.19
C TRP A 18 5.42 -6.29 -0.64
N CYS A 19 4.10 -6.33 -0.79
CA CYS A 19 3.39 -5.31 -1.56
C CYS A 19 1.89 -5.47 -1.40
N LEU A 20 1.13 -4.60 -2.05
CA LEU A 20 -0.32 -4.64 -1.99
C LEU A 20 -0.92 -4.91 -3.37
N ARG A 21 -0.91 -6.18 -3.77
CA ARG A 21 -1.45 -6.57 -5.07
C ARG A 21 -2.87 -6.04 -5.24
N ARG A 22 -3.04 -5.11 -6.18
CA ARG A 22 -4.35 -4.52 -6.44
C ARG A 22 -5.35 -5.60 -6.87
N VAL A 23 -6.50 -5.63 -6.20
CA VAL A 23 -7.54 -6.61 -6.52
C VAL A 23 -8.26 -6.24 -7.82
N GLY A 24 -8.41 -7.23 -8.69
CA GLY A 24 -9.09 -6.99 -9.95
C GLY A 24 -8.21 -6.27 -10.95
N MET A 25 -6.91 -6.28 -10.71
CA MET A 25 -5.95 -5.63 -11.60
C MET A 25 -4.54 -6.13 -11.35
N SER A 26 -3.78 -6.32 -12.43
CA SER A 26 -2.40 -6.80 -12.33
C SER A 26 -1.42 -5.64 -12.29
N ALA A 27 -1.93 -4.46 -11.98
CA ALA A 27 -1.09 -3.26 -11.90
C ALA A 27 -1.33 -2.50 -10.61
N GLY A 28 -0.64 -1.37 -10.45
CA GLY A 28 -0.79 -0.57 -9.25
C GLY A 28 -0.36 -1.31 -8.00
N TRP A 29 0.74 -2.04 -8.10
CA TRP A 29 1.26 -2.80 -6.97
C TRP A 29 2.12 -1.93 -6.07
N LEU A 30 1.60 -1.61 -4.89
CA LEU A 30 2.34 -0.78 -3.94
C LEU A 30 3.46 -1.57 -3.27
N LEU A 31 4.69 -1.20 -3.58
CA LEU A 31 5.86 -1.89 -3.01
C LEU A 31 5.95 -1.61 -1.51
N LEU A 32 6.40 -2.61 -0.76
CA LEU A 32 6.55 -2.48 0.68
C LEU A 32 7.97 -2.81 1.11
N GLU A 33 8.90 -1.91 0.79
CA GLU A 33 10.30 -2.11 1.15
C GLU A 33 10.46 -2.29 2.66
N ASP A 34 11.30 -3.23 3.05
CA ASP A 34 11.55 -3.52 4.46
C ASP A 34 12.17 -2.31 5.15
N GLY A 35 11.48 -1.80 6.16
CA GLY A 35 11.98 -0.64 6.89
C GLY A 35 11.65 0.67 6.21
N CYS A 36 10.68 0.63 5.29
CA CYS A 36 10.27 1.83 4.57
C CYS A 36 8.78 2.10 4.77
N GLU A 37 8.47 3.23 5.39
CA GLU A 37 7.08 3.61 5.65
C GLU A 37 6.33 3.82 4.34
N VAL A 38 5.14 3.24 4.24
CA VAL A 38 4.31 3.37 3.05
C VAL A 38 2.99 4.06 3.37
N THR A 39 2.86 5.32 2.97
CA THR A 39 1.65 6.08 3.21
C THR A 39 0.81 6.19 1.95
N VAL A 40 -0.46 5.80 2.05
CA VAL A 40 -1.37 5.86 0.91
C VAL A 40 -2.44 6.92 1.12
N GLY A 41 -2.93 7.49 0.02
CA GLY A 41 -3.95 8.51 0.10
C GLY A 41 -4.17 9.22 -1.22
N ARG A 42 -4.86 10.35 -1.17
CA ARG A 42 -5.14 11.13 -2.37
C ARG A 42 -4.49 12.51 -2.29
N GLY A 43 -4.27 12.98 -1.07
CA GLY A 43 -3.65 14.27 -0.87
C GLY A 43 -2.32 14.40 -1.59
N PHE A 44 -1.70 15.58 -1.48
CA PHE A 44 -0.42 15.82 -2.14
C PHE A 44 0.73 15.71 -1.13
N GLY A 45 0.77 14.60 -0.42
CA GLY A 45 1.82 14.38 0.57
C GLY A 45 1.87 12.95 1.06
N VAL A 46 1.97 12.01 0.13
CA VAL A 46 2.03 10.59 0.47
C VAL A 46 2.94 9.83 -0.49
N THR A 47 3.34 8.63 -0.08
CA THR A 47 4.22 7.80 -0.90
C THR A 47 3.47 7.23 -2.09
N TYR A 48 2.17 7.03 -1.93
CA TYR A 48 1.33 6.48 -2.99
C TYR A 48 0.03 7.26 -3.13
N GLN A 49 -0.13 7.92 -4.28
CA GLN A 49 -1.34 8.71 -4.54
C GLN A 49 -2.30 7.97 -5.45
N LEU A 50 -3.54 7.84 -5.03
CA LEU A 50 -4.56 7.15 -5.80
C LEU A 50 -5.63 8.12 -6.29
N VAL A 51 -6.02 7.98 -7.55
CA VAL A 51 -7.04 8.84 -8.14
C VAL A 51 -7.97 8.05 -9.06
N SER A 52 -9.26 8.32 -8.95
CA SER A 52 -10.26 7.63 -9.76
C SER A 52 -11.22 8.63 -10.41
N LYS A 53 -11.97 8.16 -11.40
CA LYS A 53 -12.92 9.01 -12.11
C LYS A 53 -14.33 8.83 -11.54
N ILE A 54 -14.56 7.70 -10.89
CA ILE A 54 -15.87 7.41 -10.31
C ILE A 54 -16.08 8.22 -9.03
N CYS A 55 -15.38 7.84 -7.97
CA CYS A 55 -15.50 8.53 -6.69
C CYS A 55 -14.13 8.71 -6.04
N PRO A 56 -13.35 9.66 -6.57
CA PRO A 56 -12.00 9.96 -6.06
C PRO A 56 -12.03 10.61 -4.68
N LEU A 57 -13.22 11.07 -4.29
CA LEU A 57 -13.38 11.72 -2.99
C LEU A 57 -13.40 10.70 -1.87
N MET A 58 -13.75 9.46 -2.21
CA MET A 58 -13.82 8.39 -1.23
C MET A 58 -12.51 8.29 -0.44
N ILE A 59 -11.39 8.22 -1.16
CA ILE A 59 -10.09 8.13 -0.51
C ILE A 59 -9.68 9.48 0.08
N SER A 60 -9.03 9.43 1.25
CA SER A 60 -8.59 10.64 1.92
C SER A 60 -7.08 10.61 2.13
N ARG A 61 -6.49 11.81 2.23
CA ARG A 61 -5.04 11.93 2.42
C ARG A 61 -4.58 11.09 3.61
N ASN A 62 -3.56 10.27 3.39
CA ASN A 62 -3.03 9.41 4.44
C ASN A 62 -4.09 8.45 4.95
N HIS A 63 -4.83 7.85 4.02
CA HIS A 63 -5.88 6.91 4.37
C HIS A 63 -5.35 5.82 5.29
N CYS A 64 -4.07 5.49 5.12
CA CYS A 64 -3.44 4.46 5.95
C CYS A 64 -1.91 4.58 5.89
N VAL A 65 -1.24 3.91 6.81
CA VAL A 65 0.21 3.94 6.88
C VAL A 65 0.78 2.58 7.27
N LEU A 66 1.59 2.00 6.38
CA LEU A 66 2.19 0.70 6.63
C LEU A 66 3.63 0.85 7.12
N LYS A 67 4.05 -0.04 8.00
CA LYS A 67 5.41 -0.01 8.54
C LYS A 67 5.67 -1.22 9.43
N GLN A 68 6.93 -1.64 9.49
CA GLN A 68 7.32 -2.79 10.30
C GLN A 68 7.65 -2.37 11.72
N ASN A 69 6.85 -2.83 12.68
CA ASN A 69 7.07 -2.51 14.08
C ASN A 69 8.51 -2.78 14.49
N PRO A 70 8.94 -2.16 15.60
CA PRO A 70 10.29 -2.33 16.13
C PRO A 70 10.70 -3.80 16.23
N GLU A 71 9.71 -4.66 16.39
CA GLU A 71 9.97 -6.10 16.50
C GLU A 71 10.51 -6.66 15.19
N GLY A 72 9.95 -6.19 14.08
CA GLY A 72 10.39 -6.64 12.77
C GLY A 72 9.27 -7.28 11.97
N GLN A 73 8.03 -6.95 12.33
CA GLN A 73 6.87 -7.49 11.64
C GLN A 73 6.01 -6.37 11.05
N TRP A 74 5.55 -6.57 9.82
CA TRP A 74 4.72 -5.58 9.15
C TRP A 74 3.42 -5.35 9.92
N THR A 75 3.00 -4.09 9.99
CA THR A 75 1.78 -3.73 10.70
C THR A 75 1.11 -2.51 10.09
N ILE A 76 -0.12 -2.67 9.63
CA ILE A 76 -0.87 -1.58 9.01
C ILE A 76 -1.60 -0.76 10.06
N MET A 77 -1.42 0.56 10.00
CA MET A 77 -2.06 1.47 10.94
C MET A 77 -2.72 2.63 10.21
N ASP A 78 -4.04 2.75 10.36
CA ASP A 78 -4.78 3.82 9.72
C ASP A 78 -4.47 5.17 10.36
N ASN A 79 -4.38 6.22 9.55
CA ASN A 79 -4.09 7.55 10.05
C ASN A 79 -5.36 8.37 10.21
N LYS A 80 -6.22 7.95 11.12
CA LYS A 80 -7.48 8.63 11.37
C LYS A 80 -8.25 8.85 10.07
N SER A 81 -8.69 7.76 9.45
CA SER A 81 -9.43 7.83 8.21
C SER A 81 -10.89 8.21 8.46
N LEU A 82 -11.47 8.95 7.52
CA LEU A 82 -12.85 9.38 7.65
C LEU A 82 -13.82 8.23 7.36
N ASN A 83 -13.70 7.64 6.17
CA ASN A 83 -14.54 6.53 5.78
C ASN A 83 -14.23 5.29 6.61
N GLY A 84 -12.94 5.01 6.79
CA GLY A 84 -12.54 3.86 7.56
C GLY A 84 -11.87 2.79 6.70
N VAL A 85 -10.99 2.01 7.32
CA VAL A 85 -10.28 0.95 6.60
C VAL A 85 -10.79 -0.42 7.03
N TRP A 86 -10.85 -1.35 6.07
CA TRP A 86 -11.31 -2.70 6.34
C TRP A 86 -10.23 -3.72 6.01
N LEU A 87 -10.03 -4.68 6.92
CA LEU A 87 -9.03 -5.71 6.73
C LEU A 87 -9.63 -7.10 6.91
N ASN A 88 -9.78 -7.83 5.82
CA ASN A 88 -10.33 -9.18 5.86
C ASN A 88 -11.74 -9.16 6.45
N ARG A 89 -12.58 -8.28 5.93
CA ARG A 89 -13.96 -8.15 6.40
C ARG A 89 -14.00 -7.79 7.88
N ALA A 90 -13.17 -6.83 8.27
CA ALA A 90 -13.10 -6.39 9.65
C ALA A 90 -12.77 -4.90 9.74
N ARG A 91 -13.40 -4.21 10.68
CA ARG A 91 -13.17 -2.77 10.87
C ARG A 91 -11.94 -2.54 11.75
N LEU A 92 -11.08 -1.63 11.31
CA LEU A 92 -9.86 -1.31 12.05
C LEU A 92 -10.00 0.04 12.76
N GLU A 93 -9.50 0.12 13.98
CA GLU A 93 -9.56 1.36 14.76
C GLU A 93 -8.51 2.35 14.28
N PRO A 94 -8.79 3.65 14.46
CA PRO A 94 -7.88 4.72 14.06
C PRO A 94 -6.63 4.77 14.94
N LEU A 95 -5.47 4.91 14.30
CA LEU A 95 -4.20 4.97 15.01
C LEU A 95 -3.94 3.68 15.77
N ARG A 96 -4.50 2.58 15.27
CA ARG A 96 -4.32 1.27 15.90
C ARG A 96 -3.34 0.41 15.11
N VAL A 97 -2.70 -0.54 15.78
CA VAL A 97 -1.74 -1.43 15.15
C VAL A 97 -2.40 -2.76 14.78
N TYR A 98 -2.24 -3.15 13.53
CA TYR A 98 -2.81 -4.41 13.04
C TYR A 98 -1.81 -5.18 12.18
N SER A 99 -1.34 -6.31 12.68
CA SER A 99 -0.38 -7.13 11.96
C SER A 99 -1.04 -7.79 10.74
N ILE A 100 -0.38 -7.67 9.59
CA ILE A 100 -0.90 -8.25 8.36
C ILE A 100 -0.10 -9.49 7.96
N HIS A 101 -0.71 -10.36 7.16
CA HIS A 101 -0.05 -11.58 6.70
C HIS A 101 -0.57 -11.99 5.33
N GLN A 102 0.17 -12.87 4.66
CA GLN A 102 -0.21 -13.35 3.34
C GLN A 102 -1.65 -13.84 3.33
N GLY A 103 -2.53 -13.12 2.64
CA GLY A 103 -3.92 -13.51 2.57
C GLY A 103 -4.84 -12.50 3.23
N ASP A 104 -4.55 -11.22 3.03
CA ASP A 104 -5.36 -10.16 3.62
C ASP A 104 -6.02 -9.31 2.53
N TYR A 105 -6.94 -8.45 2.94
CA TYR A 105 -7.65 -7.59 2.01
C TYR A 105 -7.91 -6.22 2.62
N ILE A 106 -7.13 -5.23 2.19
CA ILE A 106 -7.28 -3.87 2.70
C ILE A 106 -8.25 -3.06 1.84
N GLN A 107 -9.30 -2.54 2.47
CA GLN A 107 -10.30 -1.76 1.76
C GLN A 107 -10.28 -0.30 2.23
N LEU A 108 -9.71 0.57 1.41
CA LEU A 108 -9.63 1.99 1.73
C LEU A 108 -10.97 2.67 1.54
N GLY A 109 -11.81 2.62 2.59
CA GLY A 109 -13.12 3.24 2.51
C GLY A 109 -14.24 2.22 2.37
N VAL A 110 -15.43 2.70 2.02
CA VAL A 110 -16.59 1.83 1.85
C VAL A 110 -17.12 1.90 0.43
N PRO A 111 -17.82 0.83 0.00
CA PRO A 111 -18.40 0.75 -1.34
C PRO A 111 -19.56 1.71 -1.53
N LEU A 112 -19.86 2.03 -2.78
CA LEU A 112 -20.96 2.94 -3.10
C LEU A 112 -22.23 2.17 -3.41
N GLU A 113 -23.28 2.90 -3.78
CA GLU A 113 -24.57 2.28 -4.11
C GLU A 113 -24.53 1.65 -5.49
N ASN A 114 -23.59 2.11 -6.32
CA ASN A 114 -23.45 1.60 -7.68
C ASN A 114 -22.15 0.83 -7.84
N LYS A 115 -21.63 0.33 -6.72
CA LYS A 115 -20.39 -0.45 -6.74
C LYS A 115 -20.51 -1.70 -5.85
N GLU A 116 -20.58 -2.86 -6.49
CA GLU A 116 -20.70 -4.12 -5.77
C GLU A 116 -19.61 -4.23 -4.69
N ASN A 117 -18.46 -3.62 -4.95
CA ASN A 117 -17.35 -3.65 -4.02
C ASN A 117 -16.50 -2.39 -4.15
N ALA A 118 -15.77 -2.07 -3.08
CA ALA A 118 -14.91 -0.89 -3.08
C ALA A 118 -13.99 -0.87 -4.29
N GLU A 119 -14.06 0.21 -5.06
CA GLU A 119 -13.23 0.35 -6.25
C GLU A 119 -11.75 0.20 -5.92
N TYR A 120 -11.41 0.50 -4.67
CA TYR A 120 -10.02 0.41 -4.22
C TYR A 120 -9.83 -0.79 -3.29
N GLU A 121 -9.18 -1.83 -3.80
CA GLU A 121 -8.94 -3.03 -3.02
C GLU A 121 -7.56 -3.63 -3.35
N TYR A 122 -6.92 -4.20 -2.34
CA TYR A 122 -5.60 -4.81 -2.51
C TYR A 122 -5.54 -6.18 -1.85
N GLU A 123 -4.36 -6.79 -1.87
CA GLU A 123 -4.15 -8.10 -1.27
C GLU A 123 -2.71 -8.29 -0.85
N VAL A 124 -2.47 -8.29 0.46
CA VAL A 124 -1.12 -8.47 0.99
C VAL A 124 -0.48 -9.75 0.46
N THR A 125 0.58 -9.58 -0.33
CA THR A 125 1.29 -10.72 -0.90
C THR A 125 2.78 -10.45 -1.03
N GLU A 126 3.59 -11.48 -0.85
CA GLU A 126 5.03 -11.34 -0.94
C GLU A 126 5.53 -11.70 -2.34
N GLU A 127 6.25 -10.78 -2.96
CA GLU A 127 6.78 -10.99 -4.31
C GLU A 127 8.11 -10.27 -4.48
N ASP A 128 9.00 -10.89 -5.25
CA ASP A 128 10.32 -10.30 -5.50
C ASP A 128 10.19 -8.98 -6.25
N TRP A 129 11.19 -8.12 -6.09
CA TRP A 129 11.19 -6.82 -6.74
C TRP A 129 11.10 -6.98 -8.25
N GLU A 130 11.70 -8.04 -8.77
CA GLU A 130 11.69 -8.31 -10.20
C GLU A 130 10.31 -8.77 -10.66
N THR A 131 9.41 -9.00 -9.70
CA THR A 131 8.06 -9.45 -10.00
C THR A 131 7.07 -8.29 -9.95
N ILE A 132 7.34 -7.33 -9.07
CA ILE A 132 6.47 -6.17 -8.93
C ILE A 132 7.01 -4.98 -9.73
N TYR A 133 8.27 -5.07 -10.12
CA TYR A 133 8.90 -4.00 -10.90
C TYR A 133 8.09 -3.69 -12.15
N PRO A 134 7.85 -4.72 -12.98
CA PRO A 134 7.10 -4.58 -14.22
C PRO A 134 5.75 -3.90 -14.00
N CYS A 135 5.01 -4.39 -13.01
CA CYS A 135 3.69 -3.84 -12.70
C CYS A 135 3.72 -3.08 -11.37
N LEU A 136 4.55 -2.05 -11.30
CA LEU A 136 4.68 -1.24 -10.09
C LEU A 136 3.58 -0.19 -10.03
N SER A 137 3.48 0.47 -8.88
CA SER A 137 2.46 1.51 -8.68
C SER A 137 3.10 2.90 -8.70
N PRO A 138 2.27 3.92 -8.94
CA PRO A 138 2.72 5.31 -8.99
C PRO A 138 3.12 5.83 -7.62
N LYS A 139 4.37 6.27 -7.49
CA LYS A 139 4.88 6.79 -6.23
C LYS A 139 5.02 8.31 -6.29
N SER A 140 5.02 8.95 -5.12
CA SER A 140 5.12 10.40 -5.04
C SER A 140 5.94 10.81 -3.82
N GLY A 141 6.35 12.07 -3.80
CA GLY A 141 7.14 12.57 -2.69
C GLY A 141 8.19 13.57 -3.12
N PRO A 142 8.77 14.29 -2.14
CA PRO A 142 9.80 15.30 -2.41
C PRO A 142 11.11 14.68 -2.86
N SER A 143 11.48 13.55 -2.25
CA SER A 143 12.71 12.86 -2.59
C SER A 143 12.42 11.51 -3.24
N SER A 144 11.88 10.58 -2.45
CA SER A 144 11.55 9.25 -2.96
C SER A 144 12.79 8.56 -3.51
N GLY A 145 13.93 8.79 -2.87
CA GLY A 145 15.17 8.19 -3.30
C GLY A 145 16.13 9.20 -3.90
N GLY A 1 37.91 6.70 -7.70
CA GLY A 1 37.30 7.93 -8.18
C GLY A 1 37.00 7.89 -9.65
N SER A 2 35.89 8.51 -10.04
CA SER A 2 35.48 8.55 -11.44
C SER A 2 35.67 9.94 -12.04
N SER A 3 36.44 10.02 -13.11
CA SER A 3 36.70 11.29 -13.77
C SER A 3 35.54 11.69 -14.67
N GLY A 4 35.27 12.99 -14.74
CA GLY A 4 34.17 13.48 -15.56
C GLY A 4 32.84 13.45 -14.84
N SER A 5 31.86 12.79 -15.44
CA SER A 5 30.53 12.69 -14.85
C SER A 5 30.23 11.27 -14.38
N SER A 6 29.34 11.14 -13.41
CA SER A 6 28.97 9.83 -12.88
C SER A 6 27.47 9.76 -12.62
N GLY A 7 26.97 8.53 -12.47
CA GLY A 7 25.55 8.33 -12.22
C GLY A 7 25.26 8.07 -10.75
N VAL A 8 24.00 7.75 -10.46
CA VAL A 8 23.58 7.47 -9.09
C VAL A 8 24.23 6.20 -8.56
N THR A 9 24.30 6.07 -7.24
CA THR A 9 24.90 4.90 -6.61
C THR A 9 24.21 3.62 -7.07
N GLY A 10 24.94 2.51 -7.00
CA GLY A 10 24.39 1.23 -7.41
C GLY A 10 23.42 0.67 -6.40
N ASP A 11 22.17 0.48 -6.81
CA ASP A 11 21.14 -0.06 -5.93
C ASP A 11 20.62 -1.39 -6.46
N ARG A 12 21.31 -2.47 -6.12
CA ARG A 12 20.92 -3.80 -6.55
C ARG A 12 19.56 -4.18 -5.99
N ALA A 13 18.88 -5.11 -6.65
CA ALA A 13 17.57 -5.57 -6.21
C ALA A 13 17.51 -7.10 -6.14
N GLY A 14 17.35 -7.62 -4.94
CA GLY A 14 17.28 -9.06 -4.76
C GLY A 14 16.26 -9.46 -3.72
N GLY A 15 16.23 -10.76 -3.39
CA GLY A 15 15.28 -11.25 -2.40
C GLY A 15 13.85 -10.88 -2.74
N ARG A 16 12.94 -11.13 -1.79
CA ARG A 16 11.53 -10.82 -2.00
C ARG A 16 11.18 -9.46 -1.41
N SER A 17 10.03 -8.93 -1.82
CA SER A 17 9.59 -7.62 -1.35
C SER A 17 8.06 -7.56 -1.29
N TRP A 18 7.52 -7.57 -0.08
CA TRP A 18 6.08 -7.53 0.11
C TRP A 18 5.47 -6.34 -0.65
N CYS A 19 4.15 -6.33 -0.77
CA CYS A 19 3.45 -5.26 -1.48
C CYS A 19 1.94 -5.41 -1.33
N LEU A 20 1.20 -4.61 -2.09
CA LEU A 20 -0.26 -4.65 -2.03
C LEU A 20 -0.84 -4.96 -3.41
N ARG A 21 -0.74 -6.23 -3.80
CA ARG A 21 -1.27 -6.66 -5.10
C ARG A 21 -2.71 -6.22 -5.28
N ARG A 22 -2.93 -5.23 -6.14
CA ARG A 22 -4.26 -4.71 -6.41
C ARG A 22 -5.22 -5.85 -6.76
N VAL A 23 -6.33 -5.92 -6.02
CA VAL A 23 -7.33 -6.96 -6.25
C VAL A 23 -8.10 -6.69 -7.54
N GLY A 24 -8.04 -7.64 -8.47
CA GLY A 24 -8.75 -7.48 -9.73
C GLY A 24 -7.87 -6.88 -10.81
N MET A 25 -6.96 -6.01 -10.41
CA MET A 25 -6.06 -5.35 -11.36
C MET A 25 -4.64 -5.89 -11.21
N SER A 26 -3.95 -6.04 -12.34
CA SER A 26 -2.58 -6.54 -12.33
C SER A 26 -1.58 -5.40 -12.27
N ALA A 27 -2.07 -4.21 -11.94
CA ALA A 27 -1.22 -3.03 -11.84
C ALA A 27 -1.47 -2.28 -10.53
N GLY A 28 -0.79 -1.15 -10.37
CA GLY A 28 -0.95 -0.35 -9.17
C GLY A 28 -0.52 -1.10 -7.92
N TRP A 29 0.55 -1.88 -8.03
CA TRP A 29 1.06 -2.65 -6.91
C TRP A 29 1.93 -1.79 -6.01
N LEU A 30 1.46 -1.54 -4.79
CA LEU A 30 2.20 -0.72 -3.83
C LEU A 30 3.32 -1.53 -3.18
N LEU A 31 4.55 -1.27 -3.60
CA LEU A 31 5.71 -1.96 -3.07
C LEU A 31 5.88 -1.68 -1.58
N LEU A 32 6.15 -2.71 -0.80
CA LEU A 32 6.33 -2.58 0.64
C LEU A 32 7.76 -2.94 1.04
N GLU A 33 8.72 -2.10 0.66
CA GLU A 33 10.12 -2.34 0.99
C GLU A 33 10.31 -2.48 2.49
N ASP A 34 11.09 -3.49 2.88
CA ASP A 34 11.35 -3.73 4.30
C ASP A 34 12.05 -2.54 4.94
N GLY A 35 11.39 -1.94 5.93
CA GLY A 35 11.95 -0.80 6.61
C GLY A 35 11.64 0.51 5.91
N CYS A 36 10.64 0.48 5.03
CA CYS A 36 10.25 1.67 4.27
C CYS A 36 8.77 1.99 4.49
N GLU A 37 8.49 3.14 5.09
CA GLU A 37 7.13 3.55 5.36
C GLU A 37 6.34 3.69 4.06
N VAL A 38 5.11 3.18 4.06
CA VAL A 38 4.25 3.25 2.88
C VAL A 38 2.92 3.91 3.21
N THR A 39 2.83 5.21 2.89
CA THR A 39 1.61 5.96 3.16
C THR A 39 0.77 6.10 1.89
N VAL A 40 -0.50 5.68 1.97
CA VAL A 40 -1.40 5.77 0.83
C VAL A 40 -2.41 6.89 1.01
N GLY A 41 -2.84 7.49 -0.10
CA GLY A 41 -3.79 8.57 -0.04
C GLY A 41 -3.81 9.40 -1.31
N ARG A 42 -4.22 10.65 -1.20
CA ARG A 42 -4.29 11.55 -2.34
C ARG A 42 -3.69 12.91 -2.01
N GLY A 43 -2.77 12.92 -1.05
CA GLY A 43 -2.13 14.17 -0.66
C GLY A 43 -0.81 14.39 -1.37
N PHE A 44 -0.29 15.61 -1.25
CA PHE A 44 0.97 15.96 -1.90
C PHE A 44 2.15 15.69 -0.97
N GLY A 45 2.38 14.41 -0.69
CA GLY A 45 3.48 14.03 0.19
C GLY A 45 3.55 12.53 0.39
N VAL A 46 2.40 11.87 0.39
CA VAL A 46 2.35 10.42 0.58
C VAL A 46 3.23 9.70 -0.43
N THR A 47 3.60 8.46 -0.10
CA THR A 47 4.45 7.66 -0.97
C THR A 47 3.67 7.17 -2.19
N TYR A 48 2.38 6.91 -2.00
CA TYR A 48 1.53 6.42 -3.07
C TYR A 48 0.26 7.26 -3.19
N GLN A 49 0.11 7.96 -4.30
CA GLN A 49 -1.06 8.80 -4.53
C GLN A 49 -2.10 8.08 -5.38
N LEU A 50 -3.38 8.31 -5.08
CA LEU A 50 -4.47 7.68 -5.81
C LEU A 50 -5.62 8.65 -6.00
N VAL A 51 -5.84 9.06 -7.25
CA VAL A 51 -6.93 9.98 -7.56
C VAL A 51 -7.86 9.40 -8.62
N SER A 52 -9.16 9.47 -8.37
CA SER A 52 -10.15 8.95 -9.29
C SER A 52 -11.27 9.96 -9.54
N LYS A 53 -11.63 10.15 -10.79
CA LYS A 53 -12.68 11.09 -11.16
C LYS A 53 -14.03 10.66 -10.60
N ILE A 54 -14.17 9.36 -10.36
CA ILE A 54 -15.40 8.82 -9.81
C ILE A 54 -15.60 9.24 -8.36
N CYS A 55 -14.80 8.66 -7.47
CA CYS A 55 -14.87 8.98 -6.05
C CYS A 55 -13.51 9.40 -5.51
N PRO A 56 -13.08 10.62 -5.87
CA PRO A 56 -11.79 11.17 -5.44
C PRO A 56 -11.78 11.49 -3.95
N LEU A 57 -12.97 11.57 -3.35
CA LEU A 57 -13.08 11.88 -1.93
C LEU A 57 -13.00 10.61 -1.09
N MET A 58 -13.34 9.48 -1.69
CA MET A 58 -13.30 8.20 -1.00
C MET A 58 -11.93 7.98 -0.35
N ILE A 59 -10.90 8.54 -0.96
CA ILE A 59 -9.54 8.40 -0.43
C ILE A 59 -9.06 9.71 0.20
N SER A 60 -8.50 9.61 1.39
CA SER A 60 -8.00 10.78 2.10
C SER A 60 -6.49 10.91 1.95
N ARG A 61 -5.96 12.07 2.34
CA ARG A 61 -4.52 12.31 2.24
C ARG A 61 -3.73 11.19 2.90
N ASN A 62 -4.16 10.79 4.09
CA ASN A 62 -3.50 9.73 4.84
C ASN A 62 -4.48 8.63 5.22
N HIS A 63 -5.11 8.02 4.23
CA HIS A 63 -6.07 6.95 4.47
C HIS A 63 -5.48 5.88 5.37
N CYS A 64 -4.19 5.62 5.21
CA CYS A 64 -3.51 4.61 6.01
C CYS A 64 -1.99 4.78 5.92
N VAL A 65 -1.27 4.08 6.79
CA VAL A 65 0.18 4.16 6.81
C VAL A 65 0.80 2.83 7.24
N LEU A 66 1.30 2.08 6.27
CA LEU A 66 1.92 0.78 6.55
C LEU A 66 3.35 0.96 7.06
N LYS A 67 3.76 0.07 7.96
CA LYS A 67 5.10 0.12 8.53
C LYS A 67 5.39 -1.14 9.35
N GLN A 68 6.67 -1.45 9.49
CA GLN A 68 7.09 -2.61 10.26
C GLN A 68 7.39 -2.25 11.71
N ASN A 69 6.60 -2.79 12.63
CA ASN A 69 6.80 -2.51 14.06
C ASN A 69 8.24 -2.76 14.47
N PRO A 70 8.63 -2.19 15.62
CA PRO A 70 9.99 -2.33 16.16
C PRO A 70 10.43 -3.79 16.23
N GLU A 71 9.46 -4.70 16.29
CA GLU A 71 9.75 -6.13 16.37
C GLU A 71 10.29 -6.64 15.04
N GLY A 72 9.81 -6.05 13.95
CA GLY A 72 10.25 -6.46 12.63
C GLY A 72 9.14 -7.09 11.81
N GLN A 73 7.90 -6.84 12.22
CA GLN A 73 6.74 -7.38 11.52
C GLN A 73 5.85 -6.26 10.99
N TRP A 74 5.42 -6.39 9.74
CA TRP A 74 4.57 -5.39 9.12
C TRP A 74 3.29 -5.19 9.92
N THR A 75 2.78 -3.96 9.92
CA THR A 75 1.57 -3.63 10.65
C THR A 75 0.83 -2.47 10.00
N ILE A 76 -0.45 -2.67 9.70
CA ILE A 76 -1.26 -1.63 9.09
C ILE A 76 -1.84 -0.69 10.13
N MET A 77 -1.75 0.61 9.87
CA MET A 77 -2.25 1.62 10.79
C MET A 77 -3.05 2.68 10.04
N ASP A 78 -4.14 3.14 10.64
CA ASP A 78 -4.99 4.16 10.03
C ASP A 78 -4.71 5.53 10.64
N ASN A 79 -4.27 6.47 9.81
CA ASN A 79 -3.97 7.82 10.28
C ASN A 79 -5.26 8.63 10.45
N LYS A 80 -6.13 8.15 11.33
CA LYS A 80 -7.40 8.82 11.61
C LYS A 80 -8.15 9.12 10.31
N SER A 81 -8.86 8.12 9.81
CA SER A 81 -9.63 8.27 8.58
C SER A 81 -11.10 8.53 8.87
N LEU A 82 -11.86 8.83 7.83
CA LEU A 82 -13.29 9.09 7.98
C LEU A 82 -14.11 7.85 7.68
N ASN A 83 -14.03 7.37 6.45
CA ASN A 83 -14.77 6.17 6.04
C ASN A 83 -14.40 4.98 6.91
N GLY A 84 -13.10 4.82 7.15
CA GLY A 84 -12.64 3.70 7.97
C GLY A 84 -11.86 2.68 7.18
N VAL A 85 -10.88 2.05 7.82
CA VAL A 85 -10.06 1.04 7.16
C VAL A 85 -10.59 -0.36 7.44
N TRP A 86 -10.44 -1.24 6.46
CA TRP A 86 -10.90 -2.62 6.59
C TRP A 86 -9.75 -3.61 6.35
N LEU A 87 -9.74 -4.68 7.12
CA LEU A 87 -8.70 -5.69 7.00
C LEU A 87 -9.27 -7.09 7.25
N ASN A 88 -9.43 -7.86 6.19
CA ASN A 88 -9.97 -9.22 6.30
C ASN A 88 -11.35 -9.21 6.95
N ARG A 89 -12.24 -8.38 6.41
CA ARG A 89 -13.60 -8.29 6.93
C ARG A 89 -13.58 -7.82 8.38
N ALA A 90 -12.78 -6.80 8.67
CA ALA A 90 -12.68 -6.27 10.02
C ALA A 90 -12.21 -4.82 10.01
N ARG A 91 -13.03 -3.93 10.54
CA ARG A 91 -12.71 -2.51 10.58
C ARG A 91 -11.55 -2.25 11.54
N LEU A 92 -10.63 -1.39 11.13
CA LEU A 92 -9.47 -1.05 11.96
C LEU A 92 -9.67 0.30 12.65
N GLU A 93 -9.31 0.36 13.92
CA GLU A 93 -9.44 1.59 14.69
C GLU A 93 -8.36 2.59 14.31
N PRO A 94 -8.60 3.87 14.62
CA PRO A 94 -7.66 4.96 14.32
C PRO A 94 -6.40 4.88 15.17
N LEU A 95 -5.24 5.02 14.53
CA LEU A 95 -3.96 4.96 15.22
C LEU A 95 -3.81 3.64 15.97
N ARG A 96 -4.22 2.54 15.33
CA ARG A 96 -4.13 1.23 15.94
C ARG A 96 -3.14 0.35 15.18
N VAL A 97 -2.71 -0.74 15.80
CA VAL A 97 -1.77 -1.67 15.18
C VAL A 97 -2.44 -2.99 14.84
N TYR A 98 -2.26 -3.43 13.60
CA TYR A 98 -2.84 -4.69 13.15
C TYR A 98 -1.86 -5.46 12.27
N SER A 99 -1.37 -6.58 12.78
CA SER A 99 -0.43 -7.41 12.05
C SER A 99 -1.07 -7.99 10.80
N ILE A 100 -0.45 -7.76 9.65
CA ILE A 100 -0.97 -8.26 8.38
C ILE A 100 -0.14 -9.45 7.89
N HIS A 101 -0.82 -10.41 7.28
CA HIS A 101 -0.15 -11.60 6.76
C HIS A 101 -0.57 -11.88 5.32
N GLN A 102 0.16 -12.78 4.66
CA GLN A 102 -0.14 -13.12 3.27
C GLN A 102 -1.60 -13.53 3.10
N GLY A 103 -2.31 -12.81 2.25
CA GLY A 103 -3.71 -13.12 2.02
C GLY A 103 -4.64 -12.17 2.75
N ASP A 104 -4.13 -11.00 3.10
CA ASP A 104 -4.92 -10.00 3.81
C ASP A 104 -5.57 -9.02 2.83
N TYR A 105 -6.86 -8.80 2.99
CA TYR A 105 -7.60 -7.89 2.12
C TYR A 105 -7.79 -6.53 2.78
N ILE A 106 -7.18 -5.50 2.20
CA ILE A 106 -7.27 -4.15 2.73
C ILE A 106 -8.18 -3.29 1.86
N GLN A 107 -9.22 -2.74 2.47
CA GLN A 107 -10.17 -1.90 1.76
C GLN A 107 -9.99 -0.43 2.16
N LEU A 108 -9.79 0.43 1.16
CA LEU A 108 -9.62 1.86 1.41
C LEU A 108 -10.93 2.62 1.24
N GLY A 109 -11.83 2.44 2.20
CA GLY A 109 -13.12 3.11 2.14
C GLY A 109 -14.28 2.15 2.27
N VAL A 110 -15.42 2.51 1.70
CA VAL A 110 -16.62 1.67 1.76
C VAL A 110 -17.38 1.70 0.45
N PRO A 111 -18.17 0.65 0.20
CA PRO A 111 -18.97 0.53 -1.03
C PRO A 111 -20.12 1.52 -1.07
N LEU A 112 -20.24 2.23 -2.19
CA LEU A 112 -21.30 3.22 -2.36
C LEU A 112 -22.67 2.56 -2.28
N GLU A 113 -23.72 3.36 -2.44
CA GLU A 113 -25.08 2.86 -2.39
C GLU A 113 -25.40 2.01 -3.62
N ASN A 114 -24.68 2.26 -4.71
CA ASN A 114 -24.89 1.53 -5.95
C ASN A 114 -23.65 0.69 -6.29
N LYS A 115 -22.87 0.36 -5.27
CA LYS A 115 -21.67 -0.44 -5.45
C LYS A 115 -21.69 -1.67 -4.57
N GLU A 116 -21.94 -2.83 -5.18
CA GLU A 116 -21.99 -4.08 -4.45
C GLU A 116 -20.72 -4.28 -3.61
N ASN A 117 -19.60 -3.77 -4.12
CA ASN A 117 -18.33 -3.89 -3.41
C ASN A 117 -17.44 -2.68 -3.71
N ALA A 118 -16.52 -2.40 -2.79
CA ALA A 118 -15.61 -1.27 -2.95
C ALA A 118 -14.87 -1.35 -4.28
N GLU A 119 -14.24 -0.25 -4.67
CA GLU A 119 -13.50 -0.18 -5.93
C GLU A 119 -12.00 -0.37 -5.69
N TYR A 120 -11.49 0.23 -4.63
CA TYR A 120 -10.08 0.13 -4.29
C TYR A 120 -9.84 -0.98 -3.28
N GLU A 121 -9.13 -2.02 -3.71
CA GLU A 121 -8.84 -3.15 -2.83
C GLU A 121 -7.51 -3.80 -3.23
N TYR A 122 -6.78 -4.29 -2.22
CA TYR A 122 -5.49 -4.93 -2.46
C TYR A 122 -5.43 -6.29 -1.77
N GLU A 123 -4.26 -6.92 -1.85
CA GLU A 123 -4.07 -8.24 -1.23
C GLU A 123 -2.61 -8.43 -0.82
N VAL A 124 -2.36 -8.39 0.49
CA VAL A 124 -1.02 -8.56 1.02
C VAL A 124 -0.37 -9.82 0.47
N THR A 125 0.76 -9.66 -0.21
CA THR A 125 1.48 -10.79 -0.80
C THR A 125 2.99 -10.51 -0.83
N GLU A 126 3.77 -11.59 -0.91
CA GLU A 126 5.22 -11.46 -0.95
C GLU A 126 5.76 -11.83 -2.33
N GLU A 127 6.17 -10.82 -3.10
CA GLU A 127 6.69 -11.04 -4.43
C GLU A 127 8.05 -10.35 -4.60
N ASP A 128 8.86 -10.88 -5.51
CA ASP A 128 10.18 -10.31 -5.78
C ASP A 128 10.05 -8.97 -6.49
N TRP A 129 11.08 -8.13 -6.32
CA TRP A 129 11.08 -6.81 -6.95
C TRP A 129 10.95 -6.94 -8.47
N GLU A 130 11.52 -8.01 -9.03
CA GLU A 130 11.47 -8.23 -10.47
C GLU A 130 10.07 -8.68 -10.89
N THR A 131 9.20 -8.91 -9.91
CA THR A 131 7.84 -9.35 -10.18
C THR A 131 6.87 -8.18 -10.09
N ILE A 132 7.16 -7.23 -9.21
CA ILE A 132 6.32 -6.06 -9.02
C ILE A 132 6.84 -4.87 -9.81
N TYR A 133 8.10 -4.95 -10.22
CA TYR A 133 8.72 -3.88 -10.99
C TYR A 133 7.90 -3.54 -12.22
N PRO A 134 7.64 -4.55 -13.06
CA PRO A 134 6.86 -4.38 -14.29
C PRO A 134 5.52 -3.70 -14.03
N CYS A 135 4.81 -4.17 -13.02
CA CYS A 135 3.50 -3.60 -12.66
C CYS A 135 3.57 -2.89 -11.32
N LEU A 136 4.40 -1.86 -11.24
CA LEU A 136 4.56 -1.09 -10.01
C LEU A 136 3.50 0.00 -9.91
N SER A 137 3.38 0.61 -8.73
CA SER A 137 2.41 1.67 -8.51
C SER A 137 3.06 3.04 -8.68
N PRO A 138 2.22 4.07 -8.90
CA PRO A 138 2.67 5.44 -9.09
C PRO A 138 3.23 6.05 -7.81
N LYS A 139 4.51 6.36 -7.81
CA LYS A 139 5.16 6.95 -6.64
C LYS A 139 5.24 8.47 -6.76
N SER A 140 5.19 9.15 -5.63
CA SER A 140 5.24 10.62 -5.62
C SER A 140 6.38 11.10 -4.72
N GLY A 141 7.18 12.02 -5.24
CA GLY A 141 8.29 12.56 -4.48
C GLY A 141 9.60 12.48 -5.23
N PRO A 142 10.69 12.94 -4.60
CA PRO A 142 12.02 12.93 -5.19
C PRO A 142 12.59 11.52 -5.31
N SER A 143 12.48 10.94 -6.51
CA SER A 143 12.98 9.59 -6.75
C SER A 143 14.22 9.63 -7.63
N SER A 144 15.30 9.00 -7.15
CA SER A 144 16.55 8.96 -7.89
C SER A 144 16.68 7.66 -8.67
N GLY A 145 17.33 7.75 -9.83
CA GLY A 145 17.51 6.57 -10.66
C GLY A 145 18.52 5.59 -10.08
N GLY A 1 5.14 14.71 -29.87
CA GLY A 1 6.27 13.87 -29.53
C GLY A 1 6.02 12.40 -29.82
N SER A 2 7.05 11.58 -29.66
CA SER A 2 6.93 10.15 -29.93
C SER A 2 7.36 9.34 -28.71
N SER A 3 7.21 8.02 -28.79
CA SER A 3 7.57 7.13 -27.70
C SER A 3 8.05 5.78 -28.22
N GLY A 4 9.03 5.20 -27.55
CA GLY A 4 9.56 3.91 -27.96
C GLY A 4 9.24 2.81 -26.98
N SER A 5 9.95 1.69 -27.09
CA SER A 5 9.73 0.55 -26.21
C SER A 5 10.97 -0.33 -26.14
N SER A 6 11.07 -1.11 -25.07
CA SER A 6 12.21 -2.00 -24.88
C SER A 6 11.86 -3.13 -23.92
N GLY A 7 12.81 -4.04 -23.72
CA GLY A 7 12.59 -5.16 -22.82
C GLY A 7 13.20 -4.93 -21.45
N VAL A 8 13.26 -5.99 -20.64
CA VAL A 8 13.82 -5.91 -19.30
C VAL A 8 14.63 -7.15 -18.96
N THR A 9 15.53 -7.02 -17.99
CA THR A 9 16.37 -8.14 -17.57
C THR A 9 16.21 -8.41 -16.08
N GLY A 10 16.89 -9.45 -15.60
CA GLY A 10 16.80 -9.81 -14.20
C GLY A 10 18.06 -10.49 -13.70
N ASP A 11 19.11 -9.71 -13.46
CA ASP A 11 20.37 -10.25 -12.98
C ASP A 11 20.68 -9.74 -11.57
N ARG A 12 20.09 -8.60 -11.22
CA ARG A 12 20.30 -8.01 -9.90
C ARG A 12 18.98 -7.78 -9.19
N ALA A 13 19.05 -7.29 -7.95
CA ALA A 13 17.85 -7.02 -7.17
C ALA A 13 17.08 -8.31 -6.90
N GLY A 14 17.65 -9.19 -6.09
CA GLY A 14 17.00 -10.44 -5.77
C GLY A 14 16.14 -10.34 -4.52
N GLY A 15 15.96 -11.47 -3.84
CA GLY A 15 15.16 -11.49 -2.64
C GLY A 15 13.71 -11.12 -2.90
N ARG A 16 12.83 -11.44 -1.95
CA ARG A 16 11.41 -11.14 -2.09
C ARG A 16 11.11 -9.75 -1.54
N SER A 17 9.95 -9.21 -1.93
CA SER A 17 9.54 -7.88 -1.48
C SER A 17 8.02 -7.79 -1.39
N TRP A 18 7.51 -7.77 -0.17
CA TRP A 18 6.06 -7.69 0.05
C TRP A 18 5.47 -6.51 -0.72
N CYS A 19 4.14 -6.51 -0.85
CA CYS A 19 3.45 -5.45 -1.56
C CYS A 19 1.93 -5.57 -1.39
N LEU A 20 1.19 -4.77 -2.13
CA LEU A 20 -0.26 -4.79 -2.07
C LEU A 20 -0.88 -5.08 -3.43
N ARG A 21 -0.80 -6.34 -3.84
CA ARG A 21 -1.35 -6.76 -5.12
C ARG A 21 -2.79 -6.30 -5.28
N ARG A 22 -3.01 -5.33 -6.16
CA ARG A 22 -4.35 -4.80 -6.40
C ARG A 22 -5.31 -5.90 -6.82
N VAL A 23 -6.43 -6.00 -6.11
CA VAL A 23 -7.43 -7.01 -6.41
C VAL A 23 -8.18 -6.69 -7.69
N GLY A 24 -8.15 -7.63 -8.64
CA GLY A 24 -8.82 -7.42 -9.91
C GLY A 24 -7.91 -6.84 -10.97
N MET A 25 -6.94 -6.03 -10.53
CA MET A 25 -6.01 -5.41 -11.46
C MET A 25 -4.59 -5.94 -11.24
N SER A 26 -3.91 -6.29 -12.33
CA SER A 26 -2.56 -6.81 -12.25
C SER A 26 -1.54 -5.68 -12.16
N ALA A 27 -2.03 -4.45 -12.13
CA ALA A 27 -1.16 -3.28 -12.05
C ALA A 27 -1.42 -2.50 -10.76
N GLY A 28 -0.72 -1.38 -10.61
CA GLY A 28 -0.88 -0.57 -9.42
C GLY A 28 -0.48 -1.29 -8.15
N TRP A 29 0.54 -2.14 -8.26
CA TRP A 29 1.01 -2.91 -7.12
C TRP A 29 1.88 -2.05 -6.20
N LEU A 30 1.35 -1.71 -5.03
CA LEU A 30 2.08 -0.88 -4.08
C LEU A 30 3.18 -1.68 -3.40
N LEU A 31 4.43 -1.38 -3.76
CA LEU A 31 5.57 -2.07 -3.18
C LEU A 31 5.69 -1.78 -1.69
N LEU A 32 6.12 -2.78 -0.93
CA LEU A 32 6.28 -2.63 0.51
C LEU A 32 7.72 -2.94 0.94
N GLU A 33 8.62 -2.00 0.66
CA GLU A 33 10.03 -2.17 1.01
C GLU A 33 10.19 -2.35 2.52
N ASP A 34 11.08 -3.26 2.91
CA ASP A 34 11.34 -3.53 4.32
C ASP A 34 12.05 -2.36 4.97
N GLY A 35 11.36 -1.68 5.88
CA GLY A 35 11.94 -0.54 6.56
C GLY A 35 11.61 0.78 5.89
N CYS A 36 10.60 0.76 5.03
CA CYS A 36 10.18 1.96 4.31
C CYS A 36 8.70 2.25 4.55
N GLU A 37 8.42 3.38 5.19
CA GLU A 37 7.04 3.77 5.47
C GLU A 37 6.24 3.94 4.19
N VAL A 38 5.08 3.30 4.14
CA VAL A 38 4.21 3.38 2.96
C VAL A 38 2.88 4.04 3.30
N THR A 39 2.79 5.34 3.02
CA THR A 39 1.58 6.10 3.30
C THR A 39 0.70 6.21 2.05
N VAL A 40 -0.58 5.89 2.20
CA VAL A 40 -1.52 5.95 1.09
C VAL A 40 -2.53 7.08 1.29
N GLY A 41 -2.90 7.73 0.20
CA GLY A 41 -3.86 8.82 0.28
C GLY A 41 -3.93 9.62 -1.01
N ARG A 42 -4.62 10.76 -0.96
CA ARG A 42 -4.77 11.62 -2.13
C ARG A 42 -3.89 12.86 -2.00
N GLY A 43 -2.81 12.74 -1.23
CA GLY A 43 -1.91 13.86 -1.04
C GLY A 43 -0.63 13.73 -1.86
N PHE A 44 0.17 14.79 -1.87
CA PHE A 44 1.42 14.79 -2.62
C PHE A 44 2.57 14.31 -1.76
N GLY A 45 2.45 14.51 -0.45
CA GLY A 45 3.50 14.10 0.47
C GLY A 45 3.55 12.59 0.64
N VAL A 46 2.39 11.95 0.60
CA VAL A 46 2.30 10.50 0.75
C VAL A 46 3.14 9.79 -0.31
N THR A 47 3.52 8.55 -0.02
CA THR A 47 4.32 7.76 -0.95
C THR A 47 3.51 7.36 -2.17
N TYR A 48 2.24 7.01 -1.95
CA TYR A 48 1.36 6.61 -3.03
C TYR A 48 0.13 7.51 -3.10
N GLN A 49 0.07 8.34 -4.13
CA GLN A 49 -1.05 9.26 -4.31
C GLN A 49 -2.13 8.63 -5.19
N LEU A 50 -3.38 8.73 -4.75
CA LEU A 50 -4.50 8.18 -5.49
C LEU A 50 -5.62 9.21 -5.64
N VAL A 51 -6.13 9.34 -6.86
CA VAL A 51 -7.20 10.28 -7.13
C VAL A 51 -8.37 9.60 -7.84
N SER A 52 -9.58 10.00 -7.49
CA SER A 52 -10.78 9.42 -8.08
C SER A 52 -11.59 10.50 -8.83
N LYS A 53 -11.78 10.27 -10.13
CA LYS A 53 -12.52 11.22 -10.96
C LYS A 53 -13.98 11.27 -10.52
N ILE A 54 -14.45 10.21 -9.88
CA ILE A 54 -15.83 10.15 -9.42
C ILE A 54 -15.93 10.54 -7.94
N CYS A 55 -15.21 9.81 -7.09
CA CYS A 55 -15.21 10.07 -5.66
C CYS A 55 -13.78 10.30 -5.15
N PRO A 56 -13.24 11.48 -5.46
CA PRO A 56 -11.88 11.86 -5.04
C PRO A 56 -11.78 12.09 -3.53
N LEU A 57 -12.93 12.27 -2.89
CA LEU A 57 -12.98 12.50 -1.45
C LEU A 57 -12.92 11.19 -0.69
N MET A 58 -13.28 10.10 -1.36
CA MET A 58 -13.28 8.77 -0.74
C MET A 58 -11.93 8.49 -0.09
N ILE A 59 -10.86 8.99 -0.70
CA ILE A 59 -9.52 8.79 -0.18
C ILE A 59 -8.99 10.05 0.49
N SER A 60 -8.55 9.91 1.75
CA SER A 60 -8.04 11.04 2.50
C SER A 60 -6.53 11.17 2.31
N ARG A 61 -5.97 12.29 2.75
CA ARG A 61 -4.54 12.54 2.63
C ARG A 61 -3.74 11.39 3.21
N ASN A 62 -4.18 10.90 4.37
CA ASN A 62 -3.50 9.79 5.05
C ASN A 62 -4.48 8.68 5.39
N HIS A 63 -5.00 8.02 4.35
CA HIS A 63 -5.95 6.93 4.53
C HIS A 63 -5.38 5.86 5.45
N CYS A 64 -4.09 5.59 5.29
CA CYS A 64 -3.41 4.57 6.11
C CYS A 64 -1.90 4.68 5.97
N VAL A 65 -1.18 4.16 6.95
CA VAL A 65 0.28 4.20 6.93
C VAL A 65 0.87 2.85 7.34
N LEU A 66 1.38 2.11 6.35
CA LEU A 66 1.98 0.81 6.61
C LEU A 66 3.41 0.95 7.11
N LYS A 67 3.81 0.08 8.03
CA LYS A 67 5.15 0.10 8.58
C LYS A 67 5.42 -1.13 9.43
N GLN A 68 6.68 -1.54 9.51
CA GLN A 68 7.06 -2.70 10.29
C GLN A 68 7.39 -2.31 11.73
N ASN A 69 6.62 -2.83 12.68
CA ASN A 69 6.84 -2.53 14.08
C ASN A 69 8.29 -2.78 14.49
N PRO A 70 8.70 -2.19 15.61
CA PRO A 70 10.07 -2.34 16.12
C PRO A 70 10.51 -3.79 16.19
N GLU A 71 9.54 -4.70 16.31
CA GLU A 71 9.83 -6.12 16.38
C GLU A 71 10.38 -6.64 15.06
N GLY A 72 9.84 -6.12 13.96
CA GLY A 72 10.29 -6.53 12.64
C GLY A 72 9.17 -7.15 11.82
N GLN A 73 7.93 -6.87 12.20
CA GLN A 73 6.78 -7.41 11.49
C GLN A 73 5.91 -6.29 10.95
N TRP A 74 5.43 -6.45 9.72
CA TRP A 74 4.59 -5.45 9.08
C TRP A 74 3.33 -5.21 9.90
N THR A 75 2.90 -3.94 9.96
CA THR A 75 1.70 -3.59 10.71
C THR A 75 1.01 -2.37 10.10
N ILE A 76 -0.27 -2.52 9.76
CA ILE A 76 -1.03 -1.44 9.16
C ILE A 76 -1.67 -0.56 10.24
N MET A 77 -1.52 0.75 10.09
CA MET A 77 -2.08 1.69 11.04
C MET A 77 -2.76 2.85 10.33
N ASP A 78 -4.03 3.09 10.65
CA ASP A 78 -4.79 4.17 10.04
C ASP A 78 -4.46 5.51 10.69
N ASN A 79 -4.11 6.50 9.87
CA ASN A 79 -3.77 7.82 10.38
C ASN A 79 -5.02 8.67 10.58
N LYS A 80 -5.96 8.15 11.36
CA LYS A 80 -7.21 8.86 11.63
C LYS A 80 -7.89 9.28 10.33
N SER A 81 -8.70 8.38 9.78
CA SER A 81 -9.41 8.66 8.54
C SER A 81 -10.88 8.95 8.81
N LEU A 82 -11.60 9.39 7.77
CA LEU A 82 -13.01 9.70 7.90
C LEU A 82 -13.86 8.51 7.52
N ASN A 83 -13.70 8.03 6.29
CA ASN A 83 -14.47 6.89 5.81
C ASN A 83 -14.19 5.65 6.66
N GLY A 84 -12.91 5.39 6.92
CA GLY A 84 -12.53 4.25 7.72
C GLY A 84 -11.76 3.21 6.93
N VAL A 85 -10.93 2.43 7.62
CA VAL A 85 -10.13 1.39 6.97
C VAL A 85 -10.73 0.02 7.18
N TRP A 86 -10.80 -0.77 6.11
CA TRP A 86 -11.35 -2.11 6.19
C TRP A 86 -10.26 -3.16 5.99
N LEU A 87 -10.33 -4.24 6.77
CA LEU A 87 -9.36 -5.31 6.67
C LEU A 87 -10.02 -6.67 6.91
N ASN A 88 -10.18 -7.44 5.85
CA ASN A 88 -10.79 -8.76 5.95
C ASN A 88 -12.20 -8.67 6.53
N ARG A 89 -13.01 -7.79 5.96
CA ARG A 89 -14.39 -7.60 6.42
C ARG A 89 -14.41 -7.18 7.88
N ALA A 90 -13.44 -6.36 8.28
CA ALA A 90 -13.35 -5.88 9.65
C ALA A 90 -12.98 -4.41 9.70
N ARG A 91 -13.65 -3.66 10.58
CA ARG A 91 -13.39 -2.23 10.72
C ARG A 91 -12.20 -1.98 11.63
N LEU A 92 -11.28 -1.12 11.18
CA LEU A 92 -10.09 -0.81 11.96
C LEU A 92 -10.25 0.54 12.66
N GLU A 93 -9.64 0.66 13.84
CA GLU A 93 -9.72 1.90 14.60
C GLU A 93 -8.57 2.84 14.22
N PRO A 94 -8.74 4.13 14.55
CA PRO A 94 -7.74 5.16 14.25
C PRO A 94 -6.49 5.01 15.11
N LEU A 95 -5.34 4.98 14.46
CA LEU A 95 -4.07 4.85 15.17
C LEU A 95 -3.99 3.51 15.90
N ARG A 96 -4.25 2.43 15.18
CA ARG A 96 -4.22 1.09 15.78
C ARG A 96 -3.23 0.19 15.03
N VAL A 97 -2.74 -0.83 15.72
CA VAL A 97 -1.79 -1.76 15.12
C VAL A 97 -2.47 -3.06 14.71
N TYR A 98 -2.30 -3.43 13.44
CA TYR A 98 -2.90 -4.65 12.92
C TYR A 98 -1.89 -5.45 12.11
N SER A 99 -1.33 -6.48 12.73
CA SER A 99 -0.35 -7.33 12.06
C SER A 99 -0.95 -7.99 10.82
N ILE A 100 -0.42 -7.63 9.66
CA ILE A 100 -0.90 -8.19 8.40
C ILE A 100 -0.09 -9.42 7.99
N HIS A 101 -0.76 -10.39 7.39
CA HIS A 101 -0.09 -11.61 6.94
C HIS A 101 -0.37 -11.87 5.47
N GLN A 102 0.22 -12.94 4.94
CA GLN A 102 0.03 -13.31 3.54
C GLN A 102 -1.39 -13.78 3.28
N GLY A 103 -2.27 -12.86 2.92
CA GLY A 103 -3.65 -13.19 2.65
C GLY A 103 -4.62 -12.25 3.34
N ASP A 104 -4.30 -10.96 3.35
CA ASP A 104 -5.14 -9.96 3.97
C ASP A 104 -5.68 -8.99 2.92
N TYR A 105 -6.99 -8.77 2.96
CA TYR A 105 -7.64 -7.85 2.02
C TYR A 105 -7.81 -6.46 2.63
N ILE A 106 -7.14 -5.48 2.03
CA ILE A 106 -7.22 -4.11 2.51
C ILE A 106 -8.05 -3.24 1.57
N GLN A 107 -9.03 -2.53 2.13
CA GLN A 107 -9.89 -1.67 1.34
C GLN A 107 -9.87 -0.24 1.88
N LEU A 108 -9.45 0.70 1.03
CA LEU A 108 -9.38 2.10 1.41
C LEU A 108 -10.71 2.80 1.19
N GLY A 109 -11.63 2.63 2.13
CA GLY A 109 -12.94 3.26 2.02
C GLY A 109 -14.04 2.25 1.76
N VAL A 110 -15.22 2.75 1.42
CA VAL A 110 -16.36 1.88 1.14
C VAL A 110 -16.79 1.98 -0.32
N PRO A 111 -17.46 0.93 -0.82
CA PRO A 111 -17.93 0.87 -2.20
C PRO A 111 -19.08 1.84 -2.46
N LEU A 112 -19.36 2.10 -3.73
CA LEU A 112 -20.44 3.01 -4.11
C LEU A 112 -21.71 2.24 -4.46
N GLU A 113 -22.75 2.97 -4.83
CA GLU A 113 -24.02 2.36 -5.18
C GLU A 113 -23.97 1.76 -6.59
N ASN A 114 -24.84 0.81 -6.87
CA ASN A 114 -24.89 0.16 -8.17
C ASN A 114 -23.53 -0.45 -8.52
N LYS A 115 -22.77 -0.81 -7.50
CA LYS A 115 -21.45 -1.40 -7.70
C LYS A 115 -21.39 -2.79 -7.10
N GLU A 116 -20.22 -3.41 -7.15
CA GLU A 116 -20.02 -4.75 -6.61
C GLU A 116 -19.06 -4.72 -5.42
N ASN A 117 -18.02 -3.90 -5.54
CA ASN A 117 -17.02 -3.78 -4.48
C ASN A 117 -16.13 -2.55 -4.70
N ALA A 118 -15.51 -2.07 -3.63
CA ALA A 118 -14.64 -0.91 -3.72
C ALA A 118 -13.58 -1.09 -4.79
N GLU A 119 -13.59 -0.20 -5.79
CA GLU A 119 -12.63 -0.27 -6.88
C GLU A 119 -11.20 -0.33 -6.35
N TYR A 120 -10.98 0.26 -5.18
CA TYR A 120 -9.67 0.27 -4.57
C TYR A 120 -9.51 -0.88 -3.59
N GLU A 121 -8.97 -1.99 -4.07
CA GLU A 121 -8.76 -3.16 -3.24
C GLU A 121 -7.39 -3.79 -3.50
N TYR A 122 -6.80 -4.38 -2.47
CA TYR A 122 -5.49 -5.01 -2.59
C TYR A 122 -5.47 -6.37 -1.87
N GLU A 123 -4.29 -6.97 -1.82
CA GLU A 123 -4.14 -8.26 -1.16
C GLU A 123 -2.68 -8.49 -0.74
N VAL A 124 -2.44 -8.47 0.57
CA VAL A 124 -1.10 -8.68 1.10
C VAL A 124 -0.47 -9.94 0.53
N THR A 125 0.66 -9.77 -0.17
CA THR A 125 1.36 -10.90 -0.77
C THR A 125 2.85 -10.63 -0.87
N GLU A 126 3.64 -11.69 -0.90
CA GLU A 126 5.09 -11.57 -0.99
C GLU A 126 5.59 -11.99 -2.37
N GLU A 127 6.10 -11.03 -3.13
CA GLU A 127 6.60 -11.30 -4.47
C GLU A 127 7.96 -10.63 -4.69
N ASP A 128 8.76 -11.21 -5.58
CA ASP A 128 10.08 -10.68 -5.88
C ASP A 128 9.98 -9.33 -6.59
N TRP A 129 10.99 -8.49 -6.41
CA TRP A 129 11.01 -7.18 -7.05
C TRP A 129 10.89 -7.29 -8.56
N GLU A 130 11.46 -8.37 -9.11
CA GLU A 130 11.41 -8.60 -10.55
C GLU A 130 10.01 -9.02 -10.99
N THR A 131 9.14 -9.27 -10.02
CA THR A 131 7.78 -9.68 -10.30
C THR A 131 6.81 -8.51 -10.22
N ILE A 132 7.10 -7.57 -9.33
CA ILE A 132 6.26 -6.40 -9.15
C ILE A 132 6.81 -5.21 -9.94
N TYR A 133 8.07 -5.29 -10.34
CA TYR A 133 8.71 -4.23 -11.10
C TYR A 133 7.90 -3.88 -12.34
N PRO A 134 7.64 -4.89 -13.18
CA PRO A 134 6.87 -4.72 -14.41
C PRO A 134 5.52 -4.05 -14.16
N CYS A 135 4.81 -4.52 -13.16
CA CYS A 135 3.50 -3.96 -12.81
C CYS A 135 3.55 -3.22 -11.47
N LEU A 136 4.39 -2.20 -11.40
CA LEU A 136 4.54 -1.42 -10.17
C LEU A 136 3.48 -0.32 -10.09
N SER A 137 3.37 0.30 -8.92
CA SER A 137 2.40 1.37 -8.72
C SER A 137 3.07 2.74 -8.81
N PRO A 138 2.27 3.78 -9.05
CA PRO A 138 2.77 5.16 -9.15
C PRO A 138 3.24 5.70 -7.82
N LYS A 139 4.54 5.98 -7.73
CA LYS A 139 5.13 6.51 -6.51
C LYS A 139 5.21 8.04 -6.56
N SER A 140 5.31 8.66 -5.39
CA SER A 140 5.38 10.11 -5.31
C SER A 140 6.48 10.54 -4.34
N GLY A 141 7.57 11.07 -4.88
CA GLY A 141 8.67 11.52 -4.05
C GLY A 141 9.91 10.66 -4.22
N PRO A 142 10.92 10.89 -3.39
CA PRO A 142 12.18 10.15 -3.43
C PRO A 142 12.01 8.70 -2.95
N SER A 143 13.12 8.00 -2.81
CA SER A 143 13.09 6.61 -2.36
C SER A 143 14.48 6.17 -1.88
N SER A 144 14.57 4.91 -1.46
CA SER A 144 15.83 4.36 -0.98
C SER A 144 15.71 2.86 -0.72
N GLY A 145 16.85 2.19 -0.59
CA GLY A 145 16.85 0.77 -0.34
C GLY A 145 18.25 0.21 -0.15
#